data_4BP9
#
_entry.id   4BP9
#
_cell.length_a   71.800
_cell.length_b   148.800
_cell.length_c   268.000
_cell.angle_alpha   90.00
_cell.angle_beta   91.00
_cell.angle_gamma   90.00
#
_symmetry.space_group_name_H-M   'P 1 21 1'
#
loop_
_entity.id
_entity.type
_entity.pdbx_description
1 polymer 'OLIGOPEPTIDASSE B'
2 polymer ANTIPAIN
3 water water
#
loop_
_entity_poly.entity_id
_entity_poly.type
_entity_poly.pdbx_seq_one_letter_code
_entity_poly.pdbx_strand_id
1 'polypeptide(L)'
;MQTERGPIAAHRPHEVVFGKVEGEDRGANPMDPPRRRVDPLFWLRDDNRADPEVLAHLHLEKDYYEKRAVDIKDLAETIY
QEHISHIEETDMSAPYVYDRFLYYTRDVKGLSYKLHCRVPAGKTPGEGEDEEIVLDENKLAEGKSFCVVGCVAPAPPEHA
LVAYSVDYCGDEVYSIRFVRDVVADKVEGTNGSVVWGPNAECFFYITKDASKRDNKVWRHIIGQPQSEDVCLYTDDDPLF
SVGVGRSGDGKTLIICSMSSETSESHLLDLRKGVKHNTLEMVRPREKGVRYTVEMHGTDTLIVLTNKDKCVNGKVVLTKR
SAPTDWGTVLIPHDDKVTIDDVAVFAKFAVLSGRRDGLTRVWTVRLGPDNLFSSATLKELHFDEPVFTAHVVCSQMKTYD
ASLLRLRYSSMTTPTVWYDEDVLSGERKVVKARKVGGGFESKNYVCRRELATAPDGTKVPISLVYDTSIDLKKPNPTMLY
GYGSYGICIEPEFNSRFLPYVDRGMIYAIAHVRGGGEMGRTWYEVGGKYLTKRNTFMDFIACAEHLISSGLTTPAQLSCE
GRSAGGLLVGAVLNMRPDLFHVALAGVPFVDVMTTMCDPSIPLTTGEWEEWGNPNEYKFFDYMNSYSPIDNVRAQDYPHL
MIQAGLHDPRVAYWEPAKWASKLRELKTDSNEVLLKMDLESGHFSASDRYKYLRENAIQQAFVLKHLNVRQLLRK
;
A,B,C,D,E,F
2 'polypeptide(L)' (FC0)RV(OAR) G,H,I,J,K,L
#
loop_
_chem_comp.id
_chem_comp.type
_chem_comp.name
_chem_comp.formula
OAR peptide-like N-(4-AMINO-5-HYDROXY-PENTYL)-GUANIDINE 'C6 H16 N4 O'
#
# COMPACT_ATOMS: atom_id res chain seq x y z
N ARG A 5 -38.16 32.51 -27.89
CA ARG A 5 -38.01 33.11 -26.51
C ARG A 5 -39.13 32.67 -25.62
N GLY A 6 -39.50 33.53 -24.65
CA GLY A 6 -40.57 33.22 -23.64
C GLY A 6 -41.46 34.43 -23.40
N PRO A 7 -42.56 34.24 -22.65
CA PRO A 7 -43.45 35.35 -22.32
C PRO A 7 -42.77 36.41 -21.46
N ILE A 8 -43.00 37.66 -21.80
CA ILE A 8 -42.53 38.78 -21.02
C ILE A 8 -43.77 39.66 -20.83
N ALA A 9 -44.18 39.94 -19.59
CA ALA A 9 -45.32 40.83 -19.40
C ALA A 9 -45.03 42.32 -19.69
N ALA A 10 -46.07 43.09 -19.93
CA ALA A 10 -45.92 44.48 -20.33
C ALA A 10 -45.81 45.39 -19.14
N HIS A 11 -45.05 46.45 -19.30
CA HIS A 11 -44.79 47.39 -18.25
C HIS A 11 -45.85 48.42 -18.15
N ARG A 12 -46.49 48.53 -17.00
CA ARG A 12 -47.41 49.60 -16.72
C ARG A 12 -46.88 50.31 -15.49
N PRO A 13 -46.64 51.64 -15.58
CA PRO A 13 -46.00 52.35 -14.45
C PRO A 13 -46.94 52.44 -13.24
N HIS A 14 -46.38 52.12 -12.08
CA HIS A 14 -47.10 52.14 -10.83
C HIS A 14 -46.05 52.47 -9.82
N GLU A 15 -46.31 53.41 -8.93
CA GLU A 15 -45.35 53.65 -7.87
C GLU A 15 -45.73 52.88 -6.61
N VAL A 16 -44.71 52.32 -5.99
CA VAL A 16 -44.87 51.61 -4.74
C VAL A 16 -44.14 52.44 -3.71
N VAL A 17 -44.76 52.63 -2.55
CA VAL A 17 -44.24 53.56 -1.54
C VAL A 17 -43.66 52.76 -0.38
N PHE A 18 -42.61 53.25 0.24
CA PHE A 18 -41.92 52.62 1.39
C PHE A 18 -41.77 53.64 2.49
N GLY A 19 -42.36 53.36 3.64
CA GLY A 19 -42.42 54.36 4.69
C GLY A 19 -43.85 54.72 5.07
N LYS A 20 -44.02 55.91 5.63
CA LYS A 20 -45.32 56.33 6.20
C LYS A 20 -46.38 56.61 5.13
N VAL A 21 -47.57 56.04 5.35
CA VAL A 21 -48.73 56.27 4.49
C VAL A 21 -49.98 56.43 5.34
N GLU A 22 -50.53 57.64 5.32
CA GLU A 22 -51.76 57.97 6.04
C GLU A 22 -52.86 56.97 5.76
N GLY A 23 -53.44 56.44 6.84
CA GLY A 23 -54.62 55.55 6.79
C GLY A 23 -54.22 54.09 6.91
N GLU A 24 -52.97 53.83 6.54
CA GLU A 24 -52.38 52.49 6.58
C GLU A 24 -51.48 52.33 7.78
N ASP A 25 -51.07 51.10 8.01
CA ASP A 25 -50.31 50.76 9.17
C ASP A 25 -49.05 50.13 8.65
N ARG A 26 -47.95 50.87 8.78
CA ARG A 26 -46.67 50.48 8.21
C ARG A 26 -45.67 50.27 9.33
N GLY A 27 -46.18 50.04 10.54
CA GLY A 27 -45.35 49.69 11.67
C GLY A 27 -45.15 50.84 12.62
N ALA A 28 -44.44 50.54 13.72
CA ALA A 28 -44.27 51.45 14.80
C ALA A 28 -43.41 52.66 14.44
N ASN A 29 -42.46 52.51 13.54
CA ASN A 29 -41.56 53.61 13.24
C ASN A 29 -41.12 53.70 11.76
N PRO A 30 -42.03 54.16 10.88
CA PRO A 30 -41.82 54.12 9.44
C PRO A 30 -41.19 55.40 8.89
N MET A 31 -40.60 55.32 7.69
CA MET A 31 -39.79 56.41 7.08
C MET A 31 -40.62 57.60 6.59
N ASP A 32 -40.10 58.81 6.78
CA ASP A 32 -40.86 60.05 6.64
C ASP A 32 -39.90 61.25 6.43
N PRO A 33 -39.93 61.85 5.24
CA PRO A 33 -40.83 61.49 4.14
C PRO A 33 -40.49 60.14 3.53
N PRO A 34 -41.52 59.40 3.11
CA PRO A 34 -41.37 58.06 2.52
C PRO A 34 -40.49 58.02 1.24
N ARG A 35 -40.12 56.80 0.83
CA ARG A 35 -39.33 56.62 -0.38
C ARG A 35 -40.24 55.95 -1.40
N ARG A 36 -39.99 56.22 -2.68
CA ARG A 36 -40.82 55.66 -3.76
C ARG A 36 -39.93 54.97 -4.80
N ARG A 37 -40.51 54.00 -5.48
CA ARG A 37 -39.89 53.38 -6.64
C ARG A 37 -40.93 52.78 -7.57
N VAL A 38 -40.54 52.50 -8.81
CA VAL A 38 -41.48 52.02 -9.83
C VAL A 38 -41.39 50.51 -9.89
N ASP A 39 -42.56 49.88 -9.91
CA ASP A 39 -42.65 48.47 -10.17
C ASP A 39 -43.51 48.36 -11.41
N PRO A 40 -42.90 48.14 -12.58
CA PRO A 40 -43.67 48.16 -13.83
C PRO A 40 -44.64 46.97 -13.95
N LEU A 41 -44.45 45.95 -13.12
CA LEU A 41 -45.27 44.75 -13.19
C LEU A 41 -46.24 44.59 -12.02
N PHE A 42 -46.47 45.69 -11.29
CA PHE A 42 -47.38 45.67 -10.14
C PHE A 42 -48.74 45.11 -10.50
N TRP A 43 -49.33 45.62 -11.59
CA TRP A 43 -50.60 45.12 -12.13
C TRP A 43 -50.83 43.60 -12.02
N LEU A 44 -49.80 42.78 -12.25
CA LEU A 44 -49.95 41.31 -12.14
C LEU A 44 -50.67 40.83 -10.87
N ARG A 45 -50.67 41.69 -9.86
CA ARG A 45 -51.45 41.44 -8.68
C ARG A 45 -52.94 41.77 -8.91
N ASP A 46 -53.79 40.76 -8.76
CA ASP A 46 -55.23 40.97 -8.57
C ASP A 46 -55.67 40.18 -7.35
N ASP A 47 -56.16 40.92 -6.37
CA ASP A 47 -56.58 40.28 -5.14
C ASP A 47 -57.76 39.36 -5.36
N ASN A 48 -58.62 39.71 -6.30
CA ASN A 48 -59.74 38.87 -6.62
C ASN A 48 -59.45 37.68 -7.54
N ARG A 49 -58.22 37.54 -8.03
CA ARG A 49 -57.83 36.48 -8.99
C ARG A 49 -58.77 36.35 -10.20
N ALA A 50 -59.20 37.49 -10.75
CA ALA A 50 -60.20 37.47 -11.82
C ALA A 50 -59.91 38.38 -13.02
N ASP A 51 -58.86 39.17 -12.96
CA ASP A 51 -58.55 40.08 -14.04
C ASP A 51 -58.28 39.32 -15.36
N PRO A 52 -58.97 39.74 -16.44
CA PRO A 52 -58.81 39.17 -17.78
C PRO A 52 -57.39 39.33 -18.36
N GLU A 53 -56.85 40.55 -18.33
CA GLU A 53 -55.47 40.78 -18.76
C GLU A 53 -54.47 39.88 -18.01
N VAL A 54 -54.68 39.70 -16.71
CA VAL A 54 -53.78 38.87 -15.93
C VAL A 54 -53.95 37.39 -16.30
N LEU A 55 -55.18 36.89 -16.19
CA LEU A 55 -55.46 35.48 -16.49
C LEU A 55 -54.99 35.11 -17.88
N ALA A 56 -55.07 36.09 -18.79
CA ALA A 56 -54.58 35.95 -20.15
C ALA A 56 -53.09 35.74 -20.14
N HIS A 57 -52.39 36.56 -19.35
CA HIS A 57 -50.95 36.47 -19.31
C HIS A 57 -50.57 35.14 -18.75
N LEU A 58 -51.37 34.64 -17.82
CA LEU A 58 -51.07 33.35 -17.27
C LEU A 58 -51.30 32.24 -18.28
N HIS A 59 -52.24 32.43 -19.19
CA HIS A 59 -52.41 31.46 -20.27
C HIS A 59 -51.16 31.39 -21.13
N LEU A 60 -50.68 32.54 -21.63
CA LEU A 60 -49.42 32.65 -22.38
C LEU A 60 -48.35 31.78 -21.74
N GLU A 61 -48.26 31.92 -20.42
CA GLU A 61 -47.32 31.18 -19.62
C GLU A 61 -47.70 29.70 -19.58
N LYS A 62 -49.00 29.39 -19.52
CA LYS A 62 -49.40 28.00 -19.50
C LYS A 62 -49.10 27.37 -20.84
N ASP A 63 -49.35 28.10 -21.93
CA ASP A 63 -49.00 27.67 -23.30
C ASP A 63 -47.52 27.38 -23.34
N TYR A 64 -46.71 28.40 -23.03
CA TYR A 64 -45.27 28.29 -23.14
C TYR A 64 -44.80 27.05 -22.41
N TYR A 65 -45.34 26.88 -21.22
CA TYR A 65 -44.96 25.77 -20.38
C TYR A 65 -45.26 24.42 -21.04
N GLU A 66 -46.49 24.25 -21.48
CA GLU A 66 -46.89 22.99 -22.07
C GLU A 66 -46.05 22.75 -23.29
N LYS A 67 -45.96 23.76 -24.16
CA LYS A 67 -45.15 23.71 -25.39
C LYS A 67 -43.71 23.22 -25.17
N ARG A 68 -43.20 23.51 -23.97
CA ARG A 68 -41.80 23.26 -23.64
C ARG A 68 -41.60 22.02 -22.76
N ALA A 69 -42.71 21.50 -22.25
CA ALA A 69 -42.78 20.29 -21.42
C ALA A 69 -43.13 18.98 -22.19
N VAL A 70 -43.13 19.03 -23.53
CA VAL A 70 -43.57 17.89 -24.34
C VAL A 70 -42.60 16.72 -24.13
N ASP A 71 -41.31 17.02 -24.29
CA ASP A 71 -40.28 15.98 -24.35
C ASP A 71 -39.77 15.52 -22.96
N ILE A 72 -40.49 15.85 -21.90
CA ILE A 72 -40.25 15.16 -20.63
C ILE A 72 -41.48 14.38 -20.15
N LYS A 73 -42.61 14.55 -20.84
CA LYS A 73 -43.83 13.78 -20.55
C LYS A 73 -43.55 12.30 -20.37
N ASP A 74 -42.56 11.80 -21.09
CA ASP A 74 -42.34 10.37 -21.10
C ASP A 74 -41.41 9.95 -19.97
N LEU A 75 -40.43 10.77 -19.66
CA LEU A 75 -39.62 10.51 -18.47
C LEU A 75 -40.38 10.75 -17.16
N ALA A 76 -41.07 11.88 -17.04
CA ALA A 76 -41.95 12.15 -15.89
C ALA A 76 -42.88 10.96 -15.63
N GLU A 77 -43.26 10.27 -16.71
CA GLU A 77 -44.05 9.05 -16.64
C GLU A 77 -43.26 7.87 -16.01
N THR A 78 -42.06 7.57 -16.51
CA THR A 78 -41.30 6.48 -15.92
C THR A 78 -41.14 6.72 -14.42
N ILE A 79 -41.19 8.00 -14.04
CA ILE A 79 -40.85 8.47 -12.70
C ILE A 79 -42.06 8.51 -11.76
N TYR A 80 -43.23 8.79 -12.30
CA TYR A 80 -44.50 8.66 -11.56
C TYR A 80 -44.65 7.23 -11.04
N GLN A 81 -44.28 6.27 -11.88
CA GLN A 81 -44.45 4.85 -11.55
C GLN A 81 -43.52 4.46 -10.43
N GLU A 82 -42.27 4.94 -10.52
CA GLU A 82 -41.28 4.78 -9.44
C GLU A 82 -41.92 5.31 -8.17
N HIS A 83 -42.40 6.56 -8.21
CA HIS A 83 -43.15 7.10 -7.09
C HIS A 83 -44.23 6.15 -6.53
N ILE A 84 -45.18 5.76 -7.38
CA ILE A 84 -46.21 4.83 -7.00
C ILE A 84 -45.64 3.56 -6.41
N SER A 85 -44.66 2.95 -7.07
CA SER A 85 -44.09 1.71 -6.57
C SER A 85 -43.32 1.91 -5.26
N HIS A 86 -43.16 3.16 -4.84
CA HIS A 86 -42.47 3.47 -3.58
C HIS A 86 -43.43 3.90 -2.49
N ILE A 87 -44.73 3.93 -2.78
CA ILE A 87 -45.63 4.70 -1.93
C ILE A 87 -46.52 3.84 -1.03
N GLU A 88 -46.76 2.62 -1.48
CA GLU A 88 -47.73 1.70 -0.87
C GLU A 88 -49.17 2.15 -0.84
N GLU A 89 -49.89 1.83 -1.91
CA GLU A 89 -51.21 2.37 -2.22
C GLU A 89 -52.32 1.98 -1.26
N THR A 90 -52.44 0.71 -0.90
CA THR A 90 -53.38 0.35 0.12
C THR A 90 -52.61 0.36 1.42
N ASP A 91 -53.03 1.17 2.37
CA ASP A 91 -52.31 1.25 3.65
C ASP A 91 -53.18 1.56 4.87
N MET A 92 -52.66 1.21 6.04
CA MET A 92 -53.18 1.66 7.33
C MET A 92 -52.07 2.42 8.02
N SER A 93 -52.43 3.43 8.82
CA SER A 93 -51.47 4.21 9.62
C SER A 93 -51.20 3.52 10.94
N ALA A 94 -50.61 4.26 11.89
CA ALA A 94 -50.31 3.72 13.22
C ALA A 94 -51.42 4.03 14.24
N PRO A 95 -52.25 3.01 14.56
CA PRO A 95 -53.51 3.16 15.30
C PRO A 95 -53.26 3.53 16.74
N TYR A 96 -53.99 4.51 17.22
CA TYR A 96 -53.77 5.00 18.58
C TYR A 96 -55.04 5.00 19.49
N VAL A 97 -54.86 4.81 20.79
CA VAL A 97 -55.98 4.87 21.70
C VAL A 97 -56.37 6.34 21.79
N TYR A 98 -57.66 6.61 21.57
CA TYR A 98 -58.36 7.85 21.92
C TYR A 98 -59.63 7.39 22.64
N ASP A 99 -59.62 7.49 23.96
CA ASP A 99 -60.78 7.09 24.78
C ASP A 99 -61.10 5.61 24.60
N ARG A 100 -62.37 5.34 24.32
CA ARG A 100 -62.93 3.98 24.18
C ARG A 100 -62.68 3.45 22.75
N PHE A 101 -61.72 4.04 22.06
CA PHE A 101 -61.50 3.71 20.66
C PHE A 101 -60.03 3.61 20.27
N LEU A 102 -59.74 2.86 19.21
CA LEU A 102 -58.45 2.93 18.54
C LEU A 102 -58.75 3.64 17.26
N TYR A 103 -58.05 4.76 17.01
CA TYR A 103 -58.21 5.55 15.77
C TYR A 103 -57.07 5.33 14.78
N TYR A 104 -57.39 5.34 13.50
CA TYR A 104 -56.39 5.16 12.47
C TYR A 104 -56.86 5.69 11.14
N THR A 105 -55.90 5.97 10.27
CA THR A 105 -56.18 6.41 8.90
C THR A 105 -56.00 5.24 7.92
N ARG A 106 -56.72 5.26 6.79
CA ARG A 106 -56.59 4.23 5.75
C ARG A 106 -56.53 4.77 4.30
N ASP A 107 -55.71 4.15 3.44
CA ASP A 107 -55.69 4.50 2.02
C ASP A 107 -56.12 3.28 1.21
N VAL A 108 -56.85 3.49 0.11
CA VAL A 108 -57.20 2.38 -0.78
C VAL A 108 -56.60 2.63 -2.14
N LYS A 109 -56.14 1.55 -2.79
CA LYS A 109 -55.38 1.61 -4.08
C LYS A 109 -55.87 2.46 -5.25
N GLY A 110 -57.16 2.66 -5.42
CA GLY A 110 -57.53 3.54 -6.52
C GLY A 110 -57.75 4.99 -6.15
N LEU A 111 -57.74 5.28 -4.85
CA LEU A 111 -58.39 6.47 -4.26
C LEU A 111 -57.43 7.52 -3.71
N SER A 112 -57.82 8.78 -3.89
CA SER A 112 -56.92 9.93 -3.75
C SER A 112 -56.89 10.54 -2.37
N TYR A 113 -57.83 10.12 -1.53
CA TYR A 113 -58.01 10.71 -0.21
C TYR A 113 -58.09 9.67 0.90
N LYS A 114 -57.54 10.03 2.05
CA LYS A 114 -57.61 9.11 3.18
C LYS A 114 -59.04 8.87 3.69
N LEU A 115 -59.22 7.75 4.36
CA LEU A 115 -60.40 7.50 5.14
C LEU A 115 -59.96 7.67 6.58
N HIS A 116 -60.87 8.13 7.45
CA HIS A 116 -60.60 8.29 8.87
C HIS A 116 -61.47 7.29 9.62
N CYS A 117 -60.87 6.23 10.15
CA CYS A 117 -61.65 5.15 10.72
C CYS A 117 -61.36 4.99 12.18
N ARG A 118 -62.15 4.10 12.77
CA ARG A 118 -62.28 3.97 14.20
C ARG A 118 -62.60 2.49 14.45
N VAL A 119 -62.12 1.95 15.56
CA VAL A 119 -62.40 0.58 15.99
C VAL A 119 -62.49 0.64 17.53
N PRO A 120 -63.44 -0.08 18.14
CA PRO A 120 -63.64 0.04 19.58
C PRO A 120 -62.45 -0.48 20.37
N ALA A 121 -62.25 0.09 21.55
CA ALA A 121 -61.07 -0.17 22.38
C ALA A 121 -60.37 -1.54 22.21
N GLY A 122 -61.11 -2.63 22.42
CA GLY A 122 -60.48 -3.92 22.59
C GLY A 122 -60.57 -4.83 21.39
N LYS A 123 -60.67 -4.22 20.21
CA LYS A 123 -60.81 -4.94 18.94
C LYS A 123 -59.59 -4.70 18.05
N THR A 124 -59.64 -5.23 16.83
CA THR A 124 -58.44 -5.26 16.00
C THR A 124 -58.55 -4.30 14.79
N PRO A 125 -57.62 -3.31 14.69
CA PRO A 125 -57.79 -2.29 13.66
C PRO A 125 -57.64 -2.83 12.24
N GLY A 126 -58.59 -2.50 11.37
CA GLY A 126 -58.56 -2.93 9.99
C GLY A 126 -59.96 -2.94 9.43
N GLU A 127 -60.07 -2.70 8.12
CA GLU A 127 -61.34 -2.81 7.38
C GLU A 127 -62.11 -4.08 7.76
N GLY A 128 -63.29 -3.93 8.31
CA GLY A 128 -63.98 -5.05 8.92
C GLY A 128 -65.31 -4.68 9.55
N GLU A 129 -65.80 -5.55 10.42
CA GLU A 129 -67.14 -5.40 10.98
C GLU A 129 -67.15 -4.42 12.12
N ASP A 130 -65.99 -4.30 12.77
CA ASP A 130 -65.83 -3.44 13.94
C ASP A 130 -65.58 -1.99 13.53
N GLU A 131 -65.09 -1.81 12.30
CA GLU A 131 -64.57 -0.52 11.85
C GLU A 131 -65.70 0.39 11.39
N GLU A 132 -65.77 1.55 12.04
CA GLU A 132 -66.62 2.64 11.59
C GLU A 132 -65.77 3.64 10.84
N ILE A 133 -66.13 3.90 9.59
CA ILE A 133 -65.45 4.91 8.78
C ILE A 133 -65.98 6.27 9.19
N VAL A 134 -65.20 6.99 10.00
CA VAL A 134 -65.62 8.30 10.52
C VAL A 134 -65.75 9.34 9.41
N LEU A 135 -64.73 9.55 8.59
CA LEU A 135 -64.87 10.45 7.46
C LEU A 135 -64.30 9.81 6.20
N ASP A 136 -65.00 9.95 5.08
CA ASP A 136 -64.41 9.55 3.79
C ASP A 136 -64.08 10.74 2.88
N GLU A 137 -62.86 11.22 2.92
CA GLU A 137 -62.45 12.40 2.13
C GLU A 137 -62.79 12.40 0.63
N ASN A 138 -62.78 11.21 0.03
CA ASN A 138 -63.26 10.99 -1.34
C ASN A 138 -64.72 11.40 -1.63
N LYS A 139 -65.60 11.16 -0.64
CA LYS A 139 -67.02 11.56 -0.69
C LYS A 139 -67.15 13.06 -0.46
N LEU A 140 -66.28 13.59 0.39
CA LEU A 140 -66.10 15.04 0.50
C LEU A 140 -65.62 15.72 -0.80
N ALA A 141 -64.68 15.08 -1.50
CA ALA A 141 -64.01 15.68 -2.66
C ALA A 141 -64.76 15.46 -3.99
N GLU A 142 -65.81 14.64 -3.96
CA GLU A 142 -66.73 14.42 -5.07
C GLU A 142 -66.94 15.58 -6.09
N GLY A 143 -66.29 15.45 -7.26
CA GLY A 143 -66.43 16.40 -8.36
C GLY A 143 -66.02 17.82 -7.99
N LYS A 144 -64.89 17.92 -7.26
CA LYS A 144 -64.29 19.19 -6.84
C LYS A 144 -62.82 19.28 -7.25
N SER A 145 -62.41 20.44 -7.77
CA SER A 145 -61.02 20.61 -8.14
C SER A 145 -60.12 20.50 -6.91
N PHE A 146 -60.53 21.10 -5.80
CA PHE A 146 -59.65 21.10 -4.63
C PHE A 146 -60.37 20.68 -3.31
N CYS A 147 -59.67 19.91 -2.47
CA CYS A 147 -60.23 19.47 -1.18
C CYS A 147 -59.22 19.12 -0.09
N VAL A 148 -59.10 19.98 0.93
CA VAL A 148 -58.30 19.68 2.13
C VAL A 148 -59.07 19.76 3.46
N VAL A 149 -58.90 18.72 4.28
CA VAL A 149 -59.49 18.72 5.62
C VAL A 149 -58.47 19.20 6.65
N GLY A 150 -58.80 20.24 7.40
CA GLY A 150 -57.91 20.72 8.43
C GLY A 150 -57.85 19.85 9.66
N CYS A 151 -59.00 19.34 10.10
CA CYS A 151 -59.14 18.72 11.42
C CYS A 151 -60.29 17.74 11.41
N VAL A 152 -60.12 16.63 12.14
CA VAL A 152 -61.20 15.69 12.38
C VAL A 152 -61.33 15.44 13.90
N ALA A 153 -62.29 16.14 14.48
CA ALA A 153 -62.37 16.27 15.92
C ALA A 153 -63.65 15.62 16.47
N PRO A 154 -63.51 14.43 17.06
CA PRO A 154 -64.65 13.82 17.75
C PRO A 154 -64.86 14.48 19.11
N ALA A 155 -66.04 14.41 19.70
CA ALA A 155 -66.28 15.07 21.00
C ALA A 155 -66.12 14.17 22.22
N PRO A 156 -65.07 14.43 23.06
CA PRO A 156 -64.77 13.79 24.32
C PRO A 156 -65.93 13.17 25.11
N PRO A 157 -65.58 12.28 26.05
CA PRO A 157 -66.10 10.96 26.24
C PRO A 157 -66.60 10.27 24.97
N GLU A 158 -67.74 10.66 24.45
CA GLU A 158 -68.53 9.74 23.65
C GLU A 158 -68.03 9.45 22.25
N HIS A 159 -67.64 10.50 21.52
CA HIS A 159 -67.30 10.43 20.09
C HIS A 159 -68.55 10.13 19.27
N ALA A 160 -69.69 10.66 19.73
CA ALA A 160 -70.93 10.56 18.96
C ALA A 160 -70.90 11.65 17.90
N LEU A 161 -70.84 12.90 18.34
CA LEU A 161 -70.59 14.01 17.41
C LEU A 161 -69.12 13.95 16.96
N VAL A 162 -68.91 14.06 15.66
CA VAL A 162 -67.57 14.38 15.14
C VAL A 162 -67.64 15.55 14.16
N ALA A 163 -66.80 16.55 14.44
CA ALA A 163 -66.72 17.73 13.61
C ALA A 163 -65.49 17.64 12.73
N TYR A 164 -65.50 18.39 11.62
CA TYR A 164 -64.35 18.49 10.69
C TYR A 164 -64.34 19.87 9.97
N SER A 165 -63.22 20.19 9.33
CA SER A 165 -63.12 21.48 8.69
C SER A 165 -62.58 21.27 7.30
N VAL A 166 -63.07 22.05 6.36
CA VAL A 166 -62.70 21.79 4.97
C VAL A 166 -62.44 23.09 4.17
N ASP A 167 -61.37 23.06 3.37
CA ASP A 167 -61.09 24.16 2.47
C ASP A 167 -61.27 23.63 1.06
N TYR A 168 -62.05 24.34 0.25
CA TYR A 168 -62.34 23.89 -1.11
C TYR A 168 -61.59 24.62 -2.22
N CYS A 169 -60.85 25.68 -1.88
CA CYS A 169 -60.07 26.35 -2.91
C CYS A 169 -58.59 26.50 -2.56
N GLY A 170 -58.28 26.31 -1.28
CA GLY A 170 -56.89 26.33 -0.83
C GLY A 170 -56.36 27.65 -0.33
N ASP A 171 -57.22 28.64 -0.15
CA ASP A 171 -56.81 29.93 0.38
C ASP A 171 -56.73 29.80 1.89
N GLU A 172 -57.04 28.59 2.35
CA GLU A 172 -56.88 28.18 3.73
C GLU A 172 -57.82 28.83 4.75
N VAL A 173 -59.02 29.17 4.29
CA VAL A 173 -60.14 29.54 5.12
C VAL A 173 -61.06 28.31 5.18
N TYR A 174 -61.51 27.95 6.38
CA TYR A 174 -62.25 26.69 6.61
C TYR A 174 -63.70 26.90 7.07
N SER A 175 -64.59 26.01 6.63
CA SER A 175 -65.88 25.84 7.33
C SER A 175 -65.80 24.65 8.25
N ILE A 176 -66.54 24.68 9.34
CA ILE A 176 -66.58 23.52 10.22
C ILE A 176 -67.97 22.93 10.16
N ARG A 177 -68.02 21.62 10.05
CA ARG A 177 -69.23 20.91 9.77
C ARG A 177 -69.18 19.64 10.60
N PHE A 178 -70.24 18.84 10.56
CA PHE A 178 -70.24 17.59 11.30
C PHE A 178 -70.50 16.44 10.39
N VAL A 179 -69.85 15.32 10.68
CA VAL A 179 -70.07 14.09 9.93
C VAL A 179 -71.56 13.75 9.77
N ARG A 180 -71.89 13.15 8.62
CA ARG A 180 -73.26 12.70 8.32
C ARG A 180 -74.33 13.68 8.81
N ASP A 181 -73.99 14.96 8.94
CA ASP A 181 -74.92 15.99 9.37
C ASP A 181 -75.73 15.63 10.59
N VAL A 182 -75.12 14.87 11.50
CA VAL A 182 -75.78 14.44 12.74
C VAL A 182 -76.41 15.66 13.43
N VAL A 183 -75.73 16.80 13.33
CA VAL A 183 -76.28 18.10 13.68
C VAL A 183 -76.01 19.08 12.53
N ALA A 184 -76.64 20.25 12.61
CA ALA A 184 -76.73 21.15 11.45
C ALA A 184 -75.81 22.36 11.55
N ASP A 185 -75.00 22.39 12.59
CA ASP A 185 -74.17 23.56 12.85
C ASP A 185 -73.09 23.72 11.78
N LYS A 186 -72.82 24.96 11.41
CA LYS A 186 -71.80 25.32 10.43
C LYS A 186 -71.01 26.49 10.99
N VAL A 187 -69.70 26.49 10.77
CA VAL A 187 -68.86 27.62 11.21
C VAL A 187 -67.97 28.10 10.08
N GLU A 188 -68.13 29.35 9.69
CA GLU A 188 -67.47 29.85 8.50
C GLU A 188 -66.25 30.71 8.83
N GLY A 189 -65.24 30.68 7.95
CA GLY A 189 -64.07 31.58 8.06
C GLY A 189 -63.09 31.37 9.20
N THR A 190 -62.65 30.12 9.38
CA THR A 190 -61.83 29.69 10.51
C THR A 190 -60.47 29.24 10.01
N ASN A 191 -59.49 29.10 10.92
CA ASN A 191 -58.14 28.63 10.56
C ASN A 191 -58.08 27.12 10.40
N GLY A 192 -59.11 26.43 10.87
CA GLY A 192 -59.17 25.01 10.72
C GLY A 192 -59.18 24.28 12.04
N SER A 193 -58.48 24.80 13.03
CA SER A 193 -58.45 24.15 14.36
C SER A 193 -59.83 24.07 15.01
N VAL A 194 -60.26 22.88 15.43
CA VAL A 194 -61.40 22.72 16.32
C VAL A 194 -60.97 22.15 17.68
N VAL A 195 -61.25 22.84 18.76
CA VAL A 195 -60.96 22.28 20.08
C VAL A 195 -62.23 22.12 20.95
N TRP A 196 -62.42 20.95 21.55
CA TRP A 196 -63.68 20.67 22.23
C TRP A 196 -63.77 21.13 23.67
N GLY A 197 -64.98 21.51 24.09
CA GLY A 197 -65.29 21.71 25.49
C GLY A 197 -65.67 20.35 26.01
N PRO A 198 -66.11 20.27 27.28
CA PRO A 198 -66.65 19.03 27.85
C PRO A 198 -67.96 18.58 27.21
N ASN A 199 -68.27 17.30 27.42
CA ASN A 199 -69.57 16.69 27.10
C ASN A 199 -70.20 17.20 25.82
N ALA A 200 -69.39 17.43 24.79
CA ALA A 200 -69.91 17.83 23.51
C ALA A 200 -70.85 19.02 23.58
N GLU A 201 -70.74 19.85 24.60
CA GLU A 201 -71.67 20.93 24.72
C GLU A 201 -71.31 22.13 23.84
N CYS A 202 -70.02 22.22 23.47
CA CYS A 202 -69.48 23.36 22.74
C CYS A 202 -68.05 23.07 22.27
N PHE A 203 -67.50 23.98 21.46
CA PHE A 203 -66.10 23.89 21.04
C PHE A 203 -65.49 25.24 20.65
N PHE A 204 -64.20 25.22 20.34
CA PHE A 204 -63.46 26.44 20.21
C PHE A 204 -62.75 26.53 18.86
N TYR A 205 -62.80 27.72 18.27
CA TYR A 205 -62.22 27.90 16.95
C TYR A 205 -61.63 29.31 16.82
N ILE A 206 -61.05 29.56 15.67
CA ILE A 206 -60.22 30.69 15.49
C ILE A 206 -60.51 31.30 14.14
N THR A 207 -61.12 32.50 14.14
CA THR A 207 -61.27 33.24 12.89
C THR A 207 -60.03 33.99 12.40
N LYS A 208 -59.94 34.03 11.08
CA LYS A 208 -59.05 34.92 10.34
C LYS A 208 -59.48 36.36 10.49
N ASP A 209 -58.94 37.22 9.63
CA ASP A 209 -59.00 38.67 9.77
C ASP A 209 -58.57 39.31 8.44
N ALA A 210 -58.56 40.64 8.46
CA ALA A 210 -57.85 41.49 7.54
C ALA A 210 -56.55 40.81 7.24
N SER A 211 -56.26 40.62 5.95
CA SER A 211 -55.00 40.03 5.52
C SER A 211 -54.77 38.64 6.07
N LYS A 212 -55.86 38.00 6.49
CA LYS A 212 -55.88 36.56 6.80
C LYS A 212 -55.09 36.22 8.02
N ARG A 213 -54.91 37.21 8.91
CA ARG A 213 -54.29 36.95 10.23
C ARG A 213 -55.16 36.14 11.25
N ASP A 214 -54.58 35.26 12.02
CA ASP A 214 -55.38 34.59 13.02
C ASP A 214 -55.46 35.45 14.26
N ASN A 215 -56.56 36.16 14.39
CA ASN A 215 -56.61 37.17 15.43
C ASN A 215 -57.68 36.94 16.48
N LYS A 216 -58.54 35.93 16.33
CA LYS A 216 -59.61 35.71 17.30
C LYS A 216 -59.97 34.30 17.65
N VAL A 217 -60.22 34.10 18.95
CA VAL A 217 -60.68 32.84 19.52
C VAL A 217 -62.12 33.02 20.01
N TRP A 218 -62.96 32.06 19.61
CA TRP A 218 -64.39 32.03 19.91
C TRP A 218 -64.83 30.68 20.43
N ARG A 219 -65.95 30.70 21.16
CA ARG A 219 -66.67 29.51 21.64
C ARG A 219 -67.85 29.26 20.71
N HIS A 220 -68.08 28.02 20.32
CA HIS A 220 -69.33 27.72 19.66
C HIS A 220 -70.11 26.67 20.42
N ILE A 221 -71.37 27.00 20.74
CA ILE A 221 -72.26 26.11 21.45
C ILE A 221 -73.21 25.38 20.48
N ILE A 222 -73.22 24.06 20.59
CA ILE A 222 -74.13 23.23 19.80
C ILE A 222 -75.60 23.64 19.99
N GLY A 223 -76.31 23.73 18.89
CA GLY A 223 -77.67 24.19 18.97
C GLY A 223 -77.79 25.64 18.60
N GLN A 224 -76.68 26.26 18.16
CA GLN A 224 -76.67 27.70 17.89
C GLN A 224 -76.12 28.24 16.58
N PRO A 225 -76.69 29.38 16.15
CA PRO A 225 -76.20 30.08 14.99
C PRO A 225 -74.84 30.65 15.31
N GLN A 226 -73.92 30.50 14.39
CA GLN A 226 -72.61 31.09 14.57
C GLN A 226 -72.74 32.54 15.08
N SER A 227 -73.79 33.22 14.61
CA SER A 227 -74.01 34.60 14.96
C SER A 227 -74.11 34.77 16.45
N GLU A 228 -74.33 33.68 17.18
CA GLU A 228 -74.52 33.76 18.65
C GLU A 228 -73.26 33.43 19.44
N ASP A 229 -72.22 33.00 18.72
CA ASP A 229 -70.91 32.63 19.32
C ASP A 229 -70.30 33.79 20.08
N VAL A 230 -69.48 33.50 21.07
CA VAL A 230 -68.86 34.51 21.91
C VAL A 230 -67.38 34.49 21.57
N CYS A 231 -66.86 35.66 21.18
CA CYS A 231 -65.43 35.85 20.96
C CYS A 231 -64.73 36.04 22.29
N LEU A 232 -63.73 35.22 22.56
CA LEU A 232 -63.13 35.18 23.90
C LEU A 232 -61.94 36.07 24.00
N TYR A 233 -61.28 36.25 22.87
CA TYR A 233 -59.94 36.85 22.80
C TYR A 233 -59.66 37.41 21.44
N THR A 234 -59.36 38.71 21.33
CA THR A 234 -58.77 39.26 20.08
C THR A 234 -57.38 39.71 20.44
N ASP A 235 -56.46 39.70 19.50
CA ASP A 235 -55.20 40.42 19.64
C ASP A 235 -55.24 41.35 18.46
N ASP A 236 -55.03 42.62 18.70
CA ASP A 236 -55.18 43.57 17.62
C ASP A 236 -53.84 43.89 16.98
N ASP A 237 -52.78 43.45 17.65
CA ASP A 237 -51.42 43.68 17.22
C ASP A 237 -51.02 42.82 16.01
N PRO A 238 -50.92 43.47 14.83
CA PRO A 238 -50.57 42.92 13.51
C PRO A 238 -49.31 42.05 13.50
N LEU A 239 -48.45 42.26 14.49
CA LEU A 239 -47.36 41.35 14.71
C LEU A 239 -47.77 39.98 15.28
N PHE A 240 -49.03 39.74 15.63
CA PHE A 240 -49.34 38.53 16.37
C PHE A 240 -50.40 37.62 15.78
N SER A 241 -50.30 36.34 16.09
CA SER A 241 -51.40 35.47 15.82
C SER A 241 -51.89 34.85 17.10
N VAL A 242 -53.18 34.52 17.17
CA VAL A 242 -53.73 33.83 18.34
C VAL A 242 -53.73 32.29 18.14
N GLY A 243 -53.47 31.55 19.23
CA GLY A 243 -53.56 30.09 19.23
C GLY A 243 -54.56 29.62 20.28
N VAL A 244 -54.89 28.32 20.26
CA VAL A 244 -55.79 27.74 21.27
C VAL A 244 -55.67 26.23 21.43
N GLY A 245 -55.58 25.81 22.68
CA GLY A 245 -55.44 24.38 23.02
C GLY A 245 -56.07 23.92 24.33
N ARG A 246 -56.12 22.60 24.49
CA ARG A 246 -56.76 21.96 25.63
C ARG A 246 -55.73 21.36 26.58
N SER A 247 -55.96 21.49 27.90
CA SER A 247 -55.02 20.93 28.89
C SER A 247 -55.12 19.42 28.93
N GLY A 248 -54.08 18.77 29.42
CA GLY A 248 -54.07 17.32 29.46
C GLY A 248 -55.33 16.76 30.06
N ASP A 249 -55.64 17.19 31.27
CA ASP A 249 -56.84 16.77 31.95
C ASP A 249 -58.13 17.36 31.34
N GLY A 250 -57.97 18.30 30.42
CA GLY A 250 -59.12 18.79 29.66
C GLY A 250 -60.03 19.74 30.42
N LYS A 251 -59.63 20.11 31.62
CA LYS A 251 -60.36 21.03 32.47
C LYS A 251 -59.95 22.51 32.27
N THR A 252 -58.89 22.72 31.49
CA THR A 252 -58.28 24.03 31.32
C THR A 252 -58.09 24.28 29.83
N LEU A 253 -58.44 25.49 29.38
CA LEU A 253 -58.22 25.90 28.00
C LEU A 253 -57.12 26.95 27.93
N ILE A 254 -56.34 26.90 26.86
CA ILE A 254 -55.11 27.67 26.74
C ILE A 254 -55.16 28.60 25.52
N ILE A 255 -55.20 29.90 25.78
CA ILE A 255 -55.25 30.87 24.73
C ILE A 255 -53.91 31.56 24.68
N CYS A 256 -53.30 31.72 23.50
CA CYS A 256 -52.05 32.45 23.48
C CYS A 256 -51.93 33.42 22.32
N SER A 257 -50.86 34.21 22.34
CA SER A 257 -50.49 35.13 21.28
C SER A 257 -49.04 34.88 20.99
N MET A 258 -48.66 34.91 19.72
CA MET A 258 -47.32 34.52 19.34
C MET A 258 -46.94 35.47 18.26
N SER A 259 -46.00 36.32 18.58
CA SER A 259 -45.27 36.97 17.55
C SER A 259 -43.97 36.24 17.57
N SER A 260 -43.08 36.72 16.72
CA SER A 260 -41.91 35.96 16.36
C SER A 260 -40.99 35.97 17.55
N GLU A 261 -41.00 37.08 18.31
CA GLU A 261 -40.14 37.16 19.47
C GLU A 261 -40.77 37.46 20.81
N THR A 262 -42.05 37.09 20.99
CA THR A 262 -42.90 37.49 22.12
C THR A 262 -44.15 36.64 22.24
N SER A 263 -44.49 36.27 23.48
CA SER A 263 -45.63 35.39 23.78
C SER A 263 -46.52 35.93 24.86
N GLU A 264 -47.74 35.43 24.91
CA GLU A 264 -48.65 35.68 26.00
C GLU A 264 -49.69 34.55 26.04
N SER A 265 -50.07 34.14 27.24
CA SER A 265 -51.04 33.07 27.43
C SER A 265 -52.11 33.52 28.36
N HIS A 266 -53.25 32.86 28.27
CA HIS A 266 -54.31 32.96 29.25
C HIS A 266 -54.89 31.60 29.44
N LEU A 267 -55.60 31.46 30.54
CA LEU A 267 -56.29 30.26 30.93
C LEU A 267 -57.78 30.51 31.11
N LEU A 268 -58.58 29.52 30.70
CA LEU A 268 -60.02 29.48 30.97
C LEU A 268 -60.44 28.15 31.62
N ASP A 269 -61.23 28.25 32.69
CA ASP A 269 -61.72 27.06 33.39
C ASP A 269 -62.92 26.44 32.70
N LEU A 270 -62.76 25.21 32.24
CA LEU A 270 -63.84 24.50 31.57
C LEU A 270 -64.77 23.75 32.59
N ARG A 271 -64.42 23.83 33.86
CA ARG A 271 -65.22 23.18 34.89
C ARG A 271 -66.46 24.01 35.26
N LYS A 272 -66.51 25.25 34.77
CA LYS A 272 -67.57 26.21 35.11
C LYS A 272 -68.60 26.43 33.99
N GLY A 273 -68.45 25.70 32.89
CA GLY A 273 -69.50 25.62 31.88
C GLY A 273 -69.55 26.77 30.89
N VAL A 274 -70.46 26.64 29.92
CA VAL A 274 -70.43 27.45 28.72
C VAL A 274 -70.60 28.95 28.90
N LYS A 275 -71.32 29.37 29.93
CA LYS A 275 -71.46 30.81 30.15
C LYS A 275 -70.33 31.49 30.95
N HIS A 276 -69.27 30.76 31.30
CA HIS A 276 -68.17 31.35 32.05
C HIS A 276 -67.12 31.72 31.05
N ASN A 277 -66.84 33.01 30.92
CA ASN A 277 -65.91 33.43 29.87
C ASN A 277 -64.69 34.21 30.31
N THR A 278 -64.52 34.42 31.62
CA THR A 278 -63.39 35.24 32.08
C THR A 278 -62.08 34.48 32.10
N LEU A 279 -61.09 35.11 31.47
CA LEU A 279 -59.72 34.64 31.32
C LEU A 279 -58.85 34.95 32.54
N GLU A 280 -57.68 34.32 32.57
CA GLU A 280 -56.70 34.49 33.65
C GLU A 280 -55.33 34.70 33.01
N MET A 281 -54.94 35.96 32.85
CA MET A 281 -53.60 36.35 32.42
C MET A 281 -52.54 35.41 33.03
N VAL A 282 -51.51 35.01 32.28
CA VAL A 282 -50.43 34.20 32.87
C VAL A 282 -49.25 35.07 33.17
N ARG A 283 -48.49 35.44 32.15
CA ARG A 283 -47.50 36.46 32.34
C ARG A 283 -47.70 37.44 31.23
N PRO A 284 -47.91 38.71 31.57
CA PRO A 284 -48.09 39.76 30.57
C PRO A 284 -46.94 39.78 29.55
N ARG A 285 -47.28 39.99 28.28
CA ARG A 285 -46.27 40.03 27.24
C ARG A 285 -45.20 41.05 27.60
N GLU A 286 -43.96 40.67 27.29
CA GLU A 286 -42.77 41.51 27.45
C GLU A 286 -41.91 41.23 26.24
N LYS A 287 -41.70 42.29 25.47
CA LYS A 287 -41.02 42.21 24.17
C LYS A 287 -39.71 41.45 24.35
N GLY A 288 -39.41 40.55 23.43
CA GLY A 288 -38.26 39.70 23.57
C GLY A 288 -38.56 38.40 24.29
N VAL A 289 -39.64 38.33 25.06
CA VAL A 289 -39.85 37.15 25.85
C VAL A 289 -40.80 36.26 25.11
N ARG A 290 -40.41 35.00 24.91
CA ARG A 290 -41.28 33.94 24.39
C ARG A 290 -41.45 32.88 25.47
N TYR A 291 -42.62 32.25 25.48
CA TYR A 291 -42.86 31.18 26.43
C TYR A 291 -44.12 30.44 26.06
N THR A 292 -44.10 29.13 26.35
CA THR A 292 -45.21 28.20 26.11
C THR A 292 -45.66 27.58 27.43
N VAL A 293 -46.96 27.36 27.56
CA VAL A 293 -47.59 26.85 28.79
C VAL A 293 -48.23 25.46 28.63
N GLU A 294 -47.97 24.59 29.61
CA GLU A 294 -48.61 23.27 29.72
C GLU A 294 -49.02 23.03 31.15
N MET A 295 -50.26 22.57 31.35
CA MET A 295 -50.82 22.26 32.67
C MET A 295 -50.48 20.86 33.12
N HIS A 296 -50.40 20.71 34.44
CA HIS A 296 -50.41 19.43 35.11
C HIS A 296 -51.51 19.57 36.14
N GLY A 297 -52.55 18.74 36.04
CA GLY A 297 -53.76 18.92 36.82
C GLY A 297 -54.28 20.34 36.66
N THR A 298 -54.85 20.90 37.72
CA THR A 298 -55.54 22.18 37.54
C THR A 298 -54.72 23.36 38.03
N ASP A 299 -53.59 23.06 38.65
CA ASP A 299 -52.87 24.05 39.48
C ASP A 299 -51.43 24.34 39.09
N THR A 300 -50.71 23.30 38.68
CA THR A 300 -49.29 23.44 38.42
C THR A 300 -49.04 23.77 36.93
N LEU A 301 -48.32 24.86 36.68
CA LEU A 301 -48.07 25.29 35.32
C LEU A 301 -46.65 25.02 34.94
N ILE A 302 -46.44 24.36 33.81
CA ILE A 302 -45.09 23.98 33.47
C ILE A 302 -44.76 24.78 32.26
N VAL A 303 -43.89 25.76 32.44
CA VAL A 303 -43.57 26.79 31.44
C VAL A 303 -42.19 26.59 30.75
N LEU A 304 -42.20 26.44 29.44
CA LEU A 304 -40.94 26.47 28.66
C LEU A 304 -40.69 27.90 28.16
N THR A 305 -39.53 28.46 28.45
CA THR A 305 -39.34 29.87 28.14
C THR A 305 -37.89 30.29 27.83
N ASN A 306 -37.75 31.42 27.12
CA ASN A 306 -36.44 32.02 26.81
C ASN A 306 -36.06 33.20 27.73
N LYS A 307 -36.85 33.41 28.78
CA LYS A 307 -36.65 34.56 29.69
C LYS A 307 -35.29 34.54 30.34
N ASP A 308 -34.83 35.72 30.79
CA ASP A 308 -33.52 35.88 31.42
C ASP A 308 -32.34 35.40 30.54
N LYS A 309 -32.36 35.75 29.25
CA LYS A 309 -31.29 35.39 28.30
C LYS A 309 -31.09 33.88 28.05
N CYS A 310 -32.07 33.07 28.45
CA CYS A 310 -32.03 31.63 28.16
C CYS A 310 -32.49 31.28 26.72
N VAL A 311 -31.64 31.62 25.74
CA VAL A 311 -32.00 31.52 24.30
C VAL A 311 -32.49 30.15 23.81
N ASN A 312 -31.81 29.09 24.22
CA ASN A 312 -32.20 27.75 23.82
C ASN A 312 -33.36 27.22 24.64
N GLY A 313 -33.74 27.95 25.70
CA GLY A 313 -34.89 27.59 26.52
C GLY A 313 -34.59 26.96 27.87
N LYS A 314 -35.53 27.10 28.81
CA LYS A 314 -35.45 26.49 30.12
C LYS A 314 -36.89 26.21 30.59
N VAL A 315 -37.11 25.11 31.29
CA VAL A 315 -38.45 24.77 31.69
C VAL A 315 -38.59 24.97 33.21
N VAL A 316 -39.60 25.76 33.54
CA VAL A 316 -39.76 26.31 34.85
C VAL A 316 -41.04 25.71 35.41
N LEU A 317 -41.23 25.85 36.71
CA LEU A 317 -42.40 25.33 37.41
C LEU A 317 -43.02 26.39 38.33
N THR A 318 -44.33 26.64 38.16
CA THR A 318 -45.01 27.63 38.96
C THR A 318 -46.45 27.25 39.22
N LYS A 319 -47.16 28.09 39.97
CA LYS A 319 -48.55 27.81 40.35
C LYS A 319 -49.59 28.72 39.69
N ARG A 320 -50.79 28.18 39.52
CA ARG A 320 -51.90 28.87 38.84
C ARG A 320 -52.23 30.15 39.57
N SER A 321 -52.01 30.11 40.87
CA SER A 321 -52.38 31.15 41.77
C SER A 321 -51.33 32.25 41.85
N ALA A 322 -50.08 31.93 41.51
CA ALA A 322 -49.01 32.93 41.49
C ALA A 322 -48.16 32.69 40.22
N PRO A 323 -48.79 32.93 39.06
CA PRO A 323 -48.26 32.51 37.78
C PRO A 323 -47.11 33.35 37.22
N THR A 324 -46.66 34.40 37.93
CA THR A 324 -45.46 35.10 37.49
C THR A 324 -44.20 34.68 38.24
N ASP A 325 -44.37 33.86 39.28
CA ASP A 325 -43.24 33.33 40.04
C ASP A 325 -42.60 32.18 39.30
N TRP A 326 -41.46 32.47 38.69
CA TRP A 326 -40.75 31.50 37.87
C TRP A 326 -39.38 31.19 38.41
N GLY A 327 -39.23 31.29 39.73
CA GLY A 327 -37.96 31.07 40.37
C GLY A 327 -37.62 29.59 40.46
N THR A 328 -38.64 28.73 40.37
CA THR A 328 -38.38 27.30 40.44
C THR A 328 -38.06 26.83 39.07
N VAL A 329 -36.90 26.21 38.90
CA VAL A 329 -36.47 25.84 37.59
C VAL A 329 -36.33 24.36 37.57
N LEU A 330 -37.03 23.70 36.67
CA LEU A 330 -37.00 22.25 36.61
C LEU A 330 -35.83 21.78 35.79
N ILE A 331 -35.82 22.12 34.50
CA ILE A 331 -34.66 21.90 33.62
C ILE A 331 -33.96 23.19 33.25
N PRO A 332 -32.67 23.37 33.66
CA PRO A 332 -31.97 24.64 33.44
C PRO A 332 -31.48 24.81 32.01
N HIS A 333 -31.10 26.04 31.65
CA HIS A 333 -30.72 26.36 30.28
C HIS A 333 -29.36 25.77 30.02
N ASP A 334 -29.20 25.14 28.85
CA ASP A 334 -27.90 24.65 28.39
C ASP A 334 -27.55 25.33 27.05
N ASP A 335 -26.29 25.79 26.95
CA ASP A 335 -25.73 26.37 25.71
C ASP A 335 -25.90 25.43 24.53
N LYS A 336 -25.54 24.15 24.70
CA LYS A 336 -25.55 23.24 23.57
C LYS A 336 -26.82 22.44 23.41
N VAL A 337 -27.83 22.75 24.21
CA VAL A 337 -29.12 22.10 24.00
C VAL A 337 -30.27 23.09 23.79
N THR A 338 -30.97 22.96 22.67
CA THR A 338 -32.23 23.67 22.42
C THR A 338 -33.41 22.78 22.81
N ILE A 339 -34.40 23.38 23.50
CA ILE A 339 -35.71 22.76 23.84
C ILE A 339 -36.82 23.43 23.00
N ASP A 340 -37.42 22.68 22.07
CA ASP A 340 -38.36 23.28 21.11
C ASP A 340 -39.77 23.26 21.65
N ASP A 341 -40.13 22.19 22.36
CA ASP A 341 -41.29 22.26 23.20
C ASP A 341 -41.52 21.08 24.13
N VAL A 342 -42.35 21.27 25.15
CA VAL A 342 -42.70 20.21 26.08
C VAL A 342 -44.08 19.71 25.83
N ALA A 343 -44.29 18.41 26.10
CA ALA A 343 -45.64 17.87 26.30
C ALA A 343 -45.82 17.31 27.72
N VAL A 344 -46.98 17.57 28.33
CA VAL A 344 -47.19 17.16 29.72
C VAL A 344 -48.31 16.16 29.96
N PHE A 345 -48.01 15.11 30.70
CA PHE A 345 -48.98 14.09 30.95
C PHE A 345 -49.15 13.91 32.44
N ALA A 346 -50.11 13.07 32.84
CA ALA A 346 -50.34 12.78 34.26
C ALA A 346 -49.06 12.33 34.99
N LYS A 347 -48.21 11.54 34.32
CA LYS A 347 -47.14 10.86 35.01
C LYS A 347 -45.75 11.30 34.56
N PHE A 348 -45.66 12.27 33.67
CA PHE A 348 -44.35 12.65 33.16
C PHE A 348 -44.50 13.73 32.12
N ALA A 349 -43.37 14.21 31.55
CA ALA A 349 -43.39 15.10 30.37
C ALA A 349 -42.38 14.68 29.34
N VAL A 350 -42.71 14.79 28.05
CA VAL A 350 -41.73 14.73 26.94
C VAL A 350 -41.18 16.09 26.54
N LEU A 351 -39.88 16.23 26.47
CA LEU A 351 -39.27 17.41 25.87
C LEU A 351 -38.75 17.03 24.52
N SER A 352 -39.12 17.82 23.53
CA SER A 352 -38.61 17.66 22.20
C SER A 352 -37.54 18.75 21.98
N GLY A 353 -36.40 18.40 21.40
CA GLY A 353 -35.47 19.43 21.05
C GLY A 353 -34.31 18.98 20.24
N ARG A 354 -33.14 19.56 20.57
CA ARG A 354 -31.91 19.47 19.78
C ARG A 354 -30.62 19.43 20.57
N ARG A 355 -29.67 18.63 20.08
CA ARG A 355 -28.24 18.69 20.46
C ARG A 355 -27.40 18.15 19.27
N ASP A 356 -26.21 18.72 19.04
CA ASP A 356 -25.35 18.34 17.87
C ASP A 356 -25.96 18.39 16.44
N GLY A 357 -26.89 19.32 16.25
CA GLY A 357 -27.60 19.49 15.00
C GLY A 357 -28.50 18.35 14.60
N LEU A 358 -28.95 17.55 15.57
CA LEU A 358 -29.96 16.52 15.27
C LEU A 358 -31.06 16.61 16.27
N THR A 359 -32.27 16.23 15.87
CA THR A 359 -33.42 16.06 16.81
C THR A 359 -33.13 15.11 17.97
N ARG A 360 -33.43 15.57 19.18
CA ARG A 360 -33.39 14.77 20.40
C ARG A 360 -34.69 14.84 21.20
N VAL A 361 -34.87 13.88 22.10
CA VAL A 361 -36.08 13.79 22.90
C VAL A 361 -35.79 13.23 24.29
N TRP A 362 -36.18 13.98 25.32
CA TRP A 362 -36.08 13.55 26.73
C TRP A 362 -37.45 13.42 27.43
N THR A 363 -37.41 12.69 28.53
CA THR A 363 -38.57 12.38 29.28
C THR A 363 -38.27 12.75 30.73
N VAL A 364 -39.27 13.26 31.45
CA VAL A 364 -39.09 13.66 32.86
C VAL A 364 -40.25 13.19 33.74
N ARG A 365 -39.90 12.48 34.80
CA ARG A 365 -40.87 11.78 35.67
C ARG A 365 -41.24 12.56 36.96
N LEU A 366 -42.27 12.12 37.68
CA LEU A 366 -42.50 12.65 39.01
C LEU A 366 -41.61 11.92 40.00
N GLY A 367 -41.33 12.59 41.13
CA GLY A 367 -40.61 11.98 42.23
C GLY A 367 -41.60 11.27 43.12
N PRO A 368 -41.08 10.44 44.06
CA PRO A 368 -41.81 10.00 45.24
C PRO A 368 -42.68 11.09 45.85
N ASP A 369 -42.27 12.36 45.77
CA ASP A 369 -43.06 13.47 46.31
C ASP A 369 -44.38 13.77 45.56
N ASN A 370 -44.50 13.23 44.34
CA ASN A 370 -45.61 13.52 43.38
C ASN A 370 -45.40 14.83 42.65
N LEU A 371 -44.19 15.37 42.74
CA LEU A 371 -43.82 16.60 42.06
C LEU A 371 -42.66 16.32 41.11
N PHE A 372 -42.63 17.06 39.99
CA PHE A 372 -41.70 16.78 38.90
C PHE A 372 -40.24 16.83 39.36
N SER A 373 -39.50 15.77 39.03
CA SER A 373 -38.18 15.53 39.57
C SER A 373 -37.04 15.73 38.56
N SER A 374 -36.40 16.90 38.65
CA SER A 374 -35.23 17.24 37.84
C SER A 374 -34.33 16.04 37.56
N ALA A 375 -34.11 15.26 38.62
CA ALA A 375 -33.12 14.18 38.63
C ALA A 375 -33.52 12.94 37.83
N THR A 376 -34.70 12.99 37.23
CA THR A 376 -35.25 11.84 36.50
C THR A 376 -35.14 12.01 34.98
N LEU A 377 -34.57 13.13 34.55
CA LEU A 377 -34.32 13.38 33.14
C LEU A 377 -33.59 12.21 32.47
N LYS A 378 -34.23 11.64 31.43
CA LYS A 378 -33.64 10.58 30.60
C LYS A 378 -33.61 11.03 29.13
N GLU A 379 -32.45 10.93 28.48
CA GLU A 379 -32.34 11.19 27.05
C GLU A 379 -32.58 9.88 26.33
N LEU A 380 -33.44 9.91 25.32
CA LEU A 380 -33.89 8.70 24.64
C LEU A 380 -32.90 8.23 23.60
N HIS A 381 -32.64 6.92 23.61
CA HIS A 381 -31.57 6.34 22.81
C HIS A 381 -32.05 5.93 21.43
N PHE A 382 -31.30 6.33 20.42
CA PHE A 382 -31.57 5.86 19.08
C PHE A 382 -30.32 5.21 18.48
N ASP A 383 -30.52 4.33 17.50
CA ASP A 383 -29.42 3.50 16.93
C ASP A 383 -28.46 4.18 15.93
N GLU A 384 -28.99 4.85 14.90
CA GLU A 384 -28.11 5.44 13.88
C GLU A 384 -27.45 6.72 14.37
N PRO A 385 -26.22 7.03 13.89
CA PRO A 385 -25.55 8.24 14.36
C PRO A 385 -26.19 9.53 13.83
N VAL A 386 -26.81 9.42 12.65
CA VAL A 386 -27.49 10.51 11.95
C VAL A 386 -28.91 10.04 11.63
N PHE A 387 -29.89 10.61 12.32
CA PHE A 387 -31.27 10.14 12.30
C PHE A 387 -32.22 11.33 12.50
N THR A 388 -33.53 11.11 12.52
CA THR A 388 -34.51 12.13 12.91
C THR A 388 -35.60 11.48 13.76
N ALA A 389 -35.95 12.12 14.88
CA ALA A 389 -37.07 11.65 15.70
C ALA A 389 -37.98 12.76 16.20
N HIS A 390 -39.28 12.55 16.16
CA HIS A 390 -40.20 13.38 16.94
C HIS A 390 -41.21 12.49 17.64
N VAL A 391 -41.70 12.97 18.76
CA VAL A 391 -42.88 12.45 19.44
C VAL A 391 -44.10 12.84 18.62
N VAL A 392 -45.00 11.88 18.42
CA VAL A 392 -46.22 12.20 17.71
C VAL A 392 -47.33 12.61 18.69
N CYS A 393 -47.55 13.91 18.85
CA CYS A 393 -48.53 14.33 19.86
C CYS A 393 -49.95 14.18 19.38
N SER A 394 -50.12 14.26 18.05
CA SER A 394 -51.42 14.03 17.44
C SER A 394 -51.91 12.56 17.59
N GLN A 395 -51.18 11.76 18.38
CA GLN A 395 -51.51 10.36 18.61
C GLN A 395 -51.45 10.03 20.09
N MET A 396 -51.14 11.03 20.90
CA MET A 396 -51.08 10.87 22.32
C MET A 396 -52.33 11.47 22.83
N LYS A 397 -53.41 10.69 22.84
CA LYS A 397 -54.69 11.20 23.26
C LYS A 397 -55.03 10.89 24.73
N THR A 398 -54.12 10.24 25.43
CA THR A 398 -54.50 9.79 26.75
C THR A 398 -53.60 10.35 27.84
N TYR A 399 -54.21 11.12 28.72
CA TYR A 399 -53.52 11.84 29.78
C TYR A 399 -52.84 10.90 30.78
N ASP A 400 -53.50 9.79 31.09
CA ASP A 400 -53.00 8.76 31.99
C ASP A 400 -51.98 7.80 31.37
N ALA A 401 -51.68 7.96 30.08
CA ALA A 401 -50.84 6.98 29.34
C ALA A 401 -49.45 6.68 29.93
N SER A 402 -48.90 5.54 29.53
CA SER A 402 -47.54 5.15 29.91
C SER A 402 -46.73 4.82 28.65
N LEU A 403 -47.40 4.78 27.51
CA LEU A 403 -46.74 4.51 26.24
C LEU A 403 -46.70 5.81 25.46
N LEU A 404 -45.50 6.13 24.98
CA LEU A 404 -45.24 7.35 24.24
C LEU A 404 -44.88 7.04 22.79
N ARG A 405 -45.59 7.70 21.88
CA ARG A 405 -45.53 7.44 20.45
C ARG A 405 -44.46 8.28 19.75
N LEU A 406 -43.54 7.60 19.04
CA LEU A 406 -42.45 8.25 18.28
C LEU A 406 -42.44 7.82 16.83
N ARG A 407 -42.12 8.78 15.96
CA ARG A 407 -41.78 8.58 14.54
C ARG A 407 -40.25 8.69 14.40
N TYR A 408 -39.60 7.67 13.85
CA TYR A 408 -38.16 7.58 13.75
C TYR A 408 -37.82 7.28 12.34
N SER A 409 -36.75 7.91 11.84
CA SER A 409 -36.38 7.87 10.41
C SER A 409 -34.90 8.19 10.19
N SER A 410 -34.40 7.74 9.06
CA SER A 410 -33.15 8.28 8.55
C SER A 410 -33.17 8.20 7.03
N MET A 411 -32.37 9.03 6.39
CA MET A 411 -32.22 9.00 4.94
C MET A 411 -31.92 7.60 4.36
N THR A 412 -31.67 6.63 5.24
CA THR A 412 -31.41 5.24 4.85
C THR A 412 -32.59 4.33 5.24
N THR A 413 -33.09 4.53 6.44
CA THR A 413 -34.10 3.71 7.04
C THR A 413 -35.51 4.28 6.80
N PRO A 414 -36.35 3.55 6.04
CA PRO A 414 -37.76 3.99 5.90
C PRO A 414 -38.40 4.17 7.26
N THR A 415 -39.32 5.12 7.38
CA THR A 415 -39.96 5.46 8.69
C THR A 415 -40.50 4.29 9.56
N VAL A 416 -40.34 4.41 10.89
CA VAL A 416 -41.01 3.53 11.86
C VAL A 416 -41.77 4.43 12.83
N TRP A 417 -42.98 4.01 13.22
CA TRP A 417 -43.64 4.53 14.44
C TRP A 417 -43.60 3.44 15.46
N TYR A 418 -43.33 3.79 16.70
CA TYR A 418 -43.52 2.81 17.75
C TYR A 418 -43.75 3.33 19.13
N ASP A 419 -44.42 2.52 19.96
CA ASP A 419 -44.65 2.85 21.36
C ASP A 419 -43.40 2.58 22.17
N GLU A 420 -43.21 3.31 23.26
CA GLU A 420 -42.10 3.06 24.19
C GLU A 420 -42.52 3.39 25.61
N ASP A 421 -42.34 2.44 26.53
CA ASP A 421 -42.68 2.68 27.93
C ASP A 421 -41.72 3.68 28.53
N VAL A 422 -42.26 4.84 28.94
CA VAL A 422 -41.52 5.90 29.64
C VAL A 422 -40.61 5.36 30.76
N LEU A 423 -41.10 4.36 31.49
CA LEU A 423 -40.32 3.78 32.56
C LEU A 423 -39.35 2.70 32.05
N SER A 424 -39.92 1.67 31.41
CA SER A 424 -39.21 0.43 31.10
C SER A 424 -38.10 0.60 30.08
N GLY A 425 -38.32 1.51 29.12
CA GLY A 425 -37.41 1.72 27.99
C GLY A 425 -37.72 0.91 26.73
N GLU A 426 -38.50 -0.17 26.86
CA GLU A 426 -38.76 -1.12 25.75
C GLU A 426 -39.61 -0.57 24.59
N ARG A 427 -39.19 -0.89 23.36
CA ARG A 427 -39.75 -0.29 22.15
C ARG A 427 -40.44 -1.33 21.24
N LYS A 428 -41.77 -1.33 21.24
CA LYS A 428 -42.50 -2.13 20.27
C LYS A 428 -42.75 -1.30 19.00
N VAL A 429 -42.48 -1.88 17.81
CA VAL A 429 -42.98 -1.32 16.52
C VAL A 429 -44.50 -1.36 16.47
N VAL A 430 -45.11 -0.23 16.09
CA VAL A 430 -46.53 -0.16 15.82
C VAL A 430 -46.72 -0.30 14.30
N LYS A 431 -46.04 0.54 13.54
CA LYS A 431 -46.04 0.44 12.09
C LYS A 431 -44.67 0.74 11.58
N ALA A 432 -44.15 -0.12 10.71
CA ALA A 432 -42.96 0.21 9.89
C ALA A 432 -43.37 0.38 8.44
N ARG A 433 -42.86 1.43 7.81
CA ARG A 433 -43.24 1.72 6.44
C ARG A 433 -42.55 0.71 5.52
N LYS A 434 -43.32 0.16 4.56
CA LYS A 434 -42.82 -0.69 3.45
C LYS A 434 -42.57 0.14 2.16
N VAL A 435 -41.42 -0.05 1.53
CA VAL A 435 -41.11 0.58 0.23
C VAL A 435 -40.84 -0.48 -0.85
N GLY A 436 -41.65 -0.48 -1.91
CA GLY A 436 -41.52 -1.47 -2.96
C GLY A 436 -40.53 -1.02 -4.02
N GLY A 437 -40.81 -1.36 -5.28
CA GLY A 437 -39.96 -1.01 -6.41
C GLY A 437 -38.56 -1.57 -6.26
N GLY A 438 -38.45 -2.60 -5.40
CA GLY A 438 -37.18 -3.28 -5.14
C GLY A 438 -36.15 -2.54 -4.32
N PHE A 439 -36.59 -1.50 -3.63
CA PHE A 439 -35.74 -0.68 -2.74
C PHE A 439 -35.01 -1.53 -1.66
N GLU A 440 -33.76 -1.16 -1.31
CA GLU A 440 -33.16 -1.60 -0.03
C GLU A 440 -32.13 -0.68 0.63
N SER A 441 -32.27 -0.44 1.93
CA SER A 441 -31.35 0.40 2.71
C SER A 441 -29.88 0.19 2.40
N LYS A 442 -29.49 -1.08 2.25
CA LYS A 442 -28.07 -1.42 2.11
C LYS A 442 -27.49 -0.88 0.80
N ASN A 443 -28.37 -0.45 -0.10
CA ASN A 443 -27.95 0.20 -1.34
C ASN A 443 -27.56 1.66 -1.14
N TYR A 444 -27.84 2.21 0.04
CA TYR A 444 -27.61 3.60 0.28
C TYR A 444 -26.75 3.85 1.52
N VAL A 445 -26.04 4.97 1.53
CA VAL A 445 -25.31 5.44 2.71
C VAL A 445 -25.45 6.94 2.83
N CYS A 446 -25.45 7.40 4.08
CA CYS A 446 -25.51 8.82 4.37
C CYS A 446 -24.46 9.28 5.37
N ARG A 447 -23.62 10.22 4.93
CA ARG A 447 -22.64 10.83 5.81
C ARG A 447 -22.81 12.35 5.85
N ARG A 448 -22.06 13.02 6.75
CA ARG A 448 -22.12 14.47 6.94
C ARG A 448 -20.77 15.22 6.73
N GLU A 449 -20.65 15.96 5.63
CA GLU A 449 -19.55 16.92 5.46
C GLU A 449 -19.80 18.26 6.21
N LEU A 450 -18.83 19.16 6.17
CA LEU A 450 -18.95 20.48 6.78
C LEU A 450 -18.37 21.49 5.81
N ALA A 451 -19.16 22.48 5.41
CA ALA A 451 -18.60 23.53 4.57
C ALA A 451 -18.09 24.71 5.40
N THR A 452 -17.22 25.49 4.75
CA THR A 452 -16.69 26.68 5.38
C THR A 452 -17.17 28.00 4.76
N ALA A 453 -18.12 28.62 5.46
CA ALA A 453 -18.61 29.98 5.19
C ALA A 453 -17.49 31.00 5.13
N PRO A 454 -17.69 32.09 4.36
CA PRO A 454 -16.65 33.10 4.32
C PRO A 454 -16.22 33.60 5.70
N ASP A 455 -17.10 33.59 6.69
CA ASP A 455 -16.72 34.09 8.00
C ASP A 455 -16.14 33.03 8.92
N GLY A 456 -15.72 31.90 8.36
CA GLY A 456 -15.08 30.89 9.17
C GLY A 456 -16.02 29.80 9.61
N THR A 457 -17.32 30.10 9.73
CA THR A 457 -18.32 29.15 10.28
C THR A 457 -18.42 27.85 9.51
N LYS A 458 -18.58 26.76 10.26
CA LYS A 458 -18.78 25.44 9.65
C LYS A 458 -20.27 25.14 9.40
N VAL A 459 -20.66 24.97 8.13
CA VAL A 459 -22.05 24.68 7.73
C VAL A 459 -22.20 23.18 7.42
N PRO A 460 -23.12 22.48 8.11
CA PRO A 460 -23.21 21.04 7.93
C PRO A 460 -23.87 20.69 6.63
N ILE A 461 -23.43 19.64 5.97
CA ILE A 461 -24.15 19.09 4.84
C ILE A 461 -24.54 17.61 5.06
N SER A 462 -25.80 17.29 4.79
CA SER A 462 -26.27 15.92 4.92
C SER A 462 -26.45 15.34 3.52
N LEU A 463 -25.97 14.13 3.29
CA LEU A 463 -26.08 13.57 1.96
C LEU A 463 -26.34 12.11 1.90
N VAL A 464 -27.01 11.72 0.83
CA VAL A 464 -27.25 10.34 0.59
C VAL A 464 -26.99 10.03 -0.89
N TYR A 465 -26.45 8.83 -1.12
CA TYR A 465 -26.14 8.28 -2.45
C TYR A 465 -26.16 6.73 -2.47
N ASP A 466 -26.52 6.18 -3.62
CA ASP A 466 -26.40 4.76 -3.86
C ASP A 466 -24.94 4.38 -3.66
N THR A 467 -24.72 3.45 -2.75
CA THR A 467 -23.39 2.92 -2.38
C THR A 467 -22.42 2.50 -3.52
N SER A 468 -22.92 2.45 -4.75
CA SER A 468 -22.14 1.92 -5.84
C SER A 468 -21.79 2.98 -6.86
N ILE A 469 -21.95 4.25 -6.55
CA ILE A 469 -21.43 5.23 -7.48
C ILE A 469 -19.94 5.37 -7.25
N ASP A 470 -19.24 5.77 -8.30
CA ASP A 470 -17.81 5.98 -8.22
C ASP A 470 -17.56 7.31 -7.58
N LEU A 471 -16.93 7.30 -6.41
CA LEU A 471 -16.63 8.53 -5.70
C LEU A 471 -15.29 9.16 -6.11
N LYS A 472 -14.48 8.44 -6.88
CA LYS A 472 -13.19 9.00 -7.33
C LYS A 472 -13.30 9.97 -8.53
N LYS A 473 -14.55 10.27 -8.93
CA LYS A 473 -14.80 11.35 -9.90
C LYS A 473 -16.10 12.13 -9.58
N PRO A 474 -16.22 13.38 -10.09
CA PRO A 474 -17.41 14.18 -9.79
C PRO A 474 -18.72 13.53 -10.26
N ASN A 475 -19.82 13.85 -9.59
CA ASN A 475 -21.11 13.20 -9.88
C ASN A 475 -22.21 14.24 -9.99
N PRO A 476 -23.27 13.92 -10.72
CA PRO A 476 -24.32 14.90 -10.69
C PRO A 476 -25.03 14.96 -9.32
N THR A 477 -25.29 16.15 -8.81
CA THR A 477 -25.80 16.35 -7.44
C THR A 477 -27.03 17.28 -7.42
N MET A 478 -27.88 17.07 -6.43
CA MET A 478 -28.90 18.03 -6.13
C MET A 478 -28.72 18.53 -4.70
N LEU A 479 -28.59 19.84 -4.56
CA LEU A 479 -28.39 20.45 -3.26
C LEU A 479 -29.68 21.19 -2.87
N TYR A 480 -30.30 20.78 -1.76
CA TYR A 480 -31.58 21.31 -1.38
C TYR A 480 -31.38 22.20 -0.19
N GLY A 481 -32.08 23.34 -0.17
CA GLY A 481 -32.04 24.27 0.97
C GLY A 481 -33.38 24.81 1.47
N TYR A 482 -33.43 25.22 2.74
CA TYR A 482 -34.59 25.97 3.26
C TYR A 482 -34.18 27.44 3.46
N GLY A 483 -33.70 28.01 4.56
CA GLY A 483 -33.62 27.65 5.94
C GLY A 483 -33.94 29.03 6.51
N SER A 484 -35.23 29.22 6.84
CA SER A 484 -35.73 30.42 7.49
C SER A 484 -36.43 29.98 8.73
N TYR A 485 -37.01 30.93 9.45
CA TYR A 485 -37.96 30.64 10.54
C TYR A 485 -37.47 29.87 11.78
N GLY A 486 -36.29 29.25 11.68
CA GLY A 486 -35.77 28.39 12.73
C GLY A 486 -36.10 26.95 12.40
N ILE A 487 -36.79 26.78 11.28
CA ILE A 487 -37.12 25.47 10.78
C ILE A 487 -35.89 24.72 10.21
N CYS A 488 -35.83 23.42 10.48
CA CYS A 488 -34.69 22.59 10.16
C CYS A 488 -35.15 21.67 9.07
N ILE A 489 -34.34 21.52 8.01
CA ILE A 489 -34.53 20.39 7.08
C ILE A 489 -33.84 19.17 7.62
N GLU A 490 -34.66 18.20 8.04
CA GLU A 490 -34.21 16.95 8.73
C GLU A 490 -33.56 15.94 7.83
N PRO A 491 -32.57 15.20 8.36
CA PRO A 491 -32.08 14.07 7.53
C PRO A 491 -32.98 12.87 7.86
N GLU A 492 -34.19 12.86 7.29
CA GLU A 492 -35.16 11.79 7.53
C GLU A 492 -35.37 11.03 6.21
N PHE A 493 -36.09 9.92 6.27
CA PHE A 493 -36.34 9.21 5.05
C PHE A 493 -37.33 9.97 4.20
N ASN A 494 -37.09 10.02 2.91
CA ASN A 494 -38.06 10.58 2.02
C ASN A 494 -37.98 9.98 0.60
N SER A 495 -38.93 9.10 0.28
CA SER A 495 -39.01 8.38 -1.02
C SER A 495 -38.89 9.28 -2.23
N ARG A 496 -39.32 10.52 -2.04
CA ARG A 496 -39.37 11.49 -3.08
C ARG A 496 -38.03 11.70 -3.79
N PHE A 497 -36.92 11.45 -3.10
CA PHE A 497 -35.61 11.67 -3.67
C PHE A 497 -35.00 10.43 -4.36
N LEU A 498 -35.69 9.29 -4.22
CA LEU A 498 -35.21 8.05 -4.82
C LEU A 498 -35.02 8.16 -6.34
N PRO A 499 -35.97 8.77 -7.06
CA PRO A 499 -35.69 8.90 -8.46
C PRO A 499 -34.31 9.53 -8.78
N TYR A 500 -33.77 10.40 -7.92
CA TYR A 500 -32.46 11.02 -8.20
C TYR A 500 -31.34 10.10 -7.82
N VAL A 501 -31.43 9.53 -6.64
CA VAL A 501 -30.34 8.74 -6.13
C VAL A 501 -30.26 7.40 -6.86
N ASP A 502 -31.42 6.92 -7.32
CA ASP A 502 -31.48 5.72 -8.14
C ASP A 502 -30.75 5.85 -9.48
N ARG A 503 -30.45 7.08 -9.89
CA ARG A 503 -29.75 7.35 -11.19
C ARG A 503 -28.29 7.87 -11.05
N GLY A 504 -27.71 7.55 -9.89
CA GLY A 504 -26.33 7.83 -9.63
C GLY A 504 -26.06 9.21 -9.09
N MET A 505 -27.12 9.95 -8.70
CA MET A 505 -26.97 11.30 -8.17
C MET A 505 -26.72 11.31 -6.68
N ILE A 506 -26.15 12.40 -6.20
CA ILE A 506 -25.99 12.63 -4.77
C ILE A 506 -27.03 13.66 -4.30
N TYR A 507 -27.89 13.25 -3.40
CA TYR A 507 -28.86 14.18 -2.84
C TYR A 507 -28.30 14.73 -1.51
N ALA A 508 -28.50 16.03 -1.28
CA ALA A 508 -27.71 16.77 -0.30
C ALA A 508 -28.54 17.88 0.30
N ILE A 509 -28.57 17.96 1.62
CA ILE A 509 -29.24 19.09 2.27
C ILE A 509 -28.23 20.09 2.87
N ALA A 510 -28.25 21.35 2.39
CA ALA A 510 -27.41 22.39 2.99
C ALA A 510 -28.11 22.89 4.25
N HIS A 511 -27.43 22.85 5.40
CA HIS A 511 -28.03 23.27 6.69
C HIS A 511 -27.75 24.75 7.04
N VAL A 512 -28.19 25.65 6.17
CA VAL A 512 -27.80 27.04 6.32
C VAL A 512 -28.39 27.74 7.54
N ARG A 513 -27.70 28.78 7.96
CA ARG A 513 -28.17 29.62 9.03
C ARG A 513 -29.45 30.28 8.55
N GLY A 514 -30.37 30.54 9.49
CA GLY A 514 -31.76 30.80 9.20
C GLY A 514 -32.54 29.57 9.64
N GLY A 515 -31.91 28.40 9.42
CA GLY A 515 -32.35 27.16 9.97
C GLY A 515 -32.07 27.17 11.47
N GLY A 516 -32.43 26.07 12.16
CA GLY A 516 -32.23 25.93 13.58
C GLY A 516 -31.52 24.63 13.84
N GLU A 517 -30.91 24.08 12.80
CA GLU A 517 -30.26 22.78 12.92
C GLU A 517 -29.27 22.76 14.09
N MET A 518 -28.40 23.76 14.16
CA MET A 518 -27.37 23.85 15.21
C MET A 518 -27.76 24.56 16.50
N GLY A 519 -29.05 24.65 16.81
CA GLY A 519 -29.49 25.40 17.99
C GLY A 519 -30.22 26.69 17.65
N ARG A 520 -30.95 27.23 18.61
CA ARG A 520 -31.74 28.40 18.34
C ARG A 520 -30.90 29.53 17.74
N THR A 521 -29.63 29.62 18.12
CA THR A 521 -28.85 30.77 17.65
C THR A 521 -28.48 30.67 16.18
N TRP A 522 -28.53 29.47 15.64
CA TRP A 522 -28.26 29.26 14.24
C TRP A 522 -29.29 30.06 13.46
N TYR A 523 -30.36 30.43 14.14
CA TYR A 523 -31.41 31.15 13.50
C TYR A 523 -31.39 32.62 13.96
N GLU A 524 -31.46 32.90 15.26
CA GLU A 524 -31.66 34.28 15.70
C GLU A 524 -30.47 35.19 15.51
N VAL A 525 -29.26 34.65 15.62
CA VAL A 525 -28.10 35.47 15.41
C VAL A 525 -27.63 35.23 14.00
N GLY A 526 -27.65 33.97 13.58
CA GLY A 526 -27.06 33.56 12.31
C GLY A 526 -27.72 33.92 11.00
N GLY A 527 -29.04 34.08 11.03
CA GLY A 527 -29.81 34.15 9.79
C GLY A 527 -31.16 34.77 9.94
N LYS A 528 -31.20 36.06 10.19
CA LYS A 528 -32.49 36.74 10.34
C LYS A 528 -32.16 38.21 10.44
N TYR A 529 -33.15 39.06 10.25
CA TYR A 529 -32.97 40.51 10.37
C TYR A 529 -31.69 40.90 9.69
N LEU A 530 -30.88 41.75 10.29
CA LEU A 530 -29.67 42.19 9.59
C LEU A 530 -28.57 41.13 9.53
N THR A 531 -28.88 39.85 9.67
CA THR A 531 -27.90 38.88 9.29
C THR A 531 -28.54 37.83 8.41
N LYS A 532 -29.60 38.20 7.67
CA LYS A 532 -30.25 37.28 6.73
C LYS A 532 -29.37 36.88 5.52
N ARG A 533 -28.40 37.71 5.16
CA ARG A 533 -27.57 37.30 4.03
C ARG A 533 -26.77 36.02 4.25
N ASN A 534 -26.61 35.59 5.50
CA ASN A 534 -25.88 34.34 5.71
C ASN A 534 -26.64 33.18 5.10
N THR A 535 -27.96 33.28 5.08
CA THR A 535 -28.71 32.13 4.57
C THR A 535 -28.14 31.85 3.22
N PHE A 536 -27.95 32.92 2.45
CA PHE A 536 -27.58 32.75 1.05
C PHE A 536 -26.12 32.44 0.91
N MET A 537 -25.30 33.00 1.75
CA MET A 537 -23.87 32.78 1.59
C MET A 537 -23.39 31.45 2.14
N ASP A 538 -24.04 30.98 3.21
CA ASP A 538 -23.78 29.67 3.70
C ASP A 538 -24.10 28.65 2.60
N PHE A 539 -25.21 28.82 1.91
CA PHE A 539 -25.64 27.93 0.83
C PHE A 539 -24.59 27.84 -0.27
N ILE A 540 -24.19 29.02 -0.72
CA ILE A 540 -23.17 29.20 -1.74
C ILE A 540 -21.87 28.53 -1.29
N ALA A 541 -21.53 28.68 -0.02
CA ALA A 541 -20.38 28.00 0.58
C ALA A 541 -20.46 26.46 0.49
N CYS A 542 -21.63 25.89 0.80
CA CYS A 542 -21.84 24.45 0.74
C CYS A 542 -21.62 23.95 -0.64
N ALA A 543 -21.98 24.79 -1.60
CA ALA A 543 -21.92 24.34 -2.95
C ALA A 543 -20.49 24.44 -3.46
N GLU A 544 -19.73 25.39 -2.96
CA GLU A 544 -18.33 25.51 -3.41
C GLU A 544 -17.54 24.31 -2.86
N HIS A 545 -17.87 23.91 -1.62
CA HIS A 545 -17.29 22.74 -0.91
C HIS A 545 -17.57 21.51 -1.69
N LEU A 546 -18.78 21.39 -2.20
CA LEU A 546 -19.08 20.21 -2.97
C LEU A 546 -18.18 20.16 -4.22
N ILE A 547 -17.92 21.31 -4.82
CA ILE A 547 -17.14 21.37 -6.07
C ILE A 547 -15.65 21.15 -5.87
N SER A 548 -15.07 21.83 -4.89
CA SER A 548 -13.64 21.69 -4.60
C SER A 548 -13.23 20.39 -3.87
N SER A 549 -14.16 19.74 -3.18
CA SER A 549 -13.83 18.44 -2.63
C SER A 549 -13.92 17.40 -3.74
N GLY A 550 -14.38 17.83 -4.91
CA GLY A 550 -14.53 16.96 -6.08
C GLY A 550 -15.80 16.13 -6.18
N LEU A 551 -16.78 16.32 -5.28
CA LEU A 551 -18.03 15.57 -5.39
C LEU A 551 -18.82 15.88 -6.65
N THR A 552 -18.72 17.11 -7.12
CA THR A 552 -19.54 17.62 -8.20
C THR A 552 -18.78 18.75 -8.90
N THR A 553 -19.30 19.13 -10.06
CA THR A 553 -18.87 20.31 -10.79
C THR A 553 -20.18 21.04 -11.07
N PRO A 554 -20.13 22.36 -11.28
CA PRO A 554 -21.40 23.02 -11.56
C PRO A 554 -22.17 22.47 -12.77
N ALA A 555 -21.54 22.06 -13.86
CA ALA A 555 -22.36 21.50 -14.95
C ALA A 555 -23.20 20.25 -14.53
N GLN A 556 -22.88 19.68 -13.37
CA GLN A 556 -23.58 18.49 -12.89
C GLN A 556 -24.36 18.78 -11.60
N LEU A 557 -24.43 20.06 -11.23
CA LEU A 557 -25.01 20.45 -9.97
C LEU A 557 -26.32 21.20 -10.18
N SER A 558 -27.31 20.83 -9.37
CA SER A 558 -28.60 21.49 -9.33
C SER A 558 -28.97 21.84 -7.90
N CYS A 559 -29.97 22.70 -7.74
CA CYS A 559 -30.47 23.05 -6.42
C CYS A 559 -31.95 23.16 -6.43
N GLU A 560 -32.54 22.99 -5.26
CA GLU A 560 -33.98 23.10 -5.10
C GLU A 560 -34.33 23.75 -3.73
N GLY A 561 -35.36 24.60 -3.80
CA GLY A 561 -35.98 25.27 -2.64
C GLY A 561 -37.47 25.46 -2.85
N ARG A 562 -38.21 25.66 -1.76
CA ARG A 562 -39.64 25.88 -1.82
C ARG A 562 -39.97 26.94 -0.75
N SER A 563 -40.93 27.80 -1.06
CA SER A 563 -41.44 28.81 -0.16
C SER A 563 -40.32 29.76 0.21
N ALA A 564 -40.02 29.91 1.48
CA ALA A 564 -38.81 30.65 1.85
C ALA A 564 -37.54 30.11 1.19
N GLY A 565 -37.45 28.78 0.97
CA GLY A 565 -36.36 28.18 0.17
C GLY A 565 -36.33 28.65 -1.26
N GLY A 566 -37.49 29.04 -1.79
CA GLY A 566 -37.59 29.71 -3.08
C GLY A 566 -36.82 31.02 -3.01
N LEU A 567 -36.97 31.70 -1.87
CA LEU A 567 -36.22 32.93 -1.62
C LEU A 567 -34.76 32.59 -1.68
N LEU A 568 -34.40 31.48 -1.02
CA LEU A 568 -33.02 31.13 -0.97
C LEU A 568 -32.57 30.90 -2.42
N VAL A 569 -33.34 30.13 -3.19
CA VAL A 569 -32.94 29.86 -4.60
C VAL A 569 -32.73 31.18 -5.44
N GLY A 570 -33.72 32.06 -5.35
CA GLY A 570 -33.75 33.28 -6.14
C GLY A 570 -32.61 34.21 -5.82
N ALA A 571 -32.28 34.33 -4.52
CA ALA A 571 -31.13 35.14 -4.13
C ALA A 571 -29.88 34.47 -4.71
N VAL A 572 -29.75 33.17 -4.52
CA VAL A 572 -28.53 32.46 -4.86
C VAL A 572 -28.27 32.42 -6.36
N LEU A 573 -29.35 32.28 -7.16
CA LEU A 573 -29.25 32.50 -8.61
C LEU A 573 -28.94 33.94 -8.97
N ASN A 574 -29.33 34.90 -8.15
CA ASN A 574 -28.90 36.29 -8.45
C ASN A 574 -27.40 36.45 -8.26
N MET A 575 -26.84 35.75 -7.27
CA MET A 575 -25.42 35.98 -6.90
C MET A 575 -24.44 35.09 -7.60
N ARG A 576 -24.69 33.78 -7.56
CA ARG A 576 -23.77 32.77 -8.08
C ARG A 576 -24.47 31.82 -9.02
N PRO A 577 -25.16 32.37 -10.02
CA PRO A 577 -25.89 31.55 -10.97
C PRO A 577 -25.00 30.53 -11.67
N ASP A 578 -23.70 30.85 -11.78
CA ASP A 578 -22.64 30.00 -12.40
C ASP A 578 -22.42 28.64 -11.71
N LEU A 579 -22.88 28.53 -10.48
CA LEU A 579 -22.70 27.34 -9.70
C LEU A 579 -23.69 26.25 -10.08
N PHE A 580 -24.73 26.62 -10.82
CA PHE A 580 -25.77 25.66 -11.17
C PHE A 580 -26.01 25.50 -12.65
N HIS A 581 -26.48 24.31 -13.02
CA HIS A 581 -26.85 24.03 -14.39
C HIS A 581 -28.36 24.02 -14.55
N VAL A 582 -29.02 23.73 -13.43
CA VAL A 582 -30.47 23.63 -13.37
C VAL A 582 -30.99 23.83 -11.91
N ALA A 583 -32.24 24.25 -11.80
CA ALA A 583 -32.74 24.87 -10.59
C ALA A 583 -34.27 24.78 -10.49
N LEU A 584 -34.78 24.39 -9.30
CA LEU A 584 -36.23 24.35 -9.00
C LEU A 584 -36.59 25.28 -7.87
N ALA A 585 -37.64 26.07 -8.06
CA ALA A 585 -38.12 26.99 -7.03
C ALA A 585 -39.67 26.87 -6.92
N GLY A 586 -40.19 26.01 -6.06
CA GLY A 586 -41.62 25.95 -5.90
C GLY A 586 -42.10 27.08 -5.02
N VAL A 587 -43.32 27.58 -5.31
CA VAL A 587 -43.99 28.64 -4.51
C VAL A 587 -43.00 29.62 -3.85
N PRO A 588 -42.13 30.28 -4.63
CA PRO A 588 -40.97 31.02 -4.14
C PRO A 588 -41.19 32.46 -3.68
N PHE A 589 -40.79 32.75 -2.45
CA PHE A 589 -40.96 34.04 -1.84
C PHE A 589 -39.93 34.88 -2.47
N VAL A 590 -40.31 35.71 -3.43
CA VAL A 590 -39.23 36.42 -4.20
C VAL A 590 -39.39 37.92 -4.44
N ASP A 591 -40.56 38.48 -4.23
CA ASP A 591 -40.82 39.89 -4.48
C ASP A 591 -40.78 40.58 -3.11
N VAL A 592 -39.61 40.53 -2.46
CA VAL A 592 -39.51 40.79 -1.01
C VAL A 592 -39.80 42.21 -0.59
N MET A 593 -39.13 43.16 -1.20
CA MET A 593 -39.40 44.55 -0.90
C MET A 593 -40.89 44.92 -1.04
N THR A 594 -41.49 44.55 -2.17
CA THR A 594 -42.84 45.01 -2.52
C THR A 594 -43.90 44.43 -1.60
N THR A 595 -43.76 43.14 -1.32
CA THR A 595 -44.66 42.45 -0.44
C THR A 595 -44.42 42.91 0.97
N MET A 596 -43.17 42.92 1.39
CA MET A 596 -42.90 43.20 2.76
C MET A 596 -43.23 44.62 3.22
N CYS A 597 -43.43 45.56 2.30
CA CYS A 597 -43.73 46.94 2.71
C CYS A 597 -45.21 47.11 2.99
N ASP A 598 -45.99 46.19 2.42
CA ASP A 598 -47.46 46.32 2.29
C ASP A 598 -48.21 45.45 3.31
N PRO A 599 -48.90 46.08 4.25
CA PRO A 599 -49.60 45.34 5.32
C PRO A 599 -50.78 44.44 4.85
N SER A 600 -51.28 44.67 3.64
CA SER A 600 -52.42 43.95 3.18
C SER A 600 -52.11 42.55 2.64
N ILE A 601 -50.86 42.28 2.25
CA ILE A 601 -50.55 40.94 1.77
C ILE A 601 -50.51 39.90 2.91
N PRO A 602 -51.22 38.75 2.74
CA PRO A 602 -51.49 37.90 3.92
C PRO A 602 -50.41 37.60 5.00
N LEU A 603 -49.13 37.47 4.71
CA LEU A 603 -48.21 37.19 5.87
C LEU A 603 -47.20 38.30 6.27
N THR A 604 -47.32 39.47 5.67
CA THR A 604 -46.36 40.55 5.86
C THR A 604 -46.13 40.99 7.34
N THR A 605 -47.20 41.35 8.05
CA THR A 605 -47.01 41.91 9.41
C THR A 605 -46.42 40.91 10.42
N GLY A 606 -46.78 39.63 10.32
CA GLY A 606 -46.09 38.62 11.10
C GLY A 606 -44.59 38.77 10.91
N GLU A 607 -44.17 38.72 9.64
CA GLU A 607 -42.73 38.72 9.22
C GLU A 607 -41.98 40.05 9.21
N TRP A 608 -42.59 41.12 9.67
CA TRP A 608 -41.79 42.27 10.04
C TRP A 608 -40.81 41.87 11.16
N GLU A 609 -41.11 40.83 11.91
CA GLU A 609 -40.16 40.30 12.89
C GLU A 609 -39.42 39.06 12.40
N GLU A 610 -39.26 38.94 11.10
CA GLU A 610 -38.47 37.86 10.55
C GLU A 610 -37.38 38.47 9.64
N TRP A 611 -37.75 39.03 8.49
CA TRP A 611 -36.75 39.61 7.62
C TRP A 611 -36.43 41.00 8.13
N GLY A 612 -37.46 41.68 8.63
CA GLY A 612 -37.45 43.09 8.95
C GLY A 612 -38.65 43.72 8.25
N ASN A 613 -38.76 45.06 8.34
CA ASN A 613 -39.82 45.89 7.73
C ASN A 613 -39.25 47.00 6.83
N PRO A 614 -39.46 46.92 5.51
CA PRO A 614 -38.72 47.87 4.69
C PRO A 614 -39.32 49.25 4.66
N ASN A 615 -40.38 49.49 5.43
CA ASN A 615 -40.86 50.85 5.65
C ASN A 615 -39.94 51.63 6.60
N GLU A 616 -38.88 50.97 7.08
CA GLU A 616 -38.00 51.54 8.07
C GLU A 616 -36.56 51.72 7.57
N TYR A 617 -35.93 52.84 7.89
CA TYR A 617 -34.52 53.01 7.54
C TYR A 617 -33.64 51.82 7.97
N LYS A 618 -33.90 51.25 9.12
CA LYS A 618 -33.08 50.19 9.66
C LYS A 618 -32.99 49.03 8.72
N PHE A 619 -33.99 48.84 7.85
CA PHE A 619 -34.17 47.59 7.08
C PHE A 619 -34.31 47.71 5.56
N PHE A 620 -34.74 48.87 5.08
CA PHE A 620 -34.77 49.18 3.62
C PHE A 620 -33.57 48.62 2.83
N ASP A 621 -32.39 49.22 2.97
CA ASP A 621 -31.21 48.83 2.16
C ASP A 621 -30.81 47.37 2.21
N TYR A 622 -30.78 46.84 3.42
CA TYR A 622 -30.34 45.47 3.63
C TYR A 622 -31.18 44.49 2.83
N MET A 623 -32.49 44.52 3.03
CA MET A 623 -33.41 43.67 2.31
C MET A 623 -33.29 43.89 0.82
N ASN A 624 -33.13 45.13 0.42
CA ASN A 624 -32.93 45.41 -0.97
C ASN A 624 -31.77 44.60 -1.61
N SER A 625 -30.70 44.37 -0.86
CA SER A 625 -29.49 43.76 -1.37
C SER A 625 -29.62 42.27 -1.64
N TYR A 626 -30.69 41.67 -1.13
CA TYR A 626 -30.94 40.29 -1.44
C TYR A 626 -32.30 39.99 -2.06
N SER A 627 -33.20 40.98 -2.10
CA SER A 627 -34.54 40.78 -2.67
C SER A 627 -34.39 40.21 -4.09
N PRO A 628 -34.92 38.99 -4.34
CA PRO A 628 -34.57 38.43 -5.64
C PRO A 628 -35.05 39.24 -6.82
N ILE A 629 -36.35 39.48 -6.93
CA ILE A 629 -36.82 40.30 -8.05
C ILE A 629 -35.97 41.58 -8.28
N ASP A 630 -35.50 42.18 -7.19
CA ASP A 630 -34.88 43.49 -7.24
C ASP A 630 -33.44 43.39 -7.66
N ASN A 631 -32.95 42.17 -7.67
CA ASN A 631 -31.58 41.93 -8.02
C ASN A 631 -31.35 41.13 -9.27
N VAL A 632 -32.42 40.88 -10.02
CA VAL A 632 -32.31 40.33 -11.38
C VAL A 632 -31.51 41.23 -12.31
N ARG A 633 -30.52 40.69 -13.00
CA ARG A 633 -29.73 41.56 -13.87
C ARG A 633 -29.22 40.95 -15.18
N ALA A 634 -28.69 41.77 -16.08
CA ALA A 634 -28.20 41.22 -17.34
C ALA A 634 -27.03 40.24 -17.16
N GLN A 635 -27.31 38.93 -17.14
CA GLN A 635 -26.27 37.88 -16.97
C GLN A 635 -26.85 36.51 -17.27
N ASP A 636 -26.00 35.52 -17.51
CA ASP A 636 -26.52 34.14 -17.58
C ASP A 636 -27.15 33.58 -16.29
N TYR A 637 -28.35 32.98 -16.38
CA TYR A 637 -28.94 32.13 -15.32
C TYR A 637 -29.11 30.67 -15.84
N PRO A 638 -29.31 29.66 -14.97
CA PRO A 638 -29.46 28.32 -15.56
C PRO A 638 -30.91 27.95 -15.87
N HIS A 639 -31.13 26.77 -16.43
CA HIS A 639 -32.48 26.26 -16.60
C HIS A 639 -33.24 26.32 -15.26
N LEU A 640 -34.42 26.94 -15.28
CA LEU A 640 -35.20 27.07 -14.06
C LEU A 640 -36.66 26.77 -14.26
N MET A 641 -37.20 25.95 -13.38
CA MET A 641 -38.66 25.74 -13.34
C MET A 641 -39.22 26.33 -12.07
N ILE A 642 -40.22 27.21 -12.21
CA ILE A 642 -40.94 27.74 -11.07
C ILE A 642 -42.35 27.12 -11.04
N GLN A 643 -42.80 26.69 -9.86
CA GLN A 643 -44.12 26.07 -9.65
C GLN A 643 -44.89 26.99 -8.72
N ALA A 644 -46.03 27.51 -9.17
CA ALA A 644 -46.86 28.39 -8.32
C ALA A 644 -48.28 27.87 -8.22
N GLY A 645 -49.06 28.38 -7.26
CA GLY A 645 -50.47 28.00 -7.10
C GLY A 645 -51.34 29.23 -6.97
N LEU A 646 -52.40 29.32 -7.78
CA LEU A 646 -53.25 30.51 -7.78
C LEU A 646 -53.83 30.95 -6.43
N HIS A 647 -54.33 30.02 -5.63
CA HIS A 647 -54.94 30.47 -4.38
C HIS A 647 -54.04 30.39 -3.13
N ASP A 648 -52.74 30.64 -3.34
CA ASP A 648 -51.69 30.45 -2.35
C ASP A 648 -51.72 31.57 -1.31
N PRO A 649 -52.25 31.27 -0.12
CA PRO A 649 -52.44 32.36 0.85
C PRO A 649 -51.16 32.73 1.58
N ARG A 650 -50.05 32.12 1.16
CA ARG A 650 -48.77 32.25 1.82
C ARG A 650 -47.75 33.01 0.95
N VAL A 651 -47.45 32.46 -0.22
CA VAL A 651 -46.69 33.16 -1.19
C VAL A 651 -47.70 33.44 -2.30
N ALA A 652 -48.04 34.71 -2.53
CA ALA A 652 -48.92 35.14 -3.63
C ALA A 652 -48.48 34.74 -5.01
N TYR A 653 -49.42 34.20 -5.76
CA TYR A 653 -49.18 33.78 -7.14
C TYR A 653 -48.40 34.82 -8.00
N TRP A 654 -48.59 36.11 -7.72
CA TRP A 654 -48.03 37.13 -8.61
C TRP A 654 -46.52 37.21 -8.44
N GLU A 655 -46.06 36.85 -7.24
CA GLU A 655 -44.63 36.86 -6.97
C GLU A 655 -43.78 36.07 -7.95
N PRO A 656 -44.01 34.76 -8.08
CA PRO A 656 -43.13 34.14 -9.03
C PRO A 656 -43.48 34.58 -10.41
N ALA A 657 -44.72 34.99 -10.62
CA ALA A 657 -45.17 35.42 -11.94
C ALA A 657 -44.29 36.57 -12.52
N LYS A 658 -43.98 37.53 -11.65
CA LYS A 658 -43.15 38.70 -12.00
C LYS A 658 -41.69 38.30 -12.22
N TRP A 659 -41.25 37.35 -11.43
CA TRP A 659 -39.84 37.04 -11.32
C TRP A 659 -39.54 36.31 -12.58
N ALA A 660 -40.44 35.42 -12.99
CA ALA A 660 -40.32 34.71 -14.25
C ALA A 660 -40.30 35.64 -15.47
N SER A 661 -41.15 36.65 -15.48
CA SER A 661 -41.20 37.60 -16.59
C SER A 661 -39.98 38.51 -16.62
N LYS A 662 -39.46 38.85 -15.43
CA LYS A 662 -38.30 39.70 -15.31
C LYS A 662 -37.00 38.97 -15.67
N LEU A 663 -36.93 37.68 -15.32
CA LEU A 663 -35.77 36.88 -15.68
C LEU A 663 -35.69 36.85 -17.18
N ARG A 664 -36.80 36.53 -17.83
CA ARG A 664 -36.78 36.40 -19.27
C ARG A 664 -36.47 37.72 -19.92
N GLU A 665 -36.86 38.78 -19.24
CA GLU A 665 -36.69 40.11 -19.77
C GLU A 665 -35.23 40.54 -19.78
N LEU A 666 -34.49 40.20 -18.73
CA LEU A 666 -33.12 40.69 -18.57
C LEU A 666 -32.06 39.63 -18.85
N LYS A 667 -32.37 38.38 -18.57
CA LYS A 667 -31.39 37.32 -18.74
C LYS A 667 -30.71 37.33 -20.14
N THR A 668 -29.40 37.11 -20.20
CA THR A 668 -28.65 37.18 -21.45
C THR A 668 -28.38 35.78 -21.96
N ASP A 669 -28.54 34.77 -21.12
CA ASP A 669 -28.46 33.38 -21.58
C ASP A 669 -29.73 32.95 -22.34
N SER A 670 -29.72 31.71 -22.81
CA SER A 670 -30.89 31.19 -23.47
C SER A 670 -31.28 29.86 -22.90
N ASN A 671 -31.25 29.73 -21.58
CA ASN A 671 -31.79 28.51 -20.96
C ASN A 671 -33.27 28.69 -20.65
N GLU A 672 -33.98 27.64 -20.33
CA GLU A 672 -35.40 27.83 -20.13
C GLU A 672 -35.70 28.14 -18.70
N VAL A 673 -36.54 29.16 -18.59
CA VAL A 673 -37.27 29.48 -17.42
C VAL A 673 -38.76 29.12 -17.59
N LEU A 674 -39.17 27.93 -17.18
CA LEU A 674 -40.61 27.54 -17.24
C LEU A 674 -41.36 27.89 -15.96
N LEU A 675 -42.62 28.30 -16.06
CA LEU A 675 -43.39 28.59 -14.85
C LEU A 675 -44.70 27.84 -14.84
N LYS A 676 -44.82 26.81 -13.99
CA LYS A 676 -46.07 26.03 -13.83
C LYS A 676 -47.07 26.59 -12.79
N MET A 677 -48.17 27.14 -13.29
CA MET A 677 -49.24 27.67 -12.47
C MET A 677 -50.46 26.73 -12.43
N ASP A 678 -50.64 25.98 -11.33
CA ASP A 678 -51.89 25.23 -11.11
C ASP A 678 -52.91 26.20 -10.58
N LEU A 679 -53.87 26.56 -11.43
CA LEU A 679 -54.93 27.49 -11.07
C LEU A 679 -55.96 26.83 -10.16
N GLU A 680 -55.69 25.61 -9.68
CA GLU A 680 -56.65 24.87 -8.89
C GLU A 680 -56.26 24.75 -7.41
N SER A 681 -54.96 24.91 -7.15
CA SER A 681 -54.35 24.69 -5.83
C SER A 681 -53.77 25.93 -5.15
N GLY A 682 -53.30 25.74 -3.92
CA GLY A 682 -52.71 26.82 -3.13
C GLY A 682 -51.18 26.75 -2.95
N HIS A 683 -50.76 26.76 -1.69
CA HIS A 683 -49.37 26.73 -1.33
C HIS A 683 -48.81 25.33 -1.33
N PHE A 684 -49.50 24.46 -0.62
CA PHE A 684 -48.96 23.17 -0.30
C PHE A 684 -49.26 22.23 -1.36
N SER A 685 -50.32 22.54 -2.08
CA SER A 685 -50.90 21.57 -2.96
C SER A 685 -49.84 21.15 -3.97
N ALA A 686 -49.78 21.82 -5.11
CA ALA A 686 -49.59 21.06 -6.35
C ALA A 686 -50.93 20.26 -6.38
N SER A 687 -51.11 19.30 -5.46
CA SER A 687 -52.46 18.84 -5.03
C SER A 687 -52.53 17.89 -3.81
N ASP A 688 -53.76 17.44 -3.56
CA ASP A 688 -54.14 16.57 -2.46
C ASP A 688 -54.55 15.20 -2.99
N ARG A 689 -53.84 14.72 -4.02
CA ARG A 689 -54.18 13.55 -4.81
C ARG A 689 -53.01 12.56 -5.10
N TYR A 690 -53.14 11.90 -6.26
CA TYR A 690 -52.09 11.19 -6.99
C TYR A 690 -51.51 12.23 -7.93
N LYS A 691 -52.18 13.37 -8.02
CA LYS A 691 -51.74 14.42 -8.91
C LYS A 691 -50.57 15.21 -8.31
N TYR A 692 -50.49 15.21 -6.99
CA TYR A 692 -49.32 15.71 -6.31
C TYR A 692 -48.12 15.03 -6.93
N LEU A 693 -48.16 13.71 -6.94
CA LEU A 693 -47.06 12.91 -7.46
C LEU A 693 -46.77 13.18 -8.95
N ARG A 694 -47.82 13.45 -9.71
CA ARG A 694 -47.71 13.78 -11.12
C ARG A 694 -46.94 15.07 -11.28
N GLU A 695 -47.32 16.07 -10.48
CA GLU A 695 -46.68 17.39 -10.41
C GLU A 695 -45.22 17.30 -10.07
N ASN A 696 -44.92 16.44 -9.11
CA ASN A 696 -43.60 16.30 -8.57
C ASN A 696 -42.67 15.65 -9.56
N ALA A 697 -43.27 14.90 -10.47
CA ALA A 697 -42.58 14.07 -11.43
C ALA A 697 -41.94 14.91 -12.56
N ILE A 698 -42.68 15.92 -13.00
CA ILE A 698 -42.22 16.85 -14.03
C ILE A 698 -41.01 17.65 -13.53
N GLN A 699 -41.11 18.10 -12.29
CA GLN A 699 -40.02 18.72 -11.60
C GLN A 699 -38.74 17.90 -11.69
N GLN A 700 -38.84 16.60 -11.43
CA GLN A 700 -37.64 15.75 -11.40
C GLN A 700 -37.24 15.51 -12.84
N ALA A 701 -38.25 15.38 -13.68
CA ALA A 701 -38.03 15.17 -15.10
C ALA A 701 -37.23 16.33 -15.64
N PHE A 702 -37.67 17.54 -15.35
CA PHE A 702 -37.05 18.76 -15.86
C PHE A 702 -35.56 18.80 -15.51
N VAL A 703 -35.25 18.46 -14.27
CA VAL A 703 -33.88 18.45 -13.76
C VAL A 703 -33.09 17.38 -14.46
N LEU A 704 -33.47 16.12 -14.24
CA LEU A 704 -32.80 14.97 -14.85
C LEU A 704 -32.60 15.17 -16.37
N LYS A 705 -33.60 15.74 -17.03
CA LYS A 705 -33.42 16.14 -18.39
C LYS A 705 -32.19 17.01 -18.42
N HIS A 706 -32.22 18.15 -17.74
CA HIS A 706 -31.09 19.07 -17.88
C HIS A 706 -29.72 18.52 -17.46
N LEU A 707 -29.71 17.68 -16.44
CA LEU A 707 -28.48 17.03 -16.02
C LEU A 707 -27.91 16.07 -17.07
N ASN A 708 -28.82 15.50 -17.84
CA ASN A 708 -28.48 14.47 -18.79
C ASN A 708 -28.20 13.17 -18.06
N VAL A 709 -29.10 12.82 -17.15
CA VAL A 709 -29.09 11.50 -16.50
C VAL A 709 -30.48 10.94 -16.50
N ARG A 710 -30.63 9.70 -16.99
CA ARG A 710 -31.95 9.11 -17.14
C ARG A 710 -32.00 7.67 -16.69
N GLN A 711 -30.82 7.10 -16.49
CA GLN A 711 -30.65 5.66 -16.44
C GLN A 711 -30.37 5.20 -15.02
N LEU A 712 -31.22 4.30 -14.52
CA LEU A 712 -31.06 3.72 -13.20
C LEU A 712 -29.79 2.89 -13.11
N LEU A 713 -29.42 2.48 -11.91
CA LEU A 713 -28.21 1.68 -11.78
C LEU A 713 -28.52 0.21 -11.52
N ARG A 714 -29.79 -0.18 -11.61
CA ARG A 714 -30.17 -1.60 -11.48
C ARG A 714 -31.06 -2.14 -12.62
N ARG B 5 -29.86 73.93 -7.35
CA ARG B 5 -29.43 72.55 -7.75
C ARG B 5 -28.02 72.60 -8.29
N GLY B 6 -27.29 71.51 -8.14
CA GLY B 6 -25.90 71.44 -8.58
C GLY B 6 -25.73 70.96 -10.01
N PRO B 7 -24.49 70.92 -10.50
CA PRO B 7 -24.21 70.41 -11.84
C PRO B 7 -24.38 68.89 -11.94
N ILE B 8 -25.09 68.47 -12.98
CA ILE B 8 -25.33 67.09 -13.33
C ILE B 8 -24.74 66.90 -14.74
N ALA B 9 -23.85 65.92 -14.88
CA ALA B 9 -23.15 65.65 -16.14
C ALA B 9 -24.00 64.98 -17.24
N ALA B 10 -23.87 65.45 -18.48
CA ALA B 10 -24.53 64.81 -19.61
C ALA B 10 -24.17 63.34 -19.66
N HIS B 11 -25.16 62.48 -19.81
CA HIS B 11 -24.94 61.06 -20.05
C HIS B 11 -24.41 60.81 -21.42
N ARG B 12 -23.50 59.83 -21.52
CA ARG B 12 -23.07 59.34 -22.80
C ARG B 12 -23.01 57.82 -22.74
N PRO B 13 -23.52 57.14 -23.77
CA PRO B 13 -23.58 55.69 -23.58
C PRO B 13 -22.18 55.08 -23.76
N HIS B 14 -21.79 54.28 -22.78
CA HIS B 14 -20.52 53.57 -22.79
C HIS B 14 -20.71 52.27 -22.01
N GLU B 15 -20.21 51.18 -22.58
CA GLU B 15 -20.43 49.92 -21.94
C GLU B 15 -19.15 49.32 -21.39
N VAL B 16 -19.17 49.01 -20.10
CA VAL B 16 -18.05 48.48 -19.37
C VAL B 16 -18.22 46.99 -19.09
N VAL B 17 -17.13 46.27 -19.20
CA VAL B 17 -17.09 44.85 -19.44
C VAL B 17 -16.44 44.21 -18.23
N PHE B 18 -17.06 43.16 -17.75
CA PHE B 18 -16.58 42.46 -16.58
C PHE B 18 -16.34 41.00 -16.91
N GLY B 19 -15.10 40.57 -17.02
CA GLY B 19 -14.86 39.18 -17.35
C GLY B 19 -13.66 39.07 -18.23
N LYS B 20 -13.61 38.01 -19.02
CA LYS B 20 -12.56 37.79 -20.01
C LYS B 20 -12.68 38.80 -21.13
N VAL B 21 -11.56 39.44 -21.43
CA VAL B 21 -11.43 40.42 -22.51
C VAL B 21 -10.12 40.12 -23.24
N GLU B 22 -10.16 39.55 -24.44
CA GLU B 22 -8.89 39.16 -25.11
C GLU B 22 -7.93 40.35 -25.14
N GLY B 23 -6.67 40.14 -24.78
CA GLY B 23 -5.62 41.18 -24.83
C GLY B 23 -5.36 41.83 -23.47
N GLU B 24 -6.35 41.83 -22.61
CA GLU B 24 -6.15 42.38 -21.27
C GLU B 24 -6.04 41.30 -20.22
N ASP B 25 -5.44 41.64 -19.08
CA ASP B 25 -5.26 40.69 -17.98
C ASP B 25 -6.27 41.01 -16.91
N ARG B 26 -7.19 40.08 -16.71
CA ARG B 26 -8.29 40.32 -15.81
C ARG B 26 -8.17 39.47 -14.58
N GLY B 27 -6.98 38.89 -14.42
CA GLY B 27 -6.72 37.97 -13.37
C GLY B 27 -6.81 36.56 -13.88
N ALA B 28 -6.59 35.61 -12.98
CA ALA B 28 -6.31 34.23 -13.31
C ALA B 28 -7.52 33.42 -13.76
N ASN B 29 -8.72 33.97 -13.54
CA ASN B 29 -10.00 33.22 -13.62
C ASN B 29 -11.23 34.11 -13.96
N PRO B 30 -11.18 34.81 -15.13
CA PRO B 30 -12.25 35.75 -15.39
C PRO B 30 -13.54 35.09 -15.97
N MET B 31 -14.68 35.74 -15.80
CA MET B 31 -15.91 35.18 -16.30
C MET B 31 -15.85 35.14 -17.83
N ASP B 32 -16.39 34.07 -18.41
CA ASP B 32 -16.53 33.99 -19.85
C ASP B 32 -17.80 33.20 -20.15
N PRO B 33 -18.74 33.80 -20.91
CA PRO B 33 -18.65 35.13 -21.51
C PRO B 33 -18.74 36.23 -20.47
N PRO B 34 -18.19 37.41 -20.75
CA PRO B 34 -18.20 38.53 -19.80
C PRO B 34 -19.60 39.08 -19.54
N ARG B 35 -19.77 39.92 -18.53
CA ARG B 35 -21.02 40.63 -18.29
C ARG B 35 -20.82 42.10 -18.64
N ARG B 36 -21.86 42.82 -19.02
CA ARG B 36 -21.66 44.16 -19.53
C ARG B 36 -22.67 45.08 -18.89
N ARG B 37 -22.24 46.29 -18.53
CA ARG B 37 -23.17 47.30 -18.09
C ARG B 37 -22.84 48.64 -18.65
N VAL B 38 -23.84 49.51 -18.81
CA VAL B 38 -23.55 50.84 -19.32
C VAL B 38 -23.00 51.67 -18.19
N ASP B 39 -21.95 52.45 -18.49
CA ASP B 39 -21.64 53.56 -17.62
C ASP B 39 -21.82 54.91 -18.33
N PRO B 40 -22.93 55.60 -18.02
CA PRO B 40 -23.26 56.85 -18.71
C PRO B 40 -22.29 57.98 -18.36
N LEU B 41 -21.53 57.85 -17.26
CA LEU B 41 -20.48 58.87 -16.88
C LEU B 41 -19.01 58.43 -17.10
N PHE B 42 -18.83 57.25 -17.69
CA PHE B 42 -17.49 56.74 -18.01
C PHE B 42 -16.62 57.76 -18.67
N TRP B 43 -17.21 58.67 -19.44
CA TRP B 43 -16.42 59.72 -20.11
C TRP B 43 -15.73 60.78 -19.24
N LEU B 44 -16.23 60.99 -18.02
CA LEU B 44 -15.53 61.88 -17.07
C LEU B 44 -14.07 61.48 -16.81
N ARG B 45 -13.71 60.23 -17.12
CA ARG B 45 -12.30 59.77 -17.08
C ARG B 45 -11.47 60.29 -18.26
N ASP B 46 -10.49 61.12 -18.00
CA ASP B 46 -9.42 61.29 -18.97
C ASP B 46 -8.05 61.01 -18.35
N ASP B 47 -7.38 59.97 -18.85
CA ASP B 47 -6.03 59.64 -18.37
C ASP B 47 -5.02 60.69 -18.67
N ASN B 48 -5.33 61.66 -19.51
CA ASN B 48 -4.39 62.77 -19.75
C ASN B 48 -4.68 64.03 -18.92
N ARG B 49 -5.82 64.01 -18.22
CA ARG B 49 -6.26 65.08 -17.33
C ARG B 49 -6.37 66.39 -18.06
N ALA B 50 -6.75 66.31 -19.32
CA ALA B 50 -6.57 67.42 -20.26
C ALA B 50 -7.80 67.74 -21.08
N ASP B 51 -8.78 66.84 -21.07
CA ASP B 51 -9.91 66.94 -22.00
C ASP B 51 -10.81 68.15 -21.70
N PRO B 52 -11.04 69.03 -22.73
CA PRO B 52 -11.87 70.23 -22.58
C PRO B 52 -13.26 69.93 -21.95
N GLU B 53 -13.97 68.90 -22.38
CA GLU B 53 -15.29 68.58 -21.78
C GLU B 53 -15.25 68.23 -20.33
N VAL B 54 -14.19 67.55 -19.92
CA VAL B 54 -14.05 67.17 -18.53
C VAL B 54 -13.76 68.42 -17.67
N LEU B 55 -12.79 69.20 -18.14
CA LEU B 55 -12.31 70.34 -17.39
C LEU B 55 -13.38 71.42 -17.29
N ALA B 56 -14.21 71.53 -18.34
CA ALA B 56 -15.34 72.46 -18.32
C ALA B 56 -16.39 72.02 -17.29
N HIS B 57 -16.59 70.71 -17.21
CA HIS B 57 -17.43 70.17 -16.19
C HIS B 57 -16.82 70.36 -14.81
N LEU B 58 -15.53 70.08 -14.67
CA LEU B 58 -14.87 70.34 -13.38
C LEU B 58 -14.97 71.81 -13.02
N HIS B 59 -15.22 72.60 -14.06
CA HIS B 59 -15.29 74.04 -13.94
C HIS B 59 -16.64 74.44 -13.39
N LEU B 60 -17.70 73.88 -13.95
CA LEU B 60 -19.04 74.09 -13.43
C LEU B 60 -19.08 73.63 -11.99
N GLU B 61 -18.32 72.58 -11.70
CA GLU B 61 -18.28 72.01 -10.36
C GLU B 61 -17.63 72.97 -9.35
N LYS B 62 -16.66 73.74 -9.83
CA LYS B 62 -15.96 74.72 -9.01
C LYS B 62 -16.75 76.02 -8.83
N ASP B 63 -17.40 76.47 -9.90
CA ASP B 63 -18.20 77.68 -9.84
C ASP B 63 -19.28 77.49 -8.79
N TYR B 64 -19.97 76.35 -8.87
CA TYR B 64 -21.01 76.00 -7.91
C TYR B 64 -20.45 75.90 -6.50
N TYR B 65 -19.31 75.25 -6.35
CA TYR B 65 -18.65 75.21 -5.05
C TYR B 65 -18.50 76.61 -4.43
N GLU B 66 -18.02 77.56 -5.23
CA GLU B 66 -17.66 78.86 -4.67
C GLU B 66 -18.84 79.78 -4.49
N LYS B 67 -19.91 79.57 -5.23
CA LYS B 67 -21.18 80.24 -4.94
C LYS B 67 -21.64 79.82 -3.55
N ARG B 68 -21.40 78.56 -3.22
CA ARG B 68 -22.02 77.98 -2.06
C ARG B 68 -21.17 78.23 -0.82
N ALA B 69 -19.92 78.58 -1.06
CA ALA B 69 -18.97 78.66 0.04
C ALA B 69 -18.93 80.02 0.75
N VAL B 70 -19.46 81.05 0.09
CA VAL B 70 -19.53 82.41 0.65
C VAL B 70 -19.92 82.52 2.14
N ASP B 71 -21.03 81.91 2.51
CA ASP B 71 -21.58 82.04 3.87
C ASP B 71 -20.74 81.32 4.94
N ILE B 72 -19.73 80.57 4.51
CA ILE B 72 -18.82 79.92 5.45
C ILE B 72 -17.35 80.44 5.39
N LYS B 73 -17.09 81.48 4.58
CA LYS B 73 -15.73 82.10 4.54
C LYS B 73 -15.22 82.56 5.92
N ASP B 74 -16.11 83.16 6.71
CA ASP B 74 -15.74 83.72 8.01
C ASP B 74 -15.47 82.66 9.05
N LEU B 75 -16.42 81.74 9.20
CA LEU B 75 -16.25 80.61 10.06
C LEU B 75 -14.96 79.91 9.70
N ALA B 76 -14.74 79.74 8.40
CA ALA B 76 -13.56 79.07 7.86
C ALA B 76 -12.28 79.75 8.30
N GLU B 77 -12.22 81.07 8.07
CA GLU B 77 -11.12 81.92 8.52
C GLU B 77 -10.88 81.86 10.04
N THR B 78 -11.95 81.93 10.85
CA THR B 78 -11.84 81.77 12.30
C THR B 78 -11.15 80.45 12.68
N ILE B 79 -11.57 79.36 12.03
CA ILE B 79 -11.02 78.02 12.28
C ILE B 79 -9.54 77.89 11.85
N TYR B 80 -9.18 78.53 10.74
CA TYR B 80 -7.78 78.53 10.31
C TYR B 80 -6.88 79.12 11.42
N GLN B 81 -7.28 80.25 11.98
CA GLN B 81 -6.58 80.86 13.10
C GLN B 81 -6.34 79.86 14.22
N GLU B 82 -7.39 79.13 14.56
CA GLU B 82 -7.31 78.18 15.65
C GLU B 82 -6.22 77.12 15.36
N HIS B 83 -6.22 76.56 14.14
CA HIS B 83 -5.16 75.63 13.71
C HIS B 83 -3.75 76.25 13.83
N ILE B 84 -3.61 77.46 13.30
CA ILE B 84 -2.40 78.26 13.47
C ILE B 84 -1.90 78.21 14.93
N SER B 85 -2.78 78.50 15.89
CA SER B 85 -2.37 78.58 17.29
C SER B 85 -2.01 77.25 17.95
N HIS B 86 -2.48 76.13 17.41
CA HIS B 86 -2.18 74.82 18.02
C HIS B 86 -0.91 74.17 17.45
N ILE B 87 -0.53 74.68 16.28
CA ILE B 87 0.51 74.05 15.46
C ILE B 87 2.01 74.30 15.81
N GLU B 88 2.32 75.46 16.40
CA GLU B 88 3.73 75.97 16.48
C GLU B 88 4.57 76.17 15.13
N GLU B 89 4.41 77.34 14.52
CA GLU B 89 4.86 77.63 13.15
C GLU B 89 6.37 77.59 13.01
N THR B 90 7.06 77.97 14.08
CA THR B 90 8.51 77.89 14.20
C THR B 90 8.77 76.75 15.15
N ASP B 91 9.45 75.72 14.66
CA ASP B 91 9.58 74.50 15.42
C ASP B 91 10.81 73.76 15.00
N MET B 92 11.22 72.81 15.83
CA MET B 92 12.33 71.98 15.46
C MET B 92 12.14 70.56 15.91
N SER B 93 12.07 69.64 14.95
CA SER B 93 11.87 68.21 15.18
C SER B 93 12.85 67.54 16.19
N ALA B 94 12.60 66.25 16.38
CA ALA B 94 13.33 65.42 17.34
C ALA B 94 14.65 64.97 16.73
N PRO B 95 15.73 65.65 17.10
CA PRO B 95 17.09 65.42 16.64
C PRO B 95 17.53 63.99 16.86
N TYR B 96 18.27 63.45 15.90
CA TYR B 96 18.72 62.06 15.94
C TYR B 96 20.13 61.87 15.29
N VAL B 97 20.90 60.93 15.86
CA VAL B 97 22.24 60.57 15.43
C VAL B 97 22.13 59.77 14.17
N TYR B 98 23.08 60.06 13.27
CA TYR B 98 23.29 59.34 12.03
C TYR B 98 24.77 59.58 11.82
N ASP B 99 25.57 58.52 11.93
CA ASP B 99 27.04 58.62 11.81
C ASP B 99 27.57 59.86 12.57
N ARG B 100 28.36 60.74 11.94
CA ARG B 100 29.05 61.81 12.69
C ARG B 100 28.24 63.13 12.81
N PHE B 101 26.91 63.03 12.61
CA PHE B 101 25.98 64.19 12.59
C PHE B 101 24.73 64.03 13.49
N LEU B 102 23.98 65.12 13.67
CA LEU B 102 22.70 65.10 14.40
C LEU B 102 21.62 65.71 13.53
N TYR B 103 20.73 64.88 13.01
CA TYR B 103 19.75 65.35 12.03
C TYR B 103 18.44 65.70 12.69
N TYR B 104 17.72 66.63 12.05
CA TYR B 104 16.44 67.12 12.55
C TYR B 104 15.85 68.06 11.52
N THR B 105 14.54 68.23 11.60
CA THR B 105 13.83 69.06 10.66
C THR B 105 13.51 70.39 11.34
N ARG B 106 13.40 71.44 10.55
CA ARG B 106 13.03 72.74 11.12
C ARG B 106 11.89 73.39 10.39
N ASP B 107 11.03 74.04 11.15
CA ASP B 107 9.93 74.81 10.57
C ASP B 107 10.06 76.30 11.00
N VAL B 108 9.54 77.21 10.19
CA VAL B 108 9.76 78.65 10.36
C VAL B 108 8.47 79.42 10.15
N LYS B 109 8.22 80.42 11.00
CA LYS B 109 6.97 81.17 11.02
C LYS B 109 6.44 81.71 9.70
N GLY B 110 7.27 81.84 8.66
CA GLY B 110 6.76 82.37 7.40
C GLY B 110 6.55 81.38 6.25
N LEU B 111 7.04 80.16 6.40
CA LEU B 111 7.29 79.34 5.22
C LEU B 111 6.51 78.05 5.20
N SER B 112 5.99 77.72 4.01
CA SER B 112 5.23 76.48 3.75
C SER B 112 5.99 75.20 4.03
N TYR B 113 7.24 75.13 3.56
CA TYR B 113 7.99 73.88 3.63
C TYR B 113 9.09 73.88 4.63
N LYS B 114 9.49 72.67 5.01
CA LYS B 114 10.49 72.43 6.03
C LYS B 114 11.88 72.43 5.40
N LEU B 115 12.87 72.71 6.25
CA LEU B 115 14.27 72.67 5.87
C LEU B 115 14.84 71.46 6.59
N HIS B 116 15.62 70.67 5.87
CA HIS B 116 16.24 69.48 6.41
C HIS B 116 17.60 69.90 6.87
N CYS B 117 17.88 69.67 8.14
CA CYS B 117 19.06 70.26 8.78
C CYS B 117 20.03 69.24 9.37
N ARG B 118 21.25 69.68 9.59
CA ARG B 118 22.27 68.80 10.07
C ARG B 118 23.20 69.61 10.99
N VAL B 119 23.58 69.03 12.13
CA VAL B 119 24.58 69.62 13.04
C VAL B 119 25.63 68.52 13.40
N PRO B 120 26.93 68.88 13.53
CA PRO B 120 27.92 67.81 13.81
C PRO B 120 27.85 67.22 15.22
N ALA B 121 28.28 65.96 15.35
CA ALA B 121 28.13 65.19 16.60
C ALA B 121 28.86 65.87 17.72
N GLY B 122 28.15 66.74 18.43
CA GLY B 122 28.79 67.52 19.48
C GLY B 122 28.14 68.88 19.69
N LYS B 123 28.04 69.64 18.61
CA LYS B 123 27.36 70.93 18.64
C LYS B 123 25.87 70.71 18.90
N THR B 124 25.25 71.60 19.68
CA THR B 124 23.83 71.50 19.94
C THR B 124 23.06 71.91 18.68
N PRO B 125 21.99 71.16 18.37
CA PRO B 125 21.20 71.39 17.17
C PRO B 125 20.49 72.74 17.17
N GLY B 126 20.31 73.30 15.97
CA GLY B 126 19.52 74.51 15.80
C GLY B 126 20.16 75.57 14.94
N GLU B 127 19.40 76.60 14.62
CA GLU B 127 19.90 77.70 13.79
C GLU B 127 21.16 78.37 14.37
N GLY B 128 22.09 78.76 13.47
CA GLY B 128 23.40 79.28 13.84
C GLY B 128 24.47 79.11 12.74
N GLU B 129 25.74 79.26 13.11
CA GLU B 129 26.82 79.06 12.15
C GLU B 129 27.26 77.59 12.11
N ASP B 130 26.80 76.83 13.10
CA ASP B 130 27.05 75.40 13.18
C ASP B 130 26.07 74.64 12.30
N GLU B 131 24.86 75.15 12.22
CA GLU B 131 23.82 74.46 11.46
C GLU B 131 24.15 74.42 9.98
N GLU B 132 23.94 73.26 9.41
CA GLU B 132 23.95 73.07 7.98
C GLU B 132 22.53 72.78 7.48
N ILE B 133 22.04 73.64 6.60
CA ILE B 133 20.77 73.37 5.97
C ILE B 133 20.97 72.56 4.66
N VAL B 134 20.81 71.24 4.80
CA VAL B 134 21.12 70.24 3.78
C VAL B 134 20.23 70.41 2.57
N LEU B 135 18.92 70.47 2.78
CA LEU B 135 18.00 70.70 1.67
C LEU B 135 16.87 71.63 2.09
N ASP B 136 16.62 72.63 1.26
CA ASP B 136 15.59 73.61 1.56
C ASP B 136 14.35 73.46 0.65
N GLU B 137 13.30 72.83 1.19
CA GLU B 137 12.09 72.53 0.43
C GLU B 137 11.50 73.77 -0.22
N ASN B 138 11.82 74.93 0.33
CA ASN B 138 11.28 76.17 -0.22
C ASN B 138 11.97 76.67 -1.50
N LYS B 139 13.27 76.37 -1.70
CA LYS B 139 14.00 76.70 -2.95
C LYS B 139 13.50 75.87 -4.14
N LEU B 140 13.20 74.59 -3.88
CA LEU B 140 12.62 73.66 -4.84
C LEU B 140 11.24 74.15 -5.25
N ALA B 141 10.37 74.32 -4.25
CA ALA B 141 9.02 74.90 -4.39
C ALA B 141 8.92 76.22 -5.18
N GLU B 142 10.01 77.00 -5.19
CA GLU B 142 10.17 78.22 -6.01
C GLU B 142 9.37 78.24 -7.32
N GLY B 143 8.20 78.88 -7.24
CA GLY B 143 7.30 79.04 -8.39
C GLY B 143 6.79 77.73 -8.97
N LYS B 144 6.68 76.73 -8.11
CA LYS B 144 5.86 75.57 -8.38
C LYS B 144 4.63 75.71 -7.48
N SER B 145 3.47 75.30 -7.95
CA SER B 145 2.35 75.26 -7.03
C SER B 145 2.13 73.87 -6.43
N PHE B 146 2.98 72.90 -6.81
CA PHE B 146 3.09 71.64 -6.09
C PHE B 146 4.55 71.17 -5.98
N CYS B 147 4.89 70.61 -4.80
CA CYS B 147 6.23 70.04 -4.54
C CYS B 147 6.32 69.04 -3.37
N VAL B 148 6.33 67.74 -3.66
CA VAL B 148 6.64 66.74 -2.63
C VAL B 148 8.05 66.16 -2.80
N VAL B 149 8.77 66.12 -1.70
CA VAL B 149 10.03 65.39 -1.61
C VAL B 149 9.83 64.07 -0.85
N GLY B 150 10.02 62.97 -1.57
CA GLY B 150 9.85 61.60 -1.03
C GLY B 150 10.86 61.23 0.04
N CYS B 151 12.14 61.31 -0.31
CA CYS B 151 13.24 60.91 0.55
C CYS B 151 14.32 61.96 0.44
N VAL B 152 15.12 62.09 1.50
CA VAL B 152 16.38 62.84 1.45
C VAL B 152 17.46 61.91 2.02
N ALA B 153 18.40 61.43 1.18
CA ALA B 153 19.33 60.36 1.59
C ALA B 153 20.79 60.75 1.51
N PRO B 154 21.47 60.80 2.65
CA PRO B 154 22.91 61.05 2.55
C PRO B 154 23.72 59.74 2.33
N ALA B 155 24.91 59.85 1.73
CA ALA B 155 25.72 58.67 1.39
C ALA B 155 26.54 58.21 2.59
N PRO B 156 26.33 56.96 3.05
CA PRO B 156 27.05 56.56 4.27
C PRO B 156 28.58 56.70 4.30
N PRO B 157 29.20 56.32 5.45
CA PRO B 157 30.17 57.00 6.28
C PRO B 157 30.13 58.54 6.30
N GLU B 158 30.60 59.17 5.23
CA GLU B 158 30.97 60.59 5.22
C GLU B 158 29.80 61.55 5.18
N HIS B 159 28.74 61.17 4.47
CA HIS B 159 27.66 62.10 4.17
C HIS B 159 28.16 63.26 3.27
N ALA B 160 29.20 63.02 2.47
CA ALA B 160 29.59 64.04 1.50
C ALA B 160 28.42 64.32 0.56
N LEU B 161 27.97 63.32 -0.20
CA LEU B 161 26.84 63.49 -1.14
C LEU B 161 25.55 63.13 -0.49
N VAL B 162 24.51 63.90 -0.79
CA VAL B 162 23.14 63.59 -0.31
C VAL B 162 22.11 63.61 -1.45
N ALA B 163 21.48 62.46 -1.70
CA ALA B 163 20.37 62.33 -2.67
C ALA B 163 19.07 62.90 -2.14
N TYR B 164 18.25 63.44 -3.04
CA TYR B 164 16.81 63.64 -2.71
C TYR B 164 15.90 63.30 -3.90
N SER B 165 14.64 62.96 -3.60
CA SER B 165 13.66 62.59 -4.61
C SER B 165 12.49 63.58 -4.52
N VAL B 166 11.86 63.86 -5.65
CA VAL B 166 10.95 64.98 -5.76
C VAL B 166 9.84 64.69 -6.76
N ASP B 167 8.61 64.93 -6.34
CA ASP B 167 7.46 64.87 -7.22
C ASP B 167 6.89 66.26 -7.43
N TYR B 168 6.66 66.64 -8.68
CA TYR B 168 6.22 68.00 -8.90
C TYR B 168 4.73 68.23 -9.22
N CYS B 169 4.01 67.20 -9.70
CA CYS B 169 2.57 67.36 -9.97
C CYS B 169 1.67 66.67 -8.95
N GLY B 170 2.20 65.64 -8.29
CA GLY B 170 1.49 64.99 -7.18
C GLY B 170 1.13 63.57 -7.53
N ASP B 171 1.72 63.09 -8.61
CA ASP B 171 1.29 61.83 -9.16
C ASP B 171 2.20 60.72 -8.68
N GLU B 172 3.04 61.04 -7.70
CA GLU B 172 3.91 60.08 -7.03
C GLU B 172 4.97 59.40 -7.95
N VAL B 173 5.27 60.07 -9.05
CA VAL B 173 6.43 59.69 -9.83
C VAL B 173 7.54 60.72 -9.57
N TYR B 174 8.64 60.24 -9.00
CA TYR B 174 9.73 61.10 -8.55
C TYR B 174 10.95 61.00 -9.46
N SER B 175 11.71 62.09 -9.51
CA SER B 175 13.02 61.99 -10.07
C SER B 175 13.96 62.16 -8.91
N ILE B 176 15.08 61.44 -8.98
CA ILE B 176 16.18 61.50 -8.00
C ILE B 176 17.29 62.47 -8.43
N ARG B 177 17.60 63.43 -7.57
CA ARG B 177 18.65 64.41 -7.90
C ARG B 177 19.61 64.55 -6.75
N PHE B 178 20.64 65.37 -6.96
CA PHE B 178 21.53 65.68 -5.86
C PHE B 178 21.46 67.11 -5.36
N VAL B 179 21.66 67.27 -4.04
CA VAL B 179 21.73 68.58 -3.37
C VAL B 179 22.81 69.49 -3.94
N ARG B 180 22.40 70.71 -4.28
CA ARG B 180 23.31 71.69 -4.86
C ARG B 180 24.09 71.10 -6.03
N ASP B 181 23.44 70.22 -6.80
CA ASP B 181 24.02 69.62 -8.01
C ASP B 181 25.47 69.14 -7.93
N VAL B 182 25.87 68.62 -6.76
CA VAL B 182 27.26 68.17 -6.53
C VAL B 182 27.73 67.20 -7.62
N VAL B 183 26.99 66.11 -7.83
CA VAL B 183 27.17 65.32 -9.04
C VAL B 183 26.08 65.60 -10.07
N ALA B 184 26.41 65.34 -11.32
CA ALA B 184 25.48 65.56 -12.42
C ALA B 184 24.21 64.69 -12.33
N ASP B 185 24.35 63.47 -11.79
CA ASP B 185 23.34 62.37 -11.85
C ASP B 185 21.87 62.66 -11.47
N LYS B 186 20.94 62.34 -12.38
CA LYS B 186 19.52 62.22 -12.04
C LYS B 186 18.98 60.87 -12.52
N VAL B 187 18.08 60.28 -11.72
CA VAL B 187 17.33 59.11 -12.13
C VAL B 187 15.84 59.46 -12.27
N GLU B 188 15.18 58.85 -13.25
CA GLU B 188 13.81 59.21 -13.59
C GLU B 188 12.80 58.06 -13.50
N GLY B 189 11.55 58.43 -13.22
CA GLY B 189 10.42 57.48 -13.16
C GLY B 189 10.43 56.53 -11.99
N THR B 190 10.85 57.01 -10.83
CA THR B 190 11.00 56.18 -9.64
C THR B 190 9.92 56.44 -8.58
N ASN B 191 10.02 55.69 -7.50
CA ASN B 191 8.95 55.68 -6.55
C ASN B 191 9.22 56.60 -5.34
N GLY B 192 10.37 57.27 -5.35
CA GLY B 192 10.72 58.14 -4.25
C GLY B 192 11.82 57.63 -3.35
N SER B 193 11.92 56.30 -3.14
CA SER B 193 12.90 55.69 -2.21
C SER B 193 14.30 55.76 -2.78
N VAL B 194 15.28 56.05 -1.93
CA VAL B 194 16.70 55.99 -2.30
C VAL B 194 17.38 55.12 -1.25
N VAL B 195 18.24 54.20 -1.67
CA VAL B 195 18.89 53.31 -0.71
C VAL B 195 20.34 53.05 -1.10
N TRP B 196 21.23 53.50 -0.24
CA TRP B 196 22.63 53.64 -0.56
C TRP B 196 23.35 52.34 -0.44
N GLY B 197 24.40 52.25 -1.24
CA GLY B 197 25.38 51.19 -1.12
C GLY B 197 26.63 51.75 -0.46
N PRO B 198 27.72 50.93 -0.41
CA PRO B 198 28.87 51.31 0.38
C PRO B 198 29.49 52.60 -0.10
N ASN B 199 30.04 53.34 0.84
CA ASN B 199 30.85 54.54 0.56
C ASN B 199 30.54 55.31 -0.75
N ALA B 200 29.27 55.70 -0.90
CA ALA B 200 28.81 56.62 -1.95
C ALA B 200 29.10 56.17 -3.40
N GLU B 201 29.12 54.87 -3.57
CA GLU B 201 29.55 54.29 -4.81
C GLU B 201 28.35 54.08 -5.75
N CYS B 202 27.19 53.74 -5.17
CA CYS B 202 25.96 53.50 -5.94
C CYS B 202 24.73 53.62 -5.06
N PHE B 203 23.55 53.86 -5.66
CA PHE B 203 22.27 53.66 -4.93
C PHE B 203 21.25 52.77 -5.64
N PHE B 204 20.23 52.37 -4.88
CA PHE B 204 19.19 51.45 -5.30
C PHE B 204 17.85 52.17 -5.17
N TYR B 205 16.99 52.00 -6.19
CA TYR B 205 15.71 52.70 -6.29
C TYR B 205 14.71 51.87 -7.08
N ILE B 206 13.44 52.25 -6.95
CA ILE B 206 12.35 51.51 -7.55
C ILE B 206 11.64 52.32 -8.63
N THR B 207 11.61 51.79 -9.87
CA THR B 207 10.82 52.36 -11.02
C THR B 207 9.38 51.83 -11.09
N LYS B 208 8.50 52.51 -11.83
CA LYS B 208 7.10 52.13 -11.88
C LYS B 208 6.77 51.68 -13.28
N ASP B 209 6.06 50.56 -13.32
CA ASP B 209 5.64 49.86 -14.56
C ASP B 209 4.31 50.46 -15.01
N ALA B 210 3.63 49.70 -15.86
CA ALA B 210 2.30 49.97 -16.27
C ALA B 210 1.42 50.08 -15.02
N SER B 211 0.44 50.99 -15.12
CA SER B 211 -0.58 51.11 -14.12
C SER B 211 0.14 51.54 -12.85
N LYS B 212 1.34 52.07 -13.03
CA LYS B 212 2.13 52.63 -11.96
C LYS B 212 2.49 51.66 -10.82
N ARG B 213 2.50 50.39 -11.15
CA ARG B 213 3.05 49.40 -10.25
C ARG B 213 4.59 49.45 -10.09
N ASP B 214 4.99 49.47 -8.82
CA ASP B 214 6.36 49.23 -8.41
C ASP B 214 6.76 47.78 -8.71
N ASN B 215 7.41 47.56 -9.86
CA ASN B 215 7.72 46.21 -10.26
C ASN B 215 9.20 45.91 -10.50
N LYS B 216 10.10 46.88 -10.35
CA LYS B 216 11.56 46.59 -10.58
C LYS B 216 12.50 47.37 -9.73
N VAL B 217 13.59 46.72 -9.37
CA VAL B 217 14.59 47.29 -8.51
C VAL B 217 15.88 47.43 -9.27
N TRP B 218 16.46 48.64 -9.22
CA TRP B 218 17.70 48.91 -9.94
C TRP B 218 18.89 49.35 -9.08
N ARG B 219 20.10 49.20 -9.66
CA ARG B 219 21.34 49.75 -9.13
C ARG B 219 21.82 50.88 -10.04
N HIS B 220 21.97 52.09 -9.52
CA HIS B 220 22.55 53.15 -10.31
C HIS B 220 23.93 53.42 -9.74
N ILE B 221 24.96 53.46 -10.60
CA ILE B 221 26.32 53.68 -10.15
C ILE B 221 26.76 55.12 -10.49
N ILE B 222 27.02 55.89 -9.44
CA ILE B 222 27.48 57.26 -9.58
C ILE B 222 28.49 57.45 -10.73
N GLY B 223 28.27 58.47 -11.55
CA GLY B 223 29.15 58.77 -12.66
C GLY B 223 28.64 58.21 -13.96
N GLN B 224 27.61 57.37 -13.89
CA GLN B 224 27.08 56.72 -15.08
C GLN B 224 25.76 57.32 -15.49
N PRO B 225 25.49 57.35 -16.79
CA PRO B 225 24.15 57.66 -17.26
C PRO B 225 23.12 56.61 -16.77
N GLN B 226 21.88 57.03 -16.50
CA GLN B 226 20.87 56.07 -16.05
C GLN B 226 20.76 54.87 -17.00
N SER B 227 21.01 55.09 -18.29
CA SER B 227 20.85 54.07 -19.33
C SER B 227 21.67 52.84 -19.00
N GLU B 228 22.58 53.03 -18.07
CA GLU B 228 23.59 52.05 -17.67
C GLU B 228 23.19 51.13 -16.57
N ASP B 229 22.19 51.53 -15.80
CA ASP B 229 21.82 50.86 -14.54
C ASP B 229 21.38 49.43 -14.77
N VAL B 230 21.71 48.55 -13.84
CA VAL B 230 21.45 47.13 -13.95
C VAL B 230 20.11 46.89 -13.32
N CYS B 231 19.22 46.14 -13.99
CA CYS B 231 17.98 45.77 -13.33
C CYS B 231 18.21 44.54 -12.50
N LEU B 232 18.07 44.68 -11.18
CA LEU B 232 18.35 43.60 -10.24
C LEU B 232 17.25 42.58 -10.16
N TYR B 233 16.03 43.04 -10.36
CA TYR B 233 14.85 42.26 -10.05
C TYR B 233 13.63 42.85 -10.67
N THR B 234 12.79 41.99 -11.23
CA THR B 234 11.52 42.39 -11.82
C THR B 234 10.56 41.40 -11.27
N ASP B 235 9.45 41.87 -10.73
CA ASP B 235 8.33 40.99 -10.50
C ASP B 235 7.27 41.34 -11.52
N ASP B 236 6.93 40.40 -12.38
CA ASP B 236 5.92 40.71 -13.36
C ASP B 236 4.48 40.26 -13.03
N ASP B 237 4.27 39.63 -11.87
CA ASP B 237 2.92 39.33 -11.37
C ASP B 237 2.16 40.58 -10.99
N PRO B 238 1.03 40.81 -11.61
CA PRO B 238 0.41 42.08 -11.26
C PRO B 238 -0.20 42.24 -9.85
N LEU B 239 -0.45 41.13 -9.12
CA LEU B 239 -0.78 41.21 -7.69
C LEU B 239 0.34 41.74 -6.78
N PHE B 240 1.60 41.77 -7.26
CA PHE B 240 2.76 42.04 -6.39
C PHE B 240 3.35 43.45 -6.53
N SER B 241 3.90 43.94 -5.42
CA SER B 241 4.72 45.12 -5.48
C SER B 241 6.11 44.83 -4.89
N VAL B 242 7.15 45.44 -5.46
CA VAL B 242 8.55 45.26 -4.96
C VAL B 242 8.94 46.34 -3.95
N GLY B 243 9.73 45.95 -2.95
CA GLY B 243 10.33 46.89 -1.99
C GLY B 243 11.85 46.68 -2.00
N VAL B 244 12.60 47.57 -1.36
CA VAL B 244 14.06 47.40 -1.30
C VAL B 244 14.51 48.01 0.02
N GLY B 245 15.39 47.33 0.74
CA GLY B 245 15.79 47.81 2.05
C GLY B 245 17.27 47.60 2.30
N ARG B 246 17.82 48.26 3.33
CA ARG B 246 19.25 48.11 3.63
C ARG B 246 19.42 47.42 5.00
N SER B 247 20.03 46.23 5.03
CA SER B 247 20.26 45.54 6.30
C SER B 247 20.93 46.42 7.36
N GLY B 248 20.58 46.12 8.62
CA GLY B 248 21.02 46.87 9.79
C GLY B 248 22.47 47.25 9.73
N ASP B 249 23.33 46.25 9.54
CA ASP B 249 24.78 46.48 9.52
C ASP B 249 25.29 47.21 8.26
N GLY B 250 24.47 47.20 7.22
CA GLY B 250 24.80 47.84 5.96
C GLY B 250 25.48 46.95 4.92
N LYS B 251 25.51 45.64 5.18
CA LYS B 251 26.35 44.68 4.43
C LYS B 251 25.54 43.78 3.50
N THR B 252 24.22 43.86 3.64
CA THR B 252 23.28 43.04 2.86
C THR B 252 22.15 43.91 2.29
N LEU B 253 21.79 43.69 1.02
CA LEU B 253 20.59 44.32 0.50
C LEU B 253 19.44 43.33 0.53
N ILE B 254 18.31 43.74 1.08
CA ILE B 254 17.09 42.92 1.15
C ILE B 254 16.07 43.41 0.14
N ILE B 255 15.65 42.53 -0.78
CA ILE B 255 14.66 42.81 -1.82
C ILE B 255 13.41 41.92 -1.68
N CYS B 256 12.25 42.53 -1.38
CA CYS B 256 11.01 41.78 -1.24
C CYS B 256 9.99 41.96 -2.40
N SER B 257 9.13 40.96 -2.63
CA SER B 257 7.83 41.17 -3.27
C SER B 257 6.74 40.93 -2.23
N MET B 258 5.74 41.82 -2.22
CA MET B 258 4.57 41.64 -1.39
C MET B 258 3.33 41.62 -2.29
N SER B 259 2.43 40.67 -2.01
CA SER B 259 1.05 40.86 -2.38
C SER B 259 0.31 41.12 -1.08
N SER B 260 -1.00 41.32 -1.16
CA SER B 260 -1.74 41.50 0.04
C SER B 260 -1.61 40.23 0.85
N GLU B 261 -1.50 39.08 0.19
CA GLU B 261 -1.40 37.86 0.96
C GLU B 261 -0.19 36.92 0.78
N THR B 262 0.79 37.29 -0.04
CA THR B 262 1.96 36.43 -0.26
C THR B 262 3.19 37.27 -0.24
N SER B 263 4.32 36.65 0.09
CA SER B 263 5.57 37.36 0.21
C SER B 263 6.69 36.58 -0.46
N GLU B 264 7.82 37.25 -0.71
CA GLU B 264 9.06 36.64 -1.12
C GLU B 264 10.23 37.58 -0.80
N SER B 265 11.27 37.07 -0.14
CA SER B 265 12.49 37.87 0.13
C SER B 265 13.70 37.37 -0.68
N HIS B 266 14.64 38.28 -0.96
CA HIS B 266 15.88 37.90 -1.68
C HIS B 266 17.00 38.70 -1.09
N LEU B 267 18.18 38.12 -1.06
CA LEU B 267 19.33 38.82 -0.49
C LEU B 267 20.40 39.06 -1.49
N LEU B 268 20.99 40.25 -1.43
CA LEU B 268 22.18 40.58 -2.20
C LEU B 268 23.32 41.03 -1.29
N ASP B 269 24.48 40.38 -1.46
CA ASP B 269 25.65 40.71 -0.67
C ASP B 269 26.31 41.97 -1.23
N LEU B 270 26.26 43.03 -0.42
CA LEU B 270 26.86 44.33 -0.81
C LEU B 270 28.33 44.45 -0.42
N ARG B 271 28.97 43.34 -0.11
CA ARG B 271 30.37 43.40 0.20
C ARG B 271 31.19 43.25 -1.09
N LYS B 272 30.65 42.54 -2.07
CA LYS B 272 31.38 42.05 -3.23
C LYS B 272 31.43 42.99 -4.45
N GLY B 273 31.19 44.27 -4.21
CA GLY B 273 31.35 45.26 -5.29
C GLY B 273 30.17 45.45 -6.22
N VAL B 274 29.93 46.71 -6.55
CA VAL B 274 28.89 47.14 -7.45
C VAL B 274 28.52 46.25 -8.64
N LYS B 275 29.42 45.33 -9.03
CA LYS B 275 29.20 44.44 -10.18
C LYS B 275 28.72 43.05 -9.78
N HIS B 276 28.46 42.84 -8.49
CA HIS B 276 27.89 41.58 -8.02
C HIS B 276 26.40 41.70 -7.95
N ASN B 277 25.70 40.99 -8.83
CA ASN B 277 24.26 41.19 -8.91
C ASN B 277 23.43 39.98 -8.60
N THR B 278 24.06 38.83 -8.44
CA THR B 278 23.28 37.61 -8.34
C THR B 278 22.60 37.44 -6.96
N LEU B 279 21.29 37.19 -6.98
CA LEU B 279 20.45 37.22 -5.77
C LEU B 279 20.40 35.88 -5.02
N GLU B 280 20.28 35.93 -3.70
CA GLU B 280 19.95 34.75 -2.95
C GLU B 280 18.44 34.69 -2.65
N MET B 281 17.80 33.60 -3.07
CA MET B 281 16.44 33.29 -2.67
C MET B 281 16.43 33.08 -1.16
N VAL B 282 15.39 33.56 -0.48
CA VAL B 282 15.26 33.28 0.94
C VAL B 282 14.36 32.06 1.07
N ARG B 283 13.07 32.27 0.85
CA ARG B 283 12.10 31.18 0.79
C ARG B 283 11.18 31.42 -0.40
N PRO B 284 11.14 30.47 -1.35
CA PRO B 284 10.30 30.63 -2.53
C PRO B 284 8.84 30.95 -2.15
N ARG B 285 8.28 31.98 -2.79
CA ARG B 285 6.89 32.41 -2.53
C ARG B 285 5.89 31.25 -2.62
N GLU B 286 4.98 31.21 -1.67
CA GLU B 286 3.94 30.21 -1.64
C GLU B 286 2.71 30.96 -1.16
N LYS B 287 1.69 30.99 -2.02
CA LYS B 287 0.43 31.71 -1.78
C LYS B 287 -0.13 31.47 -0.38
N GLY B 288 -0.47 32.55 0.32
CA GLY B 288 -0.96 32.46 1.70
C GLY B 288 0.02 32.89 2.78
N VAL B 289 1.25 32.47 2.64
CA VAL B 289 2.32 32.82 3.55
C VAL B 289 2.91 34.21 3.25
N ARG B 290 2.89 35.07 4.26
CA ARG B 290 3.56 36.38 4.21
C ARG B 290 4.77 36.37 5.13
N TYR B 291 5.88 37.00 4.75
CA TYR B 291 6.99 37.09 5.71
C TYR B 291 7.92 38.28 5.53
N THR B 292 8.43 38.84 6.63
CA THR B 292 9.48 39.87 6.49
C THR B 292 10.83 39.50 7.15
N VAL B 293 11.93 39.74 6.42
CA VAL B 293 13.26 39.36 6.87
C VAL B 293 14.13 40.53 7.29
N GLU B 294 14.69 40.40 8.50
CA GLU B 294 15.65 41.34 9.09
C GLU B 294 16.90 40.50 9.28
N MET B 295 18.06 41.13 9.02
CA MET B 295 19.39 40.52 9.20
C MET B 295 20.00 40.87 10.56
N HIS B 296 20.63 39.90 11.22
CA HIS B 296 21.47 40.18 12.41
C HIS B 296 22.94 39.93 12.05
N GLY B 297 23.68 41.03 11.93
CA GLY B 297 24.95 40.99 11.24
C GLY B 297 24.73 40.45 9.84
N THR B 298 25.48 39.41 9.50
CA THR B 298 25.59 39.00 8.13
C THR B 298 25.04 37.63 7.85
N ASP B 299 24.90 36.77 8.83
CA ASP B 299 24.59 35.41 8.41
C ASP B 299 23.48 34.76 9.22
N THR B 300 22.72 35.60 9.90
CA THR B 300 21.55 35.17 10.62
C THR B 300 20.31 35.99 10.19
N LEU B 301 19.20 35.27 10.03
CA LEU B 301 17.93 35.86 9.65
C LEU B 301 16.89 35.87 10.80
N ILE B 302 16.43 37.09 11.11
CA ILE B 302 15.28 37.25 11.95
C ILE B 302 14.10 37.48 11.04
N VAL B 303 13.21 36.48 11.03
CA VAL B 303 12.05 36.40 10.13
C VAL B 303 10.70 36.46 10.87
N LEU B 304 9.88 37.46 10.52
CA LEU B 304 8.50 37.55 11.03
C LEU B 304 7.52 37.03 9.98
N THR B 305 6.83 35.96 10.32
CA THR B 305 5.93 35.29 9.37
C THR B 305 4.60 34.86 9.99
N ASN B 306 3.71 34.41 9.12
CA ASN B 306 2.41 33.90 9.52
C ASN B 306 2.17 32.48 8.98
N LYS B 307 3.27 31.83 8.63
CA LYS B 307 3.27 30.45 8.15
C LYS B 307 2.68 29.56 9.22
N ASP B 308 2.05 28.46 8.81
CA ASP B 308 1.55 27.45 9.75
C ASP B 308 0.33 27.91 10.51
N LYS B 309 -0.50 28.72 9.86
CA LYS B 309 -1.73 29.18 10.49
C LYS B 309 -1.42 30.20 11.59
N CYS B 310 -0.25 30.83 11.50
CA CYS B 310 0.11 31.84 12.50
C CYS B 310 -0.34 33.26 12.13
N VAL B 311 -1.65 33.43 12.05
CA VAL B 311 -2.24 34.64 11.50
C VAL B 311 -1.83 35.93 12.16
N ASN B 312 -1.48 35.88 13.44
CA ASN B 312 -1.02 37.07 14.16
C ASN B 312 0.46 37.26 14.19
N GLY B 313 1.17 36.40 13.45
CA GLY B 313 2.60 36.50 13.29
C GLY B 313 3.41 35.69 14.30
N LYS B 314 4.62 35.32 13.86
CA LYS B 314 5.61 34.74 14.74
C LYS B 314 6.99 35.08 14.18
N VAL B 315 7.90 35.46 15.05
CA VAL B 315 9.28 35.70 14.69
C VAL B 315 10.06 34.40 14.94
N VAL B 316 11.10 34.22 14.16
CA VAL B 316 11.61 32.91 13.84
C VAL B 316 13.04 33.11 13.32
N LEU B 317 13.95 32.20 13.67
CA LEU B 317 15.38 32.36 13.39
C LEU B 317 15.90 31.30 12.43
N THR B 318 16.56 31.75 11.37
CA THR B 318 17.27 30.81 10.51
C THR B 318 18.67 31.27 10.05
N LYS B 319 19.49 30.30 9.67
CA LYS B 319 20.82 30.58 9.11
C LYS B 319 20.70 31.06 7.65
N ARG B 320 21.60 31.96 7.27
CA ARG B 320 21.66 32.48 5.91
C ARG B 320 21.98 31.40 4.87
N SER B 321 22.60 30.31 5.31
CA SER B 321 23.01 29.22 4.43
C SER B 321 21.98 28.11 4.26
N ALA B 322 20.92 28.14 5.07
CA ALA B 322 19.81 27.19 4.99
C ALA B 322 18.56 27.94 5.43
N PRO B 323 18.14 28.90 4.57
CA PRO B 323 17.20 29.93 4.97
C PRO B 323 15.76 29.46 4.85
N THR B 324 15.56 28.19 4.51
CA THR B 324 14.24 27.61 4.51
C THR B 324 14.03 26.80 5.79
N ASP B 325 14.97 26.91 6.75
CA ASP B 325 14.92 26.17 8.04
C ASP B 325 14.31 26.96 9.22
N TRP B 326 12.98 26.98 9.24
CA TRP B 326 12.27 27.84 10.17
C TRP B 326 11.87 27.13 11.48
N GLY B 327 12.22 25.86 11.63
CA GLY B 327 12.00 25.08 12.86
C GLY B 327 12.32 25.79 14.18
N THR B 328 13.36 26.62 14.16
CA THR B 328 13.79 27.36 15.34
C THR B 328 12.94 28.63 15.54
N VAL B 329 12.20 28.69 16.66
CA VAL B 329 11.21 29.75 16.88
C VAL B 329 11.50 30.63 18.10
N LEU B 330 11.86 31.88 17.87
CA LEU B 330 12.19 32.80 18.96
C LEU B 330 10.95 33.21 19.75
N ILE B 331 9.85 33.49 19.05
CA ILE B 331 8.67 33.99 19.73
C ILE B 331 7.47 33.37 19.08
N PRO B 332 6.72 32.56 19.86
CA PRO B 332 5.60 31.76 19.33
C PRO B 332 4.35 32.59 19.05
N HIS B 333 3.52 32.09 18.15
CA HIS B 333 2.26 32.73 17.83
C HIS B 333 1.30 32.73 19.07
N ASP B 334 0.78 33.91 19.40
CA ASP B 334 -0.27 34.02 20.41
C ASP B 334 -1.57 34.62 19.86
N ASP B 335 -2.67 34.06 20.33
CA ASP B 335 -4.02 34.39 19.85
C ASP B 335 -4.46 35.86 20.02
N LYS B 336 -4.01 36.54 21.07
CA LYS B 336 -4.44 37.93 21.27
C LYS B 336 -3.32 38.91 21.03
N VAL B 337 -2.19 38.39 20.59
CA VAL B 337 -1.06 39.25 20.36
C VAL B 337 -0.66 39.23 18.88
N THR B 338 -0.76 40.38 18.23
CA THR B 338 -0.37 40.52 16.83
C THR B 338 1.02 41.08 16.80
N ILE B 339 1.90 40.48 16.02
CA ILE B 339 3.22 41.11 15.76
C ILE B 339 3.26 41.86 14.43
N ASP B 340 3.25 43.19 14.49
CA ASP B 340 3.26 44.04 13.30
C ASP B 340 4.61 44.11 12.55
N ASP B 341 5.72 44.48 13.20
CA ASP B 341 7.03 44.21 12.60
C ASP B 341 8.22 44.15 13.57
N VAL B 342 9.37 43.70 13.06
CA VAL B 342 10.63 43.57 13.83
C VAL B 342 11.72 44.52 13.34
N ALA B 343 12.36 45.24 14.26
CA ALA B 343 13.54 45.99 13.90
C ALA B 343 14.68 45.26 14.58
N VAL B 344 15.82 45.15 13.90
CA VAL B 344 16.91 44.34 14.40
C VAL B 344 18.26 45.07 14.45
N PHE B 345 18.79 45.15 15.66
CA PHE B 345 20.01 45.90 15.93
C PHE B 345 21.16 45.03 16.41
N ALA B 346 22.34 45.61 16.54
CA ALA B 346 23.50 44.83 17.04
C ALA B 346 23.14 43.99 18.29
N LYS B 347 22.61 44.64 19.34
CA LYS B 347 22.43 43.98 20.62
C LYS B 347 20.99 43.54 20.97
N PHE B 348 20.01 44.10 20.28
CA PHE B 348 18.64 43.83 20.61
C PHE B 348 17.76 43.92 19.37
N ALA B 349 16.47 43.62 19.56
CA ALA B 349 15.41 43.74 18.55
C ALA B 349 14.21 44.50 19.13
N VAL B 350 13.37 45.05 18.26
CA VAL B 350 12.16 45.69 18.71
C VAL B 350 10.96 45.04 18.00
N LEU B 351 9.98 44.60 18.79
CA LEU B 351 8.74 44.07 18.25
C LEU B 351 7.64 45.07 18.55
N SER B 352 6.96 45.51 17.49
CA SER B 352 5.82 46.42 17.51
C SER B 352 4.64 45.53 17.21
N GLY B 353 3.51 45.74 17.89
CA GLY B 353 2.33 44.90 17.70
C GLY B 353 1.12 45.38 18.48
N ARG B 354 0.21 44.46 18.83
CA ARG B 354 -1.10 44.83 19.35
C ARG B 354 -1.65 43.81 20.32
N ARG B 355 -2.22 44.30 21.42
CA ARG B 355 -2.98 43.47 22.36
C ARG B 355 -4.13 44.36 22.84
N ASP B 356 -5.27 43.73 23.19
CA ASP B 356 -6.46 44.44 23.69
C ASP B 356 -6.76 45.68 22.89
N GLY B 357 -6.39 45.63 21.61
CA GLY B 357 -6.67 46.68 20.65
C GLY B 357 -5.95 48.01 20.79
N LEU B 358 -4.87 48.05 21.59
CA LEU B 358 -3.94 49.18 21.56
C LEU B 358 -2.53 48.79 21.12
N THR B 359 -1.79 49.79 20.64
CA THR B 359 -0.41 49.63 20.16
C THR B 359 0.54 49.18 21.24
N ARG B 360 1.38 48.21 20.93
CA ARG B 360 2.34 47.70 21.89
C ARG B 360 3.76 47.58 21.33
N VAL B 361 4.76 47.81 22.17
CA VAL B 361 6.17 47.57 21.80
C VAL B 361 6.89 46.76 22.85
N TRP B 362 7.53 45.69 22.39
CA TRP B 362 8.44 44.93 23.23
C TRP B 362 9.84 45.00 22.67
N THR B 363 10.76 44.58 23.52
CA THR B 363 12.17 44.67 23.29
C THR B 363 12.71 43.31 23.71
N VAL B 364 13.54 42.71 22.86
CA VAL B 364 14.24 41.48 23.23
C VAL B 364 15.76 41.69 23.10
N ARG B 365 16.52 41.14 24.05
CA ARG B 365 17.98 41.27 24.13
C ARG B 365 18.70 39.94 23.93
N LEU B 366 20.01 40.00 23.75
CA LEU B 366 20.84 38.78 23.63
C LEU B 366 21.04 38.00 24.95
N GLY B 367 21.07 36.66 24.84
CA GLY B 367 21.49 35.78 25.95
C GLY B 367 23.01 35.69 26.02
N PRO B 368 23.55 34.82 26.90
CA PRO B 368 25.02 34.74 27.14
C PRO B 368 25.91 34.59 25.88
N ASP B 369 25.46 33.82 24.88
CA ASP B 369 26.31 33.36 23.76
C ASP B 369 26.13 34.07 22.41
N ASN B 370 25.83 35.36 22.45
CA ASN B 370 25.49 36.16 21.25
C ASN B 370 24.27 35.77 20.41
N LEU B 371 23.74 34.57 20.66
CA LEU B 371 22.41 34.18 20.17
C LEU B 371 21.34 35.00 20.87
N PHE B 372 20.17 35.09 20.25
CA PHE B 372 19.02 35.67 20.92
C PHE B 372 18.39 34.61 21.81
N SER B 373 17.84 35.05 22.94
CA SER B 373 17.13 34.18 23.88
C SER B 373 15.77 34.78 24.25
N SER B 374 14.69 33.98 24.12
CA SER B 374 13.32 34.40 24.49
C SER B 374 13.23 34.95 25.91
N ALA B 375 14.07 34.42 26.78
CA ALA B 375 14.01 34.70 28.19
C ALA B 375 14.27 36.18 28.54
N THR B 376 14.64 36.98 27.55
CA THR B 376 14.95 38.38 27.81
C THR B 376 13.94 39.38 27.27
N LEU B 377 12.67 38.98 27.23
CA LEU B 377 11.61 39.82 26.70
C LEU B 377 11.19 40.85 27.75
N LYS B 378 10.79 42.02 27.28
CA LYS B 378 10.33 43.10 28.15
C LYS B 378 9.33 43.95 27.38
N GLU B 379 8.21 44.29 28.04
CA GLU B 379 7.23 45.22 27.47
C GLU B 379 7.31 46.61 28.08
N LEU B 380 7.55 47.60 27.23
CA LEU B 380 7.57 48.99 27.65
C LEU B 380 6.18 49.46 28.09
N HIS B 381 6.08 50.06 29.28
CA HIS B 381 4.80 50.50 29.85
C HIS B 381 4.54 51.99 29.68
N PHE B 382 3.29 52.39 29.82
CA PHE B 382 2.93 53.77 29.55
C PHE B 382 1.92 54.34 30.49
N ASP B 383 2.06 55.64 30.74
CA ASP B 383 1.34 56.34 31.81
C ASP B 383 -0.19 56.37 31.65
N GLU B 384 -0.67 56.49 30.42
CA GLU B 384 -2.11 56.60 30.19
C GLU B 384 -2.80 55.24 29.87
N PRO B 385 -4.11 55.12 30.22
CA PRO B 385 -4.80 53.86 29.95
C PRO B 385 -4.95 53.59 28.45
N VAL B 386 -5.28 54.64 27.69
CA VAL B 386 -5.54 54.57 26.23
C VAL B 386 -4.73 55.61 25.42
N PHE B 387 -3.73 55.09 24.72
CA PHE B 387 -2.61 55.87 24.18
C PHE B 387 -2.27 55.28 22.83
N THR B 388 -1.17 55.78 22.26
CA THR B 388 -0.57 55.30 20.97
C THR B 388 0.97 55.39 20.98
N ALA B 389 1.64 54.32 20.56
CA ALA B 389 3.11 54.27 20.50
C ALA B 389 3.79 53.50 19.32
N HIS B 390 4.61 54.19 18.55
CA HIS B 390 5.51 53.52 17.57
C HIS B 390 6.95 53.84 17.92
N VAL B 391 7.79 52.81 18.00
CA VAL B 391 9.22 53.00 17.73
C VAL B 391 9.32 53.85 16.46
N VAL B 392 10.28 54.76 16.39
CA VAL B 392 10.41 55.64 15.23
C VAL B 392 11.63 55.27 14.41
N CYS B 393 11.44 54.42 13.40
CA CYS B 393 12.61 53.77 12.76
C CYS B 393 13.39 54.71 11.91
N SER B 394 12.69 55.66 11.28
CA SER B 394 13.33 56.62 10.38
C SER B 394 14.20 57.55 11.21
N GLN B 395 14.00 57.47 12.54
CA GLN B 395 14.84 58.20 13.50
C GLN B 395 15.89 57.34 14.22
N MET B 396 16.11 56.12 13.72
CA MET B 396 17.14 55.21 14.26
C MET B 396 18.12 54.77 13.19
N LYS B 397 19.23 55.49 13.10
CA LYS B 397 20.15 55.35 11.97
C LYS B 397 21.40 54.64 12.39
N THR B 398 21.49 54.20 13.63
CA THR B 398 22.74 53.61 14.07
C THR B 398 22.57 52.17 14.58
N TYR B 399 23.20 51.26 13.85
CA TYR B 399 23.12 49.84 14.15
C TYR B 399 23.31 49.50 15.62
N ASP B 400 24.40 49.97 16.22
CA ASP B 400 24.75 49.61 17.62
C ASP B 400 23.79 50.28 18.61
N ALA B 401 24.03 51.57 18.90
CA ALA B 401 23.19 52.38 19.84
C ALA B 401 22.33 51.67 20.88
N SER B 402 22.20 52.33 22.00
CA SER B 402 21.52 51.79 23.14
C SER B 402 20.15 52.45 23.26
N LEU B 403 20.06 53.71 22.83
CA LEU B 403 18.83 54.48 22.95
C LEU B 403 17.86 54.08 21.86
N LEU B 404 16.57 54.21 22.13
CA LEU B 404 15.53 53.74 21.21
C LEU B 404 14.43 54.78 21.14
N ARG B 405 14.10 55.23 19.92
CA ARG B 405 13.27 56.43 19.69
C ARG B 405 11.77 56.15 19.67
N LEU B 406 11.03 56.66 20.66
CA LEU B 406 9.58 56.43 20.70
C LEU B 406 8.71 57.67 20.46
N ARG B 407 7.67 57.51 19.64
CA ARG B 407 6.63 58.53 19.51
C ARG B 407 5.47 58.09 20.42
N TYR B 408 5.15 58.92 21.40
CA TYR B 408 4.08 58.67 22.35
C TYR B 408 3.00 59.72 22.26
N SER B 409 1.75 59.28 22.46
CA SER B 409 0.57 60.11 22.28
C SER B 409 -0.67 59.59 23.07
N SER B 410 -1.63 60.45 23.32
CA SER B 410 -3.00 60.02 23.63
C SER B 410 -3.92 61.10 23.11
N MET B 411 -5.22 60.79 23.05
CA MET B 411 -6.19 61.76 22.56
C MET B 411 -6.26 63.04 23.40
N THR B 412 -5.74 62.97 24.63
CA THR B 412 -5.71 64.06 25.60
C THR B 412 -4.31 64.68 25.69
N THR B 413 -3.28 63.83 25.69
CA THR B 413 -1.86 64.25 25.77
C THR B 413 -1.26 64.61 24.42
N PRO B 414 -0.75 65.85 24.29
CA PRO B 414 0.15 66.18 23.18
C PRO B 414 1.33 65.19 23.05
N THR B 415 1.89 65.14 21.84
CA THR B 415 2.79 64.08 21.41
C THR B 415 4.13 64.20 22.09
N VAL B 416 4.71 63.07 22.50
CA VAL B 416 6.04 63.14 23.08
C VAL B 416 7.04 62.21 22.39
N TRP B 417 8.27 62.67 22.23
CA TRP B 417 9.35 61.86 21.71
C TRP B 417 10.40 61.63 22.82
N TYR B 418 10.68 60.36 23.15
CA TYR B 418 11.80 60.04 24.05
C TYR B 418 12.68 58.84 23.74
N ASP B 419 13.92 58.92 24.20
CA ASP B 419 14.87 57.81 24.08
C ASP B 419 14.79 56.94 25.30
N GLU B 420 14.49 55.67 25.13
CA GLU B 420 14.58 54.72 26.23
C GLU B 420 15.78 53.81 25.95
N ASP B 421 16.68 53.70 26.92
CA ASP B 421 17.78 52.77 26.82
C ASP B 421 17.23 51.36 26.94
N VAL B 422 17.67 50.49 26.04
CA VAL B 422 17.25 49.10 26.09
C VAL B 422 17.81 48.42 27.32
N LEU B 423 18.94 48.90 27.84
CA LEU B 423 19.47 48.38 29.10
C LEU B 423 18.59 48.84 30.28
N SER B 424 18.79 50.10 30.69
CA SER B 424 18.14 50.69 31.85
C SER B 424 16.61 50.79 31.75
N GLY B 425 16.12 51.42 30.69
CA GLY B 425 14.71 51.70 30.57
C GLY B 425 14.39 53.12 30.98
N GLU B 426 15.43 53.93 31.19
CA GLU B 426 15.25 55.37 31.45
C GLU B 426 14.79 56.08 30.18
N ARG B 427 13.67 56.78 30.26
CA ARG B 427 13.15 57.56 29.17
C ARG B 427 13.61 58.96 29.40
N LYS B 428 13.88 59.67 28.33
CA LYS B 428 14.22 61.06 28.44
C LYS B 428 13.38 61.78 27.40
N VAL B 429 12.68 62.83 27.80
CA VAL B 429 12.06 63.72 26.84
C VAL B 429 13.13 64.39 25.95
N VAL B 430 13.13 63.98 24.67
CA VAL B 430 13.93 64.61 23.58
C VAL B 430 13.13 65.72 22.92
N LYS B 431 11.86 65.46 22.64
CA LYS B 431 10.92 66.52 22.26
C LYS B 431 9.53 66.25 22.78
N ALA B 432 8.88 67.31 23.28
CA ALA B 432 7.46 67.26 23.65
C ALA B 432 6.73 68.40 22.95
N ARG B 433 5.63 68.09 22.29
CA ARG B 433 4.93 69.09 21.51
C ARG B 433 4.28 70.09 22.43
N LYS B 434 4.41 71.36 22.06
CA LYS B 434 3.76 72.42 22.80
C LYS B 434 2.60 72.89 21.94
N VAL B 435 1.41 72.73 22.50
CA VAL B 435 0.19 73.14 21.85
C VAL B 435 -0.27 74.34 22.64
N GLY B 436 -0.48 75.44 21.91
CA GLY B 436 -0.77 76.72 22.52
C GLY B 436 -2.25 77.01 22.50
N GLY B 437 -2.59 78.11 21.82
CA GLY B 437 -3.97 78.62 21.72
C GLY B 437 -4.86 78.60 22.96
N GLY B 438 -4.29 78.29 24.12
CA GLY B 438 -5.11 78.15 25.32
C GLY B 438 -5.57 76.74 25.63
N PHE B 439 -5.17 75.81 24.78
CA PHE B 439 -5.34 74.39 25.05
C PHE B 439 -4.58 74.03 26.33
N GLU B 440 -5.25 73.29 27.22
CA GLU B 440 -4.58 72.53 28.27
C GLU B 440 -5.21 71.14 28.37
N SER B 441 -4.38 70.17 28.70
CA SER B 441 -4.73 68.73 28.74
C SER B 441 -5.83 68.34 29.77
N LYS B 442 -5.96 69.08 30.85
CA LYS B 442 -6.97 68.76 31.88
C LYS B 442 -8.37 69.16 31.44
N ASN B 443 -8.44 69.85 30.29
CA ASN B 443 -9.67 70.29 29.69
C ASN B 443 -10.42 69.19 28.95
N TYR B 444 -9.78 68.04 28.78
CA TYR B 444 -10.39 66.97 27.97
C TYR B 444 -10.41 65.58 28.61
N VAL B 445 -11.33 64.74 28.15
CA VAL B 445 -11.40 63.36 28.61
C VAL B 445 -11.59 62.44 27.42
N CYS B 446 -10.93 61.29 27.45
CA CYS B 446 -11.17 60.26 26.46
C CYS B 446 -11.56 58.94 27.10
N ARG B 447 -12.53 58.26 26.51
CA ARG B 447 -12.87 56.91 26.95
C ARG B 447 -13.10 55.94 25.79
N ARG B 448 -13.08 54.64 26.09
CA ARG B 448 -13.52 53.62 25.14
C ARG B 448 -14.89 53.05 25.49
N GLU B 449 -15.77 53.06 24.48
CA GLU B 449 -17.09 52.45 24.52
C GLU B 449 -17.15 51.15 23.70
N LEU B 450 -18.26 50.42 23.82
CA LEU B 450 -18.50 49.28 22.94
C LEU B 450 -19.88 49.32 22.29
N ALA B 451 -19.89 49.27 20.96
CA ALA B 451 -21.11 49.03 20.17
C ALA B 451 -21.34 47.52 19.94
N THR B 452 -22.55 47.11 19.57
CA THR B 452 -22.77 45.71 19.18
C THR B 452 -23.30 45.54 17.74
N ALA B 453 -22.57 44.79 16.93
CA ALA B 453 -22.90 44.58 15.52
C ALA B 453 -24.02 43.58 15.44
N PRO B 454 -24.75 43.55 14.30
CA PRO B 454 -25.76 42.53 14.07
C PRO B 454 -25.31 41.11 14.46
N ASP B 455 -24.13 40.65 14.02
CA ASP B 455 -23.65 39.31 14.43
C ASP B 455 -23.38 39.08 15.93
N GLY B 456 -23.43 40.15 16.73
CA GLY B 456 -23.13 40.06 18.15
C GLY B 456 -21.78 40.57 18.58
N THR B 457 -20.89 40.80 17.61
CA THR B 457 -19.55 41.33 17.82
C THR B 457 -19.61 42.68 18.54
N LYS B 458 -18.54 43.03 19.25
CA LYS B 458 -18.45 44.24 20.03
C LYS B 458 -17.50 45.20 19.34
N VAL B 459 -17.98 46.35 18.88
CA VAL B 459 -17.08 47.23 18.10
C VAL B 459 -16.55 48.41 18.91
N PRO B 460 -15.21 48.49 19.11
CA PRO B 460 -14.61 49.52 19.92
C PRO B 460 -14.93 50.90 19.37
N ILE B 461 -15.14 51.87 20.26
CA ILE B 461 -15.20 53.29 19.88
C ILE B 461 -14.36 54.18 20.82
N SER B 462 -13.40 54.93 20.26
CA SER B 462 -12.63 55.89 21.05
C SER B 462 -13.29 57.26 20.97
N LEU B 463 -13.56 57.88 22.12
CA LEU B 463 -14.08 59.23 22.11
C LEU B 463 -13.28 60.23 22.94
N VAL B 464 -13.50 61.50 22.65
CA VAL B 464 -12.83 62.57 23.37
C VAL B 464 -13.77 63.79 23.41
N TYR B 465 -13.96 64.37 24.59
CA TYR B 465 -14.79 65.57 24.77
C TYR B 465 -14.22 66.54 25.83
N ASP B 466 -14.64 67.80 25.73
CA ASP B 466 -14.32 68.86 26.67
C ASP B 466 -15.01 68.46 27.94
N THR B 467 -14.26 68.47 29.03
CA THR B 467 -14.73 67.93 30.29
C THR B 467 -16.00 68.60 30.81
N SER B 468 -16.36 69.73 30.20
CA SER B 468 -17.47 70.55 30.64
C SER B 468 -18.81 70.28 29.94
N ILE B 469 -18.80 69.64 28.77
CA ILE B 469 -20.09 69.38 28.10
C ILE B 469 -21.07 68.58 28.98
N ASP B 470 -22.35 68.76 28.73
CA ASP B 470 -23.39 68.10 29.49
C ASP B 470 -23.57 66.64 29.04
N LEU B 471 -23.23 65.68 29.91
CA LEU B 471 -23.39 64.27 29.55
C LEU B 471 -24.81 63.74 29.74
N LYS B 472 -25.68 64.55 30.33
CA LYS B 472 -27.03 64.11 30.58
C LYS B 472 -27.94 64.48 29.41
N LYS B 473 -27.33 64.69 28.24
CA LYS B 473 -28.10 64.96 27.02
C LYS B 473 -27.30 64.93 25.70
N PRO B 474 -27.99 64.64 24.57
CA PRO B 474 -27.36 64.55 23.25
C PRO B 474 -26.58 65.79 22.86
N ASN B 475 -25.33 65.60 22.43
CA ASN B 475 -24.53 66.69 21.88
C ASN B 475 -24.06 66.36 20.49
N PRO B 476 -23.79 67.38 19.66
CA PRO B 476 -23.11 67.20 18.39
C PRO B 476 -21.95 66.18 18.42
N THR B 477 -21.86 65.32 17.40
CA THR B 477 -20.77 64.34 17.31
C THR B 477 -20.25 64.24 15.88
N MET B 478 -18.95 64.03 15.80
CA MET B 478 -18.28 63.73 14.55
C MET B 478 -17.82 62.30 14.65
N LEU B 479 -18.49 61.42 13.93
CA LEU B 479 -18.03 60.04 13.84
C LEU B 479 -17.09 59.78 12.65
N TYR B 480 -15.83 59.48 12.94
CA TYR B 480 -14.81 59.19 11.92
C TYR B 480 -14.46 57.67 11.72
N GLY B 481 -14.18 57.25 10.48
CA GLY B 481 -14.01 55.84 10.17
C GLY B 481 -13.01 55.55 9.09
N TYR B 482 -12.35 54.40 9.16
CA TYR B 482 -11.53 53.94 8.04
C TYR B 482 -12.18 52.66 7.41
N GLY B 483 -12.05 51.43 7.87
CA GLY B 483 -10.87 50.74 8.24
C GLY B 483 -10.87 49.71 7.10
N SER B 484 -9.87 49.85 6.23
CA SER B 484 -9.57 48.87 5.26
C SER B 484 -8.17 48.46 5.52
N TYR B 485 -7.71 47.45 4.78
CA TYR B 485 -6.29 47.17 4.62
C TYR B 485 -5.63 46.57 5.82
N GLY B 486 -6.28 46.62 6.98
CA GLY B 486 -5.66 46.22 8.23
C GLY B 486 -5.05 47.39 8.97
N ILE B 487 -5.15 48.59 8.39
CA ILE B 487 -4.71 49.79 9.09
C ILE B 487 -5.55 50.13 10.32
N CYS B 488 -4.96 50.86 11.28
CA CYS B 488 -5.67 51.22 12.53
C CYS B 488 -5.78 52.73 12.80
N ILE B 489 -7.00 53.24 12.77
CA ILE B 489 -7.18 54.60 13.26
C ILE B 489 -6.98 54.66 14.77
N GLU B 490 -5.89 55.31 15.16
CA GLU B 490 -5.36 55.32 16.55
C GLU B 490 -5.92 56.41 17.41
N PRO B 491 -6.08 56.12 18.72
CA PRO B 491 -6.45 57.15 19.72
C PRO B 491 -5.23 58.04 20.04
N GLU B 492 -4.71 58.69 19.00
CA GLU B 492 -3.54 59.58 19.11
C GLU B 492 -3.93 61.06 18.99
N PHE B 493 -2.99 61.91 19.39
CA PHE B 493 -3.27 63.32 19.46
C PHE B 493 -3.45 63.91 18.09
N ASN B 494 -4.49 64.70 17.89
CA ASN B 494 -4.58 65.44 16.67
C ASN B 494 -5.22 66.80 16.92
N SER B 495 -4.46 67.86 16.68
CA SER B 495 -4.94 69.23 16.89
C SER B 495 -6.13 69.54 15.99
N ARG B 496 -6.24 68.82 14.88
CA ARG B 496 -7.27 69.16 13.90
C ARG B 496 -8.68 68.97 14.39
N PHE B 497 -8.89 68.14 15.41
CA PHE B 497 -10.25 67.98 15.93
C PHE B 497 -10.52 68.93 17.06
N LEU B 498 -9.52 69.74 17.42
CA LEU B 498 -9.76 70.72 18.43
C LEU B 498 -10.98 71.55 18.08
N PRO B 499 -10.97 72.24 16.91
CA PRO B 499 -12.09 73.12 16.56
C PRO B 499 -13.47 72.53 16.72
N TYR B 500 -13.62 71.20 16.65
CA TYR B 500 -14.89 70.51 16.96
C TYR B 500 -15.09 70.49 18.46
N VAL B 501 -14.19 69.81 19.17
CA VAL B 501 -14.34 69.60 20.60
C VAL B 501 -14.51 70.91 21.37
N ASP B 502 -13.82 71.95 20.90
CA ASP B 502 -13.83 73.26 21.55
C ASP B 502 -15.14 74.04 21.38
N ARG B 503 -16.09 73.45 20.68
CA ARG B 503 -17.44 74.00 20.53
C ARG B 503 -18.50 73.05 21.07
N GLY B 504 -18.05 71.99 21.76
CA GLY B 504 -18.92 71.03 22.39
C GLY B 504 -19.34 69.89 21.48
N MET B 505 -18.37 69.33 20.76
CA MET B 505 -18.67 68.18 19.94
C MET B 505 -17.97 66.98 20.52
N ILE B 506 -18.65 65.85 20.54
CA ILE B 506 -17.97 64.62 20.87
C ILE B 506 -17.23 64.18 19.62
N TYR B 507 -15.93 63.92 19.72
CA TYR B 507 -15.20 63.39 18.57
C TYR B 507 -14.96 61.92 18.78
N ALA B 508 -15.50 61.13 17.86
CA ALA B 508 -15.56 59.67 18.02
C ALA B 508 -14.87 58.98 16.85
N ILE B 509 -14.07 57.97 17.15
CA ILE B 509 -13.49 57.13 16.14
C ILE B 509 -14.14 55.76 16.28
N ALA B 510 -14.64 55.25 15.16
CA ALA B 510 -15.13 53.84 15.05
C ALA B 510 -14.02 52.85 14.59
N HIS B 511 -13.80 51.78 15.36
CA HIS B 511 -12.77 50.82 15.04
C HIS B 511 -13.37 49.62 14.34
N VAL B 512 -13.95 49.87 13.17
CA VAL B 512 -14.69 48.86 12.40
C VAL B 512 -13.79 47.77 11.83
N ARG B 513 -14.36 46.59 11.65
CA ARG B 513 -13.63 45.51 11.09
C ARG B 513 -13.17 45.89 9.67
N GLY B 514 -12.07 45.32 9.20
CA GLY B 514 -11.45 45.83 7.99
C GLY B 514 -10.17 46.56 8.36
N GLY B 515 -10.22 47.28 9.48
CA GLY B 515 -9.02 47.79 10.10
C GLY B 515 -8.35 46.71 10.92
N GLY B 516 -7.22 47.05 11.54
CA GLY B 516 -6.41 46.06 12.24
C GLY B 516 -6.47 46.12 13.74
N GLU B 517 -7.42 46.90 14.27
CA GLU B 517 -7.45 47.26 15.73
C GLU B 517 -7.37 46.14 16.78
N MET B 518 -8.19 45.11 16.64
CA MET B 518 -8.29 44.02 17.61
C MET B 518 -7.46 42.80 17.19
N GLY B 519 -6.45 43.02 16.34
CA GLY B 519 -5.71 41.89 15.80
C GLY B 519 -5.90 41.68 14.30
N ARG B 520 -5.20 40.68 13.76
CA ARG B 520 -5.17 40.53 12.32
C ARG B 520 -6.54 40.05 11.79
N THR B 521 -7.22 39.25 12.59
CA THR B 521 -8.46 38.69 12.15
C THR B 521 -9.59 39.69 12.22
N TRP B 522 -9.39 40.84 12.83
CA TRP B 522 -10.34 41.93 12.72
C TRP B 522 -10.40 42.37 11.27
N TYR B 523 -9.29 42.20 10.56
CA TYR B 523 -9.17 42.60 9.15
C TYR B 523 -9.42 41.38 8.26
N GLU B 524 -8.56 40.37 8.44
CA GLU B 524 -8.46 39.24 7.53
C GLU B 524 -9.72 38.38 7.48
N VAL B 525 -10.37 38.11 8.61
CA VAL B 525 -11.59 37.32 8.53
C VAL B 525 -12.77 38.23 8.70
N GLY B 526 -12.53 39.44 9.19
CA GLY B 526 -13.60 40.33 9.61
C GLY B 526 -14.08 41.37 8.62
N GLY B 527 -13.24 41.81 7.71
CA GLY B 527 -13.58 42.93 6.84
C GLY B 527 -12.79 42.96 5.54
N LYS B 528 -12.66 41.81 4.90
CA LYS B 528 -12.10 41.82 3.59
C LYS B 528 -12.79 40.78 2.73
N TYR B 529 -12.42 40.75 1.43
CA TYR B 529 -13.09 39.95 0.44
C TYR B 529 -14.59 39.93 0.72
N LEU B 530 -15.12 38.72 0.90
CA LEU B 530 -16.55 38.46 1.12
C LEU B 530 -17.11 38.64 2.59
N THR B 531 -16.39 39.37 3.42
CA THR B 531 -16.98 39.78 4.69
C THR B 531 -16.88 41.29 4.83
N LYS B 532 -16.63 41.97 3.69
CA LYS B 532 -16.25 43.39 3.68
C LYS B 532 -17.41 44.33 4.14
N ARG B 533 -18.63 43.79 4.09
CA ARG B 533 -19.82 44.54 4.45
C ARG B 533 -19.86 44.81 5.95
N ASN B 534 -19.14 44.01 6.71
CA ASN B 534 -19.00 44.27 8.14
C ASN B 534 -18.47 45.65 8.47
N THR B 535 -17.54 46.17 7.65
CA THR B 535 -16.91 47.47 7.80
C THR B 535 -17.96 48.54 7.88
N PHE B 536 -19.03 48.35 7.11
CA PHE B 536 -20.13 49.32 7.04
C PHE B 536 -21.16 49.04 8.08
N MET B 537 -21.44 47.75 8.28
CA MET B 537 -22.43 47.38 9.28
C MET B 537 -21.89 47.75 10.67
N ASP B 538 -20.58 47.59 10.86
CA ASP B 538 -19.98 47.89 12.14
C ASP B 538 -20.04 49.39 12.41
N PHE B 539 -19.90 50.18 11.35
CA PHE B 539 -19.87 51.63 11.47
C PHE B 539 -21.23 52.13 11.88
N ILE B 540 -22.25 51.53 11.29
CA ILE B 540 -23.63 51.89 11.51
C ILE B 540 -24.00 51.54 12.95
N ALA B 541 -23.61 50.34 13.40
CA ALA B 541 -23.80 49.92 14.79
C ALA B 541 -23.25 50.98 15.74
N CYS B 542 -22.13 51.59 15.33
CA CYS B 542 -21.45 52.58 16.17
C CYS B 542 -22.29 53.81 16.32
N ALA B 543 -22.84 54.29 15.21
CA ALA B 543 -23.84 55.34 15.25
C ALA B 543 -25.08 54.96 16.10
N GLU B 544 -25.66 53.76 15.88
CA GLU B 544 -26.85 53.33 16.62
C GLU B 544 -26.52 53.37 18.10
N HIS B 545 -25.32 52.93 18.46
CA HIS B 545 -24.92 53.01 19.84
C HIS B 545 -24.93 54.45 20.42
N LEU B 546 -24.22 55.37 19.78
CA LEU B 546 -24.25 56.74 20.26
C LEU B 546 -25.69 57.31 20.32
N ILE B 547 -26.62 56.76 19.55
CA ILE B 547 -27.96 57.32 19.55
C ILE B 547 -28.78 56.67 20.64
N SER B 548 -28.65 55.35 20.74
CA SER B 548 -29.46 54.59 21.67
C SER B 548 -28.95 54.83 23.07
N SER B 549 -27.64 55.01 23.21
CA SER B 549 -27.04 55.22 24.51
C SER B 549 -27.21 56.65 25.01
N GLY B 550 -27.65 57.53 24.10
CA GLY B 550 -28.04 58.89 24.45
C GLY B 550 -27.02 60.01 24.28
N LEU B 551 -25.91 59.74 23.61
CA LEU B 551 -24.89 60.79 23.43
C LEU B 551 -25.16 61.81 22.31
N THR B 552 -25.65 61.34 21.16
CA THR B 552 -26.09 62.18 20.02
C THR B 552 -27.49 61.84 19.49
N THR B 553 -27.93 62.57 18.48
CA THR B 553 -29.14 62.28 17.71
C THR B 553 -28.83 62.48 16.22
N PRO B 554 -29.53 61.78 15.30
CA PRO B 554 -29.15 61.93 13.88
C PRO B 554 -29.05 63.41 13.47
N ALA B 555 -30.02 64.22 13.90
CA ALA B 555 -30.05 65.67 13.67
C ALA B 555 -28.72 66.36 14.07
N GLN B 556 -28.04 65.77 15.05
CA GLN B 556 -26.79 66.27 15.60
C GLN B 556 -25.53 65.60 15.02
N LEU B 557 -25.69 64.48 14.30
CA LEU B 557 -24.53 63.67 13.90
C LEU B 557 -23.92 63.95 12.52
N SER B 558 -22.60 63.86 12.46
CA SER B 558 -21.85 64.04 11.24
C SER B 558 -20.81 62.92 11.11
N CYS B 559 -20.41 62.56 9.89
CA CYS B 559 -19.32 61.60 9.74
C CYS B 559 -18.25 62.11 8.79
N GLU B 560 -17.06 61.53 8.88
CA GLU B 560 -15.84 61.91 8.14
C GLU B 560 -15.18 60.59 7.72
N GLY B 561 -14.61 60.56 6.51
CA GLY B 561 -13.76 59.45 6.02
C GLY B 561 -12.93 59.85 4.81
N ARG B 562 -11.75 59.24 4.65
CA ARG B 562 -10.77 59.61 3.60
C ARG B 562 -10.27 58.35 2.91
N SER B 563 -10.01 58.41 1.61
CA SER B 563 -9.54 57.25 0.85
C SER B 563 -10.50 56.06 1.10
N ALA B 564 -10.04 54.97 1.67
CA ALA B 564 -10.96 53.86 1.84
C ALA B 564 -12.08 54.18 2.85
N GLY B 565 -11.81 55.11 3.76
CA GLY B 565 -12.86 55.62 4.66
C GLY B 565 -13.93 56.38 3.89
N GLY B 566 -13.50 56.94 2.75
CA GLY B 566 -14.40 57.48 1.74
C GLY B 566 -15.41 56.45 1.24
N LEU B 567 -14.94 55.20 1.07
CA LEU B 567 -15.79 54.09 0.63
C LEU B 567 -16.77 53.82 1.78
N LEU B 568 -16.24 53.68 2.98
CA LEU B 568 -17.07 53.57 4.13
C LEU B 568 -18.17 54.65 4.09
N VAL B 569 -17.82 55.91 3.90
CA VAL B 569 -18.82 56.98 3.91
C VAL B 569 -19.81 56.78 2.79
N GLY B 570 -19.34 56.57 1.57
CA GLY B 570 -20.27 56.27 0.47
C GLY B 570 -21.19 55.11 0.81
N ALA B 571 -20.63 53.92 1.05
CA ALA B 571 -21.42 52.77 1.40
C ALA B 571 -22.42 53.19 2.39
N VAL B 572 -22.00 53.81 3.48
CA VAL B 572 -22.92 54.11 4.59
C VAL B 572 -24.04 55.10 4.24
N LEU B 573 -23.65 56.15 3.51
CA LEU B 573 -24.62 57.13 3.08
C LEU B 573 -25.65 56.49 2.20
N ASN B 574 -25.29 55.48 1.41
CA ASN B 574 -26.28 54.70 0.67
C ASN B 574 -27.21 53.88 1.59
N MET B 575 -26.67 53.18 2.59
CA MET B 575 -27.47 52.30 3.44
C MET B 575 -28.25 53.02 4.51
N ARG B 576 -27.64 53.94 5.23
CA ARG B 576 -28.35 54.60 6.33
C ARG B 576 -28.26 56.14 6.38
N PRO B 577 -28.61 56.84 5.26
CA PRO B 577 -28.40 58.30 5.24
C PRO B 577 -29.14 59.00 6.36
N ASP B 578 -30.20 58.37 6.86
CA ASP B 578 -31.01 58.95 7.94
C ASP B 578 -30.21 59.30 9.17
N LEU B 579 -29.15 58.55 9.48
CA LEU B 579 -28.36 58.73 10.72
C LEU B 579 -27.44 59.95 10.76
N PHE B 580 -27.38 60.72 9.69
CA PHE B 580 -26.34 61.72 9.63
C PHE B 580 -26.86 63.03 9.04
N HIS B 581 -26.66 64.12 9.76
CA HIS B 581 -27.12 65.41 9.25
C HIS B 581 -26.12 66.01 8.27
N VAL B 582 -24.84 65.73 8.51
CA VAL B 582 -23.76 66.15 7.58
C VAL B 582 -22.60 65.15 7.48
N ALA B 583 -21.92 65.14 6.33
CA ALA B 583 -20.87 64.15 6.01
C ALA B 583 -19.64 64.76 5.28
N LEU B 584 -18.47 64.19 5.50
CA LEU B 584 -17.26 64.50 4.68
C LEU B 584 -16.64 63.25 4.04
N ALA B 585 -16.12 63.44 2.81
CA ALA B 585 -15.51 62.37 2.01
C ALA B 585 -14.29 62.88 1.25
N GLY B 586 -13.13 62.81 1.87
CA GLY B 586 -11.93 63.20 1.14
C GLY B 586 -11.47 62.04 0.27
N VAL B 587 -11.03 62.37 -0.96
CA VAL B 587 -10.34 61.45 -1.86
C VAL B 587 -10.98 60.07 -1.79
N PRO B 588 -12.30 60.05 -2.02
CA PRO B 588 -13.07 58.84 -1.70
C PRO B 588 -13.12 57.79 -2.80
N PHE B 589 -12.74 56.57 -2.46
CA PHE B 589 -12.83 55.41 -3.31
C PHE B 589 -14.30 54.97 -3.42
N VAL B 590 -14.96 55.26 -4.55
CA VAL B 590 -16.43 55.06 -4.62
C VAL B 590 -16.97 54.43 -5.90
N ASP B 591 -16.15 54.40 -6.94
CA ASP B 591 -16.54 53.76 -8.18
C ASP B 591 -15.93 52.35 -8.15
N VAL B 592 -16.37 51.53 -7.19
CA VAL B 592 -15.70 50.25 -6.87
C VAL B 592 -15.63 49.34 -8.06
N MET B 593 -16.76 48.94 -8.61
CA MET B 593 -16.82 47.99 -9.73
C MET B 593 -16.07 48.42 -10.98
N THR B 594 -16.39 49.61 -11.45
CA THR B 594 -15.82 50.11 -12.70
C THR B 594 -14.32 50.21 -12.68
N THR B 595 -13.80 50.51 -11.48
CA THR B 595 -12.37 50.68 -11.26
C THR B 595 -11.74 49.30 -11.02
N MET B 596 -12.40 48.52 -10.17
CA MET B 596 -11.86 47.23 -9.78
C MET B 596 -11.87 46.17 -10.88
N CYS B 597 -12.56 46.44 -11.98
CA CYS B 597 -12.42 45.55 -13.12
C CYS B 597 -11.26 45.88 -14.05
N ASP B 598 -10.78 47.11 -14.04
CA ASP B 598 -9.86 47.59 -15.06
C ASP B 598 -8.41 47.66 -14.60
N PRO B 599 -7.58 46.67 -14.97
CA PRO B 599 -6.16 46.70 -14.53
C PRO B 599 -5.37 47.90 -15.00
N SER B 600 -5.87 48.64 -15.99
CA SER B 600 -5.20 49.87 -16.43
C SER B 600 -5.13 50.94 -15.34
N ILE B 601 -5.86 50.79 -14.24
CA ILE B 601 -5.95 51.84 -13.20
C ILE B 601 -5.03 51.62 -11.99
N PRO B 602 -4.33 52.68 -11.57
CA PRO B 602 -3.19 52.48 -10.69
C PRO B 602 -3.17 51.48 -9.48
N LEU B 603 -4.23 51.30 -8.71
CA LEU B 603 -4.07 50.27 -7.63
C LEU B 603 -4.94 49.03 -7.77
N THR B 604 -5.50 48.82 -8.96
CA THR B 604 -6.56 47.83 -9.17
C THR B 604 -6.01 46.43 -8.90
N THR B 605 -5.09 45.95 -9.74
CA THR B 605 -4.55 44.59 -9.58
C THR B 605 -4.07 44.28 -8.13
N GLY B 606 -3.56 45.30 -7.46
CA GLY B 606 -3.21 45.15 -6.06
C GLY B 606 -4.38 44.69 -5.22
N GLU B 607 -5.47 45.46 -5.24
CA GLU B 607 -6.57 45.26 -4.35
C GLU B 607 -7.51 44.11 -4.76
N TRP B 608 -7.05 43.27 -5.69
CA TRP B 608 -7.80 42.05 -6.03
C TRP B 608 -7.65 41.08 -4.89
N GLU B 609 -6.70 41.37 -4.03
CA GLU B 609 -6.52 40.57 -2.84
C GLU B 609 -6.94 41.34 -1.64
N GLU B 610 -7.64 42.46 -1.87
CA GLU B 610 -8.30 43.22 -0.81
C GLU B 610 -9.84 43.13 -0.84
N TRP B 611 -10.45 43.65 -1.90
CA TRP B 611 -11.90 43.49 -2.11
C TRP B 611 -12.22 42.25 -2.91
N GLY B 612 -11.34 41.85 -3.83
CA GLY B 612 -11.65 40.77 -4.74
C GLY B 612 -11.72 41.35 -6.14
N ASN B 613 -11.94 40.48 -7.11
CA ASN B 613 -11.82 40.80 -8.54
C ASN B 613 -13.19 40.67 -9.17
N PRO B 614 -13.74 41.77 -9.67
CA PRO B 614 -15.11 41.59 -10.09
C PRO B 614 -15.24 41.03 -11.48
N ASN B 615 -14.14 40.57 -12.07
CA ASN B 615 -14.25 39.90 -13.33
C ASN B 615 -14.49 38.46 -13.03
N GLU B 616 -14.81 38.13 -11.79
CA GLU B 616 -14.96 36.72 -11.36
C GLU B 616 -16.33 36.40 -10.70
N TYR B 617 -16.90 35.26 -11.07
CA TYR B 617 -18.13 34.81 -10.42
C TYR B 617 -18.09 35.08 -8.93
N LYS B 618 -17.02 34.67 -8.26
CA LYS B 618 -16.87 34.83 -6.81
C LYS B 618 -17.27 36.18 -6.17
N PHE B 619 -16.99 37.27 -6.87
CA PHE B 619 -16.94 38.57 -6.23
C PHE B 619 -17.95 39.55 -6.75
N PHE B 620 -18.36 39.35 -8.01
CA PHE B 620 -19.16 40.34 -8.74
C PHE B 620 -20.38 40.83 -7.91
N ASP B 621 -21.43 40.02 -7.83
CA ASP B 621 -22.59 40.28 -6.96
C ASP B 621 -22.21 40.86 -5.61
N TYR B 622 -21.32 40.21 -4.85
CA TYR B 622 -20.92 40.74 -3.55
C TYR B 622 -20.43 42.14 -3.58
N MET B 623 -19.40 42.41 -4.38
CA MET B 623 -18.81 43.72 -4.41
C MET B 623 -19.86 44.74 -4.82
N ASN B 624 -20.65 44.40 -5.82
CA ASN B 624 -21.76 45.22 -6.28
C ASN B 624 -22.89 45.51 -5.22
N SER B 625 -23.04 44.69 -4.19
CA SER B 625 -24.03 45.00 -3.15
C SER B 625 -23.63 46.16 -2.26
N TYR B 626 -22.39 46.66 -2.36
CA TYR B 626 -21.95 47.80 -1.55
C TYR B 626 -21.24 48.98 -2.32
N SER B 627 -20.64 48.68 -3.48
CA SER B 627 -20.00 49.71 -4.32
C SER B 627 -20.88 50.93 -4.30
N PRO B 628 -20.37 52.09 -3.79
CA PRO B 628 -21.15 53.30 -3.52
C PRO B 628 -21.85 53.88 -4.71
N ILE B 629 -21.11 54.36 -5.71
CA ILE B 629 -21.73 54.84 -6.96
C ILE B 629 -22.89 53.96 -7.45
N ASP B 630 -22.69 52.64 -7.51
CA ASP B 630 -23.71 51.79 -8.12
C ASP B 630 -24.93 51.65 -7.22
N ASN B 631 -24.84 52.17 -6.02
CA ASN B 631 -25.95 51.97 -5.13
C ASN B 631 -26.71 53.16 -4.73
N VAL B 632 -26.38 54.29 -5.36
CA VAL B 632 -27.07 55.55 -5.18
C VAL B 632 -28.50 55.33 -5.63
N ARG B 633 -29.43 56.02 -5.01
CA ARG B 633 -30.82 55.92 -5.47
C ARG B 633 -31.59 57.20 -5.21
N ALA B 634 -32.91 57.10 -5.33
CA ALA B 634 -33.80 58.17 -4.93
C ALA B 634 -34.13 58.08 -3.41
N GLN B 635 -33.23 58.65 -2.60
CA GLN B 635 -33.51 58.84 -1.16
C GLN B 635 -33.03 60.21 -0.65
N ASP B 636 -33.21 60.43 0.64
CA ASP B 636 -32.81 61.67 1.26
C ASP B 636 -31.38 61.57 1.77
N TYR B 637 -30.47 62.26 1.08
CA TYR B 637 -29.09 62.31 1.54
C TYR B 637 -28.88 63.54 2.43
N PRO B 638 -27.87 63.51 3.31
CA PRO B 638 -27.52 64.73 4.02
C PRO B 638 -26.68 65.69 3.15
N HIS B 639 -26.25 66.81 3.75
CA HIS B 639 -25.28 67.66 3.11
C HIS B 639 -23.99 66.85 3.08
N LEU B 640 -23.24 66.99 1.98
CA LEU B 640 -22.03 66.23 1.74
C LEU B 640 -21.03 67.08 0.99
N MET B 641 -19.80 67.07 1.50
CA MET B 641 -18.68 67.70 0.80
C MET B 641 -17.59 66.71 0.43
N ILE B 642 -17.27 66.69 -0.85
CA ILE B 642 -16.24 65.81 -1.33
C ILE B 642 -15.04 66.66 -1.68
N GLN B 643 -13.87 66.25 -1.19
CA GLN B 643 -12.55 66.76 -1.65
C GLN B 643 -11.94 65.75 -2.63
N ALA B 644 -11.34 66.23 -3.73
CA ALA B 644 -10.60 65.35 -4.65
C ALA B 644 -9.34 66.04 -5.06
N GLY B 645 -8.45 65.28 -5.68
CA GLY B 645 -7.24 65.81 -6.25
C GLY B 645 -7.17 65.35 -7.69
N LEU B 646 -6.87 66.29 -8.60
CA LEU B 646 -6.79 66.03 -10.03
C LEU B 646 -5.68 65.04 -10.37
N HIS B 647 -4.58 65.09 -9.65
CA HIS B 647 -3.49 64.25 -10.03
C HIS B 647 -3.33 63.03 -9.17
N ASP B 648 -4.17 62.94 -8.15
CA ASP B 648 -4.25 61.76 -7.26
C ASP B 648 -4.07 60.48 -8.05
N PRO B 649 -3.03 59.68 -7.74
CA PRO B 649 -2.82 58.41 -8.41
C PRO B 649 -3.30 57.22 -7.61
N ARG B 650 -4.12 57.42 -6.57
CA ARG B 650 -4.54 56.33 -5.74
C ARG B 650 -6.05 56.17 -5.76
N VAL B 651 -6.72 57.30 -5.58
CA VAL B 651 -8.11 57.38 -5.92
C VAL B 651 -8.26 58.36 -7.06
N ALA B 652 -8.60 57.83 -8.22
CA ALA B 652 -8.73 58.60 -9.46
C ALA B 652 -9.67 59.81 -9.29
N TYR B 653 -9.33 60.94 -9.92
CA TYR B 653 -10.09 62.21 -9.67
C TYR B 653 -11.56 62.06 -10.07
N TRP B 654 -11.85 61.10 -10.94
CA TRP B 654 -13.19 60.96 -11.49
C TRP B 654 -14.14 60.11 -10.62
N GLU B 655 -13.60 59.27 -9.73
CA GLU B 655 -14.48 58.55 -8.80
C GLU B 655 -15.28 59.61 -8.11
N PRO B 656 -14.63 60.53 -7.39
CA PRO B 656 -15.48 61.56 -6.76
C PRO B 656 -16.43 62.36 -7.69
N ALA B 657 -15.98 62.72 -8.89
CA ALA B 657 -16.82 63.47 -9.84
C ALA B 657 -18.06 62.66 -10.32
N LYS B 658 -17.85 61.41 -10.76
CA LYS B 658 -18.96 60.55 -11.16
C LYS B 658 -19.99 60.48 -10.05
N TRP B 659 -19.53 60.16 -8.85
CA TRP B 659 -20.37 60.12 -7.67
C TRP B 659 -21.21 61.40 -7.49
N ALA B 660 -20.55 62.55 -7.43
CA ALA B 660 -21.20 63.75 -6.95
C ALA B 660 -22.37 64.00 -7.85
N SER B 661 -22.11 63.92 -9.15
CA SER B 661 -23.13 64.11 -10.15
C SER B 661 -24.30 63.15 -9.97
N LYS B 662 -24.00 61.89 -9.77
CA LYS B 662 -25.04 60.89 -9.66
C LYS B 662 -25.93 61.14 -8.48
N LEU B 663 -25.35 61.52 -7.35
CA LEU B 663 -26.20 61.83 -6.18
C LEU B 663 -27.14 62.97 -6.47
N ARG B 664 -26.64 64.02 -7.13
CA ARG B 664 -27.47 65.20 -7.42
C ARG B 664 -28.61 64.83 -8.33
N GLU B 665 -28.36 63.86 -9.18
CA GLU B 665 -29.29 63.47 -10.20
C GLU B 665 -30.39 62.54 -9.64
N LEU B 666 -30.06 61.73 -8.66
CA LEU B 666 -31.08 60.83 -8.15
C LEU B 666 -31.71 61.25 -6.80
N LYS B 667 -30.96 61.97 -5.97
CA LYS B 667 -31.43 62.31 -4.63
C LYS B 667 -32.76 63.04 -4.66
N THR B 668 -33.47 62.93 -3.56
CA THR B 668 -34.77 63.49 -3.46
C THR B 668 -34.76 64.60 -2.43
N ASP B 669 -33.63 64.86 -1.79
CA ASP B 669 -33.59 65.88 -0.74
C ASP B 669 -33.12 67.24 -1.27
N SER B 670 -33.26 68.29 -0.48
CA SER B 670 -32.71 69.60 -0.90
C SER B 670 -31.55 70.10 0.00
N ASN B 671 -30.55 69.24 0.18
CA ASN B 671 -29.32 69.63 0.85
C ASN B 671 -28.23 69.77 -0.21
N GLU B 672 -27.10 70.38 0.16
CA GLU B 672 -26.07 70.58 -0.84
C GLU B 672 -25.14 69.37 -0.97
N VAL B 673 -24.68 69.13 -2.19
CA VAL B 673 -23.57 68.21 -2.37
C VAL B 673 -22.44 68.99 -3.06
N LEU B 674 -21.35 69.23 -2.32
CA LEU B 674 -20.24 70.05 -2.85
C LEU B 674 -18.96 69.30 -3.21
N LEU B 675 -18.40 69.64 -4.36
CA LEU B 675 -17.15 69.03 -4.80
C LEU B 675 -16.00 70.03 -4.70
N LYS B 676 -15.09 69.76 -3.77
CA LYS B 676 -13.88 70.56 -3.64
C LYS B 676 -12.70 69.90 -4.37
N MET B 677 -12.44 70.31 -5.61
CA MET B 677 -11.46 69.62 -6.47
C MET B 677 -10.18 70.43 -6.64
N ASP B 678 -9.08 70.06 -5.97
CA ASP B 678 -7.83 70.74 -6.31
C ASP B 678 -7.20 70.25 -7.62
N LEU B 679 -6.84 71.19 -8.50
CA LEU B 679 -6.27 70.85 -9.79
C LEU B 679 -4.75 70.77 -9.73
N GLU B 680 -4.18 71.19 -8.61
CA GLU B 680 -2.73 71.33 -8.48
C GLU B 680 -2.06 70.13 -7.83
N SER B 681 -2.84 69.43 -6.99
CA SER B 681 -2.33 68.40 -6.10
C SER B 681 -2.80 66.96 -6.41
N GLY B 682 -2.66 66.06 -5.43
CA GLY B 682 -2.97 64.66 -5.60
C GLY B 682 -3.83 64.05 -4.51
N HIS B 683 -3.34 62.93 -3.98
CA HIS B 683 -4.07 62.17 -2.99
C HIS B 683 -3.92 62.73 -1.61
N PHE B 684 -2.68 63.03 -1.23
CA PHE B 684 -2.40 63.22 0.17
C PHE B 684 -2.44 64.62 0.45
N SER B 685 -2.50 65.33 -0.64
CA SER B 685 -2.12 66.69 -0.59
C SER B 685 -3.30 67.40 0.02
N ALA B 686 -4.29 67.75 -0.79
CA ALA B 686 -4.87 69.08 -0.65
C ALA B 686 -3.62 69.94 -1.00
N SER B 687 -2.61 69.93 -0.12
CA SER B 687 -1.23 70.27 -0.47
C SER B 687 -0.20 70.05 0.66
N ASP B 688 0.99 70.58 0.41
CA ASP B 688 2.21 70.36 1.17
C ASP B 688 2.60 71.72 1.78
N ARG B 689 1.72 72.25 2.64
CA ARG B 689 1.52 73.68 2.77
C ARG B 689 1.07 74.18 4.13
N TYR B 690 0.82 75.50 4.18
CA TYR B 690 -0.07 76.16 5.15
C TYR B 690 -1.47 75.99 4.63
N LYS B 691 -1.65 76.29 3.35
CA LYS B 691 -2.92 76.18 2.61
C LYS B 691 -3.48 74.78 2.73
N TYR B 692 -2.67 73.85 3.24
CA TYR B 692 -3.19 72.58 3.67
C TYR B 692 -4.22 72.79 4.78
N LEU B 693 -3.85 73.54 5.82
CA LEU B 693 -4.77 73.83 6.94
C LEU B 693 -6.01 74.61 6.52
N ARG B 694 -5.90 75.26 5.37
CA ARG B 694 -6.90 76.15 4.81
C ARG B 694 -8.04 75.33 4.22
N GLU B 695 -7.68 74.24 3.52
CA GLU B 695 -8.59 73.22 3.01
C GLU B 695 -9.38 72.67 4.18
N ASN B 696 -8.64 72.14 5.14
CA ASN B 696 -9.19 71.64 6.37
C ASN B 696 -10.18 72.60 6.99
N ALA B 697 -9.78 73.87 7.06
CA ALA B 697 -10.60 74.92 7.63
C ALA B 697 -12.00 74.84 7.06
N ILE B 698 -12.07 74.99 5.74
CA ILE B 698 -13.31 75.07 5.02
C ILE B 698 -14.19 73.84 5.34
N GLN B 699 -13.60 72.66 5.33
CA GLN B 699 -14.34 71.43 5.63
C GLN B 699 -15.04 71.43 6.97
N GLN B 700 -14.36 71.95 7.97
CA GLN B 700 -14.95 71.94 9.32
C GLN B 700 -15.99 73.03 9.49
N ALA B 701 -15.80 74.15 8.79
CA ALA B 701 -16.81 75.19 8.79
C ALA B 701 -18.10 74.56 8.34
N PHE B 702 -18.05 73.84 7.22
CA PHE B 702 -19.16 73.08 6.65
C PHE B 702 -19.90 72.27 7.70
N VAL B 703 -19.19 71.37 8.38
CA VAL B 703 -19.80 70.54 9.40
C VAL B 703 -20.37 71.43 10.48
N LEU B 704 -19.51 72.23 11.08
CA LEU B 704 -19.95 73.12 12.15
C LEU B 704 -21.20 73.88 11.75
N LYS B 705 -21.21 74.41 10.52
CA LYS B 705 -22.32 75.21 10.03
C LYS B 705 -23.59 74.36 9.91
N HIS B 706 -23.50 73.24 9.21
CA HIS B 706 -24.69 72.43 9.03
C HIS B 706 -25.22 71.84 10.32
N LEU B 707 -24.34 71.68 11.30
CA LEU B 707 -24.72 71.24 12.64
C LEU B 707 -25.21 72.39 13.50
N ASN B 708 -25.08 73.62 13.00
CA ASN B 708 -25.51 74.84 13.68
C ASN B 708 -24.85 74.97 15.06
N VAL B 709 -23.52 74.86 15.03
CA VAL B 709 -22.65 75.06 16.20
C VAL B 709 -21.38 75.91 15.86
N ARG B 710 -21.34 77.15 16.34
CA ARG B 710 -20.26 78.10 15.96
C ARG B 710 -19.50 78.68 17.15
N GLN B 711 -20.16 78.68 18.31
CA GLN B 711 -19.66 79.29 19.55
C GLN B 711 -18.86 78.31 20.42
N LEU B 712 -17.74 78.79 20.95
CA LEU B 712 -16.85 78.00 21.82
C LEU B 712 -17.38 77.77 23.25
N LEU B 713 -16.48 77.41 24.16
CA LEU B 713 -16.85 77.12 25.52
C LEU B 713 -16.04 77.92 26.52
N ARG B 714 -15.01 78.65 26.06
CA ARG B 714 -14.24 79.52 26.96
C ARG B 714 -14.03 80.94 26.42
N ARG C 5 -10.06 -48.07 11.80
CA ARG C 5 -9.92 -47.51 13.18
C ARG C 5 -9.52 -46.02 13.15
N GLY C 6 -8.25 -45.75 13.47
CA GLY C 6 -7.68 -44.42 13.69
C GLY C 6 -6.60 -44.54 14.78
N PRO C 7 -5.37 -44.02 14.53
CA PRO C 7 -4.15 -44.13 15.39
C PRO C 7 -4.23 -43.69 16.89
N ILE C 8 -4.21 -44.69 17.77
CA ILE C 8 -4.23 -44.46 19.21
C ILE C 8 -2.94 -45.01 19.82
N ALA C 9 -2.37 -44.26 20.78
CA ALA C 9 -1.09 -44.61 21.44
C ALA C 9 -1.21 -45.60 22.62
N ALA C 10 -0.07 -46.16 23.01
CA ALA C 10 0.00 -47.12 24.10
C ALA C 10 0.37 -46.44 25.40
N HIS C 11 -0.07 -47.06 26.49
CA HIS C 11 0.09 -46.51 27.81
C HIS C 11 1.35 -47.04 28.46
N ARG C 12 2.22 -46.13 28.89
CA ARG C 12 3.31 -46.46 29.80
C ARG C 12 3.16 -45.56 31.03
N PRO C 13 2.84 -46.14 32.20
CA PRO C 13 2.67 -45.27 33.38
C PRO C 13 3.91 -44.42 33.68
N HIS C 14 3.72 -43.10 33.62
CA HIS C 14 4.69 -42.12 34.06
C HIS C 14 3.98 -41.11 34.89
N GLU C 15 4.54 -40.73 36.03
CA GLU C 15 3.89 -39.75 36.89
C GLU C 15 4.52 -38.35 36.85
N VAL C 16 3.70 -37.34 36.57
CA VAL C 16 4.15 -35.96 36.64
C VAL C 16 3.92 -35.34 38.02
N VAL C 17 4.95 -34.69 38.56
CA VAL C 17 4.87 -34.01 39.83
C VAL C 17 4.53 -32.51 39.68
N PHE C 18 3.57 -32.08 40.51
CA PHE C 18 3.19 -30.69 40.71
C PHE C 18 3.53 -30.29 42.14
N GLY C 19 4.41 -29.30 42.30
CA GLY C 19 4.84 -28.83 43.62
C GLY C 19 6.37 -28.81 43.78
N LYS C 20 6.82 -28.77 45.04
CA LYS C 20 8.24 -28.73 45.39
C LYS C 20 9.02 -29.96 44.91
N VAL C 21 10.05 -29.74 44.10
CA VAL C 21 10.97 -30.80 43.62
C VAL C 21 12.42 -30.37 43.74
N GLU C 22 13.20 -31.15 44.49
CA GLU C 22 14.63 -30.89 44.69
C GLU C 22 15.40 -30.85 43.40
N GLY C 23 16.18 -29.79 43.23
CA GLY C 23 16.99 -29.66 42.05
C GLY C 23 16.27 -28.68 41.18
N GLU C 24 15.00 -28.97 40.86
CA GLU C 24 14.22 -28.09 39.98
C GLU C 24 13.70 -26.81 40.69
N ASP C 25 13.52 -25.74 39.92
CA ASP C 25 12.98 -24.46 40.40
C ASP C 25 11.56 -24.45 39.93
N ARG C 26 10.64 -24.65 40.84
CA ARG C 26 9.28 -24.82 40.48
C ARG C 26 8.54 -23.56 40.83
N GLY C 27 9.31 -22.49 40.95
CA GLY C 27 8.79 -21.19 41.31
C GLY C 27 9.05 -20.88 42.77
N ALA C 28 8.74 -19.63 43.13
CA ALA C 28 8.96 -19.09 44.46
C ALA C 28 8.05 -19.65 45.53
N ASN C 29 7.02 -20.40 45.16
CA ASN C 29 6.12 -20.89 46.19
C ASN C 29 5.49 -22.26 45.90
N PRO C 30 6.31 -23.33 45.79
CA PRO C 30 5.70 -24.61 45.42
C PRO C 30 5.06 -25.42 46.57
N MET C 31 4.09 -26.27 46.22
CA MET C 31 3.26 -26.99 47.20
C MET C 31 4.02 -28.11 47.89
N ASP C 32 4.13 -28.04 49.20
CA ASP C 32 4.78 -29.10 49.94
C ASP C 32 3.90 -29.60 51.08
N PRO C 33 3.65 -30.94 51.12
CA PRO C 33 4.15 -31.92 50.13
C PRO C 33 3.61 -31.69 48.71
N PRO C 34 4.33 -32.18 47.68
CA PRO C 34 3.84 -32.06 46.29
C PRO C 34 2.64 -32.98 45.99
N ARG C 35 1.95 -32.74 44.88
CA ARG C 35 0.86 -33.61 44.42
C ARG C 35 1.33 -34.33 43.17
N ARG C 36 0.87 -35.56 42.96
CA ARG C 36 1.38 -36.34 41.84
C ARG C 36 0.20 -36.89 41.10
N ARG C 37 0.38 -37.12 39.80
CA ARG C 37 -0.66 -37.79 39.04
C ARG C 37 0.00 -38.41 37.83
N VAL C 38 -0.72 -39.29 37.12
CA VAL C 38 -0.13 -40.13 36.06
C VAL C 38 -0.49 -39.67 34.62
N ASP C 39 0.50 -39.65 33.73
CA ASP C 39 0.32 -39.28 32.33
C ASP C 39 0.82 -40.40 31.44
N PRO C 40 -0.10 -41.28 31.01
CA PRO C 40 0.26 -42.52 30.30
C PRO C 40 0.77 -42.27 28.89
N LEU C 41 0.94 -41.01 28.53
CA LEU C 41 1.36 -40.66 27.19
C LEU C 41 2.56 -39.67 27.17
N PHE C 42 3.26 -39.60 28.30
CA PHE C 42 4.35 -38.66 28.53
C PHE C 42 5.50 -39.06 27.69
N TRP C 43 5.60 -40.37 27.48
CA TRP C 43 6.65 -40.95 26.64
C TRP C 43 6.57 -40.37 25.23
N LEU C 44 5.51 -39.62 24.94
CA LEU C 44 5.41 -38.96 23.62
C LEU C 44 6.40 -37.81 23.40
N ARG C 45 6.91 -37.26 24.50
CA ARG C 45 8.00 -36.29 24.44
C ARG C 45 9.37 -36.96 24.36
N ASP C 46 10.13 -36.58 23.32
CA ASP C 46 11.57 -36.74 23.28
C ASP C 46 12.14 -35.38 22.91
N ASP C 47 13.03 -34.88 23.76
CA ASP C 47 13.69 -33.58 23.56
C ASP C 47 14.61 -33.58 22.35
N ASN C 48 15.35 -34.66 22.16
CA ASN C 48 16.27 -34.78 21.03
C ASN C 48 15.52 -34.85 19.71
N ARG C 49 14.25 -35.24 19.77
CA ARG C 49 13.39 -35.42 18.58
C ARG C 49 13.78 -36.62 17.70
N ALA C 50 14.28 -37.66 18.32
CA ALA C 50 14.94 -38.74 17.59
C ALA C 50 14.41 -40.16 17.88
N ASP C 51 13.35 -40.29 18.67
CA ASP C 51 13.01 -41.60 19.19
C ASP C 51 12.20 -42.42 18.20
N PRO C 52 12.73 -43.60 17.82
CA PRO C 52 12.05 -44.41 16.79
C PRO C 52 10.62 -44.77 17.15
N GLU C 53 10.35 -44.96 18.44
CA GLU C 53 8.99 -45.25 18.91
C GLU C 53 8.05 -44.08 18.70
N VAL C 54 8.56 -42.87 18.92
CA VAL C 54 7.80 -41.63 18.72
C VAL C 54 7.64 -41.35 17.22
N LEU C 55 8.77 -41.42 16.50
CA LEU C 55 8.82 -41.19 15.05
C LEU C 55 7.87 -42.13 14.32
N ALA C 56 7.82 -43.38 14.79
CA ALA C 56 6.89 -44.38 14.25
C ALA C 56 5.42 -44.05 14.57
N HIS C 57 5.15 -43.60 15.79
CA HIS C 57 3.82 -43.15 16.14
C HIS C 57 3.36 -42.02 15.23
N LEU C 58 4.27 -41.10 14.94
CA LEU C 58 3.96 -39.93 14.10
C LEU C 58 3.76 -40.26 12.60
N HIS C 59 4.29 -41.42 12.19
CA HIS C 59 4.19 -41.90 10.83
C HIS C 59 2.75 -42.37 10.60
N LEU C 60 2.23 -43.18 11.52
CA LEU C 60 0.87 -43.69 11.45
C LEU C 60 -0.09 -42.52 11.36
N GLU C 61 0.13 -41.55 12.24
CA GLU C 61 -0.57 -40.28 12.17
C GLU C 61 -0.42 -39.59 10.79
N LYS C 62 0.78 -39.63 10.22
CA LYS C 62 0.98 -39.14 8.86
C LYS C 62 0.18 -40.04 7.89
N ASP C 63 0.36 -41.36 8.00
CA ASP C 63 -0.37 -42.34 7.17
C ASP C 63 -1.88 -42.11 7.18
N TYR C 64 -2.46 -42.08 8.37
CA TYR C 64 -3.87 -41.81 8.56
C TYR C 64 -4.28 -40.50 7.89
N TYR C 65 -3.40 -39.50 7.93
CA TYR C 65 -3.76 -38.21 7.35
C TYR C 65 -3.87 -38.24 5.82
N GLU C 66 -2.83 -38.72 5.14
CA GLU C 66 -2.74 -38.67 3.67
C GLU C 66 -3.82 -39.45 2.90
N LYS C 67 -4.13 -40.63 3.40
CA LYS C 67 -5.18 -41.47 2.87
C LYS C 67 -6.56 -40.82 3.05
N ARG C 68 -6.86 -40.38 4.29
CA ARG C 68 -8.14 -39.73 4.64
C ARG C 68 -8.28 -38.37 3.97
N ALA C 69 -7.17 -37.86 3.43
CA ALA C 69 -7.14 -36.57 2.73
C ALA C 69 -7.28 -36.68 1.20
N VAL C 70 -7.11 -37.88 0.66
CA VAL C 70 -7.16 -38.13 -0.80
C VAL C 70 -8.26 -37.31 -1.47
N ASP C 71 -9.41 -37.28 -0.79
CA ASP C 71 -10.65 -36.76 -1.29
C ASP C 71 -10.83 -35.27 -0.99
N ILE C 72 -9.72 -34.59 -0.71
CA ILE C 72 -9.68 -33.12 -0.77
C ILE C 72 -8.45 -32.62 -1.61
N LYS C 73 -7.61 -33.54 -2.06
CA LYS C 73 -6.40 -33.20 -2.83
C LYS C 73 -6.67 -32.24 -3.99
N ASP C 74 -7.93 -32.21 -4.44
CA ASP C 74 -8.35 -31.47 -5.65
C ASP C 74 -8.99 -30.11 -5.34
N LEU C 75 -9.76 -30.02 -4.28
CA LEU C 75 -10.32 -28.74 -3.96
C LEU C 75 -9.21 -27.81 -3.47
N ALA C 76 -8.36 -28.34 -2.60
CA ALA C 76 -7.11 -27.68 -2.19
C ALA C 76 -6.39 -27.04 -3.38
N GLU C 77 -6.28 -27.78 -4.48
CA GLU C 77 -5.74 -27.21 -5.71
C GLU C 77 -6.52 -25.94 -6.11
N THR C 78 -7.84 -26.06 -6.31
CA THR C 78 -8.70 -24.92 -6.63
C THR C 78 -8.31 -23.73 -5.78
N ILE C 79 -8.36 -23.94 -4.45
CA ILE C 79 -8.13 -22.94 -3.41
C ILE C 79 -6.72 -22.39 -3.47
N TYR C 80 -5.76 -23.27 -3.66
CA TYR C 80 -4.39 -22.86 -3.87
C TYR C 80 -4.29 -21.82 -5.00
N GLN C 81 -4.96 -22.07 -6.13
CA GLN C 81 -4.89 -21.17 -7.27
C GLN C 81 -5.49 -19.83 -6.99
N GLU C 82 -6.56 -19.87 -6.19
CA GLU C 82 -7.28 -18.69 -5.76
C GLU C 82 -6.36 -17.84 -4.89
N HIS C 83 -5.53 -18.50 -4.07
CA HIS C 83 -4.57 -17.77 -3.25
C HIS C 83 -3.54 -17.14 -4.18
N ILE C 84 -2.85 -17.99 -4.95
CA ILE C 84 -1.82 -17.59 -5.91
C ILE C 84 -2.23 -16.41 -6.79
N SER C 85 -3.47 -16.47 -7.26
CA SER C 85 -4.03 -15.40 -8.06
C SER C 85 -4.12 -14.11 -7.25
N HIS C 86 -4.66 -14.21 -6.03
CA HIS C 86 -4.82 -13.06 -5.14
C HIS C 86 -3.51 -12.38 -4.72
N ILE C 87 -2.45 -13.15 -4.52
CA ILE C 87 -1.22 -12.65 -3.88
C ILE C 87 -0.37 -11.67 -4.71
N GLU C 88 -0.35 -11.83 -6.04
CA GLU C 88 0.62 -11.17 -6.93
C GLU C 88 2.03 -11.73 -6.72
N GLU C 89 2.30 -12.84 -7.40
CA GLU C 89 3.59 -13.55 -7.36
C GLU C 89 4.79 -12.69 -7.70
N THR C 90 4.58 -11.39 -7.94
CA THR C 90 5.67 -10.47 -8.25
C THR C 90 5.37 -9.05 -7.78
N ASP C 91 6.21 -8.56 -6.87
CA ASP C 91 5.93 -7.32 -6.14
C ASP C 91 7.18 -6.64 -5.58
N MET C 92 7.06 -5.33 -5.33
CA MET C 92 8.11 -4.50 -4.73
C MET C 92 7.56 -3.77 -3.51
N SER C 93 8.20 -3.97 -2.35
CA SER C 93 7.66 -3.41 -1.12
C SER C 93 7.77 -1.87 -1.10
N ALA C 94 7.25 -1.27 -0.04
CA ALA C 94 7.28 0.19 0.13
C ALA C 94 8.71 0.67 0.43
N PRO C 95 9.39 1.29 -0.57
CA PRO C 95 10.79 1.69 -0.38
C PRO C 95 10.93 2.82 0.66
N TYR C 96 12.08 2.93 1.34
CA TYR C 96 12.28 3.99 2.36
C TYR C 96 13.72 4.50 2.52
N VAL C 97 13.81 5.72 3.04
CA VAL C 97 15.05 6.44 3.23
C VAL C 97 15.85 5.91 4.44
N TYR C 98 17.01 5.32 4.12
CA TYR C 98 17.98 4.79 5.09
C TYR C 98 19.33 5.37 4.75
N ASP C 99 19.75 6.33 5.58
CA ASP C 99 20.96 7.13 5.32
C ASP C 99 21.05 7.59 3.85
N ARG C 100 21.97 6.97 3.10
CA ARG C 100 22.29 7.38 1.72
C ARG C 100 21.53 6.58 0.65
N PHE C 101 20.55 5.79 1.07
CA PHE C 101 19.90 4.83 0.18
C PHE C 101 18.40 4.71 0.40
N LEU C 102 17.68 4.36 -0.66
CA LEU C 102 16.35 3.81 -0.55
C LEU C 102 16.50 2.28 -0.53
N TYR C 103 15.80 1.64 0.41
CA TYR C 103 15.77 0.18 0.56
C TYR C 103 14.37 -0.37 0.32
N TYR C 104 14.32 -1.59 -0.23
CA TYR C 104 13.05 -2.26 -0.48
C TYR C 104 13.24 -3.76 -0.61
N THR C 105 12.14 -4.50 -0.48
CA THR C 105 12.14 -5.91 -0.75
C THR C 105 11.40 -6.20 -2.06
N ARG C 106 11.73 -7.34 -2.65
CA ARG C 106 11.14 -7.75 -3.93
C ARG C 106 10.73 -9.21 -3.94
N ASP C 107 9.83 -9.55 -4.87
CA ASP C 107 9.35 -10.91 -5.06
C ASP C 107 9.25 -11.32 -6.55
N VAL C 108 9.43 -12.62 -6.82
CA VAL C 108 9.39 -13.14 -8.21
C VAL C 108 8.50 -14.39 -8.26
N LYS C 109 7.75 -14.54 -9.36
CA LYS C 109 6.96 -15.74 -9.64
C LYS C 109 7.75 -17.05 -9.43
N GLY C 110 8.97 -17.12 -9.95
CA GLY C 110 9.82 -18.29 -9.74
C GLY C 110 9.86 -18.80 -8.29
N LEU C 111 10.20 -17.91 -7.36
CA LEU C 111 10.89 -18.29 -6.13
C LEU C 111 10.19 -18.01 -4.80
N SER C 112 10.51 -18.84 -3.80
CA SER C 112 9.82 -18.88 -2.51
C SER C 112 10.20 -17.76 -1.54
N TYR C 113 11.28 -17.05 -1.86
CA TYR C 113 11.92 -16.18 -0.90
C TYR C 113 12.08 -14.76 -1.37
N LYS C 114 12.13 -13.86 -0.41
CA LYS C 114 12.19 -12.45 -0.73
C LYS C 114 13.62 -12.07 -0.98
N LEU C 115 13.78 -10.85 -1.45
CA LEU C 115 15.07 -10.26 -1.73
C LEU C 115 15.10 -8.91 -1.04
N HIS C 116 16.19 -8.63 -0.34
CA HIS C 116 16.41 -7.31 0.23
C HIS C 116 17.26 -6.50 -0.75
N CYS C 117 16.77 -5.33 -1.11
CA CYS C 117 17.43 -4.53 -2.14
C CYS C 117 17.61 -3.11 -1.67
N ARG C 118 18.39 -2.37 -2.45
CA ARG C 118 18.83 -1.06 -2.08
C ARG C 118 19.23 -0.35 -3.38
N VAL C 119 19.09 0.97 -3.38
CA VAL C 119 19.26 1.83 -4.54
C VAL C 119 19.77 3.18 -4.02
N PRO C 120 20.69 3.82 -4.74
CA PRO C 120 21.23 5.07 -4.20
C PRO C 120 20.18 6.15 -4.04
N ALA C 121 20.45 7.12 -3.16
CA ALA C 121 19.47 8.11 -2.68
C ALA C 121 18.46 8.69 -3.70
N GLY C 122 18.98 9.19 -4.82
CA GLY C 122 18.15 9.89 -5.81
C GLY C 122 17.86 9.13 -7.10
N LYS C 123 17.83 7.80 -7.01
CA LYS C 123 17.60 6.93 -8.16
C LYS C 123 16.24 6.22 -8.01
N THR C 124 15.73 5.69 -9.13
CA THR C 124 14.45 4.93 -9.16
C THR C 124 14.57 3.54 -8.49
N PRO C 125 13.59 3.18 -7.64
CA PRO C 125 13.52 1.78 -7.17
C PRO C 125 13.13 0.77 -8.27
N GLY C 126 13.21 -0.51 -7.98
CA GLY C 126 12.91 -1.54 -8.98
C GLY C 126 14.11 -2.15 -9.65
N GLU C 127 13.90 -3.30 -10.30
CA GLU C 127 14.97 -4.04 -10.95
C GLU C 127 15.68 -3.23 -12.05
N GLY C 128 16.85 -2.70 -11.71
CA GLY C 128 17.64 -1.93 -12.66
C GLY C 128 19.06 -2.38 -12.51
N GLU C 129 19.98 -1.49 -12.85
CA GLU C 129 21.39 -1.76 -12.67
C GLU C 129 21.95 -0.83 -11.60
N ASP C 130 21.06 -0.03 -11.00
CA ASP C 130 21.35 0.71 -9.78
C ASP C 130 21.00 -0.18 -8.60
N GLU C 131 20.43 -1.33 -8.93
CA GLU C 131 19.94 -2.23 -7.91
C GLU C 131 21.05 -3.14 -7.46
N GLU C 132 21.65 -2.80 -6.33
CA GLU C 132 22.43 -3.75 -5.58
C GLU C 132 21.44 -4.62 -4.81
N ILE C 133 21.53 -5.92 -5.05
CA ILE C 133 20.80 -6.93 -4.30
C ILE C 133 21.64 -7.26 -3.07
N VAL C 134 21.13 -6.85 -1.92
CA VAL C 134 21.84 -7.00 -0.66
C VAL C 134 21.86 -8.47 -0.26
N LEU C 135 20.70 -9.07 -0.13
CA LEU C 135 20.61 -10.48 0.22
C LEU C 135 19.54 -11.17 -0.55
N ASP C 136 19.81 -12.40 -0.94
CA ASP C 136 18.84 -13.17 -1.66
C ASP C 136 18.55 -14.39 -0.84
N GLU C 137 17.32 -14.48 -0.34
CA GLU C 137 16.99 -15.58 0.58
C GLU C 137 17.01 -16.94 -0.12
N ASN C 138 16.84 -16.94 -1.44
CA ASN C 138 16.88 -18.16 -2.23
C ASN C 138 18.24 -18.85 -2.29
N LYS C 139 19.33 -18.07 -2.19
CA LYS C 139 20.71 -18.58 -2.23
C LYS C 139 21.04 -19.37 -0.95
N LEU C 140 20.25 -19.13 0.09
CA LEU C 140 20.41 -19.86 1.35
C LEU C 140 19.52 -21.09 1.36
N ALA C 141 18.33 -20.97 0.80
CA ALA C 141 17.42 -22.10 0.61
C ALA C 141 18.03 -23.25 -0.20
N GLU C 142 19.04 -22.89 -1.01
CA GLU C 142 19.82 -23.79 -1.90
C GLU C 142 20.10 -25.16 -1.27
N GLY C 143 19.25 -26.13 -1.60
CA GLY C 143 19.34 -27.47 -1.01
C GLY C 143 19.02 -27.54 0.49
N LYS C 144 18.07 -26.74 0.93
CA LYS C 144 17.56 -26.83 2.30
C LYS C 144 16.05 -26.64 2.32
N SER C 145 15.41 -27.16 3.36
CA SER C 145 13.96 -27.22 3.44
C SER C 145 13.41 -26.36 4.58
N PHE C 146 14.30 -25.55 5.15
CA PHE C 146 13.87 -24.48 6.04
C PHE C 146 14.83 -23.31 5.98
N CYS C 147 14.27 -22.10 5.97
CA CYS C 147 15.06 -20.88 5.97
C CYS C 147 14.27 -19.63 6.37
N VAL C 148 14.62 -19.07 7.53
CA VAL C 148 14.02 -17.82 8.01
C VAL C 148 15.12 -16.85 8.42
N VAL C 149 15.01 -15.62 7.95
CA VAL C 149 15.96 -14.57 8.29
C VAL C 149 15.31 -13.65 9.32
N GLY C 150 15.89 -13.60 10.51
CA GLY C 150 15.28 -12.85 11.60
C GLY C 150 15.54 -11.37 11.45
N CYS C 151 16.68 -11.04 10.85
CA CYS C 151 17.15 -9.66 10.81
C CYS C 151 18.17 -9.53 9.71
N VAL C 152 18.13 -8.41 8.99
CA VAL C 152 19.19 -8.05 8.05
C VAL C 152 19.61 -6.63 8.37
N ALA C 153 20.85 -6.48 8.82
CA ALA C 153 21.30 -5.20 9.38
C ALA C 153 22.58 -4.66 8.75
N PRO C 154 22.46 -3.56 7.98
CA PRO C 154 23.60 -2.81 7.47
C PRO C 154 24.20 -1.96 8.59
N ALA C 155 25.47 -1.62 8.51
CA ALA C 155 26.13 -0.84 9.57
C ALA C 155 26.14 0.66 9.26
N PRO C 156 25.42 1.48 10.08
CA PRO C 156 25.32 2.94 9.99
C PRO C 156 26.58 3.66 9.53
N PRO C 157 26.43 4.97 9.16
CA PRO C 157 26.80 5.64 7.94
C PRO C 157 26.77 4.78 6.69
N GLU C 158 27.82 4.00 6.47
CA GLU C 158 28.16 3.50 5.14
C GLU C 158 27.29 2.43 4.53
N HIS C 159 26.83 1.48 5.34
CA HIS C 159 26.13 0.31 4.83
C HIS C 159 27.09 -0.57 4.03
N ALA C 160 28.34 -0.66 4.52
CA ALA C 160 29.40 -1.38 3.83
C ALA C 160 29.33 -2.90 4.06
N LEU C 161 29.37 -3.32 5.32
CA LEU C 161 29.10 -4.70 5.68
C LEU C 161 27.62 -4.85 5.91
N VAL C 162 27.10 -6.04 5.68
CA VAL C 162 25.70 -6.28 6.05
C VAL C 162 25.50 -7.59 6.80
N ALA C 163 25.04 -7.45 8.03
CA ALA C 163 24.84 -8.58 8.91
C ALA C 163 23.47 -9.20 8.67
N TYR C 164 23.34 -10.48 8.98
CA TYR C 164 22.04 -11.14 8.84
C TYR C 164 21.98 -12.41 9.70
N SER C 165 20.86 -12.61 10.37
CA SER C 165 20.70 -13.80 11.20
C SER C 165 19.87 -14.80 10.43
N VAL C 166 20.15 -16.09 10.66
CA VAL C 166 19.53 -17.15 9.89
C VAL C 166 19.28 -18.43 10.72
N ASP C 167 18.07 -18.99 10.56
CA ASP C 167 17.63 -20.21 11.25
C ASP C 167 17.30 -21.34 10.26
N TYR C 168 18.12 -22.39 10.29
CA TYR C 168 17.96 -23.54 9.38
C TYR C 168 17.03 -24.68 9.81
N CYS C 169 16.60 -24.72 11.07
CA CYS C 169 15.80 -25.87 11.51
C CYS C 169 14.40 -25.57 12.08
N GLY C 170 14.23 -24.33 12.55
CA GLY C 170 12.92 -23.84 12.97
C GLY C 170 12.86 -23.69 14.47
N ASP C 171 13.91 -24.14 15.14
CA ASP C 171 14.01 -24.05 16.58
C ASP C 171 14.11 -22.59 17.08
N GLU C 172 14.25 -21.66 16.12
CA GLU C 172 14.46 -20.23 16.40
C GLU C 172 15.81 -19.92 17.09
N VAL C 173 16.82 -20.76 16.87
CA VAL C 173 18.16 -20.37 17.24
C VAL C 173 18.78 -19.95 15.95
N TYR C 174 19.36 -18.74 15.96
CA TYR C 174 19.91 -18.14 14.75
C TYR C 174 21.42 -17.95 14.86
N SER C 175 22.14 -18.19 13.76
CA SER C 175 23.54 -17.70 13.67
C SER C 175 23.64 -16.41 12.86
N ILE C 176 24.51 -15.50 13.31
CA ILE C 176 24.72 -14.22 12.64
C ILE C 176 25.95 -14.31 11.74
N ARG C 177 25.79 -13.86 10.50
CA ARG C 177 26.82 -13.93 9.46
C ARG C 177 26.89 -12.67 8.58
N PHE C 178 27.75 -12.69 7.55
CA PHE C 178 27.90 -11.51 6.70
C PHE C 178 27.86 -11.80 5.23
N VAL C 179 27.41 -10.80 4.48
CA VAL C 179 27.12 -10.94 3.08
C VAL C 179 28.39 -11.08 2.21
N ARG C 180 28.28 -11.85 1.12
CA ARG C 180 29.41 -12.25 0.28
C ARG C 180 30.72 -12.24 1.05
N ASP C 181 30.75 -13.01 2.14
CA ASP C 181 31.90 -13.13 3.05
C ASP C 181 32.81 -11.91 3.05
N VAL C 182 32.22 -10.74 3.32
CA VAL C 182 33.03 -9.51 3.29
C VAL C 182 33.92 -9.52 4.53
N VAL C 183 33.36 -9.95 5.66
CA VAL C 183 34.20 -10.31 6.81
C VAL C 183 33.81 -11.71 7.25
N ALA C 184 34.68 -12.33 8.05
CA ALA C 184 34.52 -13.74 8.39
C ALA C 184 33.80 -14.07 9.72
N ASP C 185 33.51 -13.06 10.55
CA ASP C 185 32.83 -13.29 11.85
C ASP C 185 31.55 -14.12 11.72
N LYS C 186 31.40 -15.12 12.58
CA LYS C 186 30.17 -15.89 12.70
C LYS C 186 29.77 -15.86 14.16
N VAL C 187 28.49 -15.71 14.44
CA VAL C 187 28.05 -15.61 15.82
C VAL C 187 26.89 -16.56 16.07
N GLU C 188 27.13 -17.65 16.83
CA GLU C 188 26.18 -18.77 17.11
C GLU C 188 25.15 -18.54 18.23
N GLY C 189 24.00 -19.21 18.16
CA GLY C 189 23.04 -19.31 19.28
C GLY C 189 22.26 -18.09 19.80
N THR C 190 21.67 -17.32 18.89
CA THR C 190 21.10 -16.03 19.22
C THR C 190 19.63 -16.01 18.87
N ASN C 191 18.87 -15.10 19.49
CA ASN C 191 17.47 -14.85 19.11
C ASN C 191 17.38 -14.16 17.73
N GLY C 192 18.53 -13.98 17.09
CA GLY C 192 18.61 -13.44 15.74
C GLY C 192 18.47 -11.95 15.54
N SER C 193 18.20 -11.17 16.60
CA SER C 193 18.31 -9.71 16.53
C SER C 193 19.77 -9.41 16.21
N VAL C 194 20.01 -8.32 15.45
CA VAL C 194 21.33 -7.68 15.31
C VAL C 194 21.14 -6.15 15.39
N VAL C 195 21.76 -5.50 16.37
CA VAL C 195 21.65 -4.07 16.59
C VAL C 195 23.06 -3.48 16.51
N TRP C 196 23.31 -2.68 15.46
CA TRP C 196 24.66 -2.18 15.16
C TRP C 196 25.20 -1.15 16.11
N GLY C 197 26.50 -1.20 16.36
CA GLY C 197 27.18 -0.16 17.11
C GLY C 197 27.58 0.93 16.14
N PRO C 198 28.20 2.01 16.64
CA PRO C 198 28.42 3.07 15.66
C PRO C 198 29.60 2.69 14.81
N ASN C 199 29.63 3.23 13.60
CA ASN C 199 30.79 3.11 12.72
C ASN C 199 31.27 1.68 12.50
N ALA C 200 30.35 0.76 12.21
CA ALA C 200 30.70 -0.62 11.83
C ALA C 200 31.77 -1.31 12.70
N GLU C 201 31.75 -1.05 14.00
CA GLU C 201 32.82 -1.57 14.86
C GLU C 201 32.39 -2.78 15.69
N CYS C 202 31.09 -2.97 15.81
CA CYS C 202 30.54 -3.96 16.72
C CYS C 202 29.05 -3.94 16.62
N PHE C 203 28.44 -5.12 16.72
CA PHE C 203 27.01 -5.18 17.00
C PHE C 203 26.64 -5.62 18.45
N PHE C 204 25.34 -5.82 18.71
CA PHE C 204 24.90 -6.42 19.96
C PHE C 204 23.91 -7.47 19.62
N TYR C 205 23.89 -8.53 20.41
CA TYR C 205 23.01 -9.61 20.13
C TYR C 205 22.60 -10.27 21.40
N ILE C 206 21.78 -11.31 21.27
CA ILE C 206 21.16 -11.94 22.41
C ILE C 206 21.23 -13.46 22.33
N THR C 207 21.54 -14.10 23.47
CA THR C 207 21.54 -15.54 23.59
C THR C 207 20.44 -16.13 24.46
N LYS C 208 20.08 -17.35 24.07
CA LYS C 208 19.18 -18.24 24.78
C LYS C 208 19.89 -18.93 25.95
N ASP C 209 19.10 -19.57 26.82
CA ASP C 209 19.56 -20.29 28.03
C ASP C 209 18.97 -21.72 27.97
N ALA C 210 18.94 -22.38 29.12
CA ALA C 210 18.01 -23.45 29.35
C ALA C 210 16.69 -22.87 28.85
N SER C 211 15.99 -23.69 28.09
CA SER C 211 14.59 -23.45 27.90
C SER C 211 14.42 -22.28 26.97
N LYS C 212 15.45 -22.10 26.14
CA LYS C 212 15.54 -21.08 25.08
C LYS C 212 15.10 -19.69 25.51
N ARG C 213 15.30 -19.38 26.80
CA ARG C 213 14.98 -18.05 27.36
C ARG C 213 16.10 -16.99 27.08
N ASP C 214 15.70 -15.88 26.45
CA ASP C 214 16.63 -14.79 26.05
C ASP C 214 17.10 -14.11 27.31
N ASN C 215 18.36 -14.38 27.73
CA ASN C 215 18.82 -13.98 29.08
C ASN C 215 20.13 -13.22 29.13
N LYS C 216 20.71 -12.93 27.95
CA LYS C 216 22.01 -12.31 27.88
C LYS C 216 22.16 -11.38 26.69
N VAL C 217 22.77 -10.22 26.90
CA VAL C 217 23.17 -9.34 25.78
C VAL C 217 24.67 -9.31 25.62
N TRP C 218 25.17 -9.42 24.41
CA TRP C 218 26.61 -9.35 24.20
C TRP C 218 27.02 -8.20 23.30
N ARG C 219 28.24 -7.71 23.46
CA ARG C 219 28.85 -6.81 22.46
C ARG C 219 29.88 -7.60 21.70
N HIS C 220 29.77 -7.57 20.39
CA HIS C 220 30.72 -8.26 19.56
C HIS C 220 31.51 -7.34 18.64
N ILE C 221 32.81 -7.24 18.89
CA ILE C 221 33.62 -6.36 18.11
C ILE C 221 33.95 -7.06 16.81
N ILE C 222 33.72 -6.33 15.73
CA ILE C 222 34.05 -6.80 14.41
C ILE C 222 35.52 -7.12 14.37
N GLY C 223 35.86 -8.30 13.86
CA GLY C 223 37.23 -8.75 13.78
C GLY C 223 37.65 -9.73 14.86
N GLN C 224 36.94 -9.74 15.98
CA GLN C 224 37.24 -10.69 17.03
C GLN C 224 36.56 -11.98 16.71
N PRO C 225 37.03 -13.10 17.30
CA PRO C 225 36.28 -14.36 17.35
C PRO C 225 35.09 -14.19 18.27
N GLN C 226 34.16 -15.13 18.23
CA GLN C 226 33.04 -15.05 19.17
C GLN C 226 33.43 -15.25 20.64
N SER C 227 34.45 -16.08 20.89
CA SER C 227 34.89 -16.33 22.26
C SER C 227 35.31 -15.07 23.06
N GLU C 228 35.65 -14.00 22.36
CA GLU C 228 36.08 -12.74 22.98
C GLU C 228 34.95 -11.73 23.25
N ASP C 229 33.72 -12.11 22.90
CA ASP C 229 32.59 -11.22 23.09
C ASP C 229 32.38 -10.89 24.55
N VAL C 230 31.90 -9.67 24.83
CA VAL C 230 31.66 -9.23 26.20
C VAL C 230 30.18 -9.27 26.50
N CYS C 231 29.83 -10.11 27.47
CA CYS C 231 28.52 -10.11 28.06
C CYS C 231 28.25 -8.79 28.82
N LEU C 232 27.35 -7.98 28.32
CA LEU C 232 27.02 -6.74 29.02
C LEU C 232 25.93 -6.93 30.07
N TYR C 233 25.09 -7.94 29.91
CA TYR C 233 23.89 -8.06 30.75
C TYR C 233 23.31 -9.47 30.83
N THR C 234 23.03 -9.91 32.06
CA THR C 234 22.31 -11.14 32.27
C THR C 234 21.19 -10.84 33.26
N ASP C 235 20.00 -11.32 32.95
CA ASP C 235 19.00 -11.51 33.97
C ASP C 235 18.80 -13.01 34.13
N ASP C 236 19.06 -13.56 35.32
CA ASP C 236 18.78 -14.99 35.51
C ASP C 236 17.51 -15.36 36.29
N ASP C 237 16.55 -14.43 36.39
CA ASP C 237 15.22 -14.71 36.90
C ASP C 237 14.41 -15.37 35.77
N PRO C 238 13.89 -16.57 36.03
CA PRO C 238 13.10 -17.28 35.04
C PRO C 238 11.96 -16.44 34.42
N LEU C 239 11.31 -15.57 35.20
CA LEU C 239 10.16 -14.88 34.66
C LEU C 239 10.49 -13.92 33.54
N PHE C 240 11.76 -13.55 33.41
CA PHE C 240 12.23 -12.41 32.60
C PHE C 240 13.02 -12.81 31.34
N SER C 241 13.01 -11.91 30.36
CA SER C 241 13.66 -12.04 29.09
C SER C 241 14.27 -10.71 28.77
N VAL C 242 15.38 -10.76 28.05
CA VAL C 242 16.13 -9.56 27.75
C VAL C 242 15.88 -9.02 26.34
N GLY C 243 15.93 -7.69 26.21
CA GLY C 243 15.75 -7.00 24.93
C GLY C 243 16.90 -6.04 24.71
N VAL C 244 17.11 -5.66 23.44
CA VAL C 244 18.17 -4.71 23.10
C VAL C 244 17.76 -3.83 21.92
N GLY C 245 18.05 -2.54 22.06
CA GLY C 245 17.63 -1.55 21.07
C GLY C 245 18.50 -0.32 21.05
N ARG C 246 18.58 0.30 19.88
CA ARG C 246 19.40 1.49 19.63
C ARG C 246 18.51 2.77 19.65
N SER C 247 19.06 3.90 20.09
CA SER C 247 18.30 5.13 20.13
C SER C 247 18.06 5.63 18.71
N GLY C 248 17.20 6.64 18.60
CA GLY C 248 16.92 7.24 17.33
C GLY C 248 18.19 7.86 16.81
N ASP C 249 18.94 8.49 17.71
CA ASP C 249 20.13 9.22 17.30
C ASP C 249 21.38 8.36 17.44
N GLY C 250 21.18 7.07 17.67
CA GLY C 250 22.28 6.11 17.73
C GLY C 250 23.31 6.28 18.83
N LYS C 251 23.27 7.41 19.54
CA LYS C 251 24.24 7.71 20.62
C LYS C 251 24.14 6.81 21.89
N THR C 252 23.07 6.03 22.03
CA THR C 252 22.79 5.32 23.30
C THR C 252 22.11 3.95 23.13
N LEU C 253 22.71 2.90 23.70
CA LEU C 253 22.04 1.58 23.70
C LEU C 253 21.10 1.42 24.89
N ILE C 254 19.97 0.76 24.66
CA ILE C 254 18.96 0.53 25.70
C ILE C 254 18.76 -0.96 25.91
N ILE C 255 19.12 -1.45 27.09
CA ILE C 255 18.88 -2.84 27.48
C ILE C 255 17.75 -2.88 28.48
N CYS C 256 16.86 -3.87 28.38
CA CYS C 256 15.75 -4.12 29.36
C CYS C 256 15.59 -5.58 29.78
N SER C 257 14.82 -5.81 30.84
CA SER C 257 14.37 -7.15 31.20
C SER C 257 12.88 -7.05 31.30
N MET C 258 12.18 -7.99 30.64
CA MET C 258 10.70 -8.07 30.72
C MET C 258 10.14 -9.37 31.27
N SER C 259 9.26 -9.26 32.26
CA SER C 259 8.37 -10.34 32.64
C SER C 259 6.96 -9.88 32.33
N SER C 260 6.01 -10.80 32.28
CA SER C 260 4.66 -10.40 31.92
C SER C 260 4.18 -9.15 32.67
N GLU C 261 4.61 -8.93 33.92
CA GLU C 261 4.18 -7.70 34.65
C GLU C 261 5.20 -6.72 35.24
N THR C 262 6.47 -6.91 34.93
CA THR C 262 7.49 -6.08 35.53
C THR C 262 8.52 -5.77 34.45
N SER C 263 9.11 -4.57 34.52
CA SER C 263 10.20 -4.18 33.61
C SER C 263 11.35 -3.56 34.34
N GLU C 264 12.54 -3.67 33.75
CA GLU C 264 13.69 -2.88 34.14
C GLU C 264 14.32 -2.40 32.86
N SER C 265 15.08 -1.32 32.94
CA SER C 265 15.77 -0.78 31.78
C SER C 265 17.11 -0.16 32.20
N HIS C 266 18.08 -0.15 31.28
CA HIS C 266 19.42 0.37 31.52
C HIS C 266 19.90 1.08 30.26
N LEU C 267 20.91 1.92 30.42
CA LEU C 267 21.48 2.63 29.26
C LEU C 267 22.98 2.42 29.16
N LEU C 268 23.50 2.59 27.95
CA LEU C 268 24.91 2.40 27.70
C LEU C 268 25.32 3.45 26.72
N ASP C 269 26.41 4.14 26.97
CA ASP C 269 26.78 5.19 26.06
C ASP C 269 27.61 4.63 24.88
N LEU C 270 26.99 4.51 23.72
CA LEU C 270 27.72 4.08 22.54
C LEU C 270 28.72 5.13 22.09
N ARG C 271 28.63 6.30 22.72
CA ARG C 271 29.60 7.37 22.47
C ARG C 271 31.00 7.12 23.04
N LYS C 272 31.12 6.29 24.09
CA LYS C 272 32.38 6.17 24.82
C LYS C 272 33.34 5.08 24.32
N GLY C 273 33.11 4.60 23.10
CA GLY C 273 33.96 3.56 22.54
C GLY C 273 33.61 2.15 23.01
N VAL C 274 34.26 1.17 22.39
CA VAL C 274 33.84 -0.23 22.47
C VAL C 274 34.32 -0.95 23.73
N LYS C 275 35.20 -0.30 24.47
CA LYS C 275 35.70 -0.92 25.69
C LYS C 275 35.04 -0.35 26.94
N HIS C 276 34.04 0.50 26.73
CA HIS C 276 33.25 1.05 27.82
C HIS C 276 32.00 0.24 27.90
N ASN C 277 31.86 -0.51 28.99
CA ASN C 277 30.77 -1.48 29.11
C ASN C 277 29.85 -1.29 30.29
N THR C 278 29.97 -0.19 31.02
CA THR C 278 29.22 -0.08 32.28
C THR C 278 27.84 0.58 32.12
N LEU C 279 26.78 -0.11 32.57
CA LEU C 279 25.37 0.37 32.40
C LEU C 279 24.92 1.42 33.43
N GLU C 280 24.01 2.30 33.03
CA GLU C 280 23.30 3.13 34.00
C GLU C 280 21.88 2.61 34.23
N MET C 281 21.57 2.34 35.50
CA MET C 281 20.23 1.94 35.92
C MET C 281 19.22 3.06 35.68
N VAL C 282 18.16 2.79 34.93
CA VAL C 282 17.06 3.75 34.85
C VAL C 282 16.30 3.72 36.18
N ARG C 283 15.29 2.86 36.27
CA ARG C 283 14.54 2.66 37.52
C ARG C 283 14.58 1.22 37.95
N PRO C 284 15.09 0.97 39.16
CA PRO C 284 15.18 -0.39 39.68
C PRO C 284 13.85 -1.10 39.52
N ARG C 285 13.91 -2.36 39.10
CA ARG C 285 12.71 -3.14 38.82
C ARG C 285 11.80 -3.25 40.02
N GLU C 286 10.51 -3.23 39.79
CA GLU C 286 9.56 -3.32 40.90
C GLU C 286 8.24 -4.01 40.52
N LYS C 287 8.02 -5.16 41.15
CA LYS C 287 6.88 -6.01 40.90
C LYS C 287 5.56 -5.23 40.74
N GLY C 288 4.99 -5.29 39.54
CA GLY C 288 3.79 -4.53 39.19
C GLY C 288 4.03 -3.58 38.05
N VAL C 289 5.26 -3.09 37.94
CA VAL C 289 5.50 -1.89 37.16
C VAL C 289 6.27 -2.15 35.84
N ARG C 290 5.56 -1.97 34.73
CA ARG C 290 6.14 -2.06 33.39
C ARG C 290 6.40 -0.63 32.93
N TYR C 291 7.57 -0.41 32.30
CA TYR C 291 7.89 0.87 31.65
C TYR C 291 8.77 0.64 30.45
N THR C 292 8.72 1.50 29.44
CA THR C 292 9.66 1.43 28.30
C THR C 292 10.36 2.78 28.06
N VAL C 293 11.66 2.76 27.72
CA VAL C 293 12.44 3.97 27.58
C VAL C 293 12.70 4.30 26.13
N GLU C 294 12.51 5.57 25.77
CA GLU C 294 12.90 6.05 24.47
C GLU C 294 13.66 7.34 24.74
N MET C 295 14.69 7.57 23.95
CA MET C 295 15.64 8.63 24.21
C MET C 295 15.30 9.78 23.29
N HIS C 296 15.15 10.99 23.84
CA HIS C 296 15.13 12.19 23.01
C HIS C 296 16.50 12.84 23.09
N GLY C 297 17.29 12.64 22.05
CA GLY C 297 18.72 13.02 22.05
C GLY C 297 19.51 12.08 22.93
N THR C 298 20.20 12.65 23.92
CA THR C 298 21.15 11.90 24.75
C THR C 298 20.85 11.97 26.24
N ASP C 299 19.91 12.84 26.59
CA ASP C 299 19.84 13.42 27.92
C ASP C 299 18.43 13.41 28.56
N THR C 300 17.39 13.43 27.74
CA THR C 300 16.02 13.41 28.24
C THR C 300 15.29 12.14 27.80
N LEU C 301 14.54 11.56 28.76
CA LEU C 301 13.94 10.20 28.69
C LEU C 301 12.42 10.17 28.63
N ILE C 302 11.90 9.52 27.61
CA ILE C 302 10.48 9.42 27.43
C ILE C 302 10.00 8.03 27.86
N VAL C 303 9.27 8.01 28.96
CA VAL C 303 9.01 6.76 29.63
C VAL C 303 7.53 6.51 29.55
N LEU C 304 7.20 5.40 28.90
CA LEU C 304 5.85 4.90 28.95
C LEU C 304 5.73 3.93 30.13
N THR C 305 4.81 4.23 31.04
CA THR C 305 4.64 3.39 32.20
C THR C 305 3.21 3.14 32.62
N ASN C 306 3.01 2.01 33.28
CA ASN C 306 1.73 1.67 33.87
C ASN C 306 1.75 1.93 35.37
N LYS C 307 2.76 2.69 35.79
CA LYS C 307 2.98 3.04 37.19
C LYS C 307 1.80 3.83 37.80
N ASP C 308 1.49 3.54 39.07
CA ASP C 308 0.48 4.24 39.89
C ASP C 308 -0.91 3.98 39.31
N LYS C 309 -1.30 2.71 39.28
CA LYS C 309 -2.63 2.31 38.82
C LYS C 309 -3.01 2.78 37.38
N CYS C 310 -2.09 3.42 36.67
CA CYS C 310 -2.33 3.75 35.27
C CYS C 310 -2.20 2.53 34.34
N VAL C 311 -3.04 1.50 34.52
CA VAL C 311 -3.00 0.25 33.72
C VAL C 311 -2.95 0.43 32.20
N ASN C 312 -3.56 1.47 31.70
CA ASN C 312 -3.62 1.71 30.27
C ASN C 312 -2.43 2.52 29.80
N GLY C 313 -1.58 2.89 30.73
CA GLY C 313 -0.35 3.61 30.38
C GLY C 313 -0.43 5.13 30.48
N LYS C 314 0.74 5.71 30.72
CA LYS C 314 0.94 7.15 30.73
C LYS C 314 2.34 7.42 30.20
N VAL C 315 2.56 8.58 29.59
CA VAL C 315 3.95 8.88 29.28
C VAL C 315 4.52 9.89 30.25
N VAL C 316 5.78 9.69 30.61
CA VAL C 316 6.48 10.56 31.53
C VAL C 316 7.76 11.17 30.88
N LEU C 317 8.19 12.32 31.38
CA LEU C 317 9.40 12.99 30.90
C LEU C 317 10.34 13.08 32.09
N THR C 318 11.60 12.74 31.86
CA THR C 318 12.61 12.76 32.91
C THR C 318 14.02 12.90 32.32
N LYS C 319 14.99 13.30 33.16
CA LYS C 319 16.37 13.61 32.73
C LYS C 319 17.30 12.45 33.04
N ARG C 320 18.29 12.23 32.18
CA ARG C 320 19.23 11.10 32.30
C ARG C 320 20.02 11.14 33.59
N SER C 321 20.17 12.32 34.18
CA SER C 321 20.84 12.49 35.47
C SER C 321 19.92 12.26 36.69
N ALA C 322 18.60 12.32 36.49
CA ALA C 322 17.65 11.95 37.54
C ALA C 322 16.56 11.00 36.99
N PRO C 323 16.98 9.81 36.50
CA PRO C 323 16.08 8.90 35.79
C PRO C 323 14.88 8.37 36.61
N THR C 324 14.94 8.47 37.93
CA THR C 324 13.79 8.02 38.74
C THR C 324 12.86 9.13 39.17
N ASP C 325 13.12 10.35 38.70
CA ASP C 325 12.13 11.43 38.81
C ASP C 325 11.12 11.37 37.68
N TRP C 326 9.92 10.92 38.02
CA TRP C 326 8.85 10.77 37.06
C TRP C 326 7.72 11.78 37.35
N GLY C 327 8.04 12.78 38.18
CA GLY C 327 7.09 13.81 38.57
C GLY C 327 6.47 14.56 37.41
N THR C 328 7.24 14.73 36.34
CA THR C 328 6.74 15.42 35.14
C THR C 328 5.96 14.47 34.23
N VAL C 329 4.65 14.69 34.19
CA VAL C 329 3.75 13.87 33.37
C VAL C 329 3.49 14.58 32.03
N LEU C 330 3.90 13.96 30.93
CA LEU C 330 3.61 14.50 29.60
C LEU C 330 2.19 14.20 29.18
N ILE C 331 1.79 12.94 29.26
CA ILE C 331 0.49 12.53 28.75
C ILE C 331 -0.21 11.67 29.74
N PRO C 332 -1.19 12.25 30.43
CA PRO C 332 -1.84 11.56 31.55
C PRO C 332 -2.64 10.32 31.11
N HIS C 333 -2.95 9.48 32.09
CA HIS C 333 -3.60 8.19 31.86
C HIS C 333 -5.09 8.35 31.51
N ASP C 334 -5.66 7.42 30.74
CA ASP C 334 -7.06 7.53 30.33
C ASP C 334 -7.86 6.25 30.05
N ASP C 335 -8.83 5.98 30.93
CA ASP C 335 -9.68 4.78 30.85
C ASP C 335 -10.09 4.32 29.43
N LYS C 336 -10.68 5.21 28.64
CA LYS C 336 -11.15 4.81 27.31
C LYS C 336 -9.98 4.57 26.35
N VAL C 337 -8.77 5.03 26.74
CA VAL C 337 -7.57 5.09 25.85
C VAL C 337 -6.33 4.29 26.31
N THR C 338 -5.93 3.28 25.53
CA THR C 338 -4.71 2.50 25.82
C THR C 338 -3.53 2.86 24.94
N ILE C 339 -2.36 3.16 25.55
CA ILE C 339 -1.10 3.39 24.80
C ILE C 339 -0.13 2.19 24.81
N ASP C 340 0.05 1.59 23.64
CA ASP C 340 0.89 0.41 23.53
C ASP C 340 2.34 0.77 23.34
N ASP C 341 2.62 1.97 22.85
CA ASP C 341 3.99 2.47 22.83
C ASP C 341 4.27 3.75 22.01
N VAL C 342 5.56 4.08 21.91
CA VAL C 342 6.02 5.32 21.37
C VAL C 342 7.26 5.11 20.53
N ALA C 343 7.30 5.82 19.42
CA ALA C 343 8.51 5.93 18.66
C ALA C 343 8.91 7.40 18.77
N VAL C 344 10.17 7.66 19.18
CA VAL C 344 10.66 9.04 19.40
C VAL C 344 11.65 9.52 18.34
N PHE C 345 11.44 10.76 17.94
CA PHE C 345 12.18 11.36 16.87
C PHE C 345 12.56 12.77 17.33
N ALA C 346 13.28 13.54 16.51
CA ALA C 346 13.95 14.74 17.02
C ALA C 346 13.08 15.98 17.16
N LYS C 347 11.96 16.03 16.42
CA LYS C 347 11.06 17.19 16.43
C LYS C 347 9.65 16.77 16.82
N PHE C 348 9.46 15.47 17.05
CA PHE C 348 8.15 14.85 17.36
C PHE C 348 8.25 13.40 17.83
N ALA C 349 7.09 12.85 18.23
CA ALA C 349 6.92 11.44 18.69
C ALA C 349 5.57 10.82 18.27
N VAL C 350 5.57 9.51 18.05
CA VAL C 350 4.38 8.78 17.60
C VAL C 350 3.86 7.90 18.72
N LEU C 351 2.54 7.90 18.91
CA LEU C 351 1.94 7.06 19.92
C LEU C 351 0.98 6.09 19.28
N SER C 352 1.18 4.80 19.54
CA SER C 352 0.23 3.79 19.08
C SER C 352 -0.56 3.22 20.25
N GLY C 353 -1.87 3.26 20.13
CA GLY C 353 -2.73 2.72 21.16
C GLY C 353 -4.05 2.20 20.65
N ARG C 354 -5.08 2.38 21.50
CA ARG C 354 -6.45 1.91 21.29
C ARG C 354 -7.53 2.82 21.90
N ARG C 355 -8.53 3.17 21.08
CA ARG C 355 -9.76 3.79 21.56
C ARG C 355 -10.94 3.08 20.95
N ASP C 356 -11.96 2.81 21.78
CA ASP C 356 -13.20 2.15 21.39
C ASP C 356 -12.97 0.95 20.52
N GLY C 357 -11.92 0.19 20.83
CA GLY C 357 -11.70 -1.14 20.24
C GLY C 357 -10.96 -1.19 18.93
N LEU C 358 -10.38 -0.05 18.53
CA LEU C 358 -9.61 0.02 17.30
C LEU C 358 -8.25 0.57 17.60
N THR C 359 -7.36 0.37 16.64
CA THR C 359 -6.04 0.96 16.63
C THR C 359 -6.20 2.45 16.46
N ARG C 360 -5.43 3.22 17.22
CA ARG C 360 -5.39 4.67 17.05
C ARG C 360 -3.94 5.10 17.14
N VAL C 361 -3.56 6.04 16.30
CA VAL C 361 -2.23 6.61 16.38
C VAL C 361 -2.27 8.13 16.62
N TRP C 362 -1.31 8.61 17.39
CA TRP C 362 -1.21 10.02 17.71
C TRP C 362 0.18 10.58 17.36
N THR C 363 0.26 11.90 17.20
CA THR C 363 1.48 12.63 17.00
C THR C 363 1.72 13.57 18.19
N VAL C 364 2.94 14.07 18.36
CA VAL C 364 3.23 15.02 19.44
C VAL C 364 4.56 15.77 19.16
N ARG C 365 4.51 17.10 19.12
CA ARG C 365 5.63 17.94 18.67
C ARG C 365 6.39 18.65 19.79
N LEU C 366 7.52 19.27 19.44
CA LEU C 366 8.24 20.14 20.37
C LEU C 366 7.50 21.46 20.59
N GLY C 367 7.26 21.81 21.84
CA GLY C 367 6.76 23.12 22.21
C GLY C 367 7.85 24.13 21.88
N PRO C 368 7.50 25.26 21.24
CA PRO C 368 8.46 26.25 20.69
C PRO C 368 9.61 26.66 21.65
N ASP C 369 10.05 25.71 22.47
CA ASP C 369 11.17 25.89 23.39
C ASP C 369 11.92 24.56 23.61
N ASN C 370 11.85 23.69 22.59
CA ASN C 370 12.63 22.44 22.52
C ASN C 370 12.44 21.42 23.67
N LEU C 371 11.20 21.36 24.16
CA LEU C 371 10.68 20.24 24.95
C LEU C 371 9.30 19.95 24.38
N PHE C 372 8.87 18.70 24.48
CA PHE C 372 7.53 18.32 24.02
C PHE C 372 6.43 19.02 24.81
N SER C 373 5.29 19.25 24.15
CA SER C 373 4.14 19.88 24.78
C SER C 373 2.92 19.00 24.60
N SER C 374 2.15 18.86 25.69
CA SER C 374 0.93 18.02 25.76
C SER C 374 -0.27 18.66 25.06
N ALA C 375 -0.05 19.89 24.58
CA ALA C 375 -1.04 20.70 23.88
C ALA C 375 -0.91 20.56 22.36
N THR C 376 0.21 19.98 21.93
CA THR C 376 0.54 19.87 20.50
C THR C 376 0.08 18.53 19.90
N LEU C 377 -0.82 17.86 20.62
CA LEU C 377 -1.23 16.51 20.24
C LEU C 377 -2.29 16.51 19.14
N LYS C 378 -2.12 15.58 18.21
CA LYS C 378 -3.06 15.33 17.12
C LYS C 378 -3.43 13.84 17.06
N GLU C 379 -4.73 13.50 17.17
CA GLU C 379 -5.16 12.15 16.75
C GLU C 379 -5.29 12.14 15.24
N LEU C 380 -4.58 11.21 14.60
CA LEU C 380 -4.65 11.04 13.17
C LEU C 380 -6.04 10.65 12.71
N HIS C 381 -6.31 10.80 11.41
CA HIS C 381 -7.64 10.50 10.90
C HIS C 381 -7.61 9.53 9.72
N PHE C 382 -8.58 8.62 9.73
CA PHE C 382 -8.65 7.57 8.73
C PHE C 382 -10.01 7.53 8.09
N ASP C 383 -10.15 6.69 7.07
CA ASP C 383 -11.33 6.73 6.24
C ASP C 383 -12.43 5.85 6.80
N GLU C 384 -12.30 4.54 6.60
CA GLU C 384 -13.36 3.59 6.92
C GLU C 384 -13.67 3.48 8.40
N PRO C 385 -14.90 3.08 8.74
CA PRO C 385 -15.34 3.03 10.15
C PRO C 385 -14.61 1.96 10.99
N VAL C 386 -14.32 0.82 10.37
CA VAL C 386 -13.71 -0.31 11.06
C VAL C 386 -12.41 -0.70 10.33
N PHE C 387 -11.32 -0.07 10.78
CA PHE C 387 -10.02 -0.16 10.14
C PHE C 387 -8.97 -0.66 11.11
N THR C 388 -7.76 -0.83 10.59
CA THR C 388 -6.57 -1.09 11.39
C THR C 388 -5.45 -0.24 10.87
N ALA C 389 -4.71 0.40 11.78
CA ALA C 389 -3.56 1.22 11.41
C ALA C 389 -2.36 1.00 12.32
N HIS C 390 -1.20 0.72 11.74
CA HIS C 390 0.07 0.68 12.49
C HIS C 390 1.14 1.56 11.84
N VAL C 391 1.84 2.31 12.68
CA VAL C 391 3.09 2.96 12.30
C VAL C 391 4.15 1.87 12.04
N VAL C 392 4.89 2.04 10.94
CA VAL C 392 5.90 1.08 10.49
C VAL C 392 7.29 1.56 10.90
N CYS C 393 7.68 1.23 12.13
CA CYS C 393 8.97 1.64 12.69
C CYS C 393 10.13 0.91 12.01
N SER C 394 9.82 -0.23 11.39
CA SER C 394 10.82 -0.94 10.60
C SER C 394 11.04 -0.27 9.23
N GLN C 395 10.32 0.82 8.99
CA GLN C 395 10.50 1.62 7.78
C GLN C 395 10.86 3.07 8.09
N MET C 396 11.17 3.31 9.35
CA MET C 396 11.50 4.65 9.79
C MET C 396 12.91 4.62 10.33
N LYS C 397 13.85 5.02 9.48
CA LYS C 397 15.25 4.80 9.75
C LYS C 397 15.96 6.13 9.89
N THR C 398 15.22 7.21 9.79
CA THR C 398 15.85 8.54 9.78
C THR C 398 15.31 9.38 10.98
N TYR C 399 16.22 9.72 11.91
CA TYR C 399 15.87 10.30 13.22
C TYR C 399 15.22 11.68 13.13
N ASP C 400 15.92 12.59 12.49
CA ASP C 400 15.43 13.91 12.18
C ASP C 400 14.36 13.69 11.11
N ALA C 401 13.19 13.20 11.51
CA ALA C 401 12.20 12.73 10.55
C ALA C 401 11.11 13.75 10.33
N SER C 402 10.68 13.86 9.07
CA SER C 402 9.53 14.69 8.66
C SER C 402 8.35 13.82 8.19
N LEU C 403 8.56 13.08 7.09
CA LEU C 403 7.59 12.11 6.58
C LEU C 403 7.44 10.92 7.59
N LEU C 404 6.30 10.23 7.58
CA LEU C 404 6.03 9.21 8.61
C LEU C 404 5.16 8.03 8.14
N ARG C 405 5.72 6.83 8.20
CA ARG C 405 5.18 5.66 7.47
C ARG C 405 4.02 4.91 8.14
N LEU C 406 2.97 4.60 7.37
CA LEU C 406 1.76 3.95 7.93
C LEU C 406 1.20 2.80 7.10
N ARG C 407 0.78 1.74 7.78
CA ARG C 407 0.09 0.65 7.13
C ARG C 407 -1.40 0.67 7.49
N TYR C 408 -2.21 0.97 6.49
CA TYR C 408 -3.66 1.09 6.62
C TYR C 408 -4.28 -0.12 5.94
N SER C 409 -5.53 -0.40 6.29
CA SER C 409 -6.20 -1.62 5.89
C SER C 409 -7.52 -1.74 6.65
N SER C 410 -8.53 -2.28 5.97
CA SER C 410 -9.78 -2.69 6.63
C SER C 410 -10.15 -4.05 6.07
N MET C 411 -11.15 -4.71 6.65
CA MET C 411 -11.54 -6.04 6.16
C MET C 411 -12.05 -6.03 4.73
N THR C 412 -12.55 -4.86 4.31
CA THR C 412 -13.15 -4.57 3.01
C THR C 412 -12.07 -4.12 2.02
N THR C 413 -11.16 -3.25 2.48
CA THR C 413 -10.07 -2.64 1.69
C THR C 413 -8.76 -3.46 1.72
N PRO C 414 -8.02 -3.53 0.61
CA PRO C 414 -6.64 -4.03 0.75
C PRO C 414 -5.70 -2.96 1.32
N THR C 415 -4.55 -3.44 1.81
CA THR C 415 -3.55 -2.62 2.47
C THR C 415 -3.03 -1.42 1.66
N VAL C 416 -2.82 -0.30 2.35
CA VAL C 416 -2.15 0.87 1.77
C VAL C 416 -0.96 1.32 2.67
N TRP C 417 0.12 1.78 2.02
CA TRP C 417 1.25 2.34 2.74
C TRP C 417 1.38 3.83 2.43
N TYR C 418 1.02 4.68 3.38
CA TYR C 418 1.18 6.11 3.19
C TYR C 418 2.38 6.63 3.91
N ASP C 419 2.82 7.81 3.46
CA ASP C 419 3.63 8.71 4.26
C ASP C 419 2.80 9.95 4.56
N GLU C 420 2.90 10.45 5.79
CA GLU C 420 2.21 11.67 6.18
C GLU C 420 3.14 12.67 6.81
N ASP C 421 3.14 13.90 6.28
CA ASP C 421 3.91 14.99 6.87
C ASP C 421 3.22 15.30 8.17
N VAL C 422 4.00 15.32 9.25
CA VAL C 422 3.47 15.50 10.59
C VAL C 422 2.69 16.82 10.78
N LEU C 423 3.33 17.94 10.43
CA LEU C 423 2.67 19.26 10.53
C LEU C 423 1.51 19.43 9.53
N SER C 424 1.78 19.32 8.23
CA SER C 424 0.78 19.51 7.15
C SER C 424 -0.37 18.51 7.19
N GLY C 425 -0.03 17.22 7.29
CA GLY C 425 -1.02 16.13 7.33
C GLY C 425 -1.35 15.56 5.96
N GLU C 426 -0.44 15.72 4.98
CA GLU C 426 -0.72 15.25 3.62
C GLU C 426 -0.36 13.77 3.36
N ARG C 427 -1.41 12.97 3.18
CA ARG C 427 -1.30 11.53 2.88
C ARG C 427 -0.86 11.30 1.46
N LYS C 428 0.12 10.41 1.31
CA LYS C 428 0.65 10.04 0.02
C LYS C 428 0.83 8.55 -0.01
N VAL C 429 0.39 7.93 -1.09
CA VAL C 429 0.53 6.50 -1.25
C VAL C 429 1.87 6.13 -1.90
N VAL C 430 2.58 5.25 -1.21
CA VAL C 430 3.89 4.80 -1.66
C VAL C 430 3.78 3.38 -2.22
N LYS C 431 2.64 2.75 -1.93
CA LYS C 431 2.32 1.40 -2.39
C LYS C 431 0.87 1.13 -2.03
N ALA C 432 0.13 0.56 -2.97
CA ALA C 432 -1.16 -0.03 -2.64
C ALA C 432 -1.16 -1.47 -3.12
N ARG C 433 -1.74 -2.36 -2.33
CA ARG C 433 -1.79 -3.76 -2.73
C ARG C 433 -2.84 -4.01 -3.81
N LYS C 434 -2.39 -4.55 -4.94
CA LYS C 434 -3.31 -5.04 -5.96
C LYS C 434 -3.70 -6.48 -5.62
N VAL C 435 -5.00 -6.78 -5.75
CA VAL C 435 -5.50 -8.13 -5.49
C VAL C 435 -6.10 -8.75 -6.74
N GLY C 436 -5.49 -9.84 -7.20
CA GLY C 436 -5.81 -10.45 -8.49
C GLY C 436 -7.03 -11.37 -8.58
N GLY C 437 -7.37 -11.73 -9.82
CA GLY C 437 -8.44 -12.67 -10.13
C GLY C 437 -9.81 -12.19 -9.71
N GLY C 438 -10.33 -11.19 -10.44
CA GLY C 438 -11.70 -10.69 -10.27
C GLY C 438 -12.16 -10.27 -8.88
N PHE C 439 -11.22 -9.86 -8.04
CA PHE C 439 -11.56 -9.31 -6.74
C PHE C 439 -11.86 -7.81 -6.84
N GLU C 440 -12.77 -7.32 -5.99
CA GLU C 440 -12.81 -5.90 -5.64
C GLU C 440 -13.63 -5.62 -4.38
N SER C 441 -13.52 -4.38 -3.91
CA SER C 441 -13.88 -3.98 -2.56
C SER C 441 -15.38 -3.96 -2.25
N LYS C 442 -16.19 -3.58 -3.23
CA LYS C 442 -17.60 -3.32 -2.94
C LYS C 442 -18.48 -4.57 -2.96
N ASN C 443 -17.86 -5.69 -3.37
CA ASN C 443 -18.43 -7.04 -3.27
C ASN C 443 -18.70 -7.53 -1.85
N TYR C 444 -18.29 -6.76 -0.84
CA TYR C 444 -18.35 -7.23 0.55
C TYR C 444 -18.73 -6.18 1.61
N VAL C 445 -19.00 -6.63 2.84
CA VAL C 445 -19.20 -5.73 3.96
C VAL C 445 -18.68 -6.28 5.27
N CYS C 446 -18.26 -5.39 6.15
CA CYS C 446 -17.81 -5.80 7.48
C CYS C 446 -18.38 -4.86 8.55
N ARG C 447 -18.98 -5.49 9.56
CA ARG C 447 -19.66 -4.75 10.60
C ARG C 447 -19.27 -5.31 11.98
N ARG C 448 -19.96 -4.87 13.04
CA ARG C 448 -19.58 -5.14 14.43
C ARG C 448 -20.74 -5.51 15.39
N GLU C 449 -21.05 -6.80 15.52
CA GLU C 449 -22.12 -7.22 16.44
C GLU C 449 -21.64 -7.29 17.88
N LEU C 450 -22.57 -7.35 18.82
CA LEU C 450 -22.27 -7.51 20.25
C LEU C 450 -22.89 -8.78 20.82
N ALA C 451 -22.04 -9.62 21.39
CA ALA C 451 -22.43 -10.84 22.07
C ALA C 451 -22.51 -10.52 23.54
N THR C 452 -23.17 -11.37 24.33
CA THR C 452 -23.35 -11.12 25.74
C THR C 452 -22.85 -12.25 26.62
N ALA C 453 -21.70 -12.05 27.24
CA ALA C 453 -21.20 -13.04 28.18
C ALA C 453 -22.14 -13.22 29.39
N PRO C 454 -22.16 -14.43 30.00
CA PRO C 454 -23.00 -14.79 31.16
C PRO C 454 -23.07 -13.74 32.27
N ASP C 455 -21.94 -13.04 32.51
CA ASP C 455 -21.88 -11.89 33.42
C ASP C 455 -22.41 -10.57 32.84
N GLY C 456 -22.83 -10.55 31.58
CA GLY C 456 -23.44 -9.36 31.01
C GLY C 456 -22.48 -8.44 30.28
N THR C 457 -21.18 -8.74 30.40
CA THR C 457 -20.17 -8.10 29.58
C THR C 457 -20.43 -8.31 28.10
N LYS C 458 -20.39 -7.20 27.37
CA LYS C 458 -20.60 -7.19 25.92
C LYS C 458 -19.33 -7.56 25.13
N VAL C 459 -19.47 -8.47 24.16
CA VAL C 459 -18.30 -8.98 23.41
C VAL C 459 -18.35 -8.68 21.89
N PRO C 460 -17.41 -7.86 21.40
CA PRO C 460 -17.42 -7.48 19.98
C PRO C 460 -17.14 -8.65 19.07
N ILE C 461 -17.88 -8.74 17.99
CA ILE C 461 -17.54 -9.63 16.87
C ILE C 461 -17.43 -8.77 15.62
N SER C 462 -16.35 -8.98 14.87
CA SER C 462 -16.15 -8.39 13.55
C SER C 462 -16.53 -9.48 12.58
N LEU C 463 -17.18 -9.11 11.47
CA LEU C 463 -17.52 -10.08 10.45
C LEU C 463 -17.62 -9.50 9.05
N VAL C 464 -17.05 -10.22 8.11
CA VAL C 464 -17.10 -9.83 6.73
C VAL C 464 -17.79 -10.99 6.02
N TYR C 465 -18.51 -10.65 4.94
CA TYR C 465 -19.29 -11.61 4.12
C TYR C 465 -19.58 -11.02 2.75
N ASP C 466 -19.73 -11.89 1.76
CA ASP C 466 -20.10 -11.43 0.45
C ASP C 466 -21.50 -10.77 0.50
N THR C 467 -21.58 -9.51 0.07
CA THR C 467 -22.78 -8.65 0.17
C THR C 467 -24.04 -9.24 -0.45
N SER C 468 -23.82 -10.18 -1.35
CA SER C 468 -24.91 -10.85 -2.04
C SER C 468 -25.22 -12.20 -1.41
N ILE C 469 -25.43 -12.22 -0.10
CA ILE C 469 -25.79 -13.47 0.51
C ILE C 469 -27.10 -13.31 1.23
N ASP C 470 -27.66 -14.44 1.60
CA ASP C 470 -29.00 -14.51 2.07
C ASP C 470 -29.03 -14.30 3.59
N LEU C 471 -28.90 -13.05 4.01
CA LEU C 471 -29.04 -12.71 5.43
C LEU C 471 -30.41 -13.14 5.94
N LYS C 472 -31.18 -13.81 5.08
CA LYS C 472 -32.49 -14.34 5.44
C LYS C 472 -32.44 -15.79 5.91
N LYS C 473 -31.43 -16.54 5.49
CA LYS C 473 -31.21 -17.85 6.10
C LYS C 473 -29.85 -17.99 6.76
N PRO C 474 -29.80 -18.70 7.89
CA PRO C 474 -28.55 -19.10 8.52
C PRO C 474 -27.53 -19.64 7.50
N ASN C 475 -26.64 -18.77 7.02
CA ASN C 475 -25.58 -19.21 6.12
C ASN C 475 -24.35 -19.78 6.87
N PRO C 476 -23.68 -20.79 6.27
CA PRO C 476 -22.43 -21.37 6.82
C PRO C 476 -21.36 -20.32 7.20
N THR C 477 -20.77 -20.47 8.38
CA THR C 477 -19.93 -19.42 9.00
C THR C 477 -18.67 -19.95 9.74
N MET C 478 -17.56 -19.19 9.65
CA MET C 478 -16.31 -19.53 10.35
C MET C 478 -15.96 -18.58 11.49
N LEU C 479 -15.90 -19.12 12.71
CA LEU C 479 -15.56 -18.32 13.92
C LEU C 479 -14.10 -18.44 14.37
N TYR C 480 -13.54 -17.32 14.80
CA TYR C 480 -12.12 -17.22 14.97
C TYR C 480 -11.76 -16.40 16.20
N GLY C 481 -10.97 -16.97 17.12
CA GLY C 481 -10.47 -16.23 18.30
C GLY C 481 -8.98 -16.40 18.64
N TYR C 482 -8.43 -15.44 19.39
CA TYR C 482 -7.12 -15.64 19.98
C TYR C 482 -7.19 -16.20 21.41
N GLY C 483 -7.44 -15.49 22.50
CA GLY C 483 -7.17 -14.12 22.81
C GLY C 483 -6.49 -14.28 24.18
N SER C 484 -5.14 -14.30 24.15
CA SER C 484 -4.32 -14.33 25.35
C SER C 484 -3.42 -13.13 25.28
N TYR C 485 -2.60 -12.93 26.31
CA TYR C 485 -1.42 -12.04 26.20
C TYR C 485 -1.76 -10.59 25.92
N GLY C 486 -3.04 -10.25 26.00
CA GLY C 486 -3.50 -8.94 25.58
C GLY C 486 -3.19 -8.62 24.14
N ILE C 487 -3.00 -9.65 23.30
CA ILE C 487 -2.92 -9.43 21.83
C ILE C 487 -4.31 -9.38 21.18
N CYS C 488 -4.44 -8.57 20.14
CA CYS C 488 -5.72 -8.36 19.49
C CYS C 488 -5.74 -8.86 18.04
N ILE C 489 -6.88 -9.42 17.64
CA ILE C 489 -7.05 -9.90 16.27
C ILE C 489 -7.75 -8.85 15.42
N GLU C 490 -6.99 -8.31 14.48
CA GLU C 490 -7.37 -7.06 13.82
C GLU C 490 -8.38 -7.16 12.69
N PRO C 491 -9.32 -6.19 12.64
CA PRO C 491 -10.15 -6.06 11.45
C PRO C 491 -9.25 -5.56 10.31
N GLU C 492 -8.34 -6.42 9.90
CA GLU C 492 -7.40 -6.12 8.84
C GLU C 492 -7.75 -6.94 7.60
N PHE C 493 -7.36 -6.44 6.44
CA PHE C 493 -7.44 -7.19 5.19
C PHE C 493 -6.53 -8.43 5.28
N ASN C 494 -7.08 -9.58 4.92
CA ASN C 494 -6.32 -10.81 4.90
C ASN C 494 -6.85 -11.66 3.77
N SER C 495 -6.08 -11.73 2.69
CA SER C 495 -6.50 -12.41 1.46
C SER C 495 -6.62 -13.91 1.70
N ARG C 496 -6.28 -14.31 2.91
CA ARG C 496 -6.57 -15.64 3.40
C ARG C 496 -8.07 -15.92 3.50
N PHE C 497 -8.85 -15.00 4.07
CA PHE C 497 -10.29 -15.28 4.29
C PHE C 497 -11.22 -15.19 3.05
N LEU C 498 -10.64 -15.05 1.85
CA LEU C 498 -11.44 -14.99 0.61
C LEU C 498 -11.90 -16.34 0.06
N PRO C 499 -11.03 -17.36 -0.01
CA PRO C 499 -11.56 -18.63 -0.50
C PRO C 499 -12.88 -19.01 0.20
N TYR C 500 -12.97 -18.72 1.49
CA TYR C 500 -14.18 -18.93 2.31
C TYR C 500 -15.35 -18.04 1.91
N VAL C 501 -15.10 -16.73 1.95
CA VAL C 501 -16.14 -15.72 1.78
C VAL C 501 -16.69 -15.67 0.36
N ASP C 502 -15.81 -15.88 -0.63
CA ASP C 502 -16.20 -16.02 -2.04
C ASP C 502 -17.09 -17.23 -2.26
N ARG C 503 -17.35 -17.99 -1.20
CA ARG C 503 -18.33 -19.08 -1.20
C ARG C 503 -19.54 -18.77 -0.29
N GLY C 504 -19.69 -17.49 0.06
CA GLY C 504 -20.86 -17.02 0.80
C GLY C 504 -20.91 -17.38 2.27
N MET C 505 -19.72 -17.65 2.83
CA MET C 505 -19.57 -17.89 4.25
C MET C 505 -19.35 -16.56 4.91
N ILE C 506 -19.87 -16.40 6.10
CA ILE C 506 -19.55 -15.23 6.85
C ILE C 506 -18.29 -15.56 7.66
N TYR C 507 -17.23 -14.78 7.47
CA TYR C 507 -16.02 -14.95 8.27
C TYR C 507 -16.03 -14.04 9.49
N ALA C 508 -15.91 -14.61 10.69
CA ALA C 508 -16.05 -13.83 11.91
C ALA C 508 -14.90 -13.94 12.94
N ILE C 509 -14.53 -12.80 13.53
CA ILE C 509 -13.55 -12.79 14.59
C ILE C 509 -14.22 -12.50 15.91
N ALA C 510 -13.84 -13.25 16.96
CA ALA C 510 -14.32 -13.03 18.32
C ALA C 510 -13.27 -12.33 19.19
N HIS C 511 -13.51 -11.07 19.51
CA HIS C 511 -12.62 -10.29 20.37
C HIS C 511 -12.82 -10.58 21.86
N VAL C 512 -12.60 -11.85 22.22
CA VAL C 512 -12.76 -12.33 23.59
C VAL C 512 -11.82 -11.68 24.59
N ARG C 513 -12.26 -11.66 25.86
CA ARG C 513 -11.39 -11.33 26.99
C ARG C 513 -10.16 -12.25 27.00
N GLY C 514 -9.02 -11.67 27.37
CA GLY C 514 -7.71 -12.26 27.13
C GLY C 514 -6.96 -11.48 26.07
N GLY C 515 -7.60 -11.23 24.94
CA GLY C 515 -7.10 -10.24 24.00
C GLY C 515 -7.08 -8.88 24.66
N GLY C 516 -6.52 -7.89 23.95
CA GLY C 516 -6.47 -6.53 24.48
C GLY C 516 -7.18 -5.53 23.59
N GLU C 517 -8.27 -5.95 22.94
CA GLU C 517 -9.01 -5.08 22.00
C GLU C 517 -9.66 -3.84 22.64
N MET C 518 -10.12 -3.99 23.88
CA MET C 518 -10.91 -2.94 24.53
C MET C 518 -10.11 -2.14 25.57
N GLY C 519 -8.79 -2.28 25.54
CA GLY C 519 -7.95 -1.66 26.52
C GLY C 519 -7.21 -2.69 27.30
N ARG C 520 -6.34 -2.24 28.20
CA ARG C 520 -5.52 -3.15 28.99
C ARG C 520 -6.33 -4.10 29.90
N THR C 521 -7.40 -3.61 30.50
CA THR C 521 -8.13 -4.45 31.45
C THR C 521 -8.89 -5.59 30.78
N TRP C 522 -9.09 -5.49 29.47
CA TRP C 522 -9.80 -6.55 28.75
C TRP C 522 -8.94 -7.80 28.85
N TYR C 523 -7.65 -7.58 29.12
CA TYR C 523 -6.68 -8.64 29.35
C TYR C 523 -6.47 -8.81 30.84
N GLU C 524 -5.84 -7.80 31.46
CA GLU C 524 -5.33 -7.91 32.83
C GLU C 524 -6.33 -8.39 33.86
N VAL C 525 -7.58 -7.93 33.81
CA VAL C 525 -8.62 -8.48 34.71
C VAL C 525 -9.55 -9.47 33.99
N GLY C 526 -9.48 -9.49 32.67
CA GLY C 526 -10.46 -10.22 31.89
C GLY C 526 -10.13 -11.60 31.38
N GLY C 527 -8.85 -11.95 31.22
CA GLY C 527 -8.42 -13.21 30.61
C GLY C 527 -7.04 -13.65 31.01
N LYS C 528 -6.82 -13.72 32.32
CA LYS C 528 -5.50 -13.95 32.85
C LYS C 528 -5.61 -14.58 34.24
N TYR C 529 -4.55 -15.27 34.64
CA TYR C 529 -4.52 -15.87 35.96
C TYR C 529 -5.88 -16.54 36.22
N LEU C 530 -6.56 -16.08 37.28
CA LEU C 530 -7.77 -16.74 37.82
C LEU C 530 -9.05 -16.31 37.12
N THR C 531 -8.92 -15.53 36.05
CA THR C 531 -10.07 -15.12 35.25
C THR C 531 -9.97 -15.65 33.84
N LYS C 532 -8.90 -16.40 33.57
CA LYS C 532 -8.66 -17.06 32.27
C LYS C 532 -9.90 -17.73 31.61
N ARG C 533 -10.76 -18.36 32.41
CA ARG C 533 -11.94 -19.03 31.84
C ARG C 533 -12.84 -18.13 30.98
N ASN C 534 -12.78 -16.82 31.18
CA ASN C 534 -13.58 -15.92 30.34
C ASN C 534 -13.23 -16.08 28.86
N THR C 535 -11.96 -16.32 28.58
CA THR C 535 -11.56 -16.46 27.20
C THR C 535 -12.51 -17.45 26.54
N PHE C 536 -12.82 -18.52 27.25
CA PHE C 536 -13.56 -19.61 26.61
C PHE C 536 -15.04 -19.36 26.69
N MET C 537 -15.49 -18.86 27.82
CA MET C 537 -16.90 -18.55 27.93
C MET C 537 -17.31 -17.34 27.06
N ASP C 538 -16.40 -16.39 26.85
CA ASP C 538 -16.70 -15.30 25.94
C ASP C 538 -16.86 -15.80 24.50
N PHE C 539 -15.99 -16.73 24.12
CA PHE C 539 -16.02 -17.35 22.80
C PHE C 539 -17.34 -18.10 22.60
N ILE C 540 -17.64 -19.00 23.52
CA ILE C 540 -18.89 -19.70 23.48
C ILE C 540 -20.09 -18.76 23.44
N ALA C 541 -20.00 -17.59 24.07
CA ALA C 541 -21.12 -16.63 23.94
C ALA C 541 -21.21 -16.03 22.54
N CYS C 542 -20.05 -15.81 21.90
CA CYS C 542 -20.02 -15.36 20.52
C CYS C 542 -20.76 -16.33 19.63
N ALA C 543 -20.57 -17.63 19.81
CA ALA C 543 -21.29 -18.61 19.00
C ALA C 543 -22.78 -18.59 19.30
N GLU C 544 -23.14 -18.75 20.57
CA GLU C 544 -24.55 -18.69 20.99
C GLU C 544 -25.28 -17.53 20.29
N HIS C 545 -24.60 -16.37 20.18
CA HIS C 545 -25.18 -15.17 19.58
C HIS C 545 -25.42 -15.29 18.08
N LEU C 546 -24.37 -15.66 17.35
CA LEU C 546 -24.48 -15.93 15.92
C LEU C 546 -25.60 -16.90 15.62
N ILE C 547 -26.03 -17.65 16.63
CA ILE C 547 -27.08 -18.64 16.42
C ILE C 547 -28.48 -18.15 16.71
N SER C 548 -28.68 -17.52 17.88
CA SER C 548 -30.01 -16.99 18.23
C SER C 548 -30.38 -15.77 17.38
N SER C 549 -29.38 -15.00 16.97
CA SER C 549 -29.64 -13.88 16.07
C SER C 549 -29.94 -14.38 14.65
N GLY C 550 -29.83 -15.70 14.45
CA GLY C 550 -30.13 -16.33 13.16
C GLY C 550 -29.11 -16.32 12.01
N LEU C 551 -27.85 -16.01 12.32
CA LEU C 551 -26.85 -15.93 11.29
C LEU C 551 -26.16 -17.27 10.99
N THR C 552 -26.41 -18.30 11.80
CA THR C 552 -25.83 -19.65 11.57
C THR C 552 -26.50 -20.71 12.43
N THR C 553 -26.64 -21.93 11.90
CA THR C 553 -26.93 -23.11 12.75
C THR C 553 -25.61 -23.80 13.13
N PRO C 554 -25.57 -24.50 14.28
CA PRO C 554 -24.48 -25.40 14.64
C PRO C 554 -23.98 -26.37 13.56
N ALA C 555 -24.88 -26.93 12.74
CA ALA C 555 -24.46 -27.82 11.64
C ALA C 555 -23.73 -27.00 10.61
N GLN C 556 -23.78 -25.68 10.79
CA GLN C 556 -23.30 -24.72 9.81
C GLN C 556 -22.18 -23.83 10.32
N LEU C 557 -21.69 -24.10 11.52
CA LEU C 557 -20.68 -23.21 12.10
C LEU C 557 -19.45 -23.96 12.52
N SER C 558 -18.31 -23.33 12.21
CA SER C 558 -16.96 -23.86 12.44
C SER C 558 -16.10 -22.92 13.31
N CYS C 559 -14.84 -23.32 13.54
CA CYS C 559 -13.86 -22.44 14.21
C CYS C 559 -12.37 -22.80 13.97
N GLU C 560 -11.55 -21.76 13.90
CA GLU C 560 -10.12 -21.92 13.90
C GLU C 560 -9.50 -21.07 15.01
N GLY C 561 -8.43 -21.59 15.63
CA GLY C 561 -7.46 -20.78 16.40
C GLY C 561 -6.02 -21.28 16.19
N ARG C 562 -5.04 -20.41 16.45
CA ARG C 562 -3.64 -20.81 16.32
C ARG C 562 -2.92 -20.54 17.61
N SER C 563 -2.06 -21.48 18.04
CA SER C 563 -1.23 -21.32 19.26
C SER C 563 -2.03 -21.19 20.59
N ALA C 564 -2.07 -20.02 21.22
CA ALA C 564 -2.92 -19.85 22.41
C ALA C 564 -4.37 -19.78 21.98
N GLY C 565 -4.54 -19.54 20.69
CA GLY C 565 -5.85 -19.69 20.09
C GLY C 565 -6.22 -21.13 20.00
N GLY C 566 -5.21 -21.99 19.84
CA GLY C 566 -5.41 -23.43 19.77
C GLY C 566 -5.90 -23.92 21.10
N LEU C 567 -5.44 -23.26 22.15
CA LEU C 567 -5.90 -23.57 23.48
C LEU C 567 -7.36 -23.25 23.57
N LEU C 568 -7.74 -22.08 23.05
CA LEU C 568 -9.10 -21.62 23.17
C LEU C 568 -9.99 -22.72 22.62
N VAL C 569 -9.72 -23.06 21.36
CA VAL C 569 -10.33 -24.15 20.63
C VAL C 569 -10.29 -25.48 21.37
N GLY C 570 -9.20 -25.77 22.08
CA GLY C 570 -9.10 -26.99 22.88
C GLY C 570 -10.19 -27.04 23.94
N ALA C 571 -10.18 -26.02 24.81
CA ALA C 571 -11.17 -25.86 25.88
C ALA C 571 -12.56 -25.87 25.28
N VAL C 572 -12.88 -24.86 24.48
CA VAL C 572 -14.20 -24.74 23.85
C VAL C 572 -14.77 -26.11 23.47
N LEU C 573 -14.01 -26.86 22.66
CA LEU C 573 -14.43 -28.17 22.17
C LEU C 573 -14.58 -29.27 23.23
N ASN C 574 -14.36 -28.95 24.51
CA ASN C 574 -14.69 -29.88 25.58
C ASN C 574 -16.05 -29.48 26.08
N MET C 575 -16.11 -28.21 26.48
CA MET C 575 -17.27 -27.56 27.04
C MET C 575 -18.44 -27.69 26.10
N ARG C 576 -18.26 -27.23 24.87
CA ARG C 576 -19.36 -27.05 23.95
C ARG C 576 -19.09 -27.60 22.57
N PRO C 577 -18.93 -28.94 22.45
CA PRO C 577 -18.64 -29.49 21.12
C PRO C 577 -19.85 -29.39 20.19
N ASP C 578 -21.02 -29.15 20.78
CA ASP C 578 -22.31 -29.12 20.05
C ASP C 578 -22.44 -27.94 19.10
N LEU C 579 -21.79 -26.85 19.46
CA LEU C 579 -21.88 -25.64 18.66
C LEU C 579 -21.12 -25.72 17.31
N PHE C 580 -20.44 -26.83 17.05
CA PHE C 580 -19.56 -26.91 15.89
C PHE C 580 -19.67 -28.21 15.05
N HIS C 581 -19.64 -28.03 13.73
CA HIS C 581 -19.57 -29.17 12.82
C HIS C 581 -18.13 -29.58 12.42
N VAL C 582 -17.23 -28.60 12.39
CA VAL C 582 -15.83 -28.86 12.07
C VAL C 582 -15.01 -27.78 12.69
N ALA C 583 -13.79 -28.11 13.10
CA ALA C 583 -12.88 -27.10 13.64
C ALA C 583 -11.42 -27.26 13.15
N LEU C 584 -10.69 -26.15 13.18
CA LEU C 584 -9.24 -26.16 12.86
C LEU C 584 -8.42 -25.76 14.06
N ALA C 585 -7.26 -26.39 14.20
CA ALA C 585 -6.44 -26.13 15.38
C ALA C 585 -4.93 -26.11 15.12
N GLY C 586 -4.40 -24.96 14.74
CA GLY C 586 -3.00 -24.86 14.38
C GLY C 586 -2.16 -24.75 15.63
N VAL C 587 -0.94 -25.33 15.58
CA VAL C 587 0.04 -25.32 16.68
C VAL C 587 -0.59 -25.10 18.08
N PRO C 588 -1.44 -26.04 18.54
CA PRO C 588 -2.32 -25.78 19.72
C PRO C 588 -1.74 -26.09 21.11
N PHE C 589 -1.53 -25.01 21.88
CA PHE C 589 -1.15 -25.12 23.28
C PHE C 589 -2.29 -25.84 24.00
N VAL C 590 -2.15 -27.14 24.18
CA VAL C 590 -3.27 -27.94 24.66
C VAL C 590 -2.93 -28.82 25.87
N ASP C 591 -1.64 -28.92 26.20
CA ASP C 591 -1.18 -29.71 27.36
C ASP C 591 -0.89 -28.84 28.60
N VAL C 592 -1.85 -27.99 28.97
CA VAL C 592 -1.59 -26.90 29.92
C VAL C 592 -0.94 -27.32 31.26
N MET C 593 -1.59 -28.28 31.93
CA MET C 593 -1.11 -28.78 33.21
C MET C 593 0.28 -29.29 33.03
N THR C 594 0.44 -30.42 32.35
CA THR C 594 1.78 -31.03 32.25
C THR C 594 2.86 -30.02 31.87
N THR C 595 2.60 -29.18 30.87
CA THR C 595 3.63 -28.26 30.41
C THR C 595 3.92 -27.22 31.46
N MET C 596 2.87 -26.57 31.93
CA MET C 596 3.06 -25.41 32.78
C MET C 596 3.74 -25.69 34.11
N CYS C 597 3.91 -26.98 34.43
CA CYS C 597 4.67 -27.35 35.62
C CYS C 597 6.17 -27.44 35.34
N ASP C 598 6.54 -27.61 34.08
CA ASP C 598 7.86 -28.12 33.73
C ASP C 598 8.82 -27.03 33.23
N PRO C 599 9.65 -26.48 34.12
CA PRO C 599 10.51 -25.39 33.69
C PRO C 599 11.50 -25.75 32.56
N SER C 600 11.74 -27.04 32.30
CA SER C 600 12.60 -27.43 31.18
C SER C 600 12.00 -27.13 29.80
N ILE C 601 10.72 -26.74 29.76
CA ILE C 601 10.00 -26.56 28.49
C ILE C 601 10.00 -25.13 27.90
N PRO C 602 10.47 -25.03 26.67
CA PRO C 602 10.95 -23.77 26.15
C PRO C 602 10.13 -22.50 26.39
N LEU C 603 8.92 -22.50 26.92
CA LEU C 603 8.38 -21.17 27.26
C LEU C 603 7.73 -21.02 28.64
N THR C 604 7.56 -22.16 29.30
CA THR C 604 6.87 -22.33 30.54
C THR C 604 7.07 -21.27 31.62
N THR C 605 8.31 -20.97 32.03
CA THR C 605 8.50 -20.11 33.21
C THR C 605 8.07 -18.69 32.93
N GLY C 606 8.29 -18.21 31.71
CA GLY C 606 7.83 -16.87 31.34
C GLY C 606 6.33 -16.78 31.61
N GLU C 607 5.68 -17.91 31.40
CA GLU C 607 4.20 -17.94 31.37
C GLU C 607 3.53 -18.31 32.69
N TRP C 608 4.31 -18.48 33.74
CA TRP C 608 3.75 -18.44 35.07
C TRP C 608 3.14 -17.07 35.45
N GLU C 609 3.37 -16.04 34.66
CA GLU C 609 2.70 -14.78 34.91
C GLU C 609 1.60 -14.56 33.89
N GLU C 610 1.34 -15.58 33.07
CA GLU C 610 0.16 -15.59 32.20
C GLU C 610 -1.05 -16.31 32.83
N TRP C 611 -1.06 -17.63 32.76
CA TRP C 611 -2.15 -18.41 33.29
C TRP C 611 -1.90 -18.62 34.77
N GLY C 612 -0.62 -18.77 35.09
CA GLY C 612 -0.19 -19.04 36.45
C GLY C 612 0.71 -20.25 36.47
N ASN C 613 1.03 -20.68 37.69
CA ASN C 613 1.94 -21.77 37.95
C ASN C 613 1.20 -22.93 38.63
N PRO C 614 1.00 -24.05 37.93
CA PRO C 614 0.31 -25.20 38.52
C PRO C 614 1.00 -25.88 39.70
N ASN C 615 2.19 -25.41 40.07
CA ASN C 615 2.95 -25.96 41.19
C ASN C 615 2.53 -25.36 42.54
N GLU C 616 1.71 -24.32 42.49
CA GLU C 616 1.24 -23.59 43.67
C GLU C 616 -0.24 -23.86 43.95
N TYR C 617 -0.60 -24.00 45.25
CA TYR C 617 -2.01 -24.11 45.67
C TYR C 617 -2.95 -23.18 44.89
N LYS C 618 -2.57 -21.91 44.72
CA LYS C 618 -3.42 -20.89 44.11
C LYS C 618 -3.87 -21.22 42.67
N PHE C 619 -3.08 -21.95 41.91
CA PHE C 619 -3.41 -22.07 40.51
C PHE C 619 -3.76 -23.48 40.08
N PHE C 620 -3.36 -24.46 40.88
CA PHE C 620 -3.55 -25.86 40.51
C PHE C 620 -4.96 -26.26 40.07
N ASP C 621 -5.97 -26.07 40.92
CA ASP C 621 -7.34 -26.55 40.62
C ASP C 621 -7.90 -25.80 39.42
N TYR C 622 -7.75 -24.48 39.43
CA TYR C 622 -8.32 -23.61 38.43
C TYR C 622 -7.84 -23.94 37.04
N MET C 623 -6.54 -24.14 36.90
CA MET C 623 -5.95 -24.34 35.60
C MET C 623 -6.35 -25.70 35.10
N ASN C 624 -6.41 -26.63 36.06
CA ASN C 624 -6.79 -27.99 35.82
C ASN C 624 -8.19 -28.09 35.24
N SER C 625 -9.08 -27.17 35.65
CA SER C 625 -10.45 -27.18 35.15
C SER C 625 -10.59 -26.80 33.65
N TYR C 626 -9.66 -26.02 33.10
CA TYR C 626 -9.71 -25.78 31.65
C TYR C 626 -8.84 -26.69 30.78
N SER C 627 -7.59 -26.84 31.17
CA SER C 627 -6.60 -27.75 30.53
C SER C 627 -7.18 -28.80 29.57
N PRO C 628 -7.07 -28.55 28.24
CA PRO C 628 -7.63 -29.44 27.24
C PRO C 628 -7.41 -30.94 27.48
N ILE C 629 -6.21 -31.49 27.26
CA ILE C 629 -6.01 -32.92 27.51
C ILE C 629 -6.65 -33.38 28.81
N ASP C 630 -6.40 -32.66 29.88
CA ASP C 630 -6.95 -33.04 31.14
C ASP C 630 -8.51 -33.04 31.17
N ASN C 631 -9.13 -32.64 30.07
CA ASN C 631 -10.57 -32.47 30.09
C ASN C 631 -11.29 -33.19 28.97
N VAL C 632 -10.61 -34.18 28.41
CA VAL C 632 -11.22 -35.02 27.39
C VAL C 632 -12.01 -36.07 28.15
N ARG C 633 -13.16 -36.43 27.60
CA ARG C 633 -14.03 -37.43 28.18
C ARG C 633 -14.96 -37.88 27.08
N ALA C 634 -15.65 -38.99 27.32
CA ALA C 634 -16.46 -39.65 26.30
C ALA C 634 -17.68 -38.85 25.89
N GLN C 635 -17.50 -37.98 24.89
CA GLN C 635 -18.57 -37.21 24.29
C GLN C 635 -18.41 -37.10 22.74
N ASP C 636 -19.41 -36.52 22.08
CA ASP C 636 -19.33 -36.27 20.64
C ASP C 636 -18.49 -35.05 20.27
N TYR C 637 -17.35 -35.29 19.65
CA TYR C 637 -16.54 -34.19 19.13
C TYR C 637 -16.79 -34.01 17.64
N PRO C 638 -16.51 -32.82 17.11
CA PRO C 638 -16.76 -32.78 15.70
C PRO C 638 -15.48 -33.09 14.94
N HIS C 639 -15.61 -33.05 13.61
CA HIS C 639 -14.46 -33.11 12.73
C HIS C 639 -13.44 -32.02 13.09
N LEU C 640 -12.20 -32.46 13.29
CA LEU C 640 -11.09 -31.62 13.70
C LEU C 640 -9.79 -32.03 13.04
N MET C 641 -9.02 -31.02 12.66
CA MET C 641 -7.67 -31.18 12.13
C MET C 641 -6.70 -30.28 12.86
N ILE C 642 -5.48 -30.78 12.99
CA ILE C 642 -4.41 -30.10 13.71
C ILE C 642 -3.17 -29.98 12.84
N GLN C 643 -2.41 -28.90 13.03
CA GLN C 643 -1.16 -28.68 12.34
C GLN C 643 -0.07 -28.41 13.38
N ALA C 644 1.12 -28.94 13.11
CA ALA C 644 2.24 -28.84 14.04
C ALA C 644 3.55 -28.87 13.29
N GLY C 645 4.59 -28.35 13.95
CA GLY C 645 5.96 -28.48 13.48
C GLY C 645 6.78 -29.31 14.45
N LEU C 646 7.68 -30.12 13.92
CA LEU C 646 8.45 -30.95 14.78
C LEU C 646 9.37 -30.08 15.65
N HIS C 647 9.94 -29.04 15.08
CA HIS C 647 10.87 -28.22 15.85
C HIS C 647 10.28 -26.92 16.34
N ASP C 648 8.97 -26.91 16.55
CA ASP C 648 8.28 -25.75 17.07
C ASP C 648 8.70 -25.59 18.54
N PRO C 649 9.40 -24.48 18.82
CA PRO C 649 9.91 -24.17 20.16
C PRO C 649 8.91 -23.39 20.98
N ARG C 650 7.66 -23.31 20.55
CA ARG C 650 6.66 -22.48 21.24
C ARG C 650 5.51 -23.33 21.75
N VAL C 651 4.90 -24.12 20.86
CA VAL C 651 4.16 -25.30 21.30
C VAL C 651 4.83 -26.58 20.81
N ALA C 652 5.35 -27.32 21.79
CA ALA C 652 6.05 -28.57 21.60
C ALA C 652 5.24 -29.55 20.75
N TYR C 653 5.89 -30.18 19.77
CA TYR C 653 5.20 -31.10 18.85
C TYR C 653 4.28 -32.11 19.59
N TRP C 654 4.67 -32.48 20.82
CA TRP C 654 3.98 -33.56 21.51
C TRP C 654 2.67 -33.13 22.18
N GLU C 655 2.50 -31.83 22.40
CA GLU C 655 1.23 -31.30 22.92
C GLU C 655 0.05 -31.68 22.03
N PRO C 656 0.04 -31.26 20.76
CA PRO C 656 -1.10 -31.78 19.99
C PRO C 656 -1.11 -33.30 19.85
N ALA C 657 0.06 -33.92 19.70
CA ALA C 657 0.16 -35.38 19.49
C ALA C 657 -0.57 -36.21 20.55
N LYS C 658 -0.16 -36.05 21.79
CA LYS C 658 -0.91 -36.57 22.93
C LYS C 658 -2.40 -36.30 22.78
N TRP C 659 -2.76 -35.04 22.52
CA TRP C 659 -4.17 -34.58 22.45
C TRP C 659 -4.96 -35.37 21.42
N ALA C 660 -4.36 -35.59 20.26
CA ALA C 660 -4.97 -36.42 19.24
C ALA C 660 -5.27 -37.84 19.74
N SER C 661 -4.22 -38.58 20.13
CA SER C 661 -4.40 -39.89 20.76
C SER C 661 -5.56 -39.86 21.74
N LYS C 662 -5.58 -38.88 22.63
CA LYS C 662 -6.60 -38.87 23.64
C LYS C 662 -7.99 -38.72 23.02
N LEU C 663 -8.18 -37.70 22.19
CA LEU C 663 -9.48 -37.51 21.61
C LEU C 663 -10.03 -38.81 21.04
N ARG C 664 -9.21 -39.53 20.28
CA ARG C 664 -9.67 -40.73 19.59
C ARG C 664 -9.85 -41.88 20.54
N GLU C 665 -9.09 -41.90 21.63
CA GLU C 665 -9.25 -42.94 22.63
C GLU C 665 -10.68 -42.88 23.24
N LEU C 666 -11.07 -41.65 23.60
CA LEU C 666 -12.20 -41.38 24.50
C LEU C 666 -13.51 -40.92 23.85
N LYS C 667 -13.40 -40.17 22.76
CA LYS C 667 -14.58 -39.64 22.05
C LYS C 667 -15.61 -40.73 21.75
N THR C 668 -16.83 -40.33 21.38
CA THR C 668 -17.92 -41.30 21.19
C THR C 668 -18.61 -41.20 19.84
N ASP C 669 -18.27 -40.16 19.09
CA ASP C 669 -18.73 -39.95 17.71
C ASP C 669 -17.84 -40.73 16.75
N SER C 670 -18.18 -40.72 15.46
CA SER C 670 -17.30 -41.34 14.47
C SER C 670 -16.73 -40.35 13.43
N ASN C 671 -16.83 -39.05 13.77
CA ASN C 671 -16.21 -37.98 12.99
C ASN C 671 -14.69 -38.10 12.99
N GLU C 672 -14.02 -37.45 12.05
CA GLU C 672 -12.58 -37.70 11.90
C GLU C 672 -11.70 -36.65 12.59
N VAL C 673 -10.63 -37.13 13.24
CA VAL C 673 -9.62 -36.29 13.87
C VAL C 673 -8.33 -36.45 13.07
N LEU C 674 -7.74 -35.35 12.62
CA LEU C 674 -6.54 -35.42 11.76
C LEU C 674 -5.38 -34.56 12.21
N LEU C 675 -4.28 -35.19 12.58
CA LEU C 675 -3.04 -34.48 12.89
C LEU C 675 -2.12 -34.38 11.67
N LYS C 676 -1.87 -33.16 11.19
CA LYS C 676 -0.81 -32.91 10.21
C LYS C 676 0.46 -32.46 10.91
N MET C 677 1.51 -33.24 10.72
CA MET C 677 2.75 -33.01 11.44
C MET C 677 3.87 -32.66 10.47
N ASP C 678 4.09 -31.38 10.17
CA ASP C 678 5.21 -31.10 9.31
C ASP C 678 6.52 -31.38 10.05
N LEU C 679 7.36 -32.22 9.47
CA LEU C 679 8.65 -32.65 10.03
C LEU C 679 9.77 -31.61 9.87
N GLU C 680 9.52 -30.64 9.00
CA GLU C 680 10.53 -29.69 8.56
C GLU C 680 10.58 -28.40 9.36
N SER C 681 9.48 -28.06 10.04
CA SER C 681 9.31 -26.68 10.50
C SER C 681 9.12 -26.43 11.99
N GLY C 682 8.92 -25.15 12.33
CA GLY C 682 8.66 -24.71 13.70
C GLY C 682 7.20 -24.38 13.98
N HIS C 683 7.01 -23.29 14.71
CA HIS C 683 5.69 -22.86 15.19
C HIS C 683 4.92 -22.01 14.17
N PHE C 684 5.62 -21.02 13.62
CA PHE C 684 5.01 -20.06 12.73
C PHE C 684 4.91 -20.71 11.42
N SER C 685 5.59 -21.81 11.32
CA SER C 685 6.05 -22.19 10.05
C SER C 685 4.87 -22.76 9.28
N ALA C 686 4.46 -23.97 9.61
CA ALA C 686 3.93 -24.87 8.58
C ALA C 686 5.04 -24.87 7.48
N SER C 687 5.30 -23.68 6.88
CA SER C 687 6.60 -23.36 6.24
C SER C 687 6.83 -21.88 5.82
N ASP C 688 7.86 -21.72 5.01
CA ASP C 688 8.53 -20.46 4.76
C ASP C 688 8.49 -20.02 3.29
N ARG C 689 7.56 -20.57 2.51
CA ARG C 689 7.63 -20.52 1.06
C ARG C 689 6.36 -20.11 0.30
N TYR C 690 6.28 -20.64 -0.92
CA TYR C 690 5.05 -20.80 -1.67
C TYR C 690 4.18 -21.77 -0.89
N LYS C 691 4.79 -22.88 -0.49
CA LYS C 691 4.10 -24.02 0.10
C LYS C 691 3.33 -23.81 1.39
N TYR C 692 3.62 -22.73 2.10
CA TYR C 692 2.86 -22.31 3.27
C TYR C 692 1.38 -22.21 2.91
N LEU C 693 1.12 -21.85 1.64
CA LEU C 693 -0.24 -21.75 1.13
C LEU C 693 -0.84 -23.14 0.88
N ARG C 694 -0.08 -24.04 0.26
CA ARG C 694 -0.51 -25.44 0.10
C ARG C 694 -1.07 -26.01 1.42
N GLU C 695 -0.41 -25.72 2.54
CA GLU C 695 -0.97 -26.13 3.81
C GLU C 695 -2.28 -25.39 4.09
N ASN C 696 -2.32 -24.08 3.83
CA ASN C 696 -3.51 -23.27 4.14
C ASN C 696 -4.76 -23.61 3.35
N ALA C 697 -4.58 -24.09 2.13
CA ALA C 697 -5.70 -24.52 1.32
C ALA C 697 -6.19 -25.84 1.86
N ILE C 698 -5.28 -26.83 1.89
CA ILE C 698 -5.58 -28.19 2.31
C ILE C 698 -6.39 -28.15 3.61
N GLN C 699 -6.10 -27.15 4.44
CA GLN C 699 -6.84 -26.94 5.67
C GLN C 699 -8.19 -26.33 5.38
N GLN C 700 -8.19 -25.23 4.63
CA GLN C 700 -9.44 -24.59 4.23
C GLN C 700 -10.31 -25.58 3.47
N ALA C 701 -9.69 -26.49 2.76
CA ALA C 701 -10.43 -27.53 2.09
C ALA C 701 -11.21 -28.41 3.08
N PHE C 702 -10.58 -28.72 4.20
CA PHE C 702 -11.13 -29.65 5.16
C PHE C 702 -12.42 -29.11 5.79
N VAL C 703 -12.36 -27.85 6.24
CA VAL C 703 -13.53 -27.10 6.66
C VAL C 703 -14.61 -27.31 5.62
N LEU C 704 -14.33 -26.85 4.39
CA LEU C 704 -15.33 -26.80 3.31
C LEU C 704 -15.96 -28.14 2.90
N LYS C 705 -15.19 -29.23 2.94
CA LYS C 705 -15.72 -30.57 2.72
C LYS C 705 -16.87 -30.84 3.66
N HIS C 706 -16.64 -30.51 4.92
CA HIS C 706 -17.51 -30.90 6.02
C HIS C 706 -18.65 -29.94 6.20
N LEU C 707 -18.38 -28.69 5.85
CA LEU C 707 -19.37 -27.65 5.88
C LEU C 707 -20.22 -27.73 4.62
N ASN C 708 -19.74 -28.49 3.65
CA ASN C 708 -20.34 -28.65 2.31
C ASN C 708 -20.78 -27.34 1.64
N VAL C 709 -19.79 -26.52 1.31
CA VAL C 709 -19.97 -25.34 0.46
C VAL C 709 -18.75 -25.30 -0.45
N ARG C 710 -18.98 -25.22 -1.75
CA ARG C 710 -17.97 -25.61 -2.77
C ARG C 710 -17.97 -24.72 -4.02
N GLN C 711 -19.11 -24.69 -4.73
CA GLN C 711 -19.36 -23.70 -5.80
C GLN C 711 -19.13 -22.28 -5.23
N LEU C 712 -18.34 -21.49 -5.95
CA LEU C 712 -18.12 -20.08 -5.63
C LEU C 712 -19.47 -19.32 -5.69
N LEU C 713 -19.51 -18.05 -5.26
CA LEU C 713 -20.75 -17.30 -5.48
C LEU C 713 -20.65 -16.24 -6.58
N ARG C 714 -19.96 -16.59 -7.67
CA ARG C 714 -19.74 -15.73 -8.83
C ARG C 714 -19.37 -16.58 -10.05
N ARG D 5 -7.41 -48.15 59.25
CA ARG D 5 -7.68 -47.43 57.96
C ARG D 5 -8.82 -46.40 58.12
N GLY D 6 -9.79 -46.40 57.19
CA GLY D 6 -11.09 -45.70 57.31
C GLY D 6 -12.12 -46.47 56.46
N PRO D 7 -13.43 -46.16 56.61
CA PRO D 7 -14.52 -46.86 55.88
C PRO D 7 -14.71 -46.46 54.40
N ILE D 8 -14.47 -47.43 53.50
CA ILE D 8 -14.50 -47.20 52.03
C ILE D 8 -15.45 -48.17 51.31
N ALA D 9 -16.45 -47.63 50.60
CA ALA D 9 -17.54 -48.42 49.98
C ALA D 9 -17.09 -49.27 48.80
N ALA D 10 -17.61 -50.49 48.72
CA ALA D 10 -17.30 -51.40 47.63
C ALA D 10 -17.75 -50.81 46.29
N HIS D 11 -16.96 -51.08 45.27
CA HIS D 11 -17.22 -50.53 43.96
C HIS D 11 -18.23 -51.38 43.21
N ARG D 12 -19.24 -50.74 42.61
CA ARG D 12 -20.24 -51.45 41.79
C ARG D 12 -20.65 -50.66 40.52
N PRO D 13 -20.30 -51.20 39.33
CA PRO D 13 -20.52 -50.57 38.03
C PRO D 13 -21.96 -50.19 37.72
N HIS D 14 -22.27 -48.92 37.89
CA HIS D 14 -23.54 -48.37 37.48
C HIS D 14 -23.29 -47.30 36.43
N GLU D 15 -24.14 -47.24 35.40
CA GLU D 15 -24.08 -46.21 34.36
C GLU D 15 -25.10 -45.12 34.64
N VAL D 16 -24.73 -43.86 34.58
CA VAL D 16 -25.70 -42.79 34.77
C VAL D 16 -25.81 -41.95 33.50
N VAL D 17 -27.03 -41.65 33.07
CA VAL D 17 -27.24 -40.99 31.78
C VAL D 17 -27.51 -39.47 31.92
N PHE D 18 -26.92 -38.73 30.99
CA PHE D 18 -27.02 -37.27 30.89
C PHE D 18 -27.55 -36.92 29.51
N GLY D 19 -28.73 -36.33 29.46
CA GLY D 19 -29.43 -36.10 28.19
C GLY D 19 -30.72 -36.91 28.00
N LYS D 20 -31.23 -36.95 26.78
CA LYS D 20 -32.48 -37.62 26.46
C LYS D 20 -32.58 -39.12 26.89
N VAL D 21 -33.65 -39.42 27.65
CA VAL D 21 -34.02 -40.81 28.02
C VAL D 21 -35.49 -40.96 27.78
N GLU D 22 -35.86 -41.95 26.97
CA GLU D 22 -37.28 -42.26 26.77
C GLU D 22 -37.87 -42.74 28.08
N GLY D 23 -38.98 -42.11 28.48
CA GLY D 23 -39.65 -42.44 29.72
C GLY D 23 -39.69 -41.21 30.59
N GLU D 24 -38.51 -40.74 30.99
CA GLU D 24 -38.32 -39.66 31.98
C GLU D 24 -38.38 -38.28 31.33
N ASP D 25 -38.62 -37.24 32.12
CA ASP D 25 -38.54 -35.88 31.58
C ASP D 25 -37.20 -35.30 31.96
N ARG D 26 -36.40 -34.95 30.98
CA ARG D 26 -35.09 -34.45 31.32
C ARG D 26 -34.97 -32.97 30.99
N GLY D 27 -36.09 -32.26 31.04
CA GLY D 27 -36.14 -30.89 30.57
C GLY D 27 -36.53 -30.76 29.10
N ALA D 28 -36.81 -29.52 28.69
CA ALA D 28 -37.29 -29.19 27.36
C ALA D 28 -36.21 -29.20 26.27
N ASN D 29 -34.95 -29.47 26.62
CA ASN D 29 -33.89 -29.44 25.61
C ASN D 29 -32.74 -30.45 25.78
N PRO D 30 -33.03 -31.72 26.12
CA PRO D 30 -31.96 -32.59 26.62
C PRO D 30 -31.08 -33.20 25.52
N MET D 31 -29.77 -33.37 25.81
CA MET D 31 -28.79 -33.80 24.77
C MET D 31 -29.13 -35.15 24.14
N ASP D 32 -28.89 -35.25 22.83
CA ASP D 32 -29.18 -36.45 22.04
C ASP D 32 -28.19 -36.55 20.89
N PRO D 33 -27.40 -37.65 20.83
CA PRO D 33 -27.39 -38.75 21.82
C PRO D 33 -26.94 -38.31 23.20
N PRO D 34 -27.50 -38.94 24.24
CA PRO D 34 -27.11 -38.59 25.60
C PRO D 34 -25.66 -39.01 25.93
N ARG D 35 -25.01 -38.27 26.82
CA ARG D 35 -23.71 -38.66 27.34
C ARG D 35 -23.91 -39.60 28.51
N ARG D 36 -22.94 -40.48 28.71
CA ARG D 36 -23.05 -41.50 29.76
C ARG D 36 -21.76 -41.56 30.49
N ARG D 37 -21.80 -42.00 31.72
CA ARG D 37 -20.59 -42.21 32.47
C ARG D 37 -20.91 -42.99 33.73
N VAL D 38 -19.96 -43.81 34.16
CA VAL D 38 -20.15 -44.75 35.27
C VAL D 38 -20.02 -44.09 36.66
N ASP D 39 -20.92 -44.44 37.58
CA ASP D 39 -20.74 -44.08 38.99
C ASP D 39 -20.72 -45.34 39.85
N PRO D 40 -19.51 -45.73 40.33
CA PRO D 40 -19.34 -47.02 41.02
C PRO D 40 -19.93 -47.02 42.44
N LEU D 41 -20.53 -45.91 42.88
CA LEU D 41 -21.10 -45.82 44.22
C LEU D 41 -22.58 -45.36 44.22
N PHE D 42 -23.29 -45.66 43.13
CA PHE D 42 -24.67 -45.28 42.94
C PHE D 42 -25.53 -46.09 43.88
N TRP D 43 -25.13 -47.35 44.08
CA TRP D 43 -25.89 -48.29 44.89
C TRP D 43 -26.05 -47.82 46.35
N LEU D 44 -25.36 -46.75 46.74
CA LEU D 44 -25.54 -46.22 48.12
C LEU D 44 -26.92 -45.57 48.29
N ARG D 45 -27.69 -45.57 47.21
CA ARG D 45 -28.98 -44.94 47.18
C ARG D 45 -30.05 -46.01 47.06
N ASP D 46 -30.94 -45.99 48.03
CA ASP D 46 -32.17 -46.73 47.95
C ASP D 46 -33.21 -45.84 48.62
N ASP D 47 -34.22 -45.48 47.84
CA ASP D 47 -35.26 -44.55 48.27
C ASP D 47 -36.11 -45.09 49.42
N ASN D 48 -36.26 -46.40 49.51
CA ASN D 48 -37.02 -47.01 50.58
C ASN D 48 -36.30 -47.04 51.93
N ARG D 49 -35.04 -46.61 51.94
CA ARG D 49 -34.19 -46.46 53.15
C ARG D 49 -34.02 -47.76 53.97
N ALA D 50 -34.32 -48.88 53.35
CA ALA D 50 -34.29 -50.16 54.07
C ALA D 50 -33.07 -51.04 53.78
N ASP D 51 -32.41 -50.88 52.62
CA ASP D 51 -31.46 -51.90 52.14
C ASP D 51 -30.34 -52.26 53.11
N PRO D 52 -30.32 -53.55 53.55
CA PRO D 52 -29.38 -54.09 54.53
C PRO D 52 -27.92 -53.76 54.20
N GLU D 53 -27.55 -53.89 52.93
CA GLU D 53 -26.18 -53.54 52.48
C GLU D 53 -25.82 -52.07 52.66
N VAL D 54 -26.80 -51.19 52.50
CA VAL D 54 -26.60 -49.75 52.68
C VAL D 54 -26.50 -49.37 54.17
N LEU D 55 -27.43 -49.89 54.98
CA LEU D 55 -27.46 -49.68 56.44
C LEU D 55 -26.27 -50.30 57.13
N ALA D 56 -25.85 -51.47 56.65
CA ALA D 56 -24.63 -52.10 57.12
C ALA D 56 -23.50 -51.10 56.97
N HIS D 57 -23.34 -50.59 55.74
CA HIS D 57 -22.28 -49.66 55.43
C HIS D 57 -22.36 -48.44 56.31
N LEU D 58 -23.56 -47.95 56.56
CA LEU D 58 -23.72 -46.79 57.44
C LEU D 58 -23.37 -47.06 58.89
N HIS D 59 -23.50 -48.32 59.32
CA HIS D 59 -23.06 -48.72 60.65
C HIS D 59 -21.53 -48.68 60.75
N LEU D 60 -20.86 -49.03 59.66
CA LEU D 60 -19.40 -48.99 59.61
C LEU D 60 -18.94 -47.54 59.75
N GLU D 61 -19.74 -46.66 59.19
CA GLU D 61 -19.54 -45.24 59.34
C GLU D 61 -19.88 -44.81 60.76
N LYS D 62 -20.92 -45.38 61.36
CA LYS D 62 -21.23 -45.02 62.74
C LYS D 62 -20.13 -45.53 63.66
N ASP D 63 -19.71 -46.79 63.44
CA ASP D 63 -18.54 -47.37 64.09
C ASP D 63 -17.42 -46.36 64.23
N TYR D 64 -16.76 -46.07 63.11
CA TYR D 64 -15.70 -45.10 63.06
C TYR D 64 -16.06 -43.88 63.88
N TYR D 65 -17.14 -43.21 63.51
CA TYR D 65 -17.41 -41.90 64.08
C TYR D 65 -17.35 -41.86 65.61
N GLU D 66 -17.91 -42.85 66.29
CA GLU D 66 -17.96 -42.79 67.76
C GLU D 66 -16.64 -43.18 68.44
N LYS D 67 -15.76 -43.79 67.67
CA LYS D 67 -14.40 -44.16 68.09
C LYS D 67 -13.50 -42.91 68.05
N ARG D 68 -13.65 -42.13 67.00
CA ARG D 68 -12.80 -40.99 66.76
C ARG D 68 -13.24 -39.79 67.58
N ALA D 69 -14.46 -39.87 68.10
CA ALA D 69 -15.05 -38.79 68.88
C ALA D 69 -14.92 -39.04 70.37
N VAL D 70 -14.42 -40.22 70.73
CA VAL D 70 -14.22 -40.62 72.13
C VAL D 70 -13.60 -39.50 72.98
N ASP D 71 -12.57 -38.86 72.42
CA ASP D 71 -11.79 -37.83 73.12
C ASP D 71 -12.36 -36.42 72.96
N ILE D 72 -13.59 -36.32 72.50
CA ILE D 72 -14.28 -35.04 72.53
C ILE D 72 -15.59 -35.03 73.34
N LYS D 73 -15.98 -36.19 73.89
CA LYS D 73 -17.17 -36.29 74.78
C LYS D 73 -17.26 -35.10 75.74
N ASP D 74 -16.17 -34.83 76.45
CA ASP D 74 -16.14 -33.85 77.55
C ASP D 74 -16.12 -32.39 77.11
N LEU D 75 -15.24 -32.05 76.17
CA LEU D 75 -15.29 -30.70 75.61
C LEU D 75 -16.72 -30.38 75.16
N ALA D 76 -17.31 -31.28 74.39
CA ALA D 76 -18.67 -31.12 73.90
C ALA D 76 -19.71 -30.94 75.02
N GLU D 77 -19.55 -31.66 76.14
CA GLU D 77 -20.38 -31.41 77.31
C GLU D 77 -20.14 -29.97 77.82
N THR D 78 -18.88 -29.58 77.99
CA THR D 78 -18.54 -28.22 78.47
C THR D 78 -19.34 -27.21 77.65
N ILE D 79 -19.22 -27.34 76.34
CA ILE D 79 -19.93 -26.52 75.40
C ILE D 79 -21.45 -26.66 75.55
N TYR D 80 -21.93 -27.89 75.53
CA TYR D 80 -23.36 -28.17 75.72
C TYR D 80 -23.93 -27.32 76.86
N GLN D 81 -23.25 -27.30 78.00
CA GLN D 81 -23.68 -26.53 79.14
C GLN D 81 -23.70 -25.04 78.82
N GLU D 82 -22.63 -24.58 78.16
CA GLU D 82 -22.45 -23.18 77.78
C GLU D 82 -23.62 -22.69 76.96
N HIS D 83 -24.16 -23.58 76.13
CA HIS D 83 -25.34 -23.28 75.33
C HIS D 83 -26.57 -23.07 76.24
N ILE D 84 -26.73 -23.97 77.23
CA ILE D 84 -27.88 -23.95 78.13
C ILE D 84 -27.99 -22.63 78.88
N SER D 85 -26.88 -22.22 79.48
CA SER D 85 -26.79 -20.95 80.18
C SER D 85 -27.12 -19.79 79.25
N HIS D 86 -26.66 -19.88 78.01
CA HIS D 86 -26.98 -18.88 77.01
C HIS D 86 -28.45 -18.93 76.56
N ILE D 87 -29.20 -19.94 76.99
CA ILE D 87 -30.51 -20.15 76.38
C ILE D 87 -31.75 -19.66 77.13
N GLU D 88 -31.78 -19.76 78.45
CA GLU D 88 -33.05 -19.57 79.17
C GLU D 88 -34.08 -20.64 78.75
N GLU D 89 -33.94 -21.79 79.38
CA GLU D 89 -34.81 -22.93 79.20
C GLU D 89 -36.29 -22.60 79.48
N THR D 90 -36.51 -21.56 80.27
CA THR D 90 -37.87 -21.13 80.60
C THR D 90 -38.13 -19.71 80.11
N ASP D 91 -39.08 -19.59 79.18
CA ASP D 91 -39.24 -18.37 78.41
C ASP D 91 -40.60 -18.30 77.74
N MET D 92 -41.16 -17.10 77.70
CA MET D 92 -42.50 -16.86 77.16
C MET D 92 -42.39 -15.92 75.99
N SER D 93 -42.61 -16.42 74.78
CA SER D 93 -42.39 -15.64 73.56
C SER D 93 -43.18 -14.31 73.58
N ALA D 94 -43.00 -13.50 72.54
CA ALA D 94 -43.68 -12.21 72.40
C ALA D 94 -45.17 -12.43 72.13
N PRO D 95 -46.03 -12.03 73.08
CA PRO D 95 -47.44 -12.32 72.88
C PRO D 95 -48.02 -11.38 71.83
N TYR D 96 -49.02 -11.83 71.07
CA TYR D 96 -49.63 -10.95 70.05
C TYR D 96 -51.12 -11.13 70.00
N VAL D 97 -51.80 -10.06 69.62
CA VAL D 97 -53.22 -10.07 69.43
C VAL D 97 -53.64 -10.88 68.22
N TYR D 98 -54.54 -11.84 68.43
CA TYR D 98 -55.21 -12.61 67.35
C TYR D 98 -56.66 -12.56 67.70
N ASP D 99 -57.41 -11.80 66.92
CA ASP D 99 -58.84 -11.65 67.22
C ASP D 99 -59.03 -11.35 68.71
N ARG D 100 -59.77 -12.22 69.39
CA ARG D 100 -60.28 -11.97 70.74
C ARG D 100 -59.34 -12.57 71.79
N PHE D 101 -58.06 -12.72 71.42
CA PHE D 101 -57.09 -13.45 72.25
C PHE D 101 -55.68 -12.86 72.24
N LEU D 102 -54.85 -13.36 73.15
CA LEU D 102 -53.44 -13.10 73.12
C LEU D 102 -52.73 -14.44 72.99
N TYR D 103 -51.99 -14.58 71.87
CA TYR D 103 -51.29 -15.81 71.50
C TYR D 103 -49.81 -15.68 71.71
N TYR D 104 -49.28 -16.65 72.43
CA TYR D 104 -47.86 -16.77 72.63
C TYR D 104 -47.45 -18.22 72.79
N THR D 105 -46.15 -18.44 72.72
CA THR D 105 -45.54 -19.73 72.92
C THR D 105 -44.78 -19.69 74.23
N ARG D 106 -44.79 -20.79 74.98
CA ARG D 106 -44.00 -20.92 76.22
C ARG D 106 -42.98 -22.04 76.12
N ASP D 107 -41.86 -21.90 76.84
CA ASP D 107 -40.83 -22.94 76.90
C ASP D 107 -40.57 -23.31 78.35
N VAL D 108 -40.53 -24.60 78.66
CA VAL D 108 -40.34 -25.06 80.03
C VAL D 108 -38.98 -25.72 80.24
N LYS D 109 -38.42 -25.55 81.42
CA LYS D 109 -37.03 -25.94 81.69
C LYS D 109 -36.67 -27.41 81.44
N GLY D 110 -37.55 -28.35 81.74
CA GLY D 110 -37.13 -29.74 81.56
C GLY D 110 -37.50 -30.40 80.24
N LEU D 111 -38.12 -29.66 79.33
CA LEU D 111 -38.90 -30.27 78.26
C LEU D 111 -38.42 -29.96 76.85
N SER D 112 -38.53 -30.93 75.95
CA SER D 112 -37.92 -30.84 74.63
C SER D 112 -38.62 -29.92 73.62
N TYR D 113 -39.90 -29.62 73.85
CA TYR D 113 -40.77 -29.03 72.83
C TYR D 113 -41.54 -27.84 73.33
N LYS D 114 -41.93 -26.95 72.42
CA LYS D 114 -42.70 -25.77 72.80
C LYS D 114 -44.15 -26.08 73.20
N LEU D 115 -44.83 -25.06 73.69
CA LEU D 115 -46.23 -25.14 74.06
C LEU D 115 -46.90 -23.93 73.42
N HIS D 116 -48.05 -24.12 72.78
CA HIS D 116 -48.83 -22.99 72.24
C HIS D 116 -49.95 -22.57 73.20
N CYS D 117 -49.89 -21.30 73.62
CA CYS D 117 -50.77 -20.82 74.69
C CYS D 117 -51.61 -19.68 74.16
N ARG D 118 -52.50 -19.18 75.02
CA ARG D 118 -53.57 -18.34 74.56
C ARG D 118 -54.22 -17.84 75.80
N VAL D 119 -54.47 -16.54 75.84
CA VAL D 119 -55.12 -15.91 76.96
C VAL D 119 -56.24 -15.02 76.41
N PRO D 120 -57.28 -14.76 77.23
CA PRO D 120 -58.28 -13.77 76.84
C PRO D 120 -57.73 -12.36 76.73
N ALA D 121 -58.45 -11.50 76.03
CA ALA D 121 -57.97 -10.13 75.72
C ALA D 121 -57.63 -9.23 76.92
N GLY D 122 -58.48 -9.22 77.95
CA GLY D 122 -58.24 -8.40 79.15
C GLY D 122 -57.16 -8.93 80.10
N LYS D 123 -56.85 -10.21 79.99
CA LYS D 123 -56.05 -10.91 80.98
C LYS D 123 -54.55 -10.96 80.66
N THR D 124 -53.75 -11.30 81.67
CA THR D 124 -52.28 -11.28 81.55
C THR D 124 -51.69 -12.59 81.03
N PRO D 125 -50.87 -12.50 79.97
CA PRO D 125 -50.14 -13.64 79.42
C PRO D 125 -49.21 -14.24 80.44
N GLY D 126 -49.12 -15.56 80.44
CA GLY D 126 -48.20 -16.25 81.28
C GLY D 126 -48.95 -17.37 81.93
N GLU D 127 -48.20 -18.34 82.44
CA GLU D 127 -48.78 -19.50 83.12
C GLU D 127 -49.73 -19.07 84.28
N GLY D 128 -50.84 -19.78 84.41
CA GLY D 128 -51.82 -19.50 85.43
C GLY D 128 -53.10 -20.17 85.06
N GLU D 129 -54.20 -19.61 85.53
CA GLU D 129 -55.48 -20.25 85.36
C GLU D 129 -56.29 -19.66 84.22
N ASP D 130 -55.89 -18.47 83.77
CA ASP D 130 -56.53 -17.83 82.61
C ASP D 130 -55.99 -18.34 81.27
N GLU D 131 -54.83 -19.00 81.34
CA GLU D 131 -54.15 -19.50 80.17
C GLU D 131 -54.68 -20.84 79.72
N GLU D 132 -55.03 -20.92 78.44
CA GLU D 132 -55.35 -22.19 77.82
C GLU D 132 -54.16 -22.67 76.97
N ILE D 133 -53.77 -23.93 77.16
CA ILE D 133 -52.78 -24.56 76.32
C ILE D 133 -53.52 -25.16 75.15
N VAL D 134 -53.41 -24.52 74.00
CA VAL D 134 -54.04 -24.98 72.78
C VAL D 134 -53.44 -26.34 72.39
N LEU D 135 -52.11 -26.40 72.34
CA LEU D 135 -51.38 -27.60 71.94
C LEU D 135 -50.03 -27.72 72.62
N ASP D 136 -49.74 -28.93 73.10
CA ASP D 136 -48.52 -29.21 73.80
C ASP D 136 -47.75 -30.22 72.98
N GLU D 137 -46.56 -29.84 72.54
CA GLU D 137 -45.82 -30.71 71.63
C GLU D 137 -45.15 -31.92 72.29
N ASN D 138 -45.12 -31.88 73.62
CA ASN D 138 -44.57 -32.96 74.44
C ASN D 138 -45.49 -34.16 74.51
N LYS D 139 -46.81 -33.94 74.62
CA LYS D 139 -47.78 -35.03 74.56
C LYS D 139 -47.81 -35.55 73.12
N LEU D 140 -47.63 -34.65 72.16
CA LEU D 140 -47.46 -35.03 70.77
C LEU D 140 -46.25 -35.94 70.54
N ALA D 141 -45.15 -35.64 71.23
CA ALA D 141 -43.90 -36.38 71.14
C ALA D 141 -43.83 -37.65 71.99
N GLU D 142 -44.93 -38.01 72.68
CA GLU D 142 -45.00 -39.20 73.57
C GLU D 142 -44.34 -40.42 72.89
N GLY D 143 -43.14 -40.73 73.40
CA GLY D 143 -42.36 -41.87 72.95
C GLY D 143 -42.24 -41.92 71.45
N LYS D 144 -42.04 -40.76 70.84
CA LYS D 144 -41.75 -40.68 69.41
C LYS D 144 -40.33 -40.16 69.26
N SER D 145 -39.63 -40.66 68.23
CA SER D 145 -38.23 -40.30 67.97
C SER D 145 -38.11 -38.94 67.28
N PHE D 146 -38.97 -38.67 66.32
CA PHE D 146 -38.93 -37.40 65.62
C PHE D 146 -40.29 -36.76 65.74
N CYS D 147 -40.33 -35.45 65.89
CA CYS D 147 -41.61 -34.75 65.87
C CYS D 147 -41.43 -33.30 65.47
N VAL D 148 -42.08 -32.91 64.39
CA VAL D 148 -42.05 -31.53 63.94
C VAL D 148 -43.47 -31.04 63.67
N VAL D 149 -43.83 -29.92 64.29
CA VAL D 149 -45.13 -29.31 64.01
C VAL D 149 -44.90 -28.25 62.96
N GLY D 150 -45.66 -28.34 61.87
CA GLY D 150 -45.47 -27.43 60.75
C GLY D 150 -46.23 -26.14 60.96
N CYS D 151 -47.35 -26.23 61.64
CA CYS D 151 -48.31 -25.13 61.64
C CYS D 151 -49.42 -25.40 62.63
N VAL D 152 -49.78 -24.37 63.39
CA VAL D 152 -50.91 -24.44 64.32
C VAL D 152 -51.86 -23.27 64.03
N ALA D 153 -53.02 -23.63 63.49
CA ALA D 153 -53.95 -22.65 62.93
C ALA D 153 -55.31 -22.73 63.60
N PRO D 154 -55.64 -21.68 64.38
CA PRO D 154 -56.99 -21.59 64.89
C PRO D 154 -57.89 -21.12 63.77
N ALA D 155 -59.13 -21.63 63.74
CA ALA D 155 -60.15 -21.22 62.75
C ALA D 155 -60.84 -19.94 63.22
N PRO D 156 -60.52 -18.80 62.55
CA PRO D 156 -61.01 -17.44 62.72
C PRO D 156 -62.50 -17.21 62.98
N PRO D 157 -62.87 -15.93 63.20
CA PRO D 157 -63.56 -15.39 64.34
C PRO D 157 -63.27 -16.14 65.65
N GLU D 158 -63.96 -17.26 65.86
CA GLU D 158 -64.12 -17.83 67.18
C GLU D 158 -62.92 -18.55 67.79
N HIS D 159 -62.03 -19.06 66.94
CA HIS D 159 -60.90 -19.90 67.39
C HIS D 159 -61.39 -21.16 68.15
N ALA D 160 -62.55 -21.68 67.78
CA ALA D 160 -63.09 -22.82 68.53
C ALA D 160 -62.47 -24.16 68.14
N LEU D 161 -62.05 -24.31 66.88
CA LEU D 161 -61.30 -25.51 66.47
C LEU D 161 -59.89 -25.11 66.11
N VAL D 162 -58.92 -26.02 66.25
CA VAL D 162 -57.56 -25.73 65.78
C VAL D 162 -56.86 -26.88 65.10
N ALA D 163 -56.50 -26.62 63.85
CA ALA D 163 -55.77 -27.56 63.05
C ALA D 163 -54.32 -27.40 63.39
N TYR D 164 -53.57 -28.49 63.34
CA TYR D 164 -52.11 -28.43 63.40
C TYR D 164 -51.63 -29.53 62.50
N SER D 165 -50.47 -29.33 61.91
CA SER D 165 -49.87 -30.38 61.08
C SER D 165 -48.66 -30.95 61.79
N VAL D 166 -48.37 -32.20 61.49
CA VAL D 166 -47.32 -32.90 62.19
C VAL D 166 -46.57 -33.89 61.29
N ASP D 167 -45.24 -33.92 61.43
CA ASP D 167 -44.39 -34.88 60.75
C ASP D 167 -43.66 -35.68 61.80
N TYR D 168 -44.01 -36.96 61.91
CA TYR D 168 -43.37 -37.86 62.89
C TYR D 168 -42.10 -38.51 62.40
N CYS D 169 -41.63 -38.13 61.20
CA CYS D 169 -40.53 -38.86 60.59
C CYS D 169 -39.35 -38.04 60.01
N GLY D 170 -39.65 -36.91 59.37
CA GLY D 170 -38.59 -35.99 58.89
C GLY D 170 -38.42 -35.92 57.40
N ASP D 171 -39.48 -36.19 56.66
CA ASP D 171 -39.44 -36.15 55.22
C ASP D 171 -40.28 -34.94 54.77
N GLU D 172 -40.97 -34.37 55.75
CA GLU D 172 -41.71 -33.13 55.60
C GLU D 172 -43.05 -33.42 54.97
N VAL D 173 -43.48 -34.67 54.95
CA VAL D 173 -44.88 -34.92 54.63
C VAL D 173 -45.66 -34.84 55.91
N TYR D 174 -46.62 -33.92 55.95
CA TYR D 174 -47.42 -33.72 57.15
C TYR D 174 -48.84 -34.22 56.98
N SER D 175 -49.42 -34.69 58.06
CA SER D 175 -50.86 -34.87 58.07
C SER D 175 -51.49 -33.76 58.91
N ILE D 176 -52.67 -33.29 58.53
CA ILE D 176 -53.36 -32.28 59.34
C ILE D 176 -54.50 -32.88 60.17
N ARG D 177 -54.55 -32.53 61.44
CA ARG D 177 -55.54 -33.05 62.38
C ARG D 177 -55.93 -31.95 63.37
N PHE D 178 -56.82 -32.30 64.30
CA PHE D 178 -57.38 -31.32 65.20
C PHE D 178 -57.10 -31.55 66.65
N VAL D 179 -56.93 -30.42 67.31
CA VAL D 179 -56.73 -30.32 68.74
C VAL D 179 -57.76 -31.12 69.56
N ARG D 180 -57.25 -31.90 70.52
CA ARG D 180 -58.11 -32.72 71.42
C ARG D 180 -59.29 -33.44 70.76
N ASP D 181 -59.19 -33.66 69.44
CA ASP D 181 -60.23 -34.31 68.62
C ASP D 181 -61.56 -33.69 68.89
N VAL D 182 -61.58 -32.36 68.88
CA VAL D 182 -62.82 -31.62 68.98
C VAL D 182 -63.67 -32.11 67.79
N VAL D 183 -63.06 -32.10 66.60
CA VAL D 183 -63.62 -32.78 65.45
C VAL D 183 -62.70 -33.92 65.02
N ALA D 184 -63.24 -34.78 64.16
CA ALA D 184 -62.57 -36.01 63.83
C ALA D 184 -61.70 -35.94 62.58
N ASP D 185 -61.84 -34.88 61.78
CA ASP D 185 -61.16 -34.79 60.47
C ASP D 185 -59.64 -34.99 60.50
N LYS D 186 -59.14 -35.64 59.45
CA LYS D 186 -57.73 -35.95 59.26
C LYS D 186 -57.32 -35.84 57.79
N VAL D 187 -56.22 -35.15 57.53
CA VAL D 187 -55.86 -34.87 56.14
C VAL D 187 -54.41 -35.25 55.85
N GLU D 188 -54.21 -36.21 54.95
CA GLU D 188 -52.91 -36.87 54.79
C GLU D 188 -52.08 -36.40 53.57
N GLY D 189 -50.76 -36.41 53.72
CA GLY D 189 -49.79 -36.14 52.62
C GLY D 189 -49.51 -34.71 52.21
N THR D 190 -49.54 -33.78 53.17
CA THR D 190 -49.52 -32.34 52.87
C THR D 190 -48.13 -31.77 53.10
N ASN D 191 -47.96 -30.51 52.71
CA ASN D 191 -46.73 -29.81 52.97
C ASN D 191 -46.74 -29.22 54.38
N GLY D 192 -47.88 -29.34 55.08
CA GLY D 192 -47.96 -28.88 56.47
C GLY D 192 -48.71 -27.59 56.67
N SER D 193 -48.89 -26.81 55.60
CA SER D 193 -49.65 -25.54 55.63
C SER D 193 -51.17 -25.71 55.94
N VAL D 194 -51.71 -24.83 56.81
CA VAL D 194 -53.16 -24.65 56.97
C VAL D 194 -53.65 -23.18 56.86
N VAL D 195 -54.58 -22.97 55.94
CA VAL D 195 -55.14 -21.66 55.67
C VAL D 195 -56.65 -21.78 55.81
N TRP D 196 -57.16 -21.12 56.84
CA TRP D 196 -58.57 -21.22 57.19
C TRP D 196 -59.45 -20.43 56.27
N GLY D 197 -60.65 -20.96 56.10
CA GLY D 197 -61.70 -20.22 55.40
C GLY D 197 -62.45 -19.33 56.37
N PRO D 198 -63.60 -18.79 55.96
CA PRO D 198 -64.33 -18.07 56.99
C PRO D 198 -65.26 -18.99 57.76
N ASN D 199 -65.54 -18.59 59.00
CA ASN D 199 -66.57 -19.20 59.87
C ASN D 199 -66.33 -20.69 60.14
N ALA D 200 -65.05 -21.07 60.22
CA ALA D 200 -64.61 -22.45 60.44
C ALA D 200 -65.29 -23.50 59.54
N GLU D 201 -65.55 -23.14 58.29
CA GLU D 201 -66.24 -24.07 57.40
C GLU D 201 -65.25 -24.97 56.64
N CYS D 202 -64.12 -24.41 56.25
CA CYS D 202 -63.11 -25.20 55.58
C CYS D 202 -61.73 -24.62 55.81
N PHE D 203 -60.69 -25.42 55.53
CA PHE D 203 -59.33 -24.89 55.30
C PHE D 203 -58.85 -25.22 53.90
N PHE D 204 -57.65 -24.78 53.58
CA PHE D 204 -57.02 -25.10 52.30
C PHE D 204 -55.65 -25.63 52.60
N TYR D 205 -55.20 -26.56 51.77
CA TYR D 205 -53.96 -27.23 52.06
C TYR D 205 -53.21 -27.54 50.78
N ILE D 206 -52.01 -28.12 50.87
CA ILE D 206 -51.25 -28.40 49.65
C ILE D 206 -50.67 -29.80 49.67
N THR D 207 -50.76 -30.51 48.54
CA THR D 207 -50.19 -31.84 48.39
C THR D 207 -48.95 -31.88 47.50
N LYS D 208 -48.15 -32.93 47.73
CA LYS D 208 -46.92 -33.24 47.01
C LYS D 208 -47.15 -34.23 45.89
N ASP D 209 -46.45 -33.99 44.79
CA ASP D 209 -46.32 -34.92 43.65
C ASP D 209 -45.23 -35.96 43.89
N ALA D 210 -44.84 -36.63 42.81
CA ALA D 210 -43.63 -37.41 42.81
C ALA D 210 -42.52 -36.37 43.05
N SER D 211 -41.39 -36.88 43.55
CA SER D 211 -40.25 -36.05 43.67
C SER D 211 -40.65 -34.90 44.60
N LYS D 212 -41.70 -35.20 45.36
CA LYS D 212 -42.23 -34.41 46.47
C LYS D 212 -42.54 -32.98 46.14
N ARG D 213 -42.91 -32.70 44.91
CA ARG D 213 -43.11 -31.33 44.50
C ARG D 213 -44.52 -30.80 44.85
N ASP D 214 -44.58 -29.64 45.51
CA ASP D 214 -45.88 -29.07 45.94
C ASP D 214 -46.58 -28.60 44.69
N ASN D 215 -47.58 -29.34 44.23
CA ASN D 215 -48.19 -29.06 42.93
C ASN D 215 -49.71 -28.94 42.88
N LYS D 216 -50.40 -29.18 44.01
CA LYS D 216 -51.87 -29.00 44.08
C LYS D 216 -52.34 -28.35 45.35
N VAL D 217 -53.41 -27.57 45.22
CA VAL D 217 -54.09 -26.90 46.33
C VAL D 217 -55.45 -27.51 46.48
N TRP D 218 -55.95 -27.65 47.70
CA TRP D 218 -57.29 -28.20 47.91
C TRP D 218 -58.10 -27.40 48.89
N ARG D 219 -59.43 -27.54 48.83
CA ARG D 219 -60.40 -27.19 49.93
C ARG D 219 -60.79 -28.46 50.69
N HIS D 220 -60.68 -28.43 52.01
CA HIS D 220 -61.32 -29.48 52.83
C HIS D 220 -62.54 -28.94 53.57
N ILE D 221 -63.72 -29.47 53.29
CA ILE D 221 -64.86 -29.00 54.03
C ILE D 221 -64.93 -29.80 55.31
N ILE D 222 -65.00 -29.05 56.41
CA ILE D 222 -65.08 -29.61 57.75
C ILE D 222 -66.29 -30.51 57.92
N GLY D 223 -66.03 -31.76 58.30
CA GLY D 223 -67.09 -32.77 58.46
C GLY D 223 -67.09 -33.78 57.34
N GLN D 224 -66.56 -33.40 56.18
CA GLN D 224 -66.41 -34.30 55.04
C GLN D 224 -65.10 -35.05 55.20
N PRO D 225 -64.97 -36.24 54.59
CA PRO D 225 -63.68 -36.92 54.61
C PRO D 225 -62.82 -36.41 53.49
N GLN D 226 -61.56 -36.83 53.45
CA GLN D 226 -60.59 -36.23 52.51
C GLN D 226 -60.93 -36.43 51.02
N SER D 227 -61.61 -37.53 50.71
CA SER D 227 -61.87 -37.86 49.32
C SER D 227 -62.93 -36.98 48.66
N GLU D 228 -63.65 -36.15 49.43
CA GLU D 228 -64.59 -35.16 48.87
C GLU D 228 -63.91 -33.79 48.70
N ASP D 229 -62.65 -33.74 49.07
CA ASP D 229 -61.91 -32.54 48.87
C ASP D 229 -61.93 -32.15 47.38
N VAL D 230 -61.82 -30.86 47.11
CA VAL D 230 -61.82 -30.38 45.74
C VAL D 230 -60.42 -29.86 45.41
N CYS D 231 -59.84 -30.36 44.31
CA CYS D 231 -58.61 -29.81 43.86
C CYS D 231 -58.87 -28.50 43.11
N LEU D 232 -58.52 -27.39 43.75
CA LEU D 232 -58.78 -26.05 43.23
C LEU D 232 -57.82 -25.69 42.12
N TYR D 233 -56.59 -26.16 42.23
CA TYR D 233 -55.53 -25.75 41.31
C TYR D 233 -54.44 -26.80 41.27
N THR D 234 -53.94 -27.11 40.08
CA THR D 234 -52.78 -27.97 39.93
C THR D 234 -51.86 -27.18 39.03
N ASP D 235 -50.56 -27.14 39.35
CA ASP D 235 -49.54 -26.75 38.36
C ASP D 235 -48.76 -28.00 38.09
N ASP D 236 -48.58 -28.38 36.83
CA ASP D 236 -47.85 -29.61 36.56
C ASP D 236 -46.53 -29.50 35.77
N ASP D 237 -45.94 -28.30 35.76
CA ASP D 237 -44.62 -28.11 35.22
C ASP D 237 -43.65 -28.47 36.31
N PRO D 238 -42.67 -29.33 36.00
CA PRO D 238 -41.58 -29.68 36.89
C PRO D 238 -40.94 -28.44 37.57
N LEU D 239 -40.70 -27.40 36.78
CA LEU D 239 -40.09 -26.16 37.28
C LEU D 239 -40.79 -25.44 38.41
N PHE D 240 -42.06 -25.77 38.70
CA PHE D 240 -42.93 -24.94 39.55
C PHE D 240 -43.47 -25.58 40.83
N SER D 241 -43.55 -24.76 41.88
CA SER D 241 -44.23 -25.05 43.14
C SER D 241 -45.43 -24.10 43.39
N VAL D 242 -46.50 -24.64 43.95
CA VAL D 242 -47.67 -23.82 44.23
C VAL D 242 -47.71 -23.43 45.69
N GLY D 243 -48.02 -22.17 45.99
CA GLY D 243 -48.25 -21.75 47.37
C GLY D 243 -49.73 -21.43 47.51
N VAL D 244 -50.17 -21.13 48.73
CA VAL D 244 -51.53 -20.67 49.02
C VAL D 244 -51.53 -19.68 50.20
N GLY D 245 -52.38 -18.66 50.13
CA GLY D 245 -52.39 -17.62 51.15
C GLY D 245 -53.70 -16.86 51.23
N ARG D 246 -54.06 -16.45 52.44
CA ARG D 246 -55.28 -15.70 52.72
C ARG D 246 -55.02 -14.16 52.74
N SER D 247 -55.76 -13.38 51.95
CA SER D 247 -55.67 -11.90 52.04
C SER D 247 -55.97 -11.41 53.45
N GLY D 248 -55.41 -10.24 53.78
CA GLY D 248 -55.53 -9.63 55.09
C GLY D 248 -56.93 -9.53 55.68
N ASP D 249 -57.92 -9.21 54.85
CA ASP D 249 -59.28 -9.09 55.36
C ASP D 249 -60.02 -10.41 55.32
N GLY D 250 -59.35 -11.43 54.82
CA GLY D 250 -59.91 -12.77 54.80
C GLY D 250 -60.96 -13.02 53.73
N LYS D 251 -61.33 -11.95 53.04
CA LYS D 251 -62.33 -12.01 51.98
C LYS D 251 -61.85 -12.70 50.67
N THR D 252 -60.59 -13.09 50.58
CA THR D 252 -60.03 -13.49 49.26
C THR D 252 -58.92 -14.55 49.32
N LEU D 253 -59.03 -15.62 48.54
CA LEU D 253 -57.90 -16.56 48.50
C LEU D 253 -56.91 -16.21 47.38
N ILE D 254 -55.62 -16.43 47.65
CA ILE D 254 -54.57 -16.17 46.66
C ILE D 254 -53.79 -17.45 46.42
N ILE D 255 -53.72 -17.91 45.16
CA ILE D 255 -53.03 -19.16 44.79
C ILE D 255 -51.97 -18.86 43.73
N CYS D 256 -50.72 -19.31 43.96
CA CYS D 256 -49.61 -18.99 43.02
C CYS D 256 -48.82 -20.18 42.56
N SER D 257 -48.03 -19.97 41.52
CA SER D 257 -47.01 -20.92 41.07
C SER D 257 -45.69 -20.15 41.07
N MET D 258 -44.63 -20.75 41.63
CA MET D 258 -43.30 -20.16 41.52
C MET D 258 -42.27 -21.11 40.98
N SER D 259 -41.59 -20.69 39.92
CA SER D 259 -40.30 -21.27 39.58
C SER D 259 -39.22 -20.26 39.98
N SER D 260 -37.98 -20.74 40.02
CA SER D 260 -36.84 -19.92 40.36
C SER D 260 -36.97 -18.53 39.75
N GLU D 261 -37.44 -18.41 38.50
CA GLU D 261 -37.62 -17.08 37.83
C GLU D 261 -38.97 -16.68 37.18
N THR D 262 -40.06 -17.32 37.59
CA THR D 262 -41.37 -17.05 36.99
C THR D 262 -42.46 -17.26 38.03
N SER D 263 -43.47 -16.38 38.04
CA SER D 263 -44.63 -16.51 38.91
C SER D 263 -45.91 -16.41 38.13
N GLU D 264 -46.98 -17.02 38.65
CA GLU D 264 -48.33 -16.77 38.19
C GLU D 264 -49.18 -16.68 39.42
N SER D 265 -50.13 -15.75 39.44
CA SER D 265 -51.02 -15.69 40.57
C SER D 265 -52.47 -15.75 40.14
N HIS D 266 -53.32 -16.28 41.03
CA HIS D 266 -54.77 -16.39 40.83
C HIS D 266 -55.53 -16.06 42.09
N LEU D 267 -56.78 -15.67 41.90
CA LEU D 267 -57.63 -15.23 42.98
C LEU D 267 -58.88 -16.07 43.12
N LEU D 268 -59.36 -16.24 44.35
CA LEU D 268 -60.62 -16.94 44.58
C LEU D 268 -61.49 -16.23 45.61
N ASP D 269 -62.73 -15.93 45.25
CA ASP D 269 -63.64 -15.23 46.17
C ASP D 269 -64.13 -16.13 47.31
N LEU D 270 -63.59 -15.90 48.50
CA LEU D 270 -64.03 -16.66 49.65
C LEU D 270 -65.40 -16.22 50.16
N ARG D 271 -65.94 -15.17 49.57
CA ARG D 271 -67.26 -14.67 49.94
C ARG D 271 -68.39 -15.50 49.35
N LYS D 272 -68.11 -16.25 48.29
CA LYS D 272 -69.19 -16.86 47.51
C LYS D 272 -69.54 -18.26 47.99
N GLY D 273 -69.09 -18.58 49.21
CA GLY D 273 -69.44 -19.87 49.85
C GLY D 273 -68.57 -21.02 49.40
N VAL D 274 -68.69 -22.12 50.12
CA VAL D 274 -67.74 -23.24 50.02
C VAL D 274 -67.85 -24.05 48.73
N LYS D 275 -68.76 -23.69 47.84
CA LYS D 275 -68.88 -24.45 46.61
C LYS D 275 -68.60 -23.63 45.38
N HIS D 276 -68.05 -22.44 45.61
CA HIS D 276 -67.59 -21.59 44.54
C HIS D 276 -66.09 -21.77 44.41
N ASN D 277 -65.67 -22.34 43.28
CA ASN D 277 -64.26 -22.74 43.09
C ASN D 277 -63.58 -22.14 41.88
N THR D 278 -64.29 -21.31 41.14
CA THR D 278 -63.65 -20.73 39.94
C THR D 278 -62.60 -19.66 40.29
N LEU D 279 -61.37 -19.91 39.84
CA LEU D 279 -60.28 -18.95 39.93
C LEU D 279 -60.37 -17.76 38.95
N GLU D 280 -59.83 -16.63 39.35
CA GLU D 280 -59.64 -15.56 38.42
C GLU D 280 -58.14 -15.44 38.17
N MET D 281 -57.72 -15.48 36.90
CA MET D 281 -56.34 -15.16 36.51
C MET D 281 -55.95 -13.76 37.04
N VAL D 282 -54.65 -13.49 37.16
CA VAL D 282 -54.18 -12.15 37.46
C VAL D 282 -53.38 -11.77 36.24
N ARG D 283 -52.11 -12.16 36.15
CA ARG D 283 -51.36 -11.97 34.94
C ARG D 283 -50.80 -13.28 34.44
N PRO D 284 -51.21 -13.74 33.25
CA PRO D 284 -50.65 -15.00 32.71
C PRO D 284 -49.14 -15.11 32.82
N ARG D 285 -48.67 -16.26 33.30
CA ARG D 285 -47.24 -16.47 33.55
C ARG D 285 -46.42 -16.16 32.30
N GLU D 286 -45.24 -15.59 32.51
CA GLU D 286 -44.31 -15.21 31.42
C GLU D 286 -42.82 -15.33 31.83
N LYS D 287 -42.09 -16.24 31.21
CA LYS D 287 -40.74 -16.58 31.64
C LYS D 287 -39.90 -15.33 31.86
N GLY D 288 -39.36 -15.22 33.06
CA GLY D 288 -38.63 -14.02 33.47
C GLY D 288 -39.38 -13.20 34.48
N VAL D 289 -40.69 -13.06 34.30
CA VAL D 289 -41.44 -12.12 35.11
C VAL D 289 -41.86 -12.87 36.34
N ARG D 290 -41.50 -12.32 37.51
CA ARG D 290 -41.94 -12.82 38.83
C ARG D 290 -42.66 -11.70 39.52
N TYR D 291 -43.80 -12.04 40.15
CA TYR D 291 -44.60 -11.06 40.87
C TYR D 291 -45.32 -11.76 42.02
N THR D 292 -45.69 -10.99 43.07
CA THR D 292 -46.43 -11.50 44.21
C THR D 292 -47.55 -10.54 44.51
N VAL D 293 -48.77 -11.08 44.68
CA VAL D 293 -49.96 -10.27 44.91
C VAL D 293 -50.27 -10.13 46.40
N GLU D 294 -50.75 -8.94 46.78
CA GLU D 294 -51.35 -8.70 48.12
C GLU D 294 -52.62 -7.87 47.93
N MET D 295 -53.66 -8.20 48.69
CA MET D 295 -54.95 -7.51 48.58
C MET D 295 -55.06 -6.35 49.55
N HIS D 296 -55.55 -5.22 49.06
CA HIS D 296 -56.00 -4.10 49.91
C HIS D 296 -57.48 -3.95 49.68
N GLY D 297 -58.23 -4.48 50.64
CA GLY D 297 -59.66 -4.65 50.50
C GLY D 297 -59.98 -5.86 49.64
N THR D 298 -61.00 -5.70 48.81
CA THR D 298 -61.53 -6.79 48.01
C THR D 298 -61.27 -6.54 46.52
N ASP D 299 -60.87 -5.31 46.21
CA ASP D 299 -60.99 -4.75 44.86
C ASP D 299 -59.73 -4.07 44.28
N THR D 300 -58.74 -3.79 45.13
CA THR D 300 -57.48 -3.25 44.62
C THR D 300 -56.23 -4.09 44.97
N LEU D 301 -55.31 -4.17 44.01
CA LEU D 301 -54.19 -5.11 44.01
C LEU D 301 -52.79 -4.49 44.13
N ILE D 302 -51.99 -5.04 45.03
CA ILE D 302 -50.63 -4.58 45.17
C ILE D 302 -49.68 -5.62 44.64
N VAL D 303 -49.08 -5.30 43.50
CA VAL D 303 -48.20 -6.25 42.85
C VAL D 303 -46.74 -5.85 43.02
N LEU D 304 -45.99 -6.70 43.69
CA LEU D 304 -44.53 -6.57 43.74
C LEU D 304 -43.89 -7.37 42.62
N THR D 305 -43.25 -6.69 41.68
CA THR D 305 -42.76 -7.37 40.52
C THR D 305 -41.35 -7.00 40.18
N ASN D 306 -40.75 -7.78 39.30
CA ASN D 306 -39.41 -7.53 38.79
C ASN D 306 -39.48 -7.19 37.30
N LYS D 307 -40.72 -7.08 36.81
CA LYS D 307 -41.00 -6.91 35.39
C LYS D 307 -40.36 -5.65 34.81
N ASP D 308 -39.97 -5.73 33.55
CA ASP D 308 -39.41 -4.58 32.83
C ASP D 308 -37.96 -4.33 33.17
N LYS D 309 -37.14 -5.39 33.17
CA LYS D 309 -35.72 -5.27 33.54
C LYS D 309 -35.51 -4.72 34.97
N CYS D 310 -36.57 -4.70 35.79
CA CYS D 310 -36.47 -4.24 37.16
C CYS D 310 -35.98 -5.32 38.15
N VAL D 311 -34.72 -5.75 38.03
CA VAL D 311 -34.24 -6.88 38.84
C VAL D 311 -34.54 -6.80 40.33
N ASN D 312 -34.41 -5.62 40.92
CA ASN D 312 -34.52 -5.43 42.36
C ASN D 312 -35.95 -5.27 42.84
N GLY D 313 -36.87 -5.05 41.89
CA GLY D 313 -38.29 -4.91 42.21
C GLY D 313 -38.88 -3.51 42.05
N LYS D 314 -40.19 -3.50 41.87
CA LYS D 314 -40.99 -2.29 41.96
C LYS D 314 -42.36 -2.76 42.46
N VAL D 315 -43.04 -1.87 43.17
CA VAL D 315 -44.39 -2.18 43.60
C VAL D 315 -45.42 -1.36 42.84
N VAL D 316 -46.53 -2.03 42.53
CA VAL D 316 -47.47 -1.61 41.52
C VAL D 316 -48.89 -1.68 42.03
N LEU D 317 -49.72 -0.78 41.55
CA LEU D 317 -51.15 -0.86 41.84
C LEU D 317 -51.99 -1.13 40.60
N THR D 318 -52.96 -2.01 40.78
CA THR D 318 -53.87 -2.42 39.72
C THR D 318 -55.23 -2.79 40.35
N LYS D 319 -56.30 -2.79 39.56
CA LYS D 319 -57.67 -3.05 40.07
C LYS D 319 -58.03 -4.50 39.86
N ARG D 320 -58.84 -5.08 40.75
CA ARG D 320 -59.30 -6.49 40.56
C ARG D 320 -59.98 -6.68 39.20
N SER D 321 -60.68 -5.64 38.74
CA SER D 321 -61.40 -5.66 37.45
C SER D 321 -60.52 -5.58 36.17
N ALA D 322 -59.30 -5.04 36.26
CA ALA D 322 -58.39 -5.01 35.10
C ALA D 322 -56.95 -5.31 35.52
N PRO D 323 -56.69 -6.58 35.87
CA PRO D 323 -55.51 -6.94 36.65
C PRO D 323 -54.19 -6.98 35.86
N THR D 324 -54.25 -6.94 34.53
CA THR D 324 -53.01 -6.84 33.76
C THR D 324 -52.54 -5.40 33.54
N ASP D 325 -53.36 -4.40 33.89
CA ASP D 325 -52.90 -2.99 33.89
C ASP D 325 -52.02 -2.69 35.11
N TRP D 326 -50.76 -2.45 34.77
CA TRP D 326 -49.69 -2.26 35.73
C TRP D 326 -49.09 -0.88 35.50
N GLY D 327 -49.94 0.04 35.03
CA GLY D 327 -49.56 1.41 34.72
C GLY D 327 -49.21 2.25 35.93
N THR D 328 -50.06 2.22 36.96
CA THR D 328 -49.76 2.90 38.25
C THR D 328 -48.56 2.26 38.93
N VAL D 329 -47.61 3.08 39.35
CA VAL D 329 -46.39 2.55 39.96
C VAL D 329 -46.10 3.31 41.25
N LEU D 330 -46.53 2.75 42.37
CA LEU D 330 -46.27 3.33 43.69
C LEU D 330 -44.77 3.46 44.00
N ILE D 331 -43.99 2.41 43.81
CA ILE D 331 -42.55 2.56 44.01
C ILE D 331 -41.76 2.10 42.79
N PRO D 332 -41.26 3.06 42.02
CA PRO D 332 -40.36 2.75 40.93
C PRO D 332 -39.15 1.96 41.40
N HIS D 333 -38.56 1.27 40.44
CA HIS D 333 -37.37 0.42 40.63
C HIS D 333 -36.09 1.24 40.90
N ASP D 334 -35.33 0.82 41.88
CA ASP D 334 -34.05 1.43 42.21
C ASP D 334 -32.93 0.41 42.08
N ASP D 335 -31.85 0.86 41.45
CA ASP D 335 -30.65 0.08 41.23
C ASP D 335 -29.96 -0.38 42.50
N LYS D 336 -30.04 0.43 43.54
CA LYS D 336 -29.31 0.12 44.75
C LYS D 336 -30.22 -0.19 45.92
N VAL D 337 -31.52 -0.37 45.64
CA VAL D 337 -32.47 -0.78 46.67
C VAL D 337 -33.26 -2.02 46.22
N THR D 338 -33.16 -3.09 47.01
CA THR D 338 -33.87 -4.33 46.71
C THR D 338 -35.13 -4.50 47.56
N ILE D 339 -36.28 -4.80 46.92
CA ILE D 339 -37.51 -5.14 47.68
C ILE D 339 -37.87 -6.64 47.71
N ASP D 340 -37.80 -7.26 48.91
CA ASP D 340 -38.09 -8.69 49.12
C ASP D 340 -39.57 -8.93 49.26
N ASP D 341 -40.32 -7.99 49.83
CA ASP D 341 -41.77 -8.16 49.83
C ASP D 341 -42.65 -7.20 50.66
N VAL D 342 -43.96 -7.43 50.57
CA VAL D 342 -45.00 -6.59 51.14
C VAL D 342 -46.07 -7.28 52.00
N ALA D 343 -46.40 -6.64 53.11
CA ALA D 343 -47.56 -6.97 53.90
C ALA D 343 -48.55 -5.81 53.71
N VAL D 344 -49.85 -6.10 53.63
CA VAL D 344 -50.82 -5.03 53.40
C VAL D 344 -51.90 -5.07 54.41
N PHE D 345 -52.21 -3.87 54.90
CA PHE D 345 -53.11 -3.63 55.99
C PHE D 345 -54.07 -2.51 55.62
N ALA D 346 -55.07 -2.26 56.46
CA ALA D 346 -56.14 -1.35 56.12
C ALA D 346 -55.66 0.07 55.91
N LYS D 347 -54.75 0.53 56.77
CA LYS D 347 -54.30 1.92 56.72
C LYS D 347 -52.87 2.13 56.18
N PHE D 348 -52.16 1.04 55.94
CA PHE D 348 -50.76 1.09 55.52
C PHE D 348 -50.22 -0.21 54.94
N ALA D 349 -48.96 -0.16 54.49
CA ALA D 349 -48.25 -1.35 54.03
C ALA D 349 -46.87 -1.39 54.67
N VAL D 350 -46.24 -2.56 54.64
CA VAL D 350 -44.85 -2.69 55.06
C VAL D 350 -44.05 -3.30 53.93
N LEU D 351 -42.87 -2.74 53.70
CA LEU D 351 -41.96 -3.33 52.73
C LEU D 351 -40.70 -3.77 53.41
N SER D 352 -40.25 -4.97 53.05
CA SER D 352 -38.98 -5.51 53.49
C SER D 352 -37.98 -5.54 52.30
N GLY D 353 -36.79 -4.99 52.54
CA GLY D 353 -35.77 -4.92 51.51
C GLY D 353 -34.37 -4.87 52.05
N ARG D 354 -33.50 -4.26 51.24
CA ARG D 354 -32.08 -4.16 51.48
C ARG D 354 -31.50 -2.90 50.84
N ARG D 355 -30.81 -2.10 51.66
CA ARG D 355 -29.95 -1.04 51.15
C ARG D 355 -28.57 -1.26 51.72
N ASP D 356 -27.57 -1.10 50.84
CA ASP D 356 -26.15 -1.08 51.24
C ASP D 356 -25.74 -2.30 52.06
N GLY D 357 -26.35 -3.45 51.76
CA GLY D 357 -26.00 -4.74 52.40
C GLY D 357 -26.73 -5.13 53.67
N LEU D 358 -27.74 -4.37 54.07
CA LEU D 358 -28.41 -4.70 55.32
C LEU D 358 -29.87 -4.60 55.09
N THR D 359 -30.62 -5.50 55.72
CA THR D 359 -32.07 -5.43 55.80
C THR D 359 -32.56 -3.99 55.97
N ARG D 360 -33.54 -3.61 55.19
CA ARG D 360 -34.25 -2.37 55.46
C ARG D 360 -35.76 -2.59 55.50
N VAL D 361 -36.49 -1.73 56.22
CA VAL D 361 -37.96 -1.83 56.22
C VAL D 361 -38.59 -0.47 56.08
N TRP D 362 -39.49 -0.36 55.12
CA TRP D 362 -40.22 0.88 54.88
C TRP D 362 -41.70 0.71 55.24
N THR D 363 -42.34 1.83 55.55
CA THR D 363 -43.76 1.92 55.78
C THR D 363 -44.38 2.77 54.67
N VAL D 364 -45.67 2.61 54.41
CA VAL D 364 -46.37 3.50 53.45
C VAL D 364 -47.87 3.63 53.77
N ARG D 365 -48.36 4.88 53.85
CA ARG D 365 -49.74 5.18 54.24
C ARG D 365 -50.65 5.55 53.04
N LEU D 366 -51.91 5.85 53.34
CA LEU D 366 -52.89 6.31 52.35
C LEU D 366 -52.92 7.84 52.22
N GLY D 367 -53.43 8.31 51.09
CA GLY D 367 -53.66 9.74 50.88
C GLY D 367 -55.11 10.05 51.18
N PRO D 368 -55.50 11.34 51.17
CA PRO D 368 -56.89 11.65 51.53
C PRO D 368 -57.90 10.95 50.60
N ASP D 369 -57.50 10.68 49.36
CA ASP D 369 -58.35 10.03 48.36
C ASP D 369 -58.29 8.50 48.46
N ASN D 370 -57.98 8.02 49.67
CA ASN D 370 -57.99 6.58 50.01
C ASN D 370 -57.15 5.65 49.15
N LEU D 371 -56.22 6.21 48.38
CA LEU D 371 -55.24 5.39 47.65
C LEU D 371 -53.88 5.59 48.31
N PHE D 372 -53.03 4.56 48.28
CA PHE D 372 -51.67 4.67 48.80
C PHE D 372 -50.91 5.82 48.16
N SER D 373 -50.19 6.59 48.97
CA SER D 373 -49.40 7.68 48.43
C SER D 373 -47.92 7.40 48.48
N SER D 374 -47.26 7.62 47.35
CA SER D 374 -45.80 7.46 47.25
C SER D 374 -45.03 8.41 48.19
N ALA D 375 -45.70 9.50 48.56
CA ALA D 375 -45.09 10.55 49.38
C ALA D 375 -45.20 10.33 50.92
N THR D 376 -45.94 9.30 51.33
CA THR D 376 -46.09 8.94 52.74
C THR D 376 -44.95 8.02 53.19
N LEU D 377 -44.15 7.60 52.21
CA LEU D 377 -43.10 6.61 52.41
C LEU D 377 -42.19 7.02 53.55
N LYS D 378 -41.99 6.10 54.48
CA LYS D 378 -41.07 6.30 55.59
C LYS D 378 -40.12 5.10 55.64
N GLU D 379 -38.81 5.36 55.71
CA GLU D 379 -37.81 4.32 56.08
C GLU D 379 -37.65 4.37 57.58
N LEU D 380 -37.77 3.21 58.20
CA LEU D 380 -37.62 3.10 59.63
C LEU D 380 -36.18 3.33 60.04
N HIS D 381 -35.99 3.67 61.32
CA HIS D 381 -34.67 3.99 61.86
C HIS D 381 -34.27 2.95 62.89
N PHE D 382 -33.09 2.36 62.72
CA PHE D 382 -32.52 1.48 63.74
C PHE D 382 -31.18 2.01 64.26
N ASP D 383 -30.85 1.58 65.47
CA ASP D 383 -29.80 2.19 66.27
C ASP D 383 -28.38 1.85 65.78
N GLU D 384 -28.12 0.55 65.64
CA GLU D 384 -26.77 0.09 65.28
C GLU D 384 -26.38 0.25 63.80
N PRO D 385 -25.07 0.37 63.53
CA PRO D 385 -24.64 0.50 62.13
C PRO D 385 -24.81 -0.79 61.33
N VAL D 386 -24.50 -1.92 61.95
CA VAL D 386 -24.63 -3.25 61.34
C VAL D 386 -25.62 -4.08 62.17
N PHE D 387 -26.83 -4.20 61.63
CA PHE D 387 -27.96 -4.78 62.33
C PHE D 387 -28.73 -5.72 61.40
N THR D 388 -29.73 -6.41 61.95
CA THR D 388 -30.68 -7.18 61.16
C THR D 388 -32.08 -6.87 61.64
N ALA D 389 -33.00 -6.69 60.71
CA ALA D 389 -34.36 -6.36 61.08
C ALA D 389 -35.36 -6.97 60.12
N HIS D 390 -36.37 -7.65 60.69
CA HIS D 390 -37.50 -8.21 59.95
C HIS D 390 -38.83 -7.91 60.60
N VAL D 391 -39.85 -7.69 59.78
CA VAL D 391 -41.19 -7.53 60.31
C VAL D 391 -41.78 -8.94 60.50
N VAL D 392 -42.39 -9.19 61.67
CA VAL D 392 -42.81 -10.53 62.04
C VAL D 392 -44.27 -10.64 61.70
N CYS D 393 -44.53 -11.18 60.52
CA CYS D 393 -45.87 -11.17 59.95
C CYS D 393 -46.72 -12.24 60.60
N SER D 394 -46.05 -13.29 61.09
CA SER D 394 -46.73 -14.39 61.73
C SER D 394 -47.30 -13.90 63.05
N GLN D 395 -47.16 -12.61 63.31
CA GLN D 395 -47.67 -12.00 64.53
C GLN D 395 -48.55 -10.80 64.26
N MET D 396 -48.86 -10.61 62.96
CA MET D 396 -49.67 -9.49 62.49
C MET D 396 -51.03 -10.01 62.06
N LYS D 397 -51.88 -10.28 63.05
CA LYS D 397 -53.10 -11.09 62.87
C LYS D 397 -54.30 -10.21 62.70
N THR D 398 -54.05 -8.91 62.56
CA THR D 398 -55.13 -7.95 62.56
C THR D 398 -54.97 -6.89 61.47
N TYR D 399 -55.89 -6.93 60.51
CA TYR D 399 -55.78 -6.18 59.28
C TYR D 399 -55.83 -4.66 59.49
N ASP D 400 -56.82 -4.18 60.24
CA ASP D 400 -56.87 -2.76 60.65
C ASP D 400 -55.90 -2.53 61.83
N ALA D 401 -54.59 -2.64 61.57
CA ALA D 401 -53.56 -2.52 62.63
C ALA D 401 -52.97 -1.11 62.66
N SER D 402 -52.40 -0.74 63.81
CA SER D 402 -51.64 0.50 63.94
C SER D 402 -50.27 0.21 64.55
N LEU D 403 -50.14 -0.98 65.12
CA LEU D 403 -48.87 -1.44 65.66
C LEU D 403 -48.29 -2.48 64.76
N LEU D 404 -47.06 -2.27 64.29
CA LEU D 404 -46.37 -3.41 63.67
C LEU D 404 -45.20 -3.96 64.48
N ARG D 405 -45.03 -5.27 64.37
CA ARG D 405 -44.15 -6.07 65.20
C ARG D 405 -42.81 -6.31 64.51
N LEU D 406 -41.71 -6.09 65.24
CA LEU D 406 -40.34 -6.18 64.69
C LEU D 406 -39.36 -7.00 65.52
N ARG D 407 -38.46 -7.68 64.84
CA ARG D 407 -37.46 -8.55 65.43
C ARG D 407 -36.11 -7.94 65.00
N TYR D 408 -35.44 -7.34 65.99
CA TYR D 408 -34.23 -6.57 65.76
C TYR D 408 -33.11 -7.27 66.49
N SER D 409 -31.89 -7.09 65.97
CA SER D 409 -30.71 -7.75 66.47
C SER D 409 -29.45 -7.25 65.74
N SER D 410 -28.29 -7.55 66.32
CA SER D 410 -27.01 -7.45 65.66
C SER D 410 -26.13 -8.52 66.27
N MET D 411 -24.90 -8.69 65.78
CA MET D 411 -24.02 -9.71 66.35
C MET D 411 -23.68 -9.49 67.84
N THR D 412 -23.53 -8.22 68.22
CA THR D 412 -23.30 -7.75 69.58
C THR D 412 -24.56 -7.90 70.45
N THR D 413 -25.68 -7.39 69.92
CA THR D 413 -26.96 -7.25 70.63
C THR D 413 -27.85 -8.49 70.56
N PRO D 414 -28.30 -8.99 71.72
CA PRO D 414 -29.38 -9.98 71.76
C PRO D 414 -30.67 -9.44 71.18
N THR D 415 -31.47 -10.37 70.65
CA THR D 415 -32.67 -10.06 69.90
C THR D 415 -33.66 -9.31 70.79
N VAL D 416 -34.36 -8.36 70.20
CA VAL D 416 -35.45 -7.69 70.88
C VAL D 416 -36.68 -7.67 69.94
N TRP D 417 -37.87 -7.78 70.52
CA TRP D 417 -39.11 -7.74 69.77
C TRP D 417 -39.85 -6.46 70.10
N TYR D 418 -40.00 -5.56 69.13
CA TYR D 418 -40.88 -4.43 69.44
C TYR D 418 -42.15 -4.18 68.62
N ASP D 419 -43.01 -3.33 69.19
CA ASP D 419 -44.17 -2.76 68.52
C ASP D 419 -43.86 -1.30 68.18
N GLU D 420 -43.93 -0.94 66.90
CA GLU D 420 -43.81 0.47 66.53
C GLU D 420 -45.13 0.97 66.00
N ASP D 421 -45.57 2.11 66.51
CA ASP D 421 -46.76 2.76 65.98
C ASP D 421 -46.40 3.33 64.64
N VAL D 422 -47.23 3.02 63.66
CA VAL D 422 -46.94 3.33 62.28
C VAL D 422 -46.98 4.84 62.01
N LEU D 423 -47.84 5.56 62.72
CA LEU D 423 -47.85 7.01 62.57
C LEU D 423 -46.78 7.61 63.46
N SER D 424 -46.85 7.35 64.76
CA SER D 424 -45.98 8.00 65.75
C SER D 424 -44.51 7.68 65.51
N GLY D 425 -44.25 6.46 65.02
CA GLY D 425 -42.90 5.96 64.89
C GLY D 425 -42.28 5.68 66.26
N GLU D 426 -43.11 5.62 67.31
CA GLU D 426 -42.64 5.37 68.70
C GLU D 426 -42.53 3.89 69.07
N ARG D 427 -41.43 3.52 69.71
CA ARG D 427 -41.12 2.12 69.99
C ARG D 427 -41.34 1.73 71.44
N LYS D 428 -41.74 0.48 71.59
CA LYS D 428 -42.07 -0.11 72.87
C LYS D 428 -41.67 -1.59 72.79
N VAL D 429 -40.88 -2.04 73.75
CA VAL D 429 -40.46 -3.43 73.78
C VAL D 429 -41.51 -4.32 74.44
N VAL D 430 -41.72 -5.51 73.90
CA VAL D 430 -42.63 -6.50 74.49
C VAL D 430 -41.89 -7.76 74.89
N LYS D 431 -40.65 -7.90 74.45
CA LYS D 431 -39.79 -8.98 74.89
C LYS D 431 -38.36 -8.64 74.54
N ALA D 432 -37.43 -8.91 75.45
CA ALA D 432 -35.99 -8.76 75.18
C ALA D 432 -35.28 -10.07 75.49
N ARG D 433 -34.48 -10.60 74.56
CA ARG D 433 -33.80 -11.86 74.84
C ARG D 433 -32.84 -11.68 76.01
N LYS D 434 -32.76 -12.71 76.84
CA LYS D 434 -31.93 -12.64 78.02
C LYS D 434 -30.93 -13.80 78.00
N VAL D 435 -29.70 -13.47 77.61
CA VAL D 435 -28.62 -14.43 77.57
C VAL D 435 -27.86 -14.34 78.88
N GLY D 436 -27.83 -15.44 79.62
CA GLY D 436 -27.12 -15.47 80.89
C GLY D 436 -25.75 -16.10 80.80
N GLY D 437 -25.29 -16.59 81.96
CA GLY D 437 -24.04 -17.32 82.08
C GLY D 437 -22.81 -16.44 81.96
N GLY D 438 -22.92 -15.20 82.42
CA GLY D 438 -21.79 -14.25 82.41
C GLY D 438 -21.52 -13.61 81.04
N PHE D 439 -22.43 -13.84 80.11
CA PHE D 439 -22.40 -13.13 78.86
C PHE D 439 -22.67 -11.64 79.10
N GLU D 440 -22.11 -10.75 78.27
CA GLU D 440 -22.60 -9.36 78.12
C GLU D 440 -22.02 -8.59 76.92
N SER D 441 -22.83 -7.68 76.37
CA SER D 441 -22.62 -7.00 75.09
C SER D 441 -21.31 -6.25 74.80
N LYS D 442 -20.60 -5.78 75.84
CA LYS D 442 -19.40 -4.95 75.63
C LYS D 442 -18.11 -5.77 75.57
N ASN D 443 -18.23 -7.09 75.76
CA ASN D 443 -17.09 -8.02 75.66
C ASN D 443 -16.69 -8.34 74.20
N TYR D 444 -17.43 -7.80 73.24
CA TYR D 444 -17.22 -8.14 71.82
C TYR D 444 -17.52 -6.96 70.88
N VAL D 445 -16.87 -6.93 69.72
CA VAL D 445 -17.24 -6.00 68.63
C VAL D 445 -17.41 -6.73 67.30
N CYS D 446 -18.23 -6.16 66.41
CA CYS D 446 -18.36 -6.68 65.08
C CYS D 446 -18.13 -5.58 64.04
N ARG D 447 -17.12 -5.76 63.22
CA ARG D 447 -16.91 -4.88 62.08
C ARG D 447 -17.21 -5.54 60.70
N ARG D 448 -17.02 -4.78 59.62
CA ARG D 448 -17.24 -5.24 58.24
C ARG D 448 -16.00 -5.00 57.39
N GLU D 449 -15.54 -6.03 56.68
CA GLU D 449 -14.36 -5.89 55.83
C GLU D 449 -14.63 -6.28 54.39
N LEU D 450 -13.65 -6.03 53.53
CA LEU D 450 -13.82 -6.17 52.10
C LEU D 450 -12.73 -7.04 51.54
N ALA D 451 -13.10 -8.13 50.91
CA ALA D 451 -12.18 -8.99 50.22
C ALA D 451 -12.25 -8.57 48.77
N THR D 452 -11.27 -8.99 47.97
CA THR D 452 -11.29 -8.68 46.56
C THR D 452 -11.24 -9.96 45.77
N ALA D 453 -12.35 -10.27 45.13
CA ALA D 453 -12.40 -11.35 44.15
C ALA D 453 -11.40 -11.14 43.01
N PRO D 454 -10.93 -12.24 42.37
CA PRO D 454 -10.11 -12.07 41.19
C PRO D 454 -10.72 -11.09 40.17
N ASP D 455 -12.04 -11.03 40.02
CA ASP D 455 -12.63 -10.10 39.02
C ASP D 455 -12.66 -8.64 39.50
N GLY D 456 -12.09 -8.37 40.66
CA GLY D 456 -12.09 -7.01 41.22
C GLY D 456 -13.24 -6.73 42.18
N THR D 457 -14.27 -7.58 42.17
CA THR D 457 -15.48 -7.37 42.95
C THR D 457 -15.14 -7.41 44.41
N LYS D 458 -15.65 -6.42 45.12
CA LYS D 458 -15.45 -6.36 46.55
C LYS D 458 -16.49 -7.19 47.28
N VAL D 459 -16.02 -8.20 48.00
CA VAL D 459 -16.91 -9.11 48.73
C VAL D 459 -16.95 -8.79 50.24
N PRO D 460 -18.16 -8.62 50.80
CA PRO D 460 -18.15 -8.25 52.22
C PRO D 460 -17.80 -9.42 53.17
N ILE D 461 -17.22 -9.08 54.33
CA ILE D 461 -17.08 -10.03 55.43
C ILE D 461 -17.54 -9.36 56.72
N SER D 462 -18.45 -10.00 57.44
CA SER D 462 -18.86 -9.55 58.78
C SER D 462 -18.11 -10.43 59.77
N LEU D 463 -17.52 -9.81 60.81
CA LEU D 463 -16.86 -10.60 61.83
C LEU D 463 -16.98 -10.08 63.25
N VAL D 464 -17.09 -10.98 64.21
CA VAL D 464 -17.28 -10.59 65.60
C VAL D 464 -16.26 -11.38 66.43
N TYR D 465 -15.70 -10.73 67.46
CA TYR D 465 -14.67 -11.33 68.33
C TYR D 465 -14.73 -10.82 69.78
N ASP D 466 -14.08 -11.55 70.70
CA ASP D 466 -14.02 -11.09 72.07
C ASP D 466 -13.04 -9.94 72.20
N THR D 467 -13.59 -8.78 72.52
CA THR D 467 -12.87 -7.49 72.59
C THR D 467 -11.44 -7.56 73.12
N SER D 468 -11.21 -8.44 74.07
CA SER D 468 -9.91 -8.55 74.71
C SER D 468 -9.03 -9.55 73.97
N ILE D 469 -8.81 -9.35 72.68
CA ILE D 469 -7.92 -10.26 71.99
C ILE D 469 -6.76 -9.56 71.31
N ASP D 470 -5.83 -10.36 70.79
CA ASP D 470 -4.57 -9.84 70.30
C ASP D 470 -4.55 -9.62 68.78
N LEU D 471 -5.16 -8.52 68.34
CA LEU D 471 -5.22 -8.19 66.93
C LEU D 471 -3.83 -8.07 66.32
N LYS D 472 -2.83 -7.86 67.18
CA LYS D 472 -1.43 -7.74 66.75
C LYS D 472 -0.79 -9.05 66.28
N LYS D 473 -1.42 -10.18 66.59
CA LYS D 473 -1.02 -11.48 66.08
C LYS D 473 -2.19 -12.19 65.40
N PRO D 474 -1.90 -13.11 64.45
CA PRO D 474 -3.00 -13.86 63.82
C PRO D 474 -3.72 -14.76 64.86
N ASN D 475 -4.98 -15.10 64.63
CA ASN D 475 -5.78 -15.86 65.63
C ASN D 475 -6.73 -16.93 65.02
N PRO D 476 -6.96 -18.04 65.73
CA PRO D 476 -8.00 -18.97 65.32
C PRO D 476 -9.27 -18.26 64.82
N THR D 477 -9.88 -18.79 63.74
CA THR D 477 -10.98 -18.10 63.09
C THR D 477 -11.83 -19.12 62.41
N MET D 478 -13.17 -18.95 62.55
CA MET D 478 -14.15 -19.70 61.78
C MET D 478 -14.77 -18.86 60.66
N LEU D 479 -14.69 -19.36 59.42
CA LEU D 479 -15.29 -18.71 58.25
C LEU D 479 -16.58 -19.40 57.78
N TYR D 480 -17.72 -18.76 58.03
CA TYR D 480 -19.01 -19.28 57.59
C TYR D 480 -19.43 -18.77 56.21
N GLY D 481 -20.22 -19.57 55.49
CA GLY D 481 -20.72 -19.19 54.18
C GLY D 481 -21.97 -19.91 53.77
N TYR D 482 -22.85 -19.24 53.03
CA TYR D 482 -23.98 -19.95 52.41
C TYR D 482 -23.70 -20.40 50.98
N GLY D 483 -23.68 -19.59 49.93
CA GLY D 483 -24.51 -18.47 49.61
C GLY D 483 -25.09 -18.88 48.22
N SER D 484 -26.35 -19.34 48.24
CA SER D 484 -27.06 -19.72 47.04
C SER D 484 -28.42 -19.12 47.23
N TYR D 485 -29.21 -19.03 46.14
CA TYR D 485 -30.65 -18.74 46.20
C TYR D 485 -31.00 -17.29 46.46
N GLY D 486 -29.99 -16.42 46.47
CA GLY D 486 -30.23 -15.07 46.92
C GLY D 486 -30.69 -15.02 48.38
N ILE D 487 -30.44 -16.08 49.13
CA ILE D 487 -30.55 -16.00 50.59
C ILE D 487 -29.28 -15.38 51.15
N CYS D 488 -29.42 -14.52 52.13
CA CYS D 488 -28.32 -13.82 52.73
C CYS D 488 -28.07 -14.38 54.12
N ILE D 489 -26.83 -14.34 54.61
CA ILE D 489 -26.60 -14.72 56.00
C ILE D 489 -26.41 -13.49 56.87
N GLU D 490 -27.48 -13.11 57.56
CA GLU D 490 -27.53 -11.83 58.25
C GLU D 490 -26.64 -11.71 59.50
N PRO D 491 -25.93 -10.56 59.64
CA PRO D 491 -25.19 -10.25 60.87
C PRO D 491 -26.18 -10.11 62.02
N GLU D 492 -26.52 -11.24 62.62
CA GLU D 492 -27.53 -11.21 63.66
C GLU D 492 -27.04 -11.93 64.88
N PHE D 493 -27.75 -11.72 65.97
CA PHE D 493 -27.42 -12.42 67.18
C PHE D 493 -27.74 -13.91 67.16
N ASN D 494 -26.76 -14.69 67.61
CA ASN D 494 -26.83 -16.14 67.63
C ASN D 494 -25.97 -16.65 68.78
N SER D 495 -26.59 -17.37 69.72
CA SER D 495 -25.87 -17.88 70.89
C SER D 495 -24.88 -18.97 70.51
N ARG D 496 -25.13 -19.62 69.38
CA ARG D 496 -24.25 -20.68 68.89
C ARG D 496 -22.83 -20.23 68.64
N PHE D 497 -22.62 -18.99 68.22
CA PHE D 497 -21.24 -18.56 67.91
C PHE D 497 -20.42 -18.18 69.15
N LEU D 498 -21.01 -18.31 70.34
CA LEU D 498 -20.23 -17.98 71.52
C LEU D 498 -19.12 -19.00 71.84
N PRO D 499 -19.44 -20.30 72.01
CA PRO D 499 -18.38 -21.26 72.33
C PRO D 499 -17.02 -21.01 71.65
N TYR D 500 -17.04 -20.73 70.35
CA TYR D 500 -15.86 -20.27 69.59
C TYR D 500 -15.28 -18.94 70.07
N VAL D 501 -16.12 -17.91 70.02
CA VAL D 501 -15.77 -16.54 70.32
C VAL D 501 -15.28 -16.41 71.77
N ASP D 502 -15.92 -17.15 72.68
CA ASP D 502 -15.54 -17.15 74.10
C ASP D 502 -14.18 -17.81 74.33
N ARG D 503 -13.69 -18.58 73.37
CA ARG D 503 -12.32 -19.12 73.42
C ARG D 503 -11.33 -18.33 72.51
N GLY D 504 -11.72 -17.12 72.12
CA GLY D 504 -10.81 -16.15 71.49
C GLY D 504 -10.72 -16.29 69.99
N MET D 505 -11.75 -16.89 69.42
CA MET D 505 -11.76 -17.13 67.99
C MET D 505 -12.46 -15.97 67.37
N ILE D 506 -12.16 -15.74 66.08
CA ILE D 506 -12.87 -14.75 65.29
C ILE D 506 -13.95 -15.47 64.50
N TYR D 507 -15.18 -14.96 64.57
CA TYR D 507 -16.27 -15.53 63.79
C TYR D 507 -16.51 -14.69 62.55
N ALA D 508 -16.42 -15.28 61.37
CA ALA D 508 -16.52 -14.46 60.16
C ALA D 508 -17.58 -15.01 59.24
N ILE D 509 -18.42 -14.14 58.71
CA ILE D 509 -19.34 -14.56 57.69
C ILE D 509 -18.88 -14.04 56.33
N ALA D 510 -18.76 -14.96 55.37
CA ALA D 510 -18.49 -14.54 53.99
C ALA D 510 -19.81 -14.30 53.29
N HIS D 511 -19.94 -13.13 52.67
CA HIS D 511 -21.14 -12.77 51.95
C HIS D 511 -20.89 -12.96 50.43
N VAL D 512 -20.55 -14.20 50.10
CA VAL D 512 -20.28 -14.62 48.75
C VAL D 512 -21.47 -14.33 47.81
N ARG D 513 -21.14 -14.04 46.54
CA ARG D 513 -22.12 -13.96 45.47
C ARG D 513 -22.78 -15.33 45.35
N GLY D 514 -24.11 -15.32 45.27
CA GLY D 514 -24.90 -16.52 45.42
C GLY D 514 -25.98 -16.21 46.41
N GLY D 515 -25.62 -15.63 47.55
CA GLY D 515 -26.63 -14.95 48.32
C GLY D 515 -27.05 -13.63 47.66
N GLY D 516 -27.95 -12.91 48.31
CA GLY D 516 -28.34 -11.61 47.79
C GLY D 516 -28.13 -10.44 48.73
N GLU D 517 -27.04 -10.45 49.53
CA GLU D 517 -26.81 -9.36 50.48
C GLU D 517 -26.71 -8.00 49.80
N MET D 518 -25.93 -7.94 48.73
CA MET D 518 -25.70 -6.69 48.03
C MET D 518 -26.80 -6.43 47.01
N GLY D 519 -27.92 -7.13 47.13
CA GLY D 519 -29.07 -6.88 46.25
C GLY D 519 -29.30 -8.01 45.30
N ARG D 520 -30.29 -7.84 44.42
CA ARG D 520 -30.75 -8.98 43.59
C ARG D 520 -29.70 -9.56 42.65
N THR D 521 -28.87 -8.71 42.05
CA THR D 521 -27.92 -9.17 41.05
C THR D 521 -26.72 -9.86 41.69
N TRP D 522 -26.56 -9.68 42.99
CA TRP D 522 -25.54 -10.42 43.71
C TRP D 522 -25.80 -11.88 43.42
N TYR D 523 -27.08 -12.20 43.21
CA TYR D 523 -27.53 -13.56 42.99
C TYR D 523 -27.62 -13.77 41.49
N GLU D 524 -28.57 -13.06 40.89
CA GLU D 524 -29.05 -13.35 39.53
C GLU D 524 -27.98 -13.31 38.46
N VAL D 525 -26.99 -12.46 38.61
CA VAL D 525 -25.90 -12.43 37.65
C VAL D 525 -24.64 -12.91 38.36
N GLY D 526 -24.56 -12.59 39.65
CA GLY D 526 -23.37 -12.79 40.43
C GLY D 526 -22.96 -14.24 40.74
N GLY D 527 -23.93 -15.16 40.81
CA GLY D 527 -23.64 -16.49 41.35
C GLY D 527 -24.76 -17.48 41.22
N LYS D 528 -24.96 -17.99 40.01
CA LYS D 528 -26.09 -18.80 39.68
C LYS D 528 -25.94 -19.10 38.19
N TYR D 529 -26.52 -20.20 37.74
CA TYR D 529 -26.25 -20.70 36.38
C TYR D 529 -24.72 -20.74 36.15
N LEU D 530 -24.30 -20.28 34.96
CA LEU D 530 -22.90 -20.21 34.55
C LEU D 530 -22.09 -19.12 35.23
N THR D 531 -22.56 -18.58 36.35
CA THR D 531 -21.69 -17.68 37.10
C THR D 531 -21.47 -18.23 38.48
N LYS D 532 -22.08 -19.40 38.72
CA LYS D 532 -22.11 -20.04 40.03
C LYS D 532 -20.73 -20.18 40.62
N ARG D 533 -19.72 -20.30 39.74
CA ARG D 533 -18.34 -20.43 40.24
C ARG D 533 -17.88 -19.28 41.13
N ASN D 534 -18.59 -18.15 41.10
CA ASN D 534 -18.18 -17.02 41.89
C ASN D 534 -18.42 -17.31 43.34
N THR D 535 -19.49 -18.05 43.61
CA THR D 535 -19.75 -18.49 44.97
C THR D 535 -18.48 -19.07 45.56
N PHE D 536 -17.81 -19.93 44.81
CA PHE D 536 -16.64 -20.60 45.36
C PHE D 536 -15.43 -19.71 45.37
N MET D 537 -15.22 -18.98 44.28
CA MET D 537 -14.07 -18.12 44.20
C MET D 537 -14.13 -16.91 45.13
N ASP D 538 -15.32 -16.45 45.50
CA ASP D 538 -15.44 -15.34 46.48
C ASP D 538 -15.03 -15.78 47.88
N PHE D 539 -15.50 -16.97 48.25
CA PHE D 539 -15.16 -17.58 49.51
C PHE D 539 -13.64 -17.73 49.64
N ILE D 540 -13.05 -18.32 48.64
CA ILE D 540 -11.60 -18.36 48.59
C ILE D 540 -10.97 -16.98 48.68
N ALA D 541 -11.54 -15.97 48.05
CA ALA D 541 -11.00 -14.59 48.21
C ALA D 541 -11.13 -14.07 49.65
N CYS D 542 -12.24 -14.42 50.32
CA CYS D 542 -12.48 -14.00 51.72
C CYS D 542 -11.43 -14.61 52.64
N ALA D 543 -11.00 -15.83 52.34
CA ALA D 543 -9.93 -16.47 53.11
C ALA D 543 -8.59 -15.81 52.81
N GLU D 544 -8.27 -15.65 51.53
CA GLU D 544 -7.06 -14.93 51.12
C GLU D 544 -6.88 -13.68 51.97
N HIS D 545 -7.94 -12.88 52.06
CA HIS D 545 -7.95 -11.58 52.76
C HIS D 545 -7.73 -11.67 54.24
N LEU D 546 -8.39 -12.63 54.88
CA LEU D 546 -8.22 -12.84 56.30
C LEU D 546 -6.78 -13.25 56.60
N ILE D 547 -6.17 -13.98 55.67
CA ILE D 547 -4.78 -14.41 55.83
C ILE D 547 -3.80 -13.28 55.60
N SER D 548 -4.05 -12.46 54.60
CA SER D 548 -2.99 -11.55 54.25
C SER D 548 -3.08 -10.24 55.03
N SER D 549 -4.28 -9.90 55.48
CA SER D 549 -4.38 -8.73 56.35
C SER D 549 -4.05 -9.11 57.83
N GLY D 550 -3.34 -10.23 58.00
CA GLY D 550 -2.88 -10.69 59.31
C GLY D 550 -3.83 -11.31 60.34
N LEU D 551 -5.06 -11.62 59.99
CA LEU D 551 -5.97 -12.01 61.06
C LEU D 551 -5.94 -13.47 61.40
N THR D 552 -5.49 -14.31 60.46
CA THR D 552 -5.41 -15.77 60.69
C THR D 552 -4.26 -16.34 59.87
N THR D 553 -3.93 -17.62 60.14
CA THR D 553 -3.06 -18.41 59.26
C THR D 553 -3.86 -19.64 58.83
N PRO D 554 -3.54 -20.23 57.66
CA PRO D 554 -4.13 -21.53 57.36
C PRO D 554 -4.24 -22.48 58.59
N ALA D 555 -3.13 -22.95 59.16
CA ALA D 555 -3.21 -23.87 60.30
C ALA D 555 -4.12 -23.38 61.45
N GLN D 556 -4.65 -22.16 61.31
CA GLN D 556 -5.44 -21.52 62.35
C GLN D 556 -6.91 -21.32 61.93
N LEU D 557 -7.25 -21.77 60.74
CA LEU D 557 -8.48 -21.32 60.10
C LEU D 557 -9.39 -22.44 59.62
N SER D 558 -10.65 -22.35 60.08
CA SER D 558 -11.67 -23.37 59.90
C SER D 558 -12.77 -22.78 59.05
N CYS D 559 -13.69 -23.63 58.60
CA CYS D 559 -14.85 -23.20 57.83
C CYS D 559 -16.03 -24.16 57.95
N GLU D 560 -17.20 -23.59 57.73
CA GLU D 560 -18.46 -24.24 58.04
C GLU D 560 -19.46 -23.82 56.96
N GLY D 561 -20.24 -24.80 56.49
CA GLY D 561 -21.30 -24.58 55.50
C GLY D 561 -22.45 -25.52 55.77
N ARG D 562 -23.64 -25.15 55.29
CA ARG D 562 -24.82 -26.01 55.44
C ARG D 562 -25.59 -26.15 54.14
N SER D 563 -26.19 -27.33 53.94
CA SER D 563 -26.97 -27.63 52.74
C SER D 563 -26.30 -27.14 51.45
N ALA D 564 -26.69 -25.98 50.91
CA ALA D 564 -25.95 -25.44 49.73
C ALA D 564 -24.58 -24.92 50.12
N GLY D 565 -24.47 -24.43 51.36
CA GLY D 565 -23.20 -24.07 51.96
C GLY D 565 -22.34 -25.28 52.11
N GLY D 566 -22.96 -26.46 52.25
CA GLY D 566 -22.25 -27.72 52.14
C GLY D 566 -21.57 -27.81 50.78
N LEU D 567 -22.33 -27.62 49.71
CA LEU D 567 -21.74 -27.61 48.38
C LEU D 567 -20.60 -26.64 48.43
N LEU D 568 -20.84 -25.45 48.99
CA LEU D 568 -19.80 -24.44 49.00
C LEU D 568 -18.52 -25.01 49.62
N VAL D 569 -18.65 -25.52 50.82
CA VAL D 569 -17.58 -26.21 51.50
C VAL D 569 -16.98 -27.35 50.69
N GLY D 570 -17.77 -28.09 49.91
CA GLY D 570 -17.22 -29.21 49.16
C GLY D 570 -16.32 -28.73 48.04
N ALA D 571 -16.87 -27.85 47.21
CA ALA D 571 -16.17 -27.25 46.09
C ALA D 571 -14.93 -26.50 46.51
N VAL D 572 -15.00 -25.76 47.61
CA VAL D 572 -13.85 -24.99 48.06
C VAL D 572 -12.78 -25.91 48.60
N LEU D 573 -13.20 -27.00 49.25
CA LEU D 573 -12.28 -27.99 49.73
C LEU D 573 -11.55 -28.68 48.62
N ASN D 574 -12.13 -28.76 47.43
CA ASN D 574 -11.41 -29.40 46.36
C ASN D 574 -10.42 -28.44 45.76
N MET D 575 -10.86 -27.21 45.54
CA MET D 575 -10.00 -26.21 44.92
C MET D 575 -8.80 -25.81 45.78
N ARG D 576 -9.06 -25.50 47.06
CA ARG D 576 -8.08 -24.88 47.94
C ARG D 576 -8.12 -25.45 49.36
N PRO D 577 -7.79 -26.75 49.51
CA PRO D 577 -7.76 -27.35 50.85
C PRO D 577 -6.63 -26.81 51.70
N ASP D 578 -5.63 -26.23 51.07
CA ASP D 578 -4.53 -25.56 51.80
C ASP D 578 -5.03 -24.55 52.85
N LEU D 579 -6.04 -23.78 52.48
CA LEU D 579 -6.46 -22.65 53.26
C LEU D 579 -7.14 -22.98 54.61
N PHE D 580 -7.35 -24.26 54.93
CA PHE D 580 -8.09 -24.67 56.16
C PHE D 580 -7.43 -25.83 56.93
N HIS D 581 -7.37 -25.76 58.25
CA HIS D 581 -6.80 -26.90 58.93
C HIS D 581 -7.87 -27.96 59.18
N VAL D 582 -9.11 -27.49 59.39
CA VAL D 582 -10.33 -28.29 59.63
C VAL D 582 -11.61 -27.60 59.09
N ALA D 583 -12.60 -28.40 58.68
CA ALA D 583 -13.90 -27.92 58.16
C ALA D 583 -15.09 -28.72 58.71
N LEU D 584 -16.22 -28.04 58.89
CA LEU D 584 -17.49 -28.68 59.28
C LEU D 584 -18.53 -28.51 58.18
N ALA D 585 -19.22 -29.59 57.78
CA ALA D 585 -20.21 -29.53 56.64
C ALA D 585 -21.57 -30.18 56.91
N GLY D 586 -22.59 -29.35 57.12
CA GLY D 586 -23.89 -29.87 57.51
C GLY D 586 -24.74 -30.24 56.32
N VAL D 587 -25.43 -31.40 56.42
CA VAL D 587 -26.38 -31.87 55.39
C VAL D 587 -25.97 -31.36 54.00
N PRO D 588 -24.76 -31.73 53.51
CA PRO D 588 -24.13 -31.07 52.35
C PRO D 588 -24.53 -31.55 50.97
N PHE D 589 -25.01 -30.61 50.19
CA PHE D 589 -25.29 -30.81 48.80
C PHE D 589 -24.00 -31.01 48.01
N VAL D 590 -23.62 -32.25 47.74
CA VAL D 590 -22.30 -32.52 47.13
C VAL D 590 -22.29 -33.40 45.87
N ASP D 591 -23.35 -34.19 45.64
CA ASP D 591 -23.45 -35.11 44.47
C ASP D 591 -24.13 -34.39 43.30
N VAL D 592 -23.61 -33.21 42.95
CA VAL D 592 -24.32 -32.27 42.05
C VAL D 592 -24.72 -32.90 40.71
N MET D 593 -23.74 -33.32 39.92
CA MET D 593 -23.95 -33.93 38.60
C MET D 593 -24.98 -35.00 38.67
N THR D 594 -24.81 -35.98 39.58
CA THR D 594 -25.69 -37.14 39.58
C THR D 594 -27.12 -36.81 40.04
N THR D 595 -27.25 -35.95 41.03
CA THR D 595 -28.58 -35.56 41.51
C THR D 595 -29.25 -34.71 40.45
N MET D 596 -28.55 -33.66 40.04
CA MET D 596 -29.17 -32.62 39.26
C MET D 596 -29.64 -33.06 37.90
N CYS D 597 -29.33 -34.29 37.52
CA CYS D 597 -29.75 -34.80 36.23
C CYS D 597 -31.01 -35.66 36.35
N ASP D 598 -31.44 -35.94 37.58
CA ASP D 598 -32.43 -36.98 37.85
C ASP D 598 -33.77 -36.48 38.45
N PRO D 599 -34.79 -36.42 37.59
CA PRO D 599 -36.05 -35.88 38.05
C PRO D 599 -36.76 -36.63 39.19
N SER D 600 -36.34 -37.85 39.53
CA SER D 600 -36.95 -38.63 40.66
C SER D 600 -36.46 -38.22 42.04
N ILE D 601 -35.36 -37.47 42.10
CA ILE D 601 -34.86 -36.94 43.36
C ILE D 601 -35.54 -35.66 43.74
N PRO D 602 -36.04 -35.59 44.99
CA PRO D 602 -36.97 -34.57 45.34
C PRO D 602 -36.71 -33.13 44.94
N LEU D 603 -35.54 -32.53 45.02
CA LEU D 603 -35.63 -31.12 44.54
C LEU D 603 -35.15 -30.77 43.10
N THR D 604 -34.69 -31.75 42.35
CA THR D 604 -33.90 -31.55 41.12
C THR D 604 -34.50 -30.65 39.99
N THR D 605 -35.79 -30.85 39.64
CA THR D 605 -36.41 -30.10 38.54
C THR D 605 -36.59 -28.66 38.97
N GLY D 606 -36.98 -28.48 40.24
CA GLY D 606 -37.04 -27.13 40.85
C GLY D 606 -35.78 -26.40 40.43
N GLU D 607 -34.64 -26.98 40.81
CA GLU D 607 -33.33 -26.33 40.67
C GLU D 607 -32.65 -26.36 39.29
N TRP D 608 -33.38 -26.76 38.26
CA TRP D 608 -32.90 -26.56 36.90
C TRP D 608 -32.82 -25.11 36.44
N GLU D 609 -33.45 -24.20 37.18
CA GLU D 609 -33.25 -22.78 36.96
C GLU D 609 -32.41 -22.19 38.09
N GLU D 610 -31.81 -23.06 38.92
CA GLU D 610 -30.79 -22.60 39.86
C GLU D 610 -29.34 -22.70 39.30
N TRP D 611 -28.77 -23.90 39.31
CA TRP D 611 -27.46 -24.12 38.73
C TRP D 611 -27.64 -24.46 37.26
N GLY D 612 -28.77 -25.07 36.96
CA GLY D 612 -29.09 -25.43 35.60
C GLY D 612 -29.34 -26.91 35.54
N ASN D 613 -29.42 -27.42 34.30
CA ASN D 613 -29.73 -28.81 34.04
C ASN D 613 -28.60 -29.52 33.28
N PRO D 614 -28.01 -30.56 33.88
CA PRO D 614 -26.84 -31.22 33.27
C PRO D 614 -27.17 -32.14 32.11
N ASN D 615 -28.44 -32.17 31.74
CA ASN D 615 -28.90 -32.97 30.61
C ASN D 615 -28.82 -32.11 29.39
N GLU D 616 -28.47 -30.84 29.58
CA GLU D 616 -28.32 -29.89 28.50
C GLU D 616 -26.84 -29.53 28.17
N TYR D 617 -26.54 -29.39 26.86
CA TYR D 617 -25.24 -28.90 26.37
C TYR D 617 -24.78 -27.59 27.03
N LYS D 618 -25.73 -26.74 27.41
CA LYS D 618 -25.41 -25.48 28.05
C LYS D 618 -24.74 -25.67 29.42
N PHE D 619 -25.05 -26.73 30.13
CA PHE D 619 -24.67 -26.74 31.53
C PHE D 619 -23.77 -27.89 31.95
N PHE D 620 -23.64 -28.89 31.09
CA PHE D 620 -22.92 -30.10 31.43
C PHE D 620 -21.50 -29.89 31.88
N ASP D 621 -20.73 -29.11 31.11
CA ASP D 621 -19.29 -28.96 31.36
C ASP D 621 -19.10 -28.01 32.50
N TYR D 622 -19.86 -26.91 32.48
CA TYR D 622 -19.76 -25.94 33.56
C TYR D 622 -20.02 -26.56 34.96
N MET D 623 -21.14 -27.26 35.13
CA MET D 623 -21.45 -27.91 36.40
C MET D 623 -20.46 -28.97 36.83
N ASN D 624 -20.07 -29.81 35.87
CA ASN D 624 -19.11 -30.89 36.06
C ASN D 624 -17.83 -30.29 36.57
N SER D 625 -17.56 -29.06 36.17
CA SER D 625 -16.33 -28.41 36.56
C SER D 625 -16.23 -28.12 38.07
N TYR D 626 -17.37 -28.13 38.80
CA TYR D 626 -17.32 -27.86 40.24
C TYR D 626 -17.97 -28.89 41.14
N SER D 627 -18.78 -29.77 40.58
CA SER D 627 -19.36 -30.94 41.31
C SER D 627 -18.36 -31.54 42.31
N PRO D 628 -18.63 -31.37 43.61
CA PRO D 628 -17.66 -31.80 44.58
C PRO D 628 -17.30 -33.25 44.53
N ILE D 629 -18.27 -34.16 44.44
CA ILE D 629 -17.93 -35.56 44.33
C ILE D 629 -17.09 -35.86 43.10
N ASP D 630 -17.42 -35.18 41.99
CA ASP D 630 -16.76 -35.35 40.70
C ASP D 630 -15.38 -34.72 40.60
N ASN D 631 -15.03 -33.88 41.56
CA ASN D 631 -13.73 -33.24 41.53
C ASN D 631 -12.78 -33.66 42.65
N VAL D 632 -13.06 -34.81 43.26
CA VAL D 632 -12.19 -35.35 44.28
C VAL D 632 -10.97 -36.03 43.63
N ARG D 633 -9.83 -35.95 44.31
CA ARG D 633 -8.56 -36.46 43.76
C ARG D 633 -7.49 -36.69 44.82
N ALA D 634 -6.32 -37.15 44.40
CA ALA D 634 -5.24 -37.50 45.29
C ALA D 634 -4.48 -36.28 45.83
N GLN D 635 -5.16 -35.42 46.58
CA GLN D 635 -4.51 -34.24 47.19
C GLN D 635 -4.70 -34.27 48.73
N ASP D 636 -4.22 -33.27 49.47
CA ASP D 636 -4.30 -33.28 50.94
C ASP D 636 -5.54 -32.55 51.50
N TYR D 637 -6.37 -33.28 52.26
CA TYR D 637 -7.60 -32.69 52.79
C TYR D 637 -7.50 -32.37 54.28
N PRO D 638 -8.32 -31.46 54.77
CA PRO D 638 -8.24 -31.14 56.18
C PRO D 638 -9.10 -32.10 57.00
N HIS D 639 -9.00 -32.05 58.32
CA HIS D 639 -10.01 -32.75 59.15
C HIS D 639 -11.37 -32.17 58.77
N LEU D 640 -12.40 -33.03 58.80
CA LEU D 640 -13.71 -32.70 58.24
C LEU D 640 -14.78 -33.56 58.89
N MET D 641 -15.86 -32.91 59.28
CA MET D 641 -17.00 -33.60 59.82
C MET D 641 -18.20 -33.41 58.90
N ILE D 642 -18.96 -34.46 58.69
CA ILE D 642 -20.14 -34.33 57.87
C ILE D 642 -21.37 -34.78 58.65
N GLN D 643 -22.34 -33.88 58.78
CA GLN D 643 -23.59 -34.17 59.43
C GLN D 643 -24.56 -34.58 58.33
N ALA D 644 -25.42 -35.56 58.64
CA ALA D 644 -26.47 -35.99 57.73
C ALA D 644 -27.64 -36.57 58.52
N GLY D 645 -28.84 -36.49 57.94
CA GLY D 645 -30.03 -37.15 58.49
C GLY D 645 -30.52 -38.19 57.50
N LEU D 646 -30.83 -39.38 58.00
CA LEU D 646 -31.24 -40.47 57.11
C LEU D 646 -32.45 -40.11 56.24
N HIS D 647 -33.36 -39.32 56.78
CA HIS D 647 -34.63 -39.04 56.13
C HIS D 647 -34.82 -37.66 55.51
N ASP D 648 -33.70 -37.01 55.22
CA ASP D 648 -33.68 -35.67 54.64
C ASP D 648 -34.28 -35.70 53.20
N PRO D 649 -35.36 -34.93 52.96
CA PRO D 649 -35.95 -34.72 51.62
C PRO D 649 -35.23 -33.68 50.78
N ARG D 650 -34.24 -32.99 51.34
CA ARG D 650 -33.62 -31.89 50.59
C ARG D 650 -32.21 -32.20 50.08
N VAL D 651 -31.36 -32.71 50.98
CA VAL D 651 -30.13 -33.34 50.51
C VAL D 651 -30.19 -34.81 50.90
N ALA D 652 -30.24 -35.68 49.89
CA ALA D 652 -30.43 -37.11 50.13
C ALA D 652 -29.28 -37.56 51.03
N TYR D 653 -29.52 -38.52 51.92
CA TYR D 653 -28.43 -39.08 52.76
C TYR D 653 -27.23 -39.58 51.93
N TRP D 654 -27.48 -40.17 50.76
CA TRP D 654 -26.42 -40.83 50.00
C TRP D 654 -25.38 -39.88 49.42
N GLU D 655 -25.76 -38.61 49.25
CA GLU D 655 -24.80 -37.63 48.73
C GLU D 655 -23.59 -37.54 49.65
N PRO D 656 -23.78 -37.09 50.91
CA PRO D 656 -22.61 -37.07 51.79
C PRO D 656 -21.96 -38.44 51.97
N ALA D 657 -22.75 -39.51 52.00
CA ALA D 657 -22.18 -40.87 52.06
C ALA D 657 -21.13 -41.12 50.93
N LYS D 658 -21.58 -41.05 49.67
CA LYS D 658 -20.69 -41.19 48.55
C LYS D 658 -19.48 -40.27 48.71
N TRP D 659 -19.74 -38.99 48.92
CA TRP D 659 -18.67 -38.04 49.11
C TRP D 659 -17.65 -38.59 50.09
N ALA D 660 -18.12 -39.01 51.25
CA ALA D 660 -17.26 -39.48 52.32
C ALA D 660 -16.33 -40.63 51.89
N SER D 661 -16.92 -41.74 51.45
CA SER D 661 -16.13 -42.82 50.89
C SER D 661 -15.10 -42.28 49.90
N LYS D 662 -15.53 -41.46 48.95
CA LYS D 662 -14.59 -41.05 47.92
C LYS D 662 -13.35 -40.31 48.48
N LEU D 663 -13.58 -39.34 49.36
CA LEU D 663 -12.50 -38.64 49.99
C LEU D 663 -11.51 -39.66 50.49
N ARG D 664 -11.98 -40.54 51.36
CA ARG D 664 -11.11 -41.52 52.02
C ARG D 664 -10.37 -42.40 51.02
N GLU D 665 -11.06 -42.76 49.95
CA GLU D 665 -10.47 -43.61 48.92
C GLU D 665 -9.30 -42.88 48.25
N LEU D 666 -9.47 -41.58 47.97
CA LEU D 666 -8.57 -40.87 47.06
C LEU D 666 -7.54 -39.97 47.70
N LYS D 667 -7.88 -39.44 48.87
CA LYS D 667 -6.97 -38.51 49.56
C LYS D 667 -5.58 -39.09 49.84
N THR D 668 -4.66 -38.21 50.20
CA THR D 668 -3.25 -38.54 50.33
C THR D 668 -2.71 -38.06 51.67
N ASP D 669 -3.42 -37.13 52.31
CA ASP D 669 -3.12 -36.77 53.69
C ASP D 669 -3.63 -37.89 54.58
N SER D 670 -3.49 -37.73 55.88
CA SER D 670 -4.04 -38.73 56.78
C SER D 670 -4.83 -38.14 57.97
N ASN D 671 -5.55 -37.05 57.71
CA ASN D 671 -6.46 -36.47 58.66
C ASN D 671 -7.76 -37.26 58.69
N GLU D 672 -8.58 -37.04 59.72
CA GLU D 672 -9.80 -37.81 59.89
C GLU D 672 -10.97 -37.16 59.17
N VAL D 673 -11.77 -38.00 58.50
CA VAL D 673 -13.01 -37.59 57.87
C VAL D 673 -14.12 -38.38 58.54
N LEU D 674 -15.06 -37.68 59.16
CA LEU D 674 -16.03 -38.35 59.99
C LEU D 674 -17.42 -38.04 59.56
N LEU D 675 -18.19 -39.09 59.26
CA LEU D 675 -19.59 -38.90 58.87
C LEU D 675 -20.55 -39.19 60.01
N LYS D 676 -21.10 -38.14 60.62
CA LYS D 676 -22.13 -38.29 61.64
C LYS D 676 -23.51 -38.41 60.97
N MET D 677 -24.11 -39.58 61.05
CA MET D 677 -25.33 -39.81 60.32
C MET D 677 -26.46 -40.12 61.29
N ASP D 678 -27.32 -39.14 61.57
CA ASP D 678 -28.48 -39.44 62.38
C ASP D 678 -29.56 -40.19 61.59
N LEU D 679 -29.98 -41.33 62.16
CA LEU D 679 -30.92 -42.28 61.57
C LEU D 679 -32.39 -41.86 61.62
N GLU D 680 -32.67 -40.86 62.44
CA GLU D 680 -34.04 -40.54 62.84
C GLU D 680 -34.57 -39.27 62.19
N SER D 681 -33.69 -38.30 61.99
CA SER D 681 -34.05 -36.94 61.53
C SER D 681 -34.08 -36.72 60.01
N GLY D 682 -34.45 -35.50 59.62
CA GLY D 682 -34.52 -35.10 58.22
C GLY D 682 -33.37 -34.18 57.83
N HIS D 683 -33.70 -32.97 57.40
CA HIS D 683 -32.70 -31.99 56.96
C HIS D 683 -32.36 -31.00 58.04
N PHE D 684 -33.37 -30.49 58.74
CA PHE D 684 -33.17 -29.38 59.67
C PHE D 684 -32.71 -29.86 60.96
N SER D 685 -32.64 -31.15 61.02
CA SER D 685 -32.89 -31.75 62.28
C SER D 685 -31.63 -31.64 63.14
N ALA D 686 -30.63 -32.47 62.87
CA ALA D 686 -29.84 -33.02 63.97
C ALA D 686 -30.94 -33.78 64.76
N SER D 687 -31.76 -33.01 65.50
CA SER D 687 -33.03 -33.46 66.02
C SER D 687 -33.92 -32.23 66.23
N ASP D 688 -34.79 -32.30 67.25
CA ASP D 688 -35.81 -31.30 67.49
C ASP D 688 -36.03 -31.17 68.99
N ARG D 689 -35.01 -30.77 69.75
CA ARG D 689 -35.16 -30.66 71.22
C ARG D 689 -34.15 -29.79 71.95
N TYR D 690 -33.61 -30.43 72.98
CA TYR D 690 -32.39 -30.11 73.66
C TYR D 690 -31.31 -30.79 72.85
N LYS D 691 -31.54 -32.04 72.46
CA LYS D 691 -30.54 -32.82 71.70
C LYS D 691 -30.04 -32.13 70.44
N TYR D 692 -30.79 -31.15 69.95
CA TYR D 692 -30.29 -30.29 68.89
C TYR D 692 -28.93 -29.79 69.30
N LEU D 693 -28.89 -29.14 70.46
CA LEU D 693 -27.66 -28.59 71.02
C LEU D 693 -26.55 -29.62 71.24
N ARG D 694 -26.90 -30.81 71.71
CA ARG D 694 -25.96 -31.94 71.79
C ARG D 694 -25.16 -32.13 70.48
N GLU D 695 -25.86 -32.22 69.36
CA GLU D 695 -25.24 -32.43 68.06
C GLU D 695 -24.47 -31.22 67.50
N ASN D 696 -24.74 -30.02 68.00
CA ASN D 696 -23.98 -28.84 67.61
C ASN D 696 -22.74 -28.72 68.49
N ALA D 697 -22.93 -29.02 69.78
CA ALA D 697 -21.85 -28.98 70.76
C ALA D 697 -20.68 -29.83 70.30
N ILE D 698 -20.98 -31.09 69.95
CA ILE D 698 -20.00 -32.03 69.43
C ILE D 698 -19.26 -31.43 68.21
N GLN D 699 -20.04 -30.83 67.32
CA GLN D 699 -19.50 -30.26 66.12
C GLN D 699 -18.51 -29.16 66.44
N GLN D 700 -18.82 -28.32 67.43
CA GLN D 700 -17.95 -27.22 67.75
C GLN D 700 -16.75 -27.71 68.50
N ALA D 701 -16.93 -28.79 69.24
CA ALA D 701 -15.82 -29.41 69.94
C ALA D 701 -14.84 -29.95 68.93
N PHE D 702 -15.35 -30.66 67.93
CA PHE D 702 -14.51 -31.15 66.85
C PHE D 702 -13.58 -30.07 66.25
N VAL D 703 -14.13 -28.90 65.98
CA VAL D 703 -13.38 -27.75 65.51
C VAL D 703 -12.27 -27.43 66.51
N LEU D 704 -12.66 -27.30 67.77
CA LEU D 704 -11.74 -26.82 68.82
C LEU D 704 -10.56 -27.78 69.10
N LYS D 705 -10.84 -29.08 69.14
CA LYS D 705 -9.80 -30.09 69.28
C LYS D 705 -8.72 -29.95 68.21
N HIS D 706 -9.15 -29.55 67.01
CA HIS D 706 -8.24 -29.52 65.88
C HIS D 706 -7.63 -28.17 65.63
N LEU D 707 -8.17 -27.15 66.29
CA LEU D 707 -7.68 -25.81 66.14
C LEU D 707 -6.86 -25.49 67.38
N ASN D 708 -6.85 -26.44 68.31
CA ASN D 708 -6.22 -26.35 69.62
C ASN D 708 -6.62 -25.10 70.42
N VAL D 709 -7.92 -24.89 70.59
CA VAL D 709 -8.39 -23.81 71.46
C VAL D 709 -9.37 -24.35 72.48
N ARG D 710 -8.96 -24.25 73.76
CA ARG D 710 -9.71 -24.81 74.89
C ARG D 710 -10.00 -23.77 75.97
N GLN D 711 -8.97 -23.06 76.44
CA GLN D 711 -9.15 -22.07 77.51
C GLN D 711 -10.15 -20.99 77.11
N LEU D 712 -11.31 -21.04 77.79
CA LEU D 712 -12.34 -19.99 77.83
C LEU D 712 -11.78 -18.78 78.56
N LEU D 713 -11.34 -17.76 77.80
CA LEU D 713 -10.61 -16.58 78.30
C LEU D 713 -11.09 -15.93 79.61
N ARG D 714 -12.30 -16.27 80.05
CA ARG D 714 -12.84 -15.79 81.33
C ARG D 714 -13.25 -16.96 82.23
N ARG E 5 22.93 -29.20 -76.84
CA ARG E 5 23.25 -28.56 -75.53
C ARG E 5 22.28 -29.03 -74.45
N GLY E 6 21.94 -28.15 -73.50
CA GLY E 6 20.97 -28.42 -72.39
C GLY E 6 20.09 -27.20 -72.12
N PRO E 7 19.01 -27.35 -71.34
CA PRO E 7 18.07 -26.23 -71.18
C PRO E 7 18.57 -25.14 -70.24
N ILE E 8 18.25 -23.89 -70.57
CA ILE E 8 18.63 -22.73 -69.76
C ILE E 8 17.38 -21.87 -69.63
N ALA E 9 17.12 -21.38 -68.42
CA ALA E 9 15.96 -20.55 -68.17
C ALA E 9 16.16 -19.10 -68.56
N ALA E 10 15.05 -18.42 -68.84
CA ALA E 10 15.05 -17.00 -69.12
C ALA E 10 15.48 -16.24 -67.87
N HIS E 11 15.90 -15.01 -68.06
CA HIS E 11 16.40 -14.18 -66.98
C HIS E 11 15.38 -13.12 -66.64
N ARG E 12 14.93 -13.08 -65.39
CA ARG E 12 13.96 -12.08 -64.94
C ARG E 12 14.42 -11.35 -63.68
N PRO E 13 14.52 -10.00 -63.73
CA PRO E 13 15.15 -9.22 -62.65
C PRO E 13 14.28 -9.17 -61.39
N HIS E 14 14.92 -9.22 -60.23
CA HIS E 14 14.25 -9.38 -58.95
C HIS E 14 15.32 -9.20 -57.89
N GLU E 15 15.17 -8.20 -57.04
CA GLU E 15 16.18 -7.97 -56.02
C GLU E 15 15.79 -8.64 -54.72
N VAL E 16 16.68 -9.48 -54.20
CA VAL E 16 16.42 -10.12 -52.93
C VAL E 16 17.18 -9.39 -51.86
N VAL E 17 16.56 -9.25 -50.71
CA VAL E 17 17.04 -8.40 -49.62
C VAL E 17 17.56 -9.23 -48.44
N PHE E 18 18.70 -8.81 -47.94
CA PHE E 18 19.36 -9.41 -46.81
C PHE E 18 19.50 -8.34 -45.74
N GLY E 19 18.66 -8.43 -44.72
CA GLY E 19 18.72 -7.49 -43.61
C GLY E 19 17.36 -7.20 -43.02
N LYS E 20 17.22 -6.06 -42.37
CA LYS E 20 15.93 -5.62 -41.82
C LYS E 20 14.93 -5.33 -42.94
N VAL E 21 13.74 -5.91 -42.81
CA VAL E 21 12.59 -5.57 -43.65
C VAL E 21 11.32 -5.37 -42.82
N GLU E 22 10.61 -4.30 -43.14
CA GLU E 22 9.42 -3.92 -42.43
C GLU E 22 8.34 -4.97 -42.50
N GLY E 23 7.95 -5.49 -41.33
CA GLY E 23 6.79 -6.39 -41.22
C GLY E 23 7.16 -7.84 -41.44
N GLU E 24 8.46 -8.12 -41.37
CA GLU E 24 8.99 -9.46 -41.56
C GLU E 24 10.01 -9.85 -40.48
N ASP E 25 10.09 -11.13 -40.13
CA ASP E 25 11.00 -11.54 -39.08
C ASP E 25 12.30 -11.91 -39.73
N ARG E 26 13.36 -11.14 -39.54
CA ARG E 26 14.66 -11.58 -40.07
C ARG E 26 15.66 -11.85 -38.97
N GLY E 27 15.14 -12.10 -37.76
CA GLY E 27 15.94 -12.40 -36.60
C GLY E 27 16.09 -11.26 -35.60
N ALA E 28 16.71 -11.62 -34.48
CA ALA E 28 16.95 -10.74 -33.35
C ALA E 28 17.88 -9.58 -33.68
N ASN E 29 18.65 -9.68 -34.77
CA ASN E 29 19.67 -8.67 -35.06
C ASN E 29 20.05 -8.54 -36.55
N PRO E 30 19.10 -8.06 -37.38
CA PRO E 30 19.39 -8.01 -38.79
C PRO E 30 20.07 -6.70 -39.18
N MET E 31 20.63 -6.67 -40.39
CA MET E 31 21.45 -5.56 -40.89
C MET E 31 20.63 -4.29 -41.20
N ASP E 32 21.21 -3.11 -40.93
CA ASP E 32 20.49 -1.82 -41.10
C ASP E 32 21.43 -0.64 -41.54
N PRO E 33 21.28 -0.14 -42.80
CA PRO E 33 20.32 -0.53 -43.84
C PRO E 33 20.58 -1.94 -44.30
N PRO E 34 19.59 -2.61 -44.91
CA PRO E 34 19.88 -3.98 -45.39
C PRO E 34 20.79 -4.00 -46.64
N ARG E 35 21.10 -5.19 -47.14
CA ARG E 35 21.89 -5.38 -48.35
C ARG E 35 21.04 -6.00 -49.46
N ARG E 36 21.33 -5.63 -50.71
CA ARG E 36 20.51 -6.02 -51.83
C ARG E 36 21.35 -6.64 -52.96
N ARG E 37 20.76 -7.61 -53.65
CA ARG E 37 21.37 -8.23 -54.84
C ARG E 37 20.31 -8.87 -55.72
N VAL E 38 20.65 -9.24 -56.97
CA VAL E 38 19.62 -9.75 -57.90
C VAL E 38 19.63 -11.26 -58.05
N ASP E 39 18.45 -11.89 -58.05
CA ASP E 39 18.37 -13.28 -58.50
C ASP E 39 17.53 -13.41 -59.75
N PRO E 40 18.18 -13.46 -60.93
CA PRO E 40 17.49 -13.48 -62.23
C PRO E 40 16.65 -14.75 -62.46
N LEU E 41 16.71 -15.70 -61.53
CA LEU E 41 15.93 -16.94 -61.61
C LEU E 41 14.97 -17.16 -60.40
N PHE E 42 14.63 -16.06 -59.72
CA PHE E 42 13.80 -16.14 -58.55
C PHE E 42 12.45 -16.69 -58.92
N TRP E 43 11.99 -16.32 -60.12
CA TRP E 43 10.66 -16.63 -60.61
C TRP E 43 10.30 -18.10 -60.63
N LEU E 44 11.30 -18.98 -60.61
CA LEU E 44 11.05 -20.43 -60.62
C LEU E 44 10.37 -20.90 -59.35
N ARG E 45 10.38 -20.04 -58.35
CA ARG E 45 9.59 -20.28 -57.18
C ARG E 45 8.14 -19.88 -57.48
N ASP E 46 7.27 -20.88 -57.46
CA ASP E 46 5.86 -20.65 -57.23
C ASP E 46 5.56 -21.39 -55.94
N ASP E 47 5.03 -20.66 -54.97
CA ASP E 47 4.59 -21.35 -53.79
C ASP E 47 3.39 -22.26 -54.04
N ASN E 48 2.59 -21.97 -55.05
CA ASN E 48 1.43 -22.79 -55.32
C ASN E 48 1.62 -23.96 -56.28
N ARG E 49 2.80 -24.06 -56.90
CA ARG E 49 3.10 -25.12 -57.90
C ARG E 49 2.22 -25.13 -59.15
N ALA E 50 1.49 -24.04 -59.34
CA ALA E 50 0.57 -23.93 -60.45
C ALA E 50 1.28 -23.31 -61.65
N ASP E 51 1.98 -22.21 -61.42
CA ASP E 51 2.44 -21.33 -62.49
C ASP E 51 2.76 -22.07 -63.81
N PRO E 52 2.03 -21.72 -64.90
CA PRO E 52 2.33 -22.19 -66.28
C PRO E 52 3.78 -21.98 -66.69
N GLU E 53 4.27 -20.75 -66.54
CA GLU E 53 5.62 -20.41 -66.96
C GLU E 53 6.69 -21.31 -66.31
N VAL E 54 6.37 -21.87 -65.15
CA VAL E 54 7.32 -22.73 -64.46
C VAL E 54 7.20 -24.16 -65.01
N LEU E 55 6.04 -24.80 -64.86
CA LEU E 55 5.76 -26.10 -65.46
C LEU E 55 6.24 -26.23 -66.90
N ALA E 56 6.38 -25.09 -67.58
CA ALA E 56 6.95 -25.05 -68.93
C ALA E 56 8.38 -25.51 -68.89
N HIS E 57 9.21 -24.74 -68.19
CA HIS E 57 10.63 -25.00 -68.12
C HIS E 57 10.93 -26.39 -67.57
N LEU E 58 10.14 -26.79 -66.59
CA LEU E 58 10.31 -28.08 -65.96
C LEU E 58 9.96 -29.18 -66.96
N HIS E 59 8.99 -28.92 -67.82
CA HIS E 59 8.69 -29.83 -68.91
C HIS E 59 9.99 -29.97 -69.71
N LEU E 60 10.54 -28.84 -70.18
CA LEU E 60 11.77 -28.84 -70.97
C LEU E 60 12.86 -29.64 -70.29
N GLU E 61 12.86 -29.61 -68.97
CA GLU E 61 13.84 -30.35 -68.21
C GLU E 61 13.47 -31.84 -68.14
N LYS E 62 12.19 -32.15 -67.99
CA LYS E 62 11.71 -33.54 -68.04
C LYS E 62 12.11 -34.11 -69.39
N ASP E 63 11.93 -33.29 -70.43
CA ASP E 63 12.02 -33.67 -71.83
C ASP E 63 13.47 -33.96 -72.25
N TYR E 64 14.39 -33.11 -71.79
CA TYR E 64 15.81 -33.30 -72.06
C TYR E 64 16.39 -34.43 -71.22
N TYR E 65 15.82 -34.63 -70.02
CA TYR E 65 16.24 -35.76 -69.20
C TYR E 65 15.97 -37.07 -69.93
N GLU E 66 14.73 -37.29 -70.33
CA GLU E 66 14.35 -38.54 -70.98
C GLU E 66 15.04 -38.68 -72.32
N LYS E 67 15.46 -37.55 -72.91
CA LYS E 67 16.22 -37.53 -74.19
C LYS E 67 17.58 -38.14 -74.03
N ARG E 68 18.22 -37.80 -72.93
CA ARG E 68 19.58 -38.18 -72.59
C ARG E 68 19.62 -39.45 -71.73
N ALA E 69 18.47 -39.81 -71.16
CA ALA E 69 18.25 -41.10 -70.48
C ALA E 69 18.34 -42.29 -71.45
N VAL E 70 17.54 -42.21 -72.51
CA VAL E 70 17.39 -43.26 -73.54
C VAL E 70 18.42 -44.40 -73.52
N ASP E 71 19.69 -44.04 -73.53
CA ASP E 71 20.77 -44.98 -73.78
C ASP E 71 21.29 -45.71 -72.52
N ILE E 72 20.55 -45.65 -71.42
CA ILE E 72 20.96 -46.40 -70.22
C ILE E 72 19.85 -47.26 -69.61
N LYS E 73 18.66 -47.18 -70.19
CA LYS E 73 17.49 -48.00 -69.79
C LYS E 73 17.91 -49.41 -69.33
N ASP E 74 18.74 -50.06 -70.14
CA ASP E 74 19.11 -51.45 -69.95
C ASP E 74 19.91 -51.75 -68.67
N LEU E 75 20.68 -50.79 -68.20
CA LEU E 75 21.44 -51.02 -67.00
C LEU E 75 20.55 -50.84 -65.79
N ALA E 76 19.86 -49.71 -65.73
CA ALA E 76 18.82 -49.46 -64.74
C ALA E 76 17.94 -50.70 -64.58
N GLU E 77 17.63 -51.32 -65.72
CA GLU E 77 16.92 -52.58 -65.75
C GLU E 77 17.72 -53.69 -65.05
N THR E 78 18.92 -53.97 -65.55
CA THR E 78 19.79 -54.99 -64.97
C THR E 78 19.93 -54.81 -63.47
N ILE E 79 20.16 -53.56 -63.09
CA ILE E 79 20.49 -53.20 -61.72
C ILE E 79 19.23 -53.13 -60.85
N TYR E 80 18.09 -52.84 -61.49
CA TYR E 80 16.76 -52.97 -60.86
C TYR E 80 16.59 -54.40 -60.37
N GLN E 81 16.78 -55.36 -61.29
CA GLN E 81 16.64 -56.77 -61.00
C GLN E 81 17.57 -57.20 -59.90
N GLU E 82 18.78 -56.64 -59.90
CA GLU E 82 19.72 -56.87 -58.83
C GLU E 82 19.09 -56.44 -57.50
N HIS E 83 18.50 -55.24 -57.47
CA HIS E 83 17.80 -54.74 -56.27
C HIS E 83 16.71 -55.72 -55.78
N ILE E 84 15.78 -56.06 -56.66
CA ILE E 84 14.73 -57.00 -56.32
C ILE E 84 15.32 -58.24 -55.64
N SER E 85 16.33 -58.81 -56.28
CA SER E 85 16.94 -60.05 -55.83
C SER E 85 17.77 -59.84 -54.59
N HIS E 86 17.90 -58.60 -54.15
CA HIS E 86 18.67 -58.31 -52.95
C HIS E 86 17.78 -57.93 -51.78
N ILE E 87 16.54 -57.56 -52.05
CA ILE E 87 15.68 -56.96 -51.03
C ILE E 87 14.72 -57.95 -50.34
N GLU E 88 14.47 -59.10 -50.99
CA GLU E 88 13.48 -60.12 -50.54
C GLU E 88 12.02 -59.65 -50.41
N GLU E 89 11.22 -59.94 -51.44
CA GLU E 89 9.86 -59.38 -51.57
C GLU E 89 8.81 -59.84 -50.55
N THR E 90 8.98 -61.04 -49.98
CA THR E 90 8.05 -61.54 -48.95
C THR E 90 8.75 -61.56 -47.61
N ASP E 91 8.27 -60.73 -46.70
CA ASP E 91 8.94 -60.52 -45.42
C ASP E 91 8.01 -60.13 -44.29
N MET E 92 8.43 -60.50 -43.09
CA MET E 92 7.74 -60.17 -41.86
C MET E 92 8.73 -59.43 -40.98
N SER E 93 8.34 -58.26 -40.47
CA SER E 93 9.20 -57.51 -39.56
C SER E 93 9.44 -58.32 -38.29
N ALA E 94 10.49 -57.96 -37.58
CA ALA E 94 10.73 -58.46 -36.22
C ALA E 94 9.54 -58.19 -35.30
N PRO E 95 8.73 -59.25 -35.00
CA PRO E 95 7.44 -59.09 -34.34
C PRO E 95 7.64 -58.73 -32.88
N TYR E 96 6.75 -57.90 -32.33
CA TYR E 96 6.97 -57.38 -30.99
C TYR E 96 5.69 -57.30 -30.15
N VAL E 97 5.84 -57.42 -28.84
CA VAL E 97 4.71 -57.35 -27.93
C VAL E 97 4.27 -55.90 -27.77
N TYR E 98 2.96 -55.71 -27.84
CA TYR E 98 2.28 -54.45 -27.48
C TYR E 98 1.07 -54.90 -26.72
N ASP E 99 1.09 -54.70 -25.41
CA ASP E 99 0.00 -55.12 -24.53
C ASP E 99 -0.41 -56.58 -24.76
N ARG E 100 -1.63 -56.80 -25.23
CA ARG E 100 -2.23 -58.14 -25.31
C ARG E 100 -1.95 -58.85 -26.64
N PHE E 101 -0.99 -58.34 -27.43
CA PHE E 101 -0.71 -58.84 -28.79
C PHE E 101 0.77 -58.76 -29.20
N LEU E 102 1.07 -59.27 -30.40
CA LEU E 102 2.36 -59.05 -31.07
C LEU E 102 2.13 -58.42 -32.45
N TYR E 103 2.66 -57.21 -32.68
CA TYR E 103 2.53 -56.51 -33.96
C TYR E 103 3.74 -56.77 -34.87
N TYR E 104 3.50 -56.78 -36.17
CA TYR E 104 4.58 -56.89 -37.15
C TYR E 104 4.16 -56.28 -38.47
N THR E 105 5.14 -56.18 -39.37
CA THR E 105 4.85 -55.69 -40.70
C THR E 105 5.01 -56.83 -41.70
N ARG E 106 4.31 -56.75 -42.83
CA ARG E 106 4.45 -57.73 -43.93
C ARG E 106 4.44 -57.10 -45.32
N ASP E 107 5.42 -57.48 -46.15
CA ASP E 107 5.43 -57.10 -47.56
C ASP E 107 5.16 -58.34 -48.38
N VAL E 108 4.52 -58.17 -49.53
CA VAL E 108 4.08 -59.32 -50.35
C VAL E 108 4.56 -59.11 -51.77
N LYS E 109 4.93 -60.19 -52.44
CA LYS E 109 5.72 -60.16 -53.67
C LYS E 109 5.30 -59.18 -54.77
N GLY E 110 4.01 -59.03 -55.01
CA GLY E 110 3.59 -58.10 -56.06
C GLY E 110 3.31 -56.70 -55.54
N LEU E 111 3.32 -56.55 -54.22
CA LEU E 111 2.62 -55.45 -53.52
C LEU E 111 3.49 -54.33 -52.95
N SER E 112 3.38 -53.16 -53.59
CA SER E 112 4.11 -51.90 -53.29
C SER E 112 4.20 -51.43 -51.84
N TYR E 113 3.14 -51.62 -51.07
CA TYR E 113 3.09 -51.05 -49.73
C TYR E 113 3.00 -52.11 -48.65
N LYS E 114 3.30 -51.72 -47.41
CA LYS E 114 3.43 -52.70 -46.35
C LYS E 114 2.08 -53.02 -45.73
N LEU E 115 2.02 -54.06 -44.90
CA LEU E 115 0.80 -54.43 -44.21
C LEU E 115 1.10 -54.42 -42.72
N HIS E 116 0.29 -53.68 -41.95
CA HIS E 116 0.45 -53.72 -40.51
C HIS E 116 -0.51 -54.78 -39.98
N CYS E 117 0.03 -55.78 -39.28
CA CYS E 117 -0.75 -56.90 -38.79
C CYS E 117 -0.54 -57.12 -37.30
N ARG E 118 -1.52 -57.79 -36.70
CA ARG E 118 -1.58 -58.03 -35.28
C ARG E 118 -1.79 -59.52 -35.11
N VAL E 119 -1.14 -60.12 -34.12
CA VAL E 119 -1.43 -61.51 -33.75
C VAL E 119 -1.62 -61.64 -32.25
N PRO E 120 -2.67 -62.35 -31.84
CA PRO E 120 -2.95 -62.43 -30.41
C PRO E 120 -1.78 -63.00 -29.59
N ALA E 121 -1.50 -62.29 -28.49
CA ALA E 121 -0.64 -62.73 -27.36
C ALA E 121 0.30 -63.93 -27.54
N GLY E 122 -0.19 -65.14 -27.26
CA GLY E 122 0.62 -66.37 -27.29
C GLY E 122 0.37 -67.28 -28.48
N LYS E 123 0.36 -66.67 -29.66
CA LYS E 123 0.16 -67.38 -30.93
C LYS E 123 1.33 -67.04 -31.84
N THR E 124 1.42 -67.74 -32.97
CA THR E 124 2.54 -67.55 -33.89
C THR E 124 2.26 -66.45 -34.91
N PRO E 125 3.20 -65.48 -35.04
CA PRO E 125 3.05 -64.45 -36.06
C PRO E 125 3.24 -65.06 -37.45
N GLY E 126 2.83 -64.32 -38.47
CA GLY E 126 2.87 -64.81 -39.84
C GLY E 126 1.44 -64.88 -40.29
N GLU E 127 1.26 -64.96 -41.61
CA GLU E 127 -0.06 -64.99 -42.21
C GLU E 127 -0.83 -66.26 -41.82
N GLY E 128 -2.13 -66.14 -41.66
CA GLY E 128 -2.96 -67.27 -41.28
C GLY E 128 -4.36 -66.90 -40.85
N GLU E 129 -4.96 -67.76 -40.03
CA GLU E 129 -6.35 -67.56 -39.57
C GLU E 129 -6.41 -66.71 -38.30
N ASP E 130 -5.25 -66.47 -37.72
CA ASP E 130 -5.14 -65.63 -36.52
C ASP E 130 -4.88 -64.16 -36.87
N GLU E 131 -4.51 -63.90 -38.12
CA GLU E 131 -3.97 -62.59 -38.47
C GLU E 131 -5.08 -61.63 -38.83
N GLU E 132 -5.11 -60.53 -38.09
CA GLU E 132 -5.91 -59.37 -38.45
C GLU E 132 -5.01 -58.39 -39.22
N ILE E 133 -5.39 -58.08 -40.47
CA ILE E 133 -4.77 -56.99 -41.22
C ILE E 133 -5.28 -55.67 -40.62
N VAL E 134 -4.54 -55.17 -39.64
CA VAL E 134 -4.82 -53.88 -38.99
C VAL E 134 -4.89 -52.74 -40.01
N LEU E 135 -3.96 -52.72 -40.97
CA LEU E 135 -4.09 -51.78 -42.07
C LEU E 135 -3.24 -52.16 -43.26
N ASP E 136 -3.87 -52.08 -44.44
CA ASP E 136 -3.19 -52.36 -45.71
C ASP E 136 -2.93 -51.09 -46.49
N GLU E 137 -1.67 -50.65 -46.47
CA GLU E 137 -1.22 -49.48 -47.20
C GLU E 137 -1.56 -49.50 -48.71
N ASN E 138 -1.69 -50.68 -49.31
CA ASN E 138 -2.08 -50.75 -50.72
C ASN E 138 -3.52 -50.30 -50.94
N LYS E 139 -4.36 -50.51 -49.91
CA LYS E 139 -5.78 -50.14 -49.96
C LYS E 139 -5.97 -48.62 -49.94
N LEU E 140 -5.28 -47.94 -49.03
CA LEU E 140 -5.25 -46.47 -49.06
C LEU E 140 -4.64 -45.94 -50.35
N ALA E 141 -3.70 -46.69 -50.93
CA ALA E 141 -2.94 -46.26 -52.11
C ALA E 141 -3.74 -46.27 -53.41
N GLU E 142 -4.63 -47.26 -53.52
CA GLU E 142 -5.56 -47.46 -54.64
C GLU E 142 -5.79 -46.20 -55.48
N GLY E 143 -5.24 -46.19 -56.68
CA GLY E 143 -5.40 -45.08 -57.60
C GLY E 143 -5.02 -43.75 -56.98
N LYS E 144 -3.83 -43.68 -56.38
CA LYS E 144 -3.29 -42.40 -55.89
C LYS E 144 -1.81 -42.24 -56.25
N SER E 145 -1.49 -41.08 -56.81
CA SER E 145 -0.14 -40.84 -57.28
C SER E 145 0.88 -41.06 -56.16
N PHE E 146 0.64 -40.48 -54.98
CA PHE E 146 1.57 -40.57 -53.86
C PHE E 146 0.84 -40.97 -52.56
N CYS E 147 1.54 -41.52 -51.56
CA CYS E 147 0.89 -41.98 -50.30
C CYS E 147 1.86 -42.45 -49.21
N VAL E 148 1.87 -41.75 -48.08
CA VAL E 148 2.73 -42.14 -46.96
C VAL E 148 1.91 -42.13 -45.69
N VAL E 149 2.06 -43.17 -44.91
CA VAL E 149 1.47 -43.20 -43.58
C VAL E 149 2.55 -42.90 -42.56
N GLY E 150 2.31 -41.88 -41.73
CA GLY E 150 3.26 -41.47 -40.72
C GLY E 150 3.32 -42.44 -39.57
N CYS E 151 2.16 -42.90 -39.14
CA CYS E 151 2.06 -43.53 -37.85
C CYS E 151 0.80 -44.34 -37.78
N VAL E 152 0.91 -45.55 -37.23
CA VAL E 152 -0.26 -46.38 -36.94
C VAL E 152 -0.28 -46.63 -35.45
N ALA E 153 -1.28 -46.08 -34.77
CA ALA E 153 -1.29 -46.25 -33.35
C ALA E 153 -2.67 -46.68 -32.91
N PRO E 154 -2.75 -47.92 -32.40
CA PRO E 154 -3.90 -48.43 -31.66
C PRO E 154 -3.97 -47.78 -30.27
N ALA E 155 -5.14 -47.76 -29.65
CA ALA E 155 -5.28 -47.10 -28.35
C ALA E 155 -5.02 -48.11 -27.26
N PRO E 156 -4.12 -47.79 -26.30
CA PRO E 156 -3.91 -48.54 -25.07
C PRO E 156 -5.15 -48.98 -24.29
N PRO E 157 -4.93 -49.71 -23.19
CA PRO E 157 -5.55 -50.99 -22.94
C PRO E 157 -5.83 -51.81 -24.20
N GLU E 158 -6.89 -51.46 -24.94
CA GLU E 158 -7.61 -52.41 -25.83
C GLU E 158 -7.07 -52.70 -27.22
N HIS E 159 -6.58 -51.66 -27.89
CA HIS E 159 -6.27 -51.70 -29.33
C HIS E 159 -7.59 -51.95 -30.09
N ALA E 160 -8.67 -51.37 -29.55
CA ALA E 160 -9.98 -51.40 -30.18
C ALA E 160 -10.01 -50.32 -31.25
N LEU E 161 -9.66 -49.10 -30.90
CA LEU E 161 -9.52 -48.12 -31.96
C LEU E 161 -8.07 -48.15 -32.43
N VAL E 162 -7.89 -48.09 -33.75
CA VAL E 162 -6.60 -47.83 -34.34
C VAL E 162 -6.69 -46.57 -35.19
N ALA E 163 -5.75 -45.65 -35.00
CA ALA E 163 -5.71 -44.41 -35.77
C ALA E 163 -4.44 -44.37 -36.62
N TYR E 164 -4.56 -43.83 -37.83
CA TYR E 164 -3.40 -43.66 -38.67
C TYR E 164 -3.36 -42.24 -39.26
N SER E 165 -2.21 -41.90 -39.84
CA SER E 165 -1.95 -40.57 -40.34
C SER E 165 -1.39 -40.65 -41.76
N VAL E 166 -1.88 -39.80 -42.65
CA VAL E 166 -1.62 -40.05 -44.03
C VAL E 166 -1.37 -38.78 -44.83
N ASP E 167 -0.31 -38.79 -45.61
CA ASP E 167 -0.03 -37.68 -46.50
C ASP E 167 -0.12 -38.14 -47.96
N TYR E 168 -0.93 -37.42 -48.73
CA TYR E 168 -1.19 -37.77 -50.12
C TYR E 168 -0.37 -37.05 -51.18
N CYS E 169 0.23 -35.91 -50.87
CA CYS E 169 0.87 -35.21 -51.97
C CYS E 169 2.38 -35.01 -51.84
N GLY E 170 2.94 -35.46 -50.70
CA GLY E 170 4.39 -35.32 -50.41
C GLY E 170 4.80 -34.23 -49.42
N ASP E 171 3.98 -33.20 -49.27
CA ASP E 171 4.37 -32.01 -48.54
C ASP E 171 4.48 -32.23 -47.04
N GLU E 172 4.28 -33.48 -46.63
CA GLU E 172 4.36 -33.82 -45.21
C GLU E 172 3.33 -33.14 -44.27
N VAL E 173 2.16 -32.75 -44.80
CA VAL E 173 1.03 -32.36 -43.96
C VAL E 173 -0.01 -33.49 -43.95
N TYR E 174 -0.30 -34.04 -42.78
CA TYR E 174 -1.03 -35.30 -42.65
C TYR E 174 -2.45 -35.13 -42.15
N SER E 175 -3.43 -35.77 -42.78
CA SER E 175 -4.71 -35.92 -42.07
C SER E 175 -4.65 -37.20 -41.27
N ILE E 176 -5.40 -37.24 -40.16
CA ILE E 176 -5.42 -38.39 -39.26
C ILE E 176 -6.80 -38.98 -39.29
N ARG E 177 -6.89 -40.29 -39.44
CA ARG E 177 -8.19 -40.98 -39.52
C ARG E 177 -8.19 -42.27 -38.73
N PHE E 178 -9.19 -43.11 -38.98
CA PHE E 178 -9.38 -44.38 -38.26
C PHE E 178 -9.71 -45.54 -39.17
N VAL E 179 -9.22 -46.74 -38.83
CA VAL E 179 -9.39 -47.94 -39.66
C VAL E 179 -10.85 -48.38 -39.72
N ARG E 180 -11.34 -48.63 -40.93
CA ARG E 180 -12.76 -49.01 -41.20
C ARG E 180 -13.76 -48.10 -40.52
N ASP E 181 -13.36 -46.85 -40.29
CA ASP E 181 -14.19 -45.88 -39.61
C ASP E 181 -14.97 -46.48 -38.48
N VAL E 182 -14.29 -47.24 -37.64
CA VAL E 182 -14.88 -47.66 -36.38
C VAL E 182 -15.51 -46.41 -35.76
N VAL E 183 -14.79 -45.29 -35.82
CA VAL E 183 -15.31 -43.96 -35.49
C VAL E 183 -15.11 -42.95 -36.63
N ALA E 184 -15.52 -41.70 -36.44
CA ALA E 184 -15.73 -40.74 -37.56
C ALA E 184 -14.90 -39.46 -37.42
N ASP E 185 -14.11 -39.41 -36.37
CA ASP E 185 -13.30 -38.25 -36.12
C ASP E 185 -12.22 -38.19 -37.17
N LYS E 186 -11.83 -36.96 -37.53
CA LYS E 186 -10.83 -36.66 -38.52
C LYS E 186 -10.02 -35.46 -38.00
N VAL E 187 -8.69 -35.52 -38.07
CA VAL E 187 -7.88 -34.36 -37.68
C VAL E 187 -6.94 -33.86 -38.84
N GLU E 188 -6.96 -32.55 -39.05
CA GLU E 188 -6.38 -31.99 -40.26
C GLU E 188 -5.10 -31.23 -39.97
N GLY E 189 -4.22 -31.17 -40.97
CA GLY E 189 -3.08 -30.28 -40.93
C GLY E 189 -2.10 -30.52 -39.80
N THR E 190 -1.82 -31.79 -39.55
CA THR E 190 -0.88 -32.27 -38.50
C THR E 190 0.47 -32.73 -39.08
N ASN E 191 1.44 -32.95 -38.17
CA ASN E 191 2.80 -33.46 -38.52
C ASN E 191 2.83 -35.02 -38.65
N GLY E 192 1.81 -35.66 -38.09
CA GLY E 192 1.56 -37.06 -38.28
C GLY E 192 1.72 -37.92 -37.05
N SER E 193 2.34 -37.39 -35.98
CA SER E 193 2.49 -38.13 -34.71
C SER E 193 1.14 -38.29 -34.05
N VAL E 194 0.84 -39.48 -33.54
CA VAL E 194 -0.34 -39.62 -32.65
C VAL E 194 0.14 -40.22 -31.34
N VAL E 195 -0.28 -39.63 -30.24
CA VAL E 195 0.05 -40.20 -28.95
C VAL E 195 -1.23 -40.26 -28.15
N TRP E 196 -1.53 -41.44 -27.58
CA TRP E 196 -2.84 -41.66 -26.94
C TRP E 196 -2.87 -41.37 -25.45
N GLY E 197 -4.01 -40.89 -24.99
CA GLY E 197 -4.28 -40.82 -23.56
C GLY E 197 -4.83 -42.16 -23.06
N PRO E 198 -5.23 -42.21 -21.78
CA PRO E 198 -5.76 -43.50 -21.27
C PRO E 198 -7.09 -43.92 -21.95
N ASN E 199 -7.33 -45.23 -22.00
CA ASN E 199 -8.57 -45.85 -22.50
C ASN E 199 -9.27 -45.16 -23.67
N ALA E 200 -8.49 -44.82 -24.69
CA ALA E 200 -9.02 -44.36 -25.96
C ALA E 200 -9.92 -43.12 -25.87
N GLU E 201 -9.84 -42.37 -24.78
CA GLU E 201 -10.76 -41.23 -24.62
C GLU E 201 -10.36 -40.07 -25.54
N CYS E 202 -9.05 -39.95 -25.77
CA CYS E 202 -8.47 -38.80 -26.42
C CYS E 202 -7.05 -39.09 -26.89
N PHE E 203 -6.55 -38.29 -27.83
CA PHE E 203 -5.16 -38.38 -28.20
C PHE E 203 -4.55 -37.03 -28.47
N PHE E 204 -3.23 -37.03 -28.65
CA PHE E 204 -2.54 -35.79 -28.81
C PHE E 204 -1.83 -35.80 -30.15
N TYR E 205 -1.71 -34.59 -30.71
CA TYR E 205 -1.15 -34.39 -32.02
C TYR E 205 -0.57 -32.97 -32.11
N ILE E 206 0.04 -32.67 -33.25
CA ILE E 206 0.84 -31.47 -33.46
C ILE E 206 0.47 -30.77 -34.77
N THR E 207 0.12 -29.48 -34.70
CA THR E 207 -0.17 -28.73 -35.94
C THR E 207 0.96 -27.89 -36.46
N LYS E 208 0.90 -27.63 -37.76
CA LYS E 208 1.89 -26.82 -38.43
C LYS E 208 1.49 -25.33 -38.49
N ASP E 209 2.43 -24.49 -38.90
CA ASP E 209 2.22 -23.05 -39.12
C ASP E 209 2.52 -22.76 -40.60
N ALA E 210 2.47 -21.48 -40.99
CA ALA E 210 3.11 -21.04 -42.23
C ALA E 210 4.56 -21.41 -42.02
N SER E 211 5.27 -21.60 -43.13
CA SER E 211 6.66 -21.97 -43.03
C SER E 211 6.74 -23.41 -42.60
N LYS E 212 5.56 -24.00 -42.37
CA LYS E 212 5.37 -25.40 -41.96
C LYS E 212 6.07 -25.82 -40.68
N ARG E 213 6.28 -24.90 -39.75
CA ARG E 213 6.95 -25.26 -38.48
C ARG E 213 6.00 -25.91 -37.42
N ASP E 214 6.41 -27.03 -36.86
CA ASP E 214 5.58 -27.65 -35.83
C ASP E 214 5.64 -26.78 -34.59
N ASN E 215 4.58 -25.99 -34.38
CA ASN E 215 4.51 -25.08 -33.26
C ASN E 215 3.37 -25.27 -32.26
N LYS E 216 2.48 -26.25 -32.45
CA LYS E 216 1.36 -26.34 -31.50
C LYS E 216 1.00 -27.74 -31.16
N VAL E 217 0.76 -27.98 -29.88
CA VAL E 217 0.35 -29.29 -29.38
C VAL E 217 -1.13 -29.27 -28.92
N TRP E 218 -1.93 -30.23 -29.41
CA TRP E 218 -3.39 -30.29 -29.14
C TRP E 218 -3.83 -31.64 -28.62
N ARG E 219 -4.78 -31.60 -27.70
CA ARG E 219 -5.49 -32.77 -27.23
C ARG E 219 -6.75 -32.85 -28.05
N HIS E 220 -7.06 -34.04 -28.54
CA HIS E 220 -8.34 -34.30 -29.23
C HIS E 220 -9.16 -35.34 -28.48
N ILE E 221 -10.46 -35.08 -28.30
CA ILE E 221 -11.32 -36.03 -27.62
C ILE E 221 -12.18 -36.83 -28.59
N ILE E 222 -12.06 -38.15 -28.52
CA ILE E 222 -12.95 -39.04 -29.24
C ILE E 222 -14.35 -38.65 -28.81
N GLY E 223 -15.19 -38.37 -29.83
CA GLY E 223 -16.52 -37.81 -29.63
C GLY E 223 -16.66 -36.45 -30.30
N GLN E 224 -15.54 -35.77 -30.54
CA GLN E 224 -15.61 -34.33 -30.83
C GLN E 224 -15.12 -33.78 -32.18
N PRO E 225 -15.81 -32.74 -32.68
CA PRO E 225 -15.31 -31.89 -33.75
C PRO E 225 -13.92 -31.34 -33.41
N GLN E 226 -12.97 -31.42 -34.35
CA GLN E 226 -11.61 -30.89 -34.11
C GLN E 226 -11.63 -29.43 -33.76
N SER E 227 -12.70 -28.78 -34.21
CA SER E 227 -13.00 -27.41 -33.87
C SER E 227 -13.09 -27.21 -32.35
N GLU E 228 -13.42 -28.30 -31.65
CA GLU E 228 -13.54 -28.29 -30.18
C GLU E 228 -12.22 -28.64 -29.48
N ASP E 229 -11.19 -28.95 -30.26
CA ASP E 229 -9.89 -29.37 -29.67
C ASP E 229 -9.26 -28.27 -28.85
N VAL E 230 -8.62 -28.65 -27.74
CA VAL E 230 -7.97 -27.73 -26.82
C VAL E 230 -6.50 -27.73 -27.16
N CYS E 231 -5.95 -26.53 -27.26
CA CYS E 231 -4.53 -26.35 -27.55
C CYS E 231 -3.73 -26.22 -26.26
N LEU E 232 -2.97 -27.25 -25.94
CA LEU E 232 -2.20 -27.25 -24.72
C LEU E 232 -1.01 -26.32 -24.79
N TYR E 233 -0.40 -26.20 -25.97
CA TYR E 233 0.91 -25.56 -26.02
C TYR E 233 1.29 -24.96 -27.38
N THR E 234 1.64 -23.68 -27.36
CA THR E 234 2.21 -23.02 -28.53
C THR E 234 3.60 -22.56 -28.21
N ASP E 235 4.56 -22.83 -29.07
CA ASP E 235 5.80 -22.10 -28.99
C ASP E 235 5.96 -21.20 -30.23
N ASP E 236 5.80 -19.89 -30.07
CA ASP E 236 5.79 -18.97 -31.21
C ASP E 236 7.15 -18.45 -31.56
N ASP E 237 8.17 -18.99 -30.90
CA ASP E 237 9.55 -18.62 -31.18
C ASP E 237 10.05 -19.30 -32.47
N PRO E 238 10.16 -18.52 -33.55
CA PRO E 238 10.50 -19.03 -34.90
C PRO E 238 11.77 -19.90 -34.91
N LEU E 239 12.59 -19.79 -33.87
CA LEU E 239 13.69 -20.73 -33.66
C LEU E 239 13.28 -22.16 -33.27
N PHE E 240 12.09 -22.37 -32.67
CA PHE E 240 11.79 -23.63 -32.01
C PHE E 240 10.74 -24.49 -32.69
N SER E 241 10.76 -25.77 -32.38
CA SER E 241 9.73 -26.68 -32.83
C SER E 241 9.27 -27.48 -31.63
N VAL E 242 7.96 -27.68 -31.52
CA VAL E 242 7.38 -28.46 -30.42
C VAL E 242 7.39 -29.99 -30.65
N GLY E 243 7.40 -30.75 -29.57
CA GLY E 243 7.34 -32.21 -29.66
C GLY E 243 6.57 -32.77 -28.51
N VAL E 244 6.09 -33.99 -28.65
CA VAL E 244 5.25 -34.60 -27.63
C VAL E 244 5.40 -36.11 -27.57
N GLY E 245 5.34 -36.64 -26.36
CA GLY E 245 5.49 -38.06 -26.11
C GLY E 245 4.93 -38.49 -24.78
N ARG E 246 4.75 -39.80 -24.64
CA ARG E 246 4.14 -40.37 -23.46
C ARG E 246 5.21 -41.08 -22.66
N SER E 247 5.19 -40.93 -21.34
CA SER E 247 6.14 -41.64 -20.49
C SER E 247 5.82 -43.12 -20.47
N GLY E 248 6.82 -43.93 -20.13
CA GLY E 248 6.70 -45.38 -20.19
C GLY E 248 5.48 -45.91 -19.47
N ASP E 249 5.24 -45.41 -18.24
CA ASP E 249 4.11 -45.87 -17.44
C ASP E 249 2.78 -45.43 -18.03
N GLY E 250 2.82 -44.36 -18.79
CA GLY E 250 1.62 -43.89 -19.48
C GLY E 250 0.88 -42.82 -18.72
N LYS E 251 1.24 -42.62 -17.45
CA LYS E 251 0.59 -41.65 -16.58
C LYS E 251 0.93 -40.18 -16.91
N THR E 252 1.97 -39.97 -17.72
CA THR E 252 2.56 -38.65 -17.86
C THR E 252 2.90 -38.31 -19.32
N LEU E 253 2.40 -37.16 -19.77
CA LEU E 253 2.66 -36.66 -21.11
C LEU E 253 3.79 -35.66 -21.05
N ILE E 254 4.72 -35.77 -21.99
CA ILE E 254 5.91 -34.93 -21.98
C ILE E 254 5.87 -34.03 -23.21
N ILE E 255 5.87 -32.72 -22.99
CA ILE E 255 5.80 -31.76 -24.07
C ILE E 255 7.07 -30.96 -24.08
N CYS E 256 7.68 -30.80 -25.24
CA CYS E 256 8.92 -30.05 -25.31
C CYS E 256 8.97 -29.07 -26.49
N SER E 257 9.98 -28.20 -26.44
CA SER E 257 10.33 -27.33 -27.55
C SER E 257 11.80 -27.58 -27.74
N MET E 258 12.25 -27.69 -28.98
CA MET E 258 13.68 -27.82 -29.27
C MET E 258 14.08 -26.77 -30.28
N SER E 259 14.99 -25.90 -29.90
CA SER E 259 15.75 -25.28 -30.96
C SER E 259 16.97 -26.16 -31.10
N SER E 260 17.82 -25.77 -32.04
CA SER E 260 19.11 -26.36 -32.25
C SER E 260 19.98 -26.26 -31.00
N GLU E 261 19.89 -25.17 -30.25
CA GLU E 261 20.73 -25.10 -29.06
C GLU E 261 20.09 -24.98 -27.67
N THR E 262 18.77 -25.13 -27.57
CA THR E 262 18.05 -24.85 -26.35
C THR E 262 16.92 -25.86 -26.32
N SER E 263 16.43 -26.19 -25.13
CA SER E 263 15.35 -27.15 -24.92
C SER E 263 14.55 -26.73 -23.69
N GLU E 264 13.27 -27.03 -23.70
CA GLU E 264 12.44 -26.79 -22.54
C GLU E 264 11.40 -27.89 -22.58
N SER E 265 11.03 -28.43 -21.43
CA SER E 265 10.11 -29.52 -21.36
C SER E 265 9.01 -29.16 -20.40
N HIS E 266 7.82 -29.73 -20.59
CA HIS E 266 6.74 -29.59 -19.65
C HIS E 266 6.11 -30.94 -19.53
N LEU E 267 5.63 -31.28 -18.34
CA LEU E 267 4.90 -32.52 -18.10
C LEU E 267 3.41 -32.27 -17.98
N LEU E 268 2.61 -33.33 -18.12
CA LEU E 268 1.17 -33.27 -17.86
C LEU E 268 0.64 -34.53 -17.23
N ASP E 269 -0.14 -34.33 -16.20
CA ASP E 269 -0.76 -35.44 -15.53
C ASP E 269 -1.80 -36.03 -16.45
N LEU E 270 -1.60 -37.27 -16.89
CA LEU E 270 -2.69 -37.94 -17.63
C LEU E 270 -3.69 -38.70 -16.72
N ARG E 271 -3.49 -38.63 -15.41
CA ARG E 271 -4.41 -39.27 -14.49
C ARG E 271 -5.65 -38.43 -14.24
N LYS E 272 -5.50 -37.11 -14.25
CA LYS E 272 -6.60 -36.22 -13.83
C LYS E 272 -7.67 -36.02 -14.91
N GLY E 273 -7.57 -36.77 -16.01
CA GLY E 273 -8.67 -36.86 -16.99
C GLY E 273 -8.95 -35.66 -17.89
N VAL E 274 -9.47 -35.94 -19.07
CA VAL E 274 -9.46 -35.07 -20.27
C VAL E 274 -9.73 -33.56 -20.14
N LYS E 275 -10.31 -33.12 -19.02
CA LYS E 275 -10.45 -31.68 -18.75
C LYS E 275 -9.34 -31.11 -17.84
N HIS E 276 -8.15 -31.70 -17.89
CA HIS E 276 -7.06 -31.27 -17.02
C HIS E 276 -5.90 -30.80 -17.89
N ASN E 277 -5.75 -29.48 -17.99
CA ASN E 277 -4.86 -28.94 -18.99
C ASN E 277 -3.60 -28.23 -18.49
N THR E 278 -3.56 -27.93 -17.19
CA THR E 278 -2.42 -27.19 -16.66
C THR E 278 -1.17 -28.05 -16.54
N LEU E 279 -0.08 -27.48 -17.09
CA LEU E 279 1.23 -28.13 -17.24
C LEU E 279 2.23 -27.85 -16.11
N GLU E 280 3.31 -28.62 -16.06
CA GLU E 280 4.38 -28.42 -15.09
C GLU E 280 5.72 -28.13 -15.76
N MET E 281 6.00 -26.86 -16.00
CA MET E 281 7.35 -26.38 -16.30
C MET E 281 8.43 -27.20 -15.58
N VAL E 282 9.36 -27.81 -16.31
CA VAL E 282 10.54 -28.44 -15.66
C VAL E 282 11.63 -27.41 -15.46
N ARG E 283 12.57 -27.35 -16.39
CA ARG E 283 13.60 -26.31 -16.32
C ARG E 283 13.36 -25.26 -17.40
N PRO E 284 13.10 -24.02 -16.97
CA PRO E 284 12.82 -22.96 -17.91
C PRO E 284 13.93 -22.90 -18.95
N ARG E 285 13.58 -22.70 -20.20
CA ARG E 285 14.56 -22.76 -21.27
C ARG E 285 15.67 -21.77 -20.96
N GLU E 286 16.92 -22.17 -21.22
CA GLU E 286 18.09 -21.27 -21.08
C GLU E 286 19.01 -21.41 -22.28
N LYS E 287 19.09 -20.34 -23.07
CA LYS E 287 19.78 -20.38 -24.35
C LYS E 287 21.13 -20.99 -24.16
N GLY E 288 21.41 -22.07 -24.88
CA GLY E 288 22.63 -22.81 -24.67
C GLY E 288 22.34 -24.21 -24.19
N VAL E 289 21.41 -24.31 -23.23
CA VAL E 289 21.18 -25.54 -22.49
C VAL E 289 20.21 -26.41 -23.22
N ARG E 290 20.49 -27.71 -23.28
CA ARG E 290 19.64 -28.66 -23.99
C ARG E 290 19.47 -29.88 -23.15
N TYR E 291 18.23 -30.37 -23.05
CA TYR E 291 17.92 -31.52 -22.23
C TYR E 291 16.68 -32.27 -22.66
N THR E 292 16.64 -33.54 -22.26
CA THR E 292 15.61 -34.47 -22.71
C THR E 292 15.23 -35.26 -21.47
N VAL E 293 13.93 -35.41 -21.28
CA VAL E 293 13.36 -35.81 -20.01
C VAL E 293 12.64 -37.13 -20.13
N GLU E 294 13.11 -38.10 -19.37
CA GLU E 294 12.44 -39.39 -19.30
C GLU E 294 11.92 -39.62 -17.88
N MET E 295 10.73 -40.22 -17.75
CA MET E 295 10.20 -40.53 -16.42
C MET E 295 10.55 -41.94 -15.98
N HIS E 296 10.81 -42.09 -14.68
CA HIS E 296 10.76 -43.40 -14.05
C HIS E 296 9.70 -43.37 -12.98
N GLY E 297 8.68 -44.22 -13.15
CA GLY E 297 7.49 -44.16 -12.32
C GLY E 297 6.83 -42.83 -12.65
N THR E 298 6.27 -42.19 -11.63
CA THR E 298 5.50 -40.97 -11.85
C THR E 298 6.15 -39.75 -11.19
N ASP E 299 7.18 -39.98 -10.41
CA ASP E 299 7.67 -38.92 -9.54
C ASP E 299 9.12 -38.59 -9.78
N THR E 300 9.88 -39.56 -10.25
CA THR E 300 11.29 -39.31 -10.54
C THR E 300 11.57 -39.08 -12.01
N LEU E 301 12.29 -38.01 -12.29
CA LEU E 301 12.70 -37.63 -13.66
C LEU E 301 14.15 -37.94 -13.95
N ILE E 302 14.41 -38.67 -15.03
CA ILE E 302 15.78 -38.89 -15.50
C ILE E 302 16.13 -38.03 -16.73
N VAL E 303 17.12 -37.16 -16.57
CA VAL E 303 17.38 -36.06 -17.51
C VAL E 303 18.76 -36.13 -18.22
N LEU E 304 18.73 -35.96 -19.55
CA LEU E 304 19.93 -35.99 -20.41
C LEU E 304 20.27 -34.58 -20.94
N THR E 305 21.28 -33.96 -20.34
CA THR E 305 21.58 -32.56 -20.59
C THR E 305 23.04 -32.21 -20.95
N ASN E 306 23.19 -31.14 -21.74
CA ASN E 306 24.53 -30.58 -22.01
C ASN E 306 24.94 -29.42 -21.07
N LYS E 307 24.37 -29.39 -19.86
CA LYS E 307 24.44 -28.21 -18.95
C LYS E 307 25.80 -28.04 -18.31
N ASP E 308 26.17 -26.80 -18.03
CA ASP E 308 27.47 -26.50 -17.38
C ASP E 308 28.63 -27.17 -18.15
N LYS E 309 28.81 -26.76 -19.40
CA LYS E 309 29.92 -27.25 -20.25
C LYS E 309 30.01 -28.78 -20.48
N CYS E 310 28.98 -29.55 -20.13
CA CYS E 310 28.99 -30.98 -20.51
C CYS E 310 28.44 -31.15 -21.92
N VAL E 311 29.33 -31.05 -22.91
CA VAL E 311 28.89 -30.95 -24.29
C VAL E 311 28.50 -32.29 -24.92
N ASN E 312 29.14 -33.37 -24.50
CA ASN E 312 28.68 -34.75 -24.80
C ASN E 312 27.55 -35.23 -23.88
N GLY E 313 27.12 -34.36 -22.96
CA GLY E 313 25.96 -34.64 -22.12
C GLY E 313 26.22 -35.55 -20.94
N LYS E 314 25.40 -35.38 -19.90
CA LYS E 314 25.46 -36.18 -18.67
C LYS E 314 24.02 -36.47 -18.25
N VAL E 315 23.80 -37.63 -17.61
CA VAL E 315 22.47 -37.98 -17.15
C VAL E 315 22.32 -37.72 -15.64
N VAL E 316 21.34 -36.88 -15.32
CA VAL E 316 21.13 -36.36 -13.97
C VAL E 316 19.81 -36.85 -13.46
N LEU E 317 19.67 -36.82 -12.13
CA LEU E 317 18.48 -37.27 -11.45
C LEU E 317 17.92 -36.13 -10.59
N THR E 318 16.61 -36.01 -10.64
CA THR E 318 15.83 -35.04 -9.89
C THR E 318 14.48 -35.65 -9.66
N LYS E 319 13.61 -34.89 -9.00
CA LYS E 319 12.28 -35.37 -8.66
C LYS E 319 11.19 -34.34 -8.91
N ARG E 320 9.98 -34.83 -9.20
CA ARG E 320 8.91 -34.01 -9.80
C ARG E 320 8.69 -32.74 -9.01
N SER E 321 8.85 -32.83 -7.70
CA SER E 321 8.60 -31.73 -6.79
C SER E 321 9.72 -30.68 -6.84
N ALA E 322 10.98 -31.13 -6.82
CA ALA E 322 12.13 -30.21 -6.91
C ALA E 322 12.83 -30.33 -8.28
N PRO E 323 12.16 -29.86 -9.35
CA PRO E 323 12.47 -30.27 -10.70
C PRO E 323 13.64 -29.55 -11.35
N THR E 324 14.11 -28.45 -10.76
CA THR E 324 15.26 -27.70 -11.29
C THR E 324 16.55 -27.98 -10.52
N ASP E 325 16.43 -28.77 -9.45
CA ASP E 325 17.58 -29.31 -8.74
C ASP E 325 18.18 -30.41 -9.59
N TRP E 326 19.44 -30.24 -9.96
CA TRP E 326 20.08 -31.21 -10.81
C TRP E 326 21.39 -31.70 -10.23
N GLY E 327 21.80 -31.08 -9.13
CA GLY E 327 23.07 -31.40 -8.45
C GLY E 327 23.45 -32.86 -8.29
N THR E 328 22.45 -33.75 -8.33
CA THR E 328 22.72 -35.18 -8.24
C THR E 328 22.90 -35.81 -9.62
N VAL E 329 24.09 -36.33 -9.87
CA VAL E 329 24.47 -36.80 -11.18
C VAL E 329 24.52 -38.31 -11.20
N LEU E 330 23.85 -38.95 -12.15
CA LEU E 330 23.96 -40.40 -12.28
C LEU E 330 25.16 -40.79 -13.16
N ILE E 331 25.16 -40.38 -14.42
CA ILE E 331 26.28 -40.70 -15.30
C ILE E 331 26.98 -39.41 -15.69
N PRO E 332 28.27 -39.27 -15.32
CA PRO E 332 28.90 -37.98 -15.60
C PRO E 332 29.38 -37.89 -17.04
N HIS E 333 29.82 -36.70 -17.40
CA HIS E 333 30.19 -36.41 -18.77
C HIS E 333 31.51 -37.12 -19.13
N ASP E 334 31.69 -37.51 -20.38
CA ASP E 334 33.02 -37.97 -20.80
C ASP E 334 33.47 -37.52 -22.18
N ASP E 335 34.65 -36.94 -22.22
CA ASP E 335 35.18 -36.30 -23.41
C ASP E 335 35.11 -37.16 -24.67
N LYS E 336 35.34 -38.47 -24.55
CA LYS E 336 35.38 -39.32 -25.76
C LYS E 336 34.20 -40.27 -25.85
N VAL E 337 33.17 -39.97 -25.05
CA VAL E 337 31.87 -40.62 -25.18
C VAL E 337 30.76 -39.58 -25.31
N THR E 338 29.86 -39.81 -26.25
CA THR E 338 28.66 -39.00 -26.36
C THR E 338 27.43 -39.83 -26.03
N ILE E 339 26.49 -39.23 -25.31
CA ILE E 339 25.20 -39.84 -25.02
C ILE E 339 24.08 -39.15 -25.81
N ASP E 340 23.40 -39.91 -26.66
CA ASP E 340 22.42 -39.33 -27.58
C ASP E 340 20.96 -39.42 -27.10
N ASP E 341 20.51 -40.60 -26.68
CA ASP E 341 19.23 -40.65 -25.96
C ASP E 341 19.22 -41.66 -24.86
N VAL E 342 18.44 -41.35 -23.83
CA VAL E 342 18.15 -42.35 -22.82
C VAL E 342 16.74 -42.86 -23.06
N ALA E 343 16.46 -44.09 -22.63
CA ALA E 343 15.12 -44.63 -22.66
C ALA E 343 14.88 -45.39 -21.35
N VAL E 344 13.81 -45.04 -20.63
CA VAL E 344 13.65 -45.54 -19.28
C VAL E 344 12.49 -46.50 -19.12
N PHE E 345 12.79 -47.63 -18.51
CA PHE E 345 11.79 -48.63 -18.29
C PHE E 345 11.68 -48.93 -16.79
N ALA E 346 10.73 -49.78 -16.43
CA ALA E 346 10.46 -50.12 -15.03
C ALA E 346 11.68 -50.67 -14.31
N LYS E 347 12.42 -51.53 -15.00
CA LYS E 347 13.55 -52.25 -14.40
C LYS E 347 14.96 -51.73 -14.77
N PHE E 348 15.04 -50.66 -15.55
CA PHE E 348 16.35 -50.17 -16.05
C PHE E 348 16.21 -49.04 -17.05
N ALA E 349 17.36 -48.54 -17.51
CA ALA E 349 17.41 -47.56 -18.63
C ALA E 349 18.40 -47.93 -19.75
N VAL E 350 18.19 -47.36 -20.92
CA VAL E 350 19.13 -47.54 -22.05
C VAL E 350 19.77 -46.22 -22.48
N LEU E 351 21.06 -46.27 -22.77
CA LEU E 351 21.76 -45.12 -23.31
C LEU E 351 22.26 -45.46 -24.69
N SER E 352 21.74 -44.77 -25.71
CA SER E 352 22.27 -44.84 -27.08
C SER E 352 23.36 -43.77 -27.13
N GLY E 353 24.36 -43.95 -27.97
CA GLY E 353 25.36 -42.92 -28.06
C GLY E 353 26.58 -43.30 -28.84
N ARG E 354 27.71 -42.65 -28.51
CA ARG E 354 28.93 -42.76 -29.31
C ARG E 354 30.29 -42.80 -28.58
N ARG E 355 31.19 -43.64 -29.10
CA ARG E 355 32.60 -43.71 -28.67
C ARG E 355 33.50 -44.23 -29.81
N ASP E 356 34.63 -43.56 -30.04
CA ASP E 356 35.52 -43.88 -31.18
C ASP E 356 34.85 -43.93 -32.54
N GLY E 357 33.88 -43.06 -32.75
CA GLY E 357 33.22 -42.93 -34.04
C GLY E 357 32.29 -44.06 -34.45
N LEU E 358 31.98 -44.93 -33.51
CA LEU E 358 30.96 -45.95 -33.74
C LEU E 358 29.79 -45.77 -32.76
N THR E 359 28.64 -46.34 -33.11
CA THR E 359 27.49 -46.36 -32.17
C THR E 359 27.77 -47.31 -31.02
N ARG E 360 27.56 -46.81 -29.80
CA ARG E 360 27.55 -47.62 -28.57
C ARG E 360 26.15 -47.70 -27.96
N VAL E 361 25.97 -48.64 -27.03
CA VAL E 361 24.73 -48.72 -26.24
C VAL E 361 24.98 -49.28 -24.85
N TRP E 362 24.66 -48.47 -23.84
CA TRP E 362 24.74 -48.89 -22.45
C TRP E 362 23.37 -49.14 -21.83
N THR E 363 23.42 -49.86 -20.71
CA THR E 363 22.27 -50.30 -19.99
C THR E 363 22.56 -50.11 -18.52
N VAL E 364 21.63 -49.50 -17.81
CA VAL E 364 21.78 -49.23 -16.39
C VAL E 364 20.59 -49.75 -15.59
N ARG E 365 20.88 -50.65 -14.65
CA ARG E 365 19.88 -51.21 -13.74
C ARG E 365 19.89 -50.44 -12.42
N LEU E 366 18.85 -50.67 -11.61
CA LEU E 366 18.65 -49.97 -10.32
C LEU E 366 19.17 -50.78 -9.12
N GLY E 367 19.75 -50.08 -8.14
CA GLY E 367 20.38 -50.73 -6.98
C GLY E 367 19.42 -51.38 -5.99
N PRO E 368 19.97 -52.10 -4.97
CA PRO E 368 19.15 -52.75 -3.94
C PRO E 368 18.14 -51.83 -3.22
N ASP E 369 17.99 -50.61 -3.72
CA ASP E 369 17.18 -49.59 -3.05
C ASP E 369 16.08 -48.94 -3.92
N ASN E 370 15.92 -49.47 -5.14
CA ASN E 370 14.92 -48.97 -6.11
C ASN E 370 15.18 -47.54 -6.60
N LEU E 371 16.43 -47.10 -6.41
CA LEU E 371 16.94 -45.85 -6.98
C LEU E 371 18.14 -46.24 -7.86
N PHE E 372 18.12 -45.77 -9.10
CA PHE E 372 19.17 -46.09 -10.08
C PHE E 372 20.59 -46.02 -9.50
N SER E 373 21.39 -47.05 -9.79
CA SER E 373 22.78 -47.15 -9.34
C SER E 373 23.80 -46.81 -10.43
N SER E 374 24.74 -45.95 -10.07
CA SER E 374 25.79 -45.54 -10.97
C SER E 374 26.58 -46.76 -11.41
N ALA E 375 26.89 -47.64 -10.45
CA ALA E 375 27.88 -48.70 -10.63
C ALA E 375 27.42 -49.95 -11.40
N THR E 376 26.15 -49.99 -11.80
CA THR E 376 25.62 -51.18 -12.51
C THR E 376 25.51 -50.96 -14.02
N LEU E 377 26.43 -50.13 -14.53
CA LEU E 377 26.55 -49.85 -15.95
C LEU E 377 27.02 -51.09 -16.71
N LYS E 378 26.62 -51.21 -17.97
CA LYS E 378 27.17 -52.23 -18.89
C LYS E 378 27.19 -51.74 -20.33
N GLU E 379 28.38 -51.55 -20.91
CA GLU E 379 28.45 -51.39 -22.35
C GLU E 379 28.13 -52.73 -22.98
N LEU E 380 27.21 -52.73 -23.92
CA LEU E 380 26.83 -53.94 -24.61
C LEU E 380 27.87 -54.33 -25.65
N HIS E 381 28.22 -55.60 -25.65
CA HIS E 381 29.30 -56.12 -26.49
C HIS E 381 28.82 -56.56 -27.87
N PHE E 382 29.55 -56.17 -28.90
CA PHE E 382 29.30 -56.69 -30.23
C PHE E 382 30.55 -57.28 -30.80
N ASP E 383 30.38 -58.32 -31.61
CA ASP E 383 31.47 -59.18 -32.07
C ASP E 383 32.44 -58.47 -33.01
N GLU E 384 31.90 -57.90 -34.09
CA GLU E 384 32.72 -57.27 -35.14
C GLU E 384 33.43 -56.01 -34.67
N PRO E 385 34.63 -55.73 -35.22
CA PRO E 385 35.36 -54.52 -34.83
C PRO E 385 34.63 -53.24 -35.22
N VAL E 386 34.08 -53.17 -36.43
CA VAL E 386 33.50 -51.93 -36.94
C VAL E 386 32.10 -52.14 -37.47
N PHE E 387 31.15 -51.71 -36.63
CA PHE E 387 29.74 -52.06 -36.73
C PHE E 387 28.83 -50.85 -36.65
N THR E 388 27.55 -51.11 -36.37
CA THR E 388 26.50 -50.11 -36.20
C THR E 388 25.35 -50.80 -35.49
N ALA E 389 24.89 -50.20 -34.39
CA ALA E 389 23.76 -50.75 -33.66
C ALA E 389 22.91 -49.68 -32.97
N HIS E 390 21.61 -49.77 -33.19
CA HIS E 390 20.68 -48.95 -32.42
C HIS E 390 19.67 -49.87 -31.73
N VAL E 391 19.32 -49.55 -30.50
CA VAL E 391 18.13 -50.13 -29.90
C VAL E 391 16.89 -49.60 -30.62
N VAL E 392 15.87 -50.43 -30.73
CA VAL E 392 14.64 -50.07 -31.42
C VAL E 392 13.52 -49.74 -30.41
N CYS E 393 13.32 -48.44 -30.14
CA CYS E 393 12.30 -47.99 -29.17
C CYS E 393 10.87 -48.12 -29.71
N SER E 394 10.73 -47.97 -31.02
CA SER E 394 9.46 -48.26 -31.70
C SER E 394 9.01 -49.70 -31.54
N GLN E 395 9.81 -50.52 -30.84
CA GLN E 395 9.48 -51.92 -30.61
C GLN E 395 9.63 -52.35 -29.13
N MET E 396 9.83 -51.36 -28.25
CA MET E 396 9.77 -51.60 -26.82
C MET E 396 8.52 -50.91 -26.39
N LYS E 397 7.39 -51.56 -26.66
CA LYS E 397 6.11 -50.95 -26.39
C LYS E 397 5.54 -51.53 -25.11
N THR E 398 6.40 -52.15 -24.31
CA THR E 398 6.00 -52.62 -22.97
C THR E 398 6.98 -52.10 -21.94
N TYR E 399 6.45 -51.39 -20.95
CA TYR E 399 7.26 -50.71 -19.94
C TYR E 399 8.00 -51.72 -19.09
N ASP E 400 7.26 -52.75 -18.69
CA ASP E 400 7.70 -53.73 -17.71
C ASP E 400 8.54 -54.90 -18.31
N ALA E 401 9.05 -54.71 -19.52
CA ALA E 401 9.84 -55.78 -20.15
C ALA E 401 11.25 -55.90 -19.58
N SER E 402 11.91 -56.99 -19.92
CA SER E 402 13.26 -57.24 -19.46
C SER E 402 14.08 -57.75 -20.62
N LEU E 403 13.50 -57.64 -21.82
CA LEU E 403 14.18 -57.99 -23.08
C LEU E 403 14.11 -56.86 -24.12
N LEU E 404 15.26 -56.38 -24.58
CA LEU E 404 15.31 -55.24 -25.52
C LEU E 404 15.74 -55.57 -26.94
N ARG E 405 14.91 -55.15 -27.90
CA ARG E 405 15.14 -55.31 -29.33
C ARG E 405 16.37 -54.51 -29.74
N LEU E 406 17.21 -55.11 -30.58
CA LEU E 406 18.41 -54.47 -31.14
C LEU E 406 18.49 -54.69 -32.63
N ARG E 407 18.74 -53.62 -33.37
CA ARG E 407 19.07 -53.69 -34.78
C ARG E 407 20.60 -53.64 -34.86
N TYR E 408 21.20 -54.65 -35.49
CA TYR E 408 22.66 -54.71 -35.62
C TYR E 408 23.16 -54.90 -37.06
N SER E 409 24.20 -54.15 -37.41
CA SER E 409 24.78 -54.31 -38.73
C SER E 409 26.25 -53.99 -38.87
N SER E 410 26.74 -54.22 -40.08
CA SER E 410 28.04 -53.76 -40.55
C SER E 410 27.94 -53.81 -42.07
N MET E 411 28.91 -53.19 -42.74
CA MET E 411 28.92 -53.13 -44.21
C MET E 411 29.09 -54.51 -44.86
N THR E 412 29.69 -55.43 -44.12
CA THR E 412 29.81 -56.85 -44.49
C THR E 412 28.57 -57.70 -44.09
N THR E 413 28.12 -57.56 -42.84
CA THR E 413 27.07 -58.38 -42.25
C THR E 413 25.67 -57.77 -42.37
N PRO E 414 24.77 -58.43 -43.10
CA PRO E 414 23.46 -57.85 -43.36
C PRO E 414 22.63 -57.85 -42.09
N THR E 415 21.50 -57.16 -42.09
CA THR E 415 20.83 -56.78 -40.84
C THR E 415 20.28 -57.93 -40.00
N VAL E 416 20.52 -57.82 -38.69
CA VAL E 416 20.06 -58.78 -37.69
C VAL E 416 19.36 -58.00 -36.57
N TRP E 417 18.30 -58.60 -36.03
CA TRP E 417 17.48 -58.05 -34.96
C TRP E 417 17.40 -59.01 -33.76
N TYR E 418 18.13 -58.75 -32.68
CA TYR E 418 17.89 -59.60 -31.51
C TYR E 418 17.31 -58.96 -30.26
N ASP E 419 16.60 -59.78 -29.48
CA ASP E 419 16.24 -59.46 -28.11
C ASP E 419 17.48 -59.59 -27.25
N GLU E 420 17.45 -59.10 -26.01
CA GLU E 420 18.53 -59.35 -25.04
C GLU E 420 18.10 -59.08 -23.62
N ASP E 421 18.29 -60.05 -22.73
CA ASP E 421 18.04 -59.78 -21.31
C ASP E 421 19.01 -58.71 -20.81
N VAL E 422 18.52 -57.88 -19.91
CA VAL E 422 19.33 -56.81 -19.31
C VAL E 422 20.27 -57.43 -18.27
N LEU E 423 19.81 -58.47 -17.58
CA LEU E 423 20.65 -59.18 -16.62
C LEU E 423 21.60 -60.22 -17.25
N SER E 424 21.05 -61.24 -17.92
CA SER E 424 21.87 -62.33 -18.51
C SER E 424 22.72 -61.94 -19.75
N GLY E 425 22.30 -60.88 -20.46
CA GLY E 425 23.01 -60.39 -21.63
C GLY E 425 23.16 -61.48 -22.68
N GLU E 426 22.06 -62.17 -22.94
CA GLU E 426 22.04 -63.31 -23.85
C GLU E 426 21.11 -63.08 -25.03
N ARG E 427 21.70 -63.05 -26.23
CA ARG E 427 20.98 -62.58 -27.41
C ARG E 427 20.34 -63.68 -28.24
N LYS E 428 19.07 -63.46 -28.56
CA LYS E 428 18.24 -64.37 -29.35
C LYS E 428 17.84 -63.71 -30.69
N VAL E 429 18.43 -64.18 -31.79
CA VAL E 429 18.07 -63.74 -33.15
C VAL E 429 16.56 -63.85 -33.42
N VAL E 430 15.86 -62.71 -33.37
CA VAL E 430 14.43 -62.62 -33.67
C VAL E 430 14.25 -62.59 -35.17
N LYS E 431 15.24 -62.02 -35.86
CA LYS E 431 15.22 -61.88 -37.31
C LYS E 431 16.57 -61.48 -37.87
N ALA E 432 17.06 -62.25 -38.84
CA ALA E 432 18.24 -61.85 -39.61
C ALA E 432 17.86 -61.72 -41.08
N ARG E 433 18.12 -60.55 -41.66
CA ARG E 433 17.75 -60.27 -43.05
C ARG E 433 18.45 -61.23 -43.99
N LYS E 434 17.75 -61.66 -45.06
CA LYS E 434 18.38 -62.52 -46.08
C LYS E 434 18.49 -61.88 -47.47
N VAL E 435 19.73 -61.80 -47.95
CA VAL E 435 20.03 -61.17 -49.22
C VAL E 435 20.18 -62.26 -50.27
N GLY E 436 19.40 -62.14 -51.34
CA GLY E 436 19.41 -63.14 -52.41
C GLY E 436 20.56 -62.94 -53.39
N GLY E 437 20.29 -63.21 -54.66
CA GLY E 437 21.27 -63.06 -55.75
C GLY E 437 22.70 -63.51 -55.50
N GLY E 438 22.88 -64.46 -54.59
CA GLY E 438 24.19 -65.01 -54.25
C GLY E 438 25.13 -64.12 -53.45
N PHE E 439 24.58 -63.25 -52.61
CA PHE E 439 25.40 -62.43 -51.72
C PHE E 439 26.00 -63.25 -50.59
N GLU E 440 27.25 -62.96 -50.24
CA GLU E 440 27.76 -63.36 -48.93
C GLU E 440 28.93 -62.58 -48.37
N SER E 441 28.89 -62.46 -47.04
CA SER E 441 29.81 -61.67 -46.21
C SER E 441 31.31 -61.81 -46.45
N LYS E 442 31.77 -62.96 -46.97
CA LYS E 442 33.22 -63.20 -47.19
C LYS E 442 33.79 -62.77 -48.55
N ASN E 443 32.91 -62.48 -49.51
CA ASN E 443 33.34 -61.80 -50.73
C ASN E 443 33.63 -60.32 -50.44
N TYR E 444 33.40 -59.88 -49.20
CA TYR E 444 33.45 -58.45 -48.87
C TYR E 444 34.20 -58.10 -47.58
N VAL E 445 34.82 -56.92 -47.54
CA VAL E 445 35.46 -56.40 -46.33
C VAL E 445 35.30 -54.88 -46.13
N CYS E 446 35.33 -54.44 -44.86
CA CYS E 446 35.45 -53.02 -44.54
C CYS E 446 36.53 -52.72 -43.50
N ARG E 447 37.35 -51.71 -43.78
CA ARG E 447 38.31 -51.17 -42.82
C ARG E 447 38.24 -49.63 -42.86
N ARG E 448 39.07 -48.98 -42.05
CA ARG E 448 39.00 -47.51 -41.86
C ARG E 448 40.30 -46.81 -42.25
N GLU E 449 40.23 -45.92 -43.23
CA GLU E 449 41.38 -45.06 -43.52
C GLU E 449 41.17 -43.72 -42.81
N LEU E 450 42.17 -42.86 -42.84
CA LEU E 450 42.12 -41.69 -42.02
C LEU E 450 42.75 -40.51 -42.69
N ALA E 451 42.00 -39.72 -43.45
CA ALA E 451 42.59 -38.59 -44.18
C ALA E 451 43.11 -37.45 -43.29
N THR E 452 43.93 -36.54 -43.86
CA THR E 452 44.40 -35.35 -43.12
C THR E 452 43.96 -34.02 -43.78
N ALA E 453 42.89 -33.46 -43.24
CA ALA E 453 42.46 -32.09 -43.57
C ALA E 453 43.56 -31.06 -43.37
N PRO E 454 43.47 -29.92 -44.09
CA PRO E 454 44.60 -28.98 -44.13
C PRO E 454 45.04 -28.51 -42.74
N ASP E 455 44.12 -28.49 -41.77
CA ASP E 455 44.46 -28.12 -40.40
C ASP E 455 44.97 -29.27 -39.51
N GLY E 456 45.30 -30.42 -40.11
CA GLY E 456 45.85 -31.54 -39.36
C GLY E 456 44.85 -32.46 -38.67
N THR E 457 43.58 -32.07 -38.65
CA THR E 457 42.54 -32.95 -38.16
C THR E 457 42.48 -34.21 -39.02
N LYS E 458 42.30 -35.34 -38.36
CA LYS E 458 42.21 -36.62 -39.04
C LYS E 458 40.76 -37.01 -39.35
N VAL E 459 40.47 -37.28 -40.60
CA VAL E 459 39.12 -37.54 -41.04
C VAL E 459 39.03 -39.00 -41.34
N PRO E 460 38.04 -39.70 -40.74
CA PRO E 460 37.89 -41.14 -40.91
C PRO E 460 37.14 -41.43 -42.16
N ILE E 461 37.58 -42.44 -42.89
CA ILE E 461 36.76 -42.98 -43.95
C ILE E 461 36.39 -44.39 -43.51
N SER E 462 35.22 -44.86 -43.92
CA SER E 462 34.85 -46.26 -43.75
C SER E 462 34.56 -46.74 -45.15
N LEU E 463 35.31 -47.71 -45.64
CA LEU E 463 35.05 -48.19 -46.98
C LEU E 463 34.95 -49.70 -47.08
N VAL E 464 34.42 -50.15 -48.21
CA VAL E 464 34.05 -51.54 -48.41
C VAL E 464 34.24 -51.93 -49.88
N TYR E 465 34.74 -53.15 -50.10
CA TYR E 465 35.02 -53.66 -51.44
C TYR E 465 34.96 -55.17 -51.45
N ASP E 466 34.82 -55.71 -52.66
CA ASP E 466 34.86 -57.15 -52.88
C ASP E 466 36.30 -57.63 -52.91
N THR E 467 36.58 -58.63 -52.07
CA THR E 467 37.94 -59.05 -51.76
C THR E 467 38.87 -59.30 -52.95
N SER E 468 38.29 -59.71 -54.07
CA SER E 468 39.03 -60.17 -55.23
C SER E 468 39.72 -59.07 -56.00
N ILE E 469 39.18 -57.85 -55.91
CA ILE E 469 39.72 -56.72 -56.67
C ILE E 469 41.21 -56.50 -56.46
N ASP E 470 41.84 -55.90 -57.45
CA ASP E 470 43.27 -55.71 -57.34
C ASP E 470 43.63 -54.44 -56.58
N LEU E 471 44.02 -54.59 -55.31
CA LEU E 471 44.50 -53.42 -54.52
C LEU E 471 45.82 -52.79 -55.03
N LYS E 472 46.64 -53.58 -55.71
CA LYS E 472 47.93 -53.08 -56.15
C LYS E 472 47.86 -52.01 -57.26
N LYS E 473 46.64 -51.58 -57.61
CA LYS E 473 46.45 -50.53 -58.64
C LYS E 473 45.15 -49.74 -58.42
N PRO E 474 45.02 -48.52 -59.00
CA PRO E 474 43.88 -47.68 -58.59
C PRO E 474 42.54 -48.24 -59.11
N ASN E 475 41.43 -47.92 -58.45
CA ASN E 475 40.11 -48.48 -58.80
C ASN E 475 38.97 -47.45 -58.88
N PRO E 476 37.93 -47.71 -59.71
CA PRO E 476 36.69 -46.92 -59.65
C PRO E 476 36.13 -46.82 -58.24
N THR E 477 35.92 -45.59 -57.77
CA THR E 477 35.38 -45.38 -56.42
C THR E 477 34.19 -44.44 -56.45
N MET E 478 33.24 -44.75 -55.56
CA MET E 478 32.16 -43.85 -55.16
C MET E 478 32.36 -43.47 -53.69
N LEU E 479 32.41 -42.16 -53.46
CA LEU E 479 32.63 -41.59 -52.14
C LEU E 479 31.42 -40.73 -51.80
N TYR E 480 30.68 -41.14 -50.75
CA TYR E 480 29.43 -40.52 -50.33
C TYR E 480 29.69 -39.66 -49.11
N GLY E 481 28.94 -38.58 -48.96
CA GLY E 481 29.08 -37.69 -47.80
C GLY E 481 27.77 -37.04 -47.37
N TYR E 482 27.67 -36.67 -46.09
CA TYR E 482 26.54 -35.86 -45.56
C TYR E 482 26.94 -34.38 -45.38
N GLY E 483 27.41 -33.83 -44.26
CA GLY E 483 27.28 -34.25 -42.89
C GLY E 483 26.97 -32.88 -42.28
N SER E 484 25.72 -32.75 -41.85
CA SER E 484 25.22 -31.57 -41.22
C SER E 484 24.56 -32.03 -39.98
N TYR E 485 24.00 -31.10 -39.21
CA TYR E 485 23.11 -31.50 -38.09
C TYR E 485 23.75 -32.35 -37.01
N GLY E 486 24.95 -32.87 -37.27
CA GLY E 486 25.60 -33.76 -36.34
C GLY E 486 25.03 -35.14 -36.58
N ILE E 487 24.38 -35.31 -37.72
CA ILE E 487 23.93 -36.62 -38.08
C ILE E 487 25.11 -37.45 -38.57
N CYS E 488 25.13 -38.73 -38.19
CA CYS E 488 26.21 -39.63 -38.60
C CYS E 488 25.80 -40.52 -39.74
N ILE E 489 26.65 -40.58 -40.79
CA ILE E 489 26.53 -41.66 -41.78
C ILE E 489 27.21 -42.94 -41.28
N GLU E 490 26.46 -44.02 -41.31
CA GLU E 490 26.84 -45.28 -40.68
C GLU E 490 27.53 -46.24 -41.61
N PRO E 491 28.50 -47.01 -41.06
CA PRO E 491 29.08 -48.15 -41.78
C PRO E 491 28.20 -49.35 -41.42
N GLU E 492 26.99 -49.33 -41.98
CA GLU E 492 25.95 -50.29 -41.69
C GLU E 492 25.64 -50.93 -43.03
N PHE E 493 24.71 -51.87 -43.04
CA PHE E 493 24.49 -52.60 -44.26
C PHE E 493 23.46 -51.91 -45.14
N ASN E 494 23.82 -51.63 -46.36
CA ASN E 494 22.87 -51.07 -47.31
C ASN E 494 23.12 -51.62 -48.72
N SER E 495 22.17 -52.43 -49.18
CA SER E 495 22.35 -53.25 -50.37
C SER E 495 22.19 -52.45 -51.65
N ARG E 496 21.85 -51.18 -51.50
CA ARG E 496 21.79 -50.28 -52.63
C ARG E 496 23.19 -50.07 -53.18
N PHE E 497 24.22 -50.26 -52.35
CA PHE E 497 25.58 -50.06 -52.84
C PHE E 497 26.23 -51.32 -53.41
N LEU E 498 25.57 -52.46 -53.21
CA LEU E 498 26.03 -53.73 -53.77
C LEU E 498 26.19 -53.70 -55.28
N PRO E 499 25.25 -53.07 -56.00
CA PRO E 499 25.41 -52.83 -57.42
C PRO E 499 26.77 -52.24 -57.84
N TYR E 500 27.32 -51.32 -57.04
CA TYR E 500 28.63 -50.78 -57.37
C TYR E 500 29.72 -51.78 -57.05
N VAL E 501 29.69 -52.29 -55.82
CA VAL E 501 30.80 -53.12 -55.34
C VAL E 501 30.93 -54.38 -56.17
N ASP E 502 29.81 -55.08 -56.39
CA ASP E 502 29.77 -56.28 -57.22
C ASP E 502 30.40 -56.12 -58.60
N ARG E 503 30.62 -54.86 -59.01
CA ARG E 503 31.30 -54.51 -60.28
C ARG E 503 32.72 -53.94 -60.05
N GLY E 504 33.30 -54.33 -58.93
CA GLY E 504 34.71 -54.09 -58.63
C GLY E 504 35.00 -52.67 -58.22
N MET E 505 34.04 -52.06 -57.53
CA MET E 505 34.23 -50.68 -57.11
C MET E 505 34.50 -50.62 -55.62
N ILE E 506 34.98 -49.46 -55.18
CA ILE E 506 35.12 -49.19 -53.76
C ILE E 506 33.99 -48.26 -53.39
N TYR E 507 33.18 -48.66 -52.41
CA TYR E 507 32.20 -47.75 -51.83
C TYR E 507 32.82 -47.15 -50.60
N ALA E 508 32.77 -45.81 -50.48
CA ALA E 508 33.47 -45.11 -49.41
C ALA E 508 32.63 -44.00 -48.77
N ILE E 509 32.81 -43.81 -47.47
CA ILE E 509 32.02 -42.79 -46.78
C ILE E 509 32.99 -41.78 -46.20
N ALA E 510 32.85 -40.51 -46.55
CA ALA E 510 33.62 -39.48 -45.87
C ALA E 510 32.93 -39.07 -44.57
N HIS E 511 33.51 -39.39 -43.43
CA HIS E 511 32.91 -38.97 -42.15
C HIS E 511 33.29 -37.52 -41.75
N VAL E 512 32.85 -36.55 -42.55
CA VAL E 512 33.26 -35.17 -42.37
C VAL E 512 32.74 -34.49 -41.11
N ARG E 513 33.40 -33.40 -40.73
CA ARG E 513 32.93 -32.59 -39.62
C ARG E 513 31.58 -31.98 -39.96
N GLY E 514 30.71 -31.85 -38.97
CA GLY E 514 29.36 -31.35 -39.21
C GLY E 514 28.44 -32.55 -39.07
N GLY E 515 28.98 -33.72 -39.43
CA GLY E 515 28.47 -34.98 -38.94
C GLY E 515 28.76 -35.00 -37.45
N GLY E 516 28.48 -36.12 -36.79
CA GLY E 516 28.69 -36.20 -35.33
C GLY E 516 29.43 -37.48 -34.97
N GLU E 517 30.14 -38.03 -35.96
CA GLU E 517 30.78 -39.32 -35.87
C GLU E 517 31.85 -39.39 -34.77
N MET E 518 32.59 -38.32 -34.55
CA MET E 518 33.65 -38.33 -33.52
C MET E 518 33.20 -37.62 -32.26
N GLY E 519 31.89 -37.54 -32.07
CA GLY E 519 31.41 -36.91 -30.86
C GLY E 519 30.88 -35.53 -31.12
N ARG E 520 29.92 -35.12 -30.31
CA ARG E 520 29.26 -33.85 -30.48
C ARG E 520 30.14 -32.71 -31.02
N THR E 521 31.37 -32.56 -30.55
CA THR E 521 32.19 -31.43 -31.00
C THR E 521 32.53 -31.53 -32.48
N TRP E 522 32.79 -32.74 -32.96
CA TRP E 522 32.91 -33.00 -34.38
C TRP E 522 31.91 -32.19 -35.17
N TYR E 523 30.81 -31.82 -34.51
CA TYR E 523 29.73 -31.08 -35.15
C TYR E 523 29.70 -29.65 -34.70
N GLU E 524 29.63 -29.43 -33.39
CA GLU E 524 29.35 -28.11 -32.83
C GLU E 524 30.46 -27.11 -33.00
N VAL E 525 31.71 -27.57 -33.02
CA VAL E 525 32.84 -26.68 -33.29
C VAL E 525 33.43 -27.09 -34.63
N GLY E 526 33.33 -28.37 -34.94
CA GLY E 526 33.90 -28.90 -36.18
C GLY E 526 33.31 -28.34 -37.45
N GLY E 527 32.03 -28.02 -37.42
CA GLY E 527 31.35 -27.65 -38.66
C GLY E 527 29.90 -27.28 -38.45
N LYS E 528 29.66 -25.99 -38.32
CA LYS E 528 28.38 -25.41 -37.99
C LYS E 528 28.76 -23.95 -37.84
N TYR E 529 27.78 -23.06 -38.03
CA TYR E 529 28.04 -21.62 -37.95
C TYR E 529 29.35 -21.28 -38.63
N LEU E 530 30.20 -20.46 -38.01
CA LEU E 530 31.44 -20.00 -38.70
C LEU E 530 32.52 -21.04 -38.95
N THR E 531 32.26 -22.33 -38.77
CA THR E 531 33.23 -23.29 -39.21
C THR E 531 32.67 -24.23 -40.28
N LYS E 532 31.51 -23.89 -40.89
CA LYS E 532 30.84 -24.84 -41.83
C LYS E 532 31.73 -25.23 -42.99
N ARG E 533 32.67 -24.36 -43.35
CA ARG E 533 33.55 -24.65 -44.47
C ARG E 533 34.37 -25.95 -44.33
N ASN E 534 34.51 -26.44 -43.09
CA ASN E 534 35.22 -27.69 -42.85
C ASN E 534 34.50 -28.88 -43.43
N THR E 535 33.17 -28.84 -43.53
CA THR E 535 32.46 -30.00 -44.04
C THR E 535 33.02 -30.28 -45.44
N PHE E 536 33.13 -29.22 -46.22
CA PHE E 536 33.48 -29.32 -47.63
C PHE E 536 34.93 -29.60 -47.83
N MET E 537 35.75 -28.95 -47.01
CA MET E 537 37.19 -29.10 -47.10
C MET E 537 37.65 -30.43 -46.55
N ASP E 538 36.89 -30.99 -45.59
CA ASP E 538 37.15 -32.33 -45.06
C ASP E 538 36.93 -33.36 -46.15
N PHE E 539 35.94 -33.12 -46.99
CA PHE E 539 35.53 -34.05 -48.03
C PHE E 539 36.62 -34.11 -49.05
N ILE E 540 36.94 -32.92 -49.55
CA ILE E 540 38.02 -32.74 -50.49
C ILE E 540 39.27 -33.46 -49.98
N ALA E 541 39.58 -33.30 -48.70
CA ALA E 541 40.69 -34.05 -48.12
C ALA E 541 40.58 -35.59 -48.28
N CYS E 542 39.40 -36.16 -48.13
CA CYS E 542 39.29 -37.62 -48.21
C CYS E 542 39.54 -38.08 -49.63
N ALA E 543 38.96 -37.35 -50.57
CA ALA E 543 39.15 -37.66 -51.95
C ALA E 543 40.62 -37.63 -52.29
N GLU E 544 41.34 -36.69 -51.69
CA GLU E 544 42.77 -36.46 -51.97
C GLU E 544 43.61 -37.59 -51.40
N HIS E 545 43.17 -38.11 -50.25
CA HIS E 545 43.82 -39.24 -49.58
C HIS E 545 43.61 -40.52 -50.35
N LEU E 546 42.39 -40.74 -50.81
CA LEU E 546 42.14 -41.83 -51.75
C LEU E 546 43.06 -41.79 -53.01
N ILE E 547 43.27 -40.59 -53.57
CA ILE E 547 44.13 -40.45 -54.75
C ILE E 547 45.59 -40.63 -54.38
N SER E 548 46.09 -39.81 -53.46
CA SER E 548 47.49 -39.87 -53.04
C SER E 548 47.95 -41.25 -52.49
N SER E 549 47.06 -41.98 -51.84
CA SER E 549 47.41 -43.34 -51.42
C SER E 549 47.27 -44.37 -52.57
N GLY E 550 46.86 -43.91 -53.74
CA GLY E 550 46.69 -44.77 -54.90
C GLY E 550 45.51 -45.74 -54.90
N LEU E 551 44.40 -45.40 -54.25
CA LEU E 551 43.21 -46.22 -54.43
C LEU E 551 42.34 -45.76 -55.62
N THR E 552 42.47 -44.52 -56.05
CA THR E 552 41.59 -43.99 -57.09
C THR E 552 42.27 -42.93 -57.92
N THR E 553 41.73 -42.64 -59.12
CA THR E 553 42.08 -41.42 -59.86
C THR E 553 40.80 -40.62 -60.18
N PRO E 554 40.88 -39.27 -60.26
CA PRO E 554 39.80 -38.40 -60.74
C PRO E 554 38.93 -38.96 -61.85
N ALA E 555 39.52 -39.47 -62.93
CA ALA E 555 38.71 -40.07 -64.00
C ALA E 555 37.93 -41.30 -63.52
N GLN E 556 38.36 -41.89 -62.40
CA GLN E 556 37.75 -43.09 -61.84
C GLN E 556 36.81 -42.80 -60.70
N LEU E 557 36.69 -41.53 -60.30
CA LEU E 557 36.03 -41.17 -59.04
C LEU E 557 34.71 -40.41 -59.20
N SER E 558 33.72 -40.87 -58.45
CA SER E 558 32.41 -40.22 -58.34
C SER E 558 32.10 -39.93 -56.87
N CYS E 559 31.13 -39.02 -56.61
CA CYS E 559 30.58 -38.74 -55.27
C CYS E 559 29.09 -38.69 -55.30
N GLU E 560 28.51 -38.61 -54.11
CA GLU E 560 27.06 -38.68 -53.89
C GLU E 560 26.70 -37.99 -52.58
N GLY E 561 25.61 -37.23 -52.61
CA GLY E 561 25.02 -36.65 -51.38
C GLY E 561 23.56 -36.32 -51.60
N ARG E 562 22.80 -36.37 -50.51
CA ARG E 562 21.36 -36.09 -50.50
C ARG E 562 21.09 -34.94 -49.55
N SER E 563 20.08 -34.12 -49.83
CA SER E 563 19.61 -33.07 -48.92
C SER E 563 20.79 -32.16 -48.56
N ALA E 564 21.06 -31.97 -47.28
CA ALA E 564 22.32 -31.29 -46.90
C ALA E 564 23.62 -31.81 -47.56
N GLY E 565 23.69 -33.11 -47.87
CA GLY E 565 24.81 -33.69 -48.63
C GLY E 565 24.80 -33.18 -50.05
N GLY E 566 23.61 -32.83 -50.53
CA GLY E 566 23.52 -32.04 -51.75
C GLY E 566 24.32 -30.75 -51.64
N LEU E 567 24.16 -30.02 -50.54
CA LEU E 567 24.96 -28.84 -50.28
C LEU E 567 26.41 -29.22 -50.36
N LEU E 568 26.75 -30.30 -49.65
CA LEU E 568 28.10 -30.79 -49.63
C LEU E 568 28.55 -31.00 -51.07
N VAL E 569 27.71 -31.61 -51.91
CA VAL E 569 28.15 -31.86 -53.29
C VAL E 569 28.31 -30.56 -54.11
N GLY E 570 27.38 -29.63 -53.89
CA GLY E 570 27.32 -28.38 -54.65
C GLY E 570 28.54 -27.53 -54.40
N ALA E 571 28.85 -27.37 -53.11
CA ALA E 571 30.07 -26.69 -52.64
C ALA E 571 31.32 -27.36 -53.19
N VAL E 572 31.47 -28.66 -52.93
CA VAL E 572 32.62 -29.44 -53.44
C VAL E 572 32.85 -29.33 -54.93
N LEU E 573 31.76 -29.42 -55.69
CA LEU E 573 31.85 -29.29 -57.13
C LEU E 573 32.18 -27.87 -57.53
N ASN E 574 31.70 -26.85 -56.81
CA ASN E 574 32.19 -25.49 -57.12
C ASN E 574 33.71 -25.37 -56.88
N MET E 575 34.13 -25.96 -55.77
CA MET E 575 35.54 -25.90 -55.35
C MET E 575 36.55 -26.71 -56.16
N ARG E 576 36.50 -28.03 -56.03
CA ARG E 576 37.41 -28.98 -56.70
C ARG E 576 36.68 -29.91 -57.70
N PRO E 577 36.07 -29.34 -58.73
CA PRO E 577 35.36 -30.25 -59.63
C PRO E 577 36.28 -31.34 -60.18
N ASP E 578 37.51 -30.95 -60.53
CA ASP E 578 38.55 -31.85 -61.06
C ASP E 578 38.75 -33.17 -60.33
N LEU E 579 38.41 -33.20 -59.04
CA LEU E 579 38.45 -34.44 -58.29
C LEU E 579 37.39 -35.47 -58.66
N PHE E 580 36.64 -35.27 -59.75
CA PHE E 580 35.52 -36.18 -60.09
C PHE E 580 35.20 -36.32 -61.59
N HIS E 581 34.83 -37.51 -62.03
CA HIS E 581 34.36 -37.65 -63.40
C HIS E 581 32.83 -37.61 -63.47
N VAL E 582 32.19 -38.17 -62.44
CA VAL E 582 30.72 -38.12 -62.28
C VAL E 582 30.33 -37.80 -60.84
N ALA E 583 29.11 -37.31 -60.65
CA ALA E 583 28.58 -36.96 -59.32
C ALA E 583 27.04 -36.96 -59.26
N LEU E 584 26.49 -37.37 -58.10
CA LEU E 584 25.04 -37.45 -57.85
C LEU E 584 24.62 -36.47 -56.79
N ALA E 585 23.65 -35.64 -57.13
CA ALA E 585 23.05 -34.72 -56.15
C ALA E 585 21.54 -35.00 -55.91
N GLY E 586 21.20 -35.50 -54.73
CA GLY E 586 19.81 -35.82 -54.39
C GLY E 586 19.16 -34.69 -53.64
N VAL E 587 17.98 -34.26 -54.06
CA VAL E 587 17.24 -33.20 -53.37
C VAL E 587 18.18 -32.25 -52.60
N PRO E 588 19.04 -31.53 -53.34
CA PRO E 588 20.22 -30.86 -52.81
C PRO E 588 20.02 -29.42 -52.36
N PHE E 589 20.42 -29.17 -51.11
CA PHE E 589 20.38 -27.85 -50.55
C PHE E 589 21.45 -26.99 -51.23
N VAL E 590 21.05 -26.15 -52.19
CA VAL E 590 22.06 -25.35 -52.94
C VAL E 590 21.88 -23.83 -53.08
N ASP E 591 20.71 -23.31 -52.77
CA ASP E 591 20.40 -21.92 -53.04
C ASP E 591 20.46 -21.24 -51.67
N VAL E 592 21.63 -21.36 -51.06
CA VAL E 592 21.76 -21.12 -49.61
C VAL E 592 21.46 -19.69 -49.15
N MET E 593 22.11 -18.70 -49.76
CA MET E 593 21.81 -17.31 -49.43
C MET E 593 20.33 -16.89 -49.57
N THR E 594 19.72 -17.21 -50.70
CA THR E 594 18.39 -16.74 -51.02
C THR E 594 17.32 -17.43 -50.11
N THR E 595 17.54 -18.71 -49.85
CA THR E 595 16.67 -19.43 -48.97
C THR E 595 16.82 -18.98 -47.53
N MET E 596 18.06 -18.96 -47.03
CA MET E 596 18.25 -18.69 -45.62
C MET E 596 17.91 -17.29 -45.17
N CYS E 597 17.74 -16.38 -46.10
CA CYS E 597 17.40 -15.01 -45.74
C CYS E 597 15.90 -14.89 -45.45
N ASP E 598 15.11 -15.66 -46.19
CA ASP E 598 13.63 -15.58 -46.27
C ASP E 598 12.93 -16.54 -45.27
N PRO E 599 12.26 -15.98 -44.24
CA PRO E 599 11.60 -16.82 -43.21
C PRO E 599 10.35 -17.53 -43.70
N SER E 600 9.81 -17.14 -44.84
CA SER E 600 8.64 -17.78 -45.38
C SER E 600 8.89 -19.20 -45.92
N ILE E 601 10.18 -19.63 -45.98
CA ILE E 601 10.55 -20.96 -46.53
C ILE E 601 10.69 -22.09 -45.49
N PRO E 602 10.10 -23.26 -45.80
CA PRO E 602 9.81 -24.18 -44.68
C PRO E 602 10.87 -24.54 -43.57
N LEU E 603 12.18 -24.61 -43.82
CA LEU E 603 13.03 -24.86 -42.63
C LEU E 603 14.03 -23.73 -42.23
N THR E 604 13.82 -22.55 -42.81
CA THR E 604 14.77 -21.48 -42.68
C THR E 604 15.00 -21.09 -41.19
N THR E 605 13.98 -20.66 -40.45
CA THR E 605 14.21 -20.08 -39.11
C THR E 605 14.84 -21.04 -38.12
N GLY E 606 14.57 -22.34 -38.28
CA GLY E 606 15.17 -23.30 -37.37
C GLY E 606 16.64 -23.22 -37.66
N GLU E 607 16.94 -23.21 -38.95
CA GLU E 607 18.27 -23.41 -39.43
C GLU E 607 19.16 -22.19 -39.37
N TRP E 608 18.64 -21.06 -38.93
CA TRP E 608 19.51 -19.96 -38.59
C TRP E 608 20.51 -20.41 -37.51
N GLU E 609 20.06 -21.29 -36.61
CA GLU E 609 20.90 -21.87 -35.58
C GLU E 609 21.66 -23.12 -36.07
N GLU E 610 21.86 -23.21 -37.38
CA GLU E 610 22.60 -24.28 -38.04
C GLU E 610 23.76 -23.69 -38.84
N TRP E 611 23.43 -22.90 -39.85
CA TRP E 611 24.44 -22.29 -40.69
C TRP E 611 24.62 -20.88 -40.22
N GLY E 612 23.53 -20.28 -39.72
CA GLY E 612 23.52 -18.88 -39.36
C GLY E 612 22.42 -18.18 -40.11
N ASN E 613 22.25 -16.89 -39.85
CA ASN E 613 21.31 -16.03 -40.52
C ASN E 613 22.06 -15.13 -41.48
N PRO E 614 21.77 -15.19 -42.77
CA PRO E 614 22.51 -14.27 -43.58
C PRO E 614 21.80 -12.94 -43.70
N ASN E 615 21.00 -12.60 -42.69
CA ASN E 615 20.43 -11.26 -42.62
C ASN E 615 21.33 -10.45 -41.74
N GLU E 616 22.40 -11.10 -41.28
CA GLU E 616 23.29 -10.55 -40.27
C GLU E 616 24.76 -10.48 -40.69
N TYR E 617 25.44 -9.45 -40.20
CA TYR E 617 26.82 -9.18 -40.57
C TYR E 617 27.71 -10.38 -40.28
N LYS E 618 27.45 -11.01 -39.14
CA LYS E 618 28.21 -12.15 -38.66
C LYS E 618 28.24 -13.23 -39.74
N PHE E 619 27.13 -13.42 -40.42
CA PHE E 619 27.00 -14.58 -41.28
C PHE E 619 26.90 -14.29 -42.77
N PHE E 620 26.51 -13.08 -43.16
CA PHE E 620 26.43 -12.73 -44.60
C PHE E 620 27.62 -13.28 -45.40
N ASP E 621 28.81 -12.70 -45.24
CA ASP E 621 29.97 -13.07 -46.05
C ASP E 621 30.36 -14.54 -45.99
N TYR E 622 30.46 -15.04 -44.77
CA TYR E 622 30.87 -16.41 -44.57
C TYR E 622 29.98 -17.43 -45.23
N MET E 623 28.67 -17.22 -45.20
CA MET E 623 27.79 -18.14 -45.89
C MET E 623 27.89 -17.93 -47.37
N ASN E 624 27.87 -16.68 -47.77
CA ASN E 624 28.01 -16.33 -49.16
C ASN E 624 29.23 -17.00 -49.78
N SER E 625 30.20 -17.32 -48.93
CA SER E 625 31.49 -17.79 -49.42
C SER E 625 31.48 -19.22 -49.96
N TYR E 626 30.43 -19.97 -49.63
CA TYR E 626 30.31 -21.39 -49.98
C TYR E 626 28.98 -21.80 -50.61
N SER E 627 27.95 -20.96 -50.43
CA SER E 627 26.65 -21.13 -51.08
C SER E 627 26.77 -21.62 -52.54
N PRO E 628 26.34 -22.87 -52.83
CA PRO E 628 26.63 -23.38 -54.13
C PRO E 628 26.15 -22.51 -55.26
N ILE E 629 24.86 -22.18 -55.35
CA ILE E 629 24.38 -21.37 -56.50
C ILE E 629 25.20 -20.06 -56.73
N ASP E 630 25.50 -19.34 -55.64
CA ASP E 630 26.19 -18.07 -55.71
C ASP E 630 27.66 -18.22 -55.99
N ASN E 631 28.09 -19.46 -56.19
CA ASN E 631 29.47 -19.70 -56.36
C ASN E 631 29.78 -20.53 -57.58
N VAL E 632 28.77 -20.64 -58.43
CA VAL E 632 28.90 -21.26 -59.76
C VAL E 632 29.76 -20.36 -60.68
N ARG E 633 30.66 -20.97 -61.45
CA ARG E 633 31.52 -20.14 -62.32
C ARG E 633 32.05 -20.79 -63.64
N ALA E 634 32.53 -19.95 -64.54
CA ALA E 634 33.08 -20.43 -65.81
C ALA E 634 34.20 -21.48 -65.66
N GLN E 635 33.83 -22.77 -65.58
CA GLN E 635 34.83 -23.84 -65.38
C GLN E 635 34.30 -25.23 -65.71
N ASP E 636 35.20 -26.16 -66.04
CA ASP E 636 34.84 -27.58 -66.21
C ASP E 636 34.23 -28.21 -64.94
N TYR E 637 32.96 -28.62 -65.01
CA TYR E 637 32.27 -29.43 -64.01
C TYR E 637 32.10 -30.83 -64.61
N PRO E 638 31.96 -31.89 -63.79
CA PRO E 638 31.66 -33.17 -64.45
C PRO E 638 30.18 -33.47 -64.71
N HIS E 639 29.90 -34.76 -64.90
CA HIS E 639 28.55 -35.24 -65.14
C HIS E 639 27.84 -35.27 -63.80
N LEU E 640 26.64 -34.70 -63.80
CA LEU E 640 25.85 -34.53 -62.61
C LEU E 640 24.39 -34.87 -62.89
N MET E 641 23.87 -35.86 -62.17
CA MET E 641 22.44 -36.07 -62.19
C MET E 641 21.87 -35.50 -60.91
N ILE E 642 20.84 -34.67 -61.05
CA ILE E 642 20.14 -34.11 -59.93
C ILE E 642 18.75 -34.77 -59.81
N GLN E 643 18.29 -34.97 -58.58
CA GLN E 643 16.96 -35.53 -58.36
C GLN E 643 16.25 -34.63 -57.37
N ALA E 644 15.18 -33.96 -57.80
CA ALA E 644 14.34 -33.17 -56.90
C ALA E 644 12.95 -33.79 -56.88
N GLY E 645 12.08 -33.32 -55.97
CA GLY E 645 10.66 -33.72 -55.87
C GLY E 645 9.75 -32.51 -55.69
N LEU E 646 8.70 -32.41 -56.52
CA LEU E 646 7.88 -31.18 -56.56
C LEU E 646 7.21 -30.71 -55.23
N HIS E 647 6.91 -31.64 -54.34
CA HIS E 647 6.25 -31.28 -53.11
C HIS E 647 7.19 -31.46 -51.91
N ASP E 648 8.48 -31.38 -52.18
CA ASP E 648 9.53 -31.45 -51.18
C ASP E 648 9.42 -30.30 -50.16
N PRO E 649 8.89 -30.57 -48.93
CA PRO E 649 8.77 -29.47 -47.95
C PRO E 649 10.13 -29.13 -47.27
N ARG E 650 11.18 -29.90 -47.58
CA ARG E 650 12.44 -29.77 -46.90
C ARG E 650 13.41 -28.90 -47.73
N VAL E 651 13.80 -29.41 -48.90
CA VAL E 651 14.52 -28.66 -49.94
C VAL E 651 13.52 -28.33 -51.06
N ALA E 652 13.22 -27.06 -51.28
CA ALA E 652 12.22 -26.67 -52.32
C ALA E 652 12.70 -26.90 -53.77
N TYR E 653 11.74 -27.15 -54.66
CA TYR E 653 12.01 -27.73 -55.98
C TYR E 653 12.83 -26.77 -56.81
N TRP E 654 12.69 -25.48 -56.51
CA TRP E 654 13.26 -24.42 -57.31
C TRP E 654 14.76 -24.22 -57.06
N GLU E 655 15.26 -24.84 -55.99
CA GLU E 655 16.67 -24.71 -55.68
C GLU E 655 17.48 -25.58 -56.61
N PRO E 656 17.12 -26.86 -56.75
CA PRO E 656 17.91 -27.57 -57.73
C PRO E 656 17.62 -27.07 -59.12
N ALA E 657 16.48 -26.39 -59.29
CA ALA E 657 16.07 -25.88 -60.60
C ALA E 657 17.05 -24.81 -61.11
N LYS E 658 17.30 -23.82 -60.25
CA LYS E 658 18.11 -22.70 -60.63
C LYS E 658 19.54 -23.19 -60.80
N TRP E 659 19.95 -24.11 -59.93
CA TRP E 659 21.35 -24.57 -59.88
C TRP E 659 21.70 -25.23 -61.19
N ALA E 660 20.84 -26.15 -61.62
CA ALA E 660 20.97 -26.77 -62.94
C ALA E 660 20.96 -25.75 -64.10
N SER E 661 20.06 -24.77 -64.04
CA SER E 661 20.06 -23.74 -65.05
C SER E 661 21.34 -22.92 -65.00
N LYS E 662 21.77 -22.51 -63.81
CA LYS E 662 22.98 -21.70 -63.73
C LYS E 662 24.22 -22.46 -64.25
N LEU E 663 24.25 -23.78 -64.00
CA LEU E 663 25.41 -24.62 -64.29
C LEU E 663 25.64 -24.65 -65.77
N ARG E 664 24.64 -25.15 -66.49
CA ARG E 664 24.69 -25.23 -67.95
C ARG E 664 24.94 -23.87 -68.58
N GLU E 665 24.57 -22.81 -67.86
CA GLU E 665 24.78 -21.46 -68.36
C GLU E 665 26.30 -21.15 -68.43
N LEU E 666 26.95 -21.29 -67.28
CA LEU E 666 28.34 -20.90 -67.07
C LEU E 666 29.33 -22.02 -67.29
N LYS E 667 28.90 -23.27 -67.10
CA LYS E 667 29.85 -24.37 -67.20
C LYS E 667 30.61 -24.26 -68.54
N THR E 668 31.85 -24.72 -68.64
CA THR E 668 32.61 -24.56 -69.91
C THR E 668 32.90 -25.88 -70.63
N ASP E 669 32.86 -26.96 -69.88
CA ASP E 669 32.99 -28.31 -70.42
C ASP E 669 31.76 -28.59 -71.27
N SER E 670 31.69 -29.80 -71.80
CA SER E 670 30.42 -30.27 -72.36
C SER E 670 29.99 -31.58 -71.75
N ASN E 671 30.06 -31.73 -70.43
CA ASN E 671 29.54 -32.95 -69.83
C ASN E 671 28.05 -32.74 -69.55
N GLU E 672 27.36 -33.77 -69.07
CA GLU E 672 25.90 -33.65 -68.90
C GLU E 672 25.54 -33.26 -67.49
N VAL E 673 24.57 -32.38 -67.37
CA VAL E 673 23.90 -32.15 -66.12
C VAL E 673 22.44 -32.53 -66.34
N LEU E 674 22.04 -33.68 -65.82
CA LEU E 674 20.63 -34.12 -65.88
C LEU E 674 19.88 -33.87 -64.59
N LEU E 675 18.63 -33.44 -64.73
CA LEU E 675 17.77 -33.17 -63.60
C LEU E 675 16.44 -33.94 -63.70
N LYS E 676 16.33 -35.05 -62.96
CA LYS E 676 15.10 -35.84 -62.84
C LYS E 676 14.19 -35.22 -61.80
N MET E 677 13.13 -34.60 -62.29
CA MET E 677 12.11 -33.98 -61.46
C MET E 677 10.84 -34.83 -61.47
N ASP E 678 10.52 -35.48 -60.34
CA ASP E 678 9.20 -36.08 -60.24
C ASP E 678 8.25 -35.12 -59.58
N LEU E 679 7.16 -34.86 -60.30
CA LEU E 679 6.13 -33.95 -59.83
C LEU E 679 5.10 -34.67 -58.96
N GLU E 680 5.27 -35.97 -58.73
CA GLU E 680 4.32 -36.75 -57.91
C GLU E 680 4.81 -37.00 -56.51
N SER E 681 5.99 -36.50 -56.17
CA SER E 681 6.60 -36.83 -54.87
C SER E 681 7.17 -35.68 -54.03
N GLY E 682 7.74 -36.02 -52.87
CA GLY E 682 8.39 -35.05 -51.99
C GLY E 682 9.90 -35.14 -51.83
N HIS E 683 10.34 -35.10 -50.58
CA HIS E 683 11.75 -35.01 -50.28
C HIS E 683 12.38 -36.35 -50.29
N PHE E 684 11.60 -37.32 -49.80
CA PHE E 684 12.12 -38.63 -49.48
C PHE E 684 11.85 -39.55 -50.59
N SER E 685 10.88 -39.17 -51.38
CA SER E 685 10.29 -40.12 -52.24
C SER E 685 11.35 -40.63 -53.21
N ALA E 686 11.55 -39.93 -54.31
CA ALA E 686 11.65 -40.62 -55.59
C ALA E 686 10.27 -41.36 -55.64
N SER E 687 10.04 -42.32 -54.72
CA SER E 687 8.69 -42.87 -54.41
C SER E 687 8.60 -43.75 -53.14
N ASP E 688 7.39 -44.24 -52.88
CA ASP E 688 7.05 -44.97 -51.64
C ASP E 688 6.75 -46.48 -51.86
N ARG E 689 7.48 -47.11 -52.79
CA ARG E 689 7.14 -48.44 -53.29
C ARG E 689 8.25 -49.19 -54.03
N TYR E 690 7.88 -49.91 -55.08
CA TYR E 690 8.85 -50.52 -55.99
C TYR E 690 9.48 -49.46 -56.89
N LYS E 691 8.74 -48.40 -57.20
CA LYS E 691 9.23 -47.39 -58.16
C LYS E 691 10.49 -46.63 -57.69
N TYR E 692 10.71 -46.64 -56.38
CA TYR E 692 11.93 -46.16 -55.74
C TYR E 692 13.10 -46.83 -56.41
N LEU E 693 13.06 -48.15 -56.47
CA LEU E 693 14.13 -48.93 -57.04
C LEU E 693 14.43 -48.56 -58.49
N ARG E 694 13.40 -48.15 -59.24
CA ARG E 694 13.55 -47.73 -60.65
C ARG E 694 14.37 -46.45 -60.75
N GLU E 695 14.07 -45.50 -59.85
CA GLU E 695 14.83 -44.26 -59.69
C GLU E 695 16.25 -44.46 -59.21
N ASN E 696 16.42 -45.21 -58.13
CA ASN E 696 17.75 -45.44 -57.58
C ASN E 696 18.60 -46.17 -58.58
N ALA E 697 17.95 -47.03 -59.35
CA ALA E 697 18.60 -47.83 -60.35
C ALA E 697 19.19 -46.98 -61.47
N ILE E 698 18.42 -45.99 -61.91
CA ILE E 698 18.80 -45.15 -63.04
C ILE E 698 20.08 -44.37 -62.74
N GLN E 699 20.18 -43.93 -61.49
CA GLN E 699 21.28 -43.11 -61.05
C GLN E 699 22.54 -43.93 -60.96
N GLN E 700 22.43 -45.11 -60.36
CA GLN E 700 23.58 -45.99 -60.24
C GLN E 700 24.09 -46.33 -61.64
N ALA E 701 23.17 -46.72 -62.52
CA ALA E 701 23.50 -46.90 -63.92
C ALA E 701 24.24 -45.66 -64.44
N PHE E 702 23.62 -44.49 -64.26
CA PHE E 702 24.16 -43.23 -64.75
C PHE E 702 25.63 -43.09 -64.35
N VAL E 703 25.91 -43.24 -63.06
CA VAL E 703 27.29 -43.28 -62.56
C VAL E 703 28.14 -44.35 -63.29
N LEU E 704 27.74 -45.61 -63.17
CA LEU E 704 28.38 -46.73 -63.85
C LEU E 704 28.71 -46.46 -65.30
N LYS E 705 27.83 -45.74 -66.00
CA LYS E 705 28.08 -45.41 -67.39
C LYS E 705 29.33 -44.56 -67.56
N HIS E 706 29.38 -43.45 -66.83
CA HIS E 706 30.46 -42.46 -66.97
C HIS E 706 31.79 -42.92 -66.39
N LEU E 707 31.68 -43.81 -65.42
CA LEU E 707 32.81 -44.54 -64.92
C LEU E 707 33.27 -45.61 -65.90
N ASN E 708 32.34 -46.08 -66.73
CA ASN E 708 32.62 -47.10 -67.74
C ASN E 708 33.01 -48.42 -67.06
N VAL E 709 32.26 -48.76 -66.02
CA VAL E 709 32.32 -50.09 -65.40
C VAL E 709 30.93 -50.73 -65.41
N ARG E 710 30.82 -51.92 -66.01
CA ARG E 710 29.50 -52.58 -66.17
C ARG E 710 29.51 -54.06 -65.77
N GLN E 711 30.64 -54.73 -66.01
CA GLN E 711 30.78 -56.21 -65.90
C GLN E 711 30.85 -56.74 -64.45
N LEU E 712 30.00 -57.71 -64.12
CA LEU E 712 30.02 -58.34 -62.79
C LEU E 712 31.32 -59.09 -62.46
N LEU E 713 31.53 -59.37 -61.18
CA LEU E 713 32.69 -60.16 -60.75
C LEU E 713 32.32 -61.63 -60.51
N ARG E 714 31.13 -62.03 -60.98
CA ARG E 714 30.74 -63.45 -61.03
C ARG E 714 30.31 -63.81 -62.44
N ARG F 5 30.66 12.58 -56.43
CA ARG F 5 30.97 11.12 -56.31
C ARG F 5 32.46 10.91 -56.03
N GLY F 6 33.09 9.97 -56.73
CA GLY F 6 34.51 9.69 -56.60
C GLY F 6 35.04 9.23 -57.94
N PRO F 7 36.37 9.10 -58.08
CA PRO F 7 37.07 8.66 -59.29
C PRO F 7 36.99 7.15 -59.56
N ILE F 8 36.36 6.81 -60.68
CA ILE F 8 36.11 5.44 -61.13
C ILE F 8 36.67 5.25 -62.56
N ALA F 9 37.54 4.26 -62.71
CA ALA F 9 38.21 4.02 -63.97
C ALA F 9 37.28 3.46 -65.05
N ALA F 10 37.66 3.69 -66.31
CA ALA F 10 36.94 3.14 -67.45
C ALA F 10 37.23 1.65 -67.62
N HIS F 11 36.20 0.88 -67.88
CA HIS F 11 36.36 -0.53 -68.12
C HIS F 11 36.92 -0.77 -69.49
N ARG F 12 38.07 -1.44 -69.53
CA ARG F 12 38.52 -2.05 -70.76
C ARG F 12 38.49 -3.57 -70.58
N PRO F 13 37.93 -4.28 -71.57
CA PRO F 13 37.70 -5.71 -71.33
C PRO F 13 39.01 -6.50 -71.52
N HIS F 14 39.68 -6.80 -70.42
CA HIS F 14 40.85 -7.66 -70.51
C HIS F 14 40.49 -9.01 -69.97
N GLU F 15 40.86 -10.04 -70.71
CA GLU F 15 40.63 -11.37 -70.18
C GLU F 15 41.92 -12.04 -69.65
N VAL F 16 41.91 -12.40 -68.37
CA VAL F 16 43.07 -13.01 -67.75
C VAL F 16 42.92 -14.51 -67.47
N VAL F 17 44.06 -15.21 -67.51
CA VAL F 17 44.17 -16.67 -67.59
C VAL F 17 44.89 -17.35 -66.40
N PHE F 18 44.26 -18.43 -65.92
CA PHE F 18 44.73 -19.22 -64.77
C PHE F 18 44.92 -20.65 -65.21
N GLY F 19 46.15 -21.12 -65.29
CA GLY F 19 46.43 -22.45 -65.73
C GLY F 19 47.65 -22.51 -66.62
N LYS F 20 47.65 -23.49 -67.51
CA LYS F 20 48.76 -23.77 -68.40
C LYS F 20 48.69 -22.80 -69.56
N VAL F 21 49.79 -22.09 -69.77
CA VAL F 21 49.91 -21.04 -70.79
C VAL F 21 51.23 -21.18 -71.54
N GLU F 22 51.23 -22.00 -72.57
CA GLU F 22 52.43 -22.24 -73.39
C GLU F 22 53.46 -21.10 -73.44
N GLY F 23 54.73 -21.42 -73.15
CA GLY F 23 55.80 -20.41 -73.09
C GLY F 23 55.97 -19.68 -71.73
N GLU F 24 55.01 -19.82 -70.82
CA GLU F 24 55.17 -19.21 -69.52
C GLU F 24 55.23 -20.28 -68.45
N ASP F 25 56.00 -20.06 -67.38
CA ASP F 25 56.15 -20.97 -66.23
C ASP F 25 54.99 -20.69 -65.29
N ARG F 26 54.13 -21.67 -65.14
CA ARG F 26 52.92 -21.42 -64.34
C ARG F 26 52.95 -22.27 -63.10
N GLY F 27 54.13 -22.79 -62.79
CA GLY F 27 54.33 -23.66 -61.67
C GLY F 27 54.39 -25.09 -62.18
N ALA F 28 54.57 -26.02 -61.25
CA ALA F 28 54.87 -27.41 -61.60
C ALA F 28 53.66 -28.24 -62.03
N ASN F 29 52.49 -28.00 -61.44
CA ASN F 29 51.31 -28.76 -61.88
C ASN F 29 50.09 -27.89 -62.19
N PRO F 30 50.11 -27.20 -63.34
CA PRO F 30 49.08 -26.16 -63.64
C PRO F 30 47.78 -26.75 -64.21
N MET F 31 46.71 -26.00 -64.21
CA MET F 31 45.45 -26.56 -64.73
C MET F 31 45.44 -26.62 -66.26
N ASP F 32 44.85 -27.69 -66.79
CA ASP F 32 44.78 -27.90 -68.22
C ASP F 32 43.50 -28.64 -68.50
N PRO F 33 42.60 -28.04 -69.33
CA PRO F 33 42.66 -26.70 -69.93
C PRO F 33 42.44 -25.64 -68.88
N PRO F 34 43.02 -24.45 -69.09
CA PRO F 34 43.05 -23.35 -68.11
C PRO F 34 41.69 -22.70 -67.90
N ARG F 35 41.63 -21.72 -67.02
CA ARG F 35 40.40 -20.99 -66.68
C ARG F 35 40.57 -19.48 -66.85
N ARG F 36 39.60 -18.85 -67.48
CA ARG F 36 39.71 -17.46 -67.87
C ARG F 36 38.62 -16.66 -67.18
N ARG F 37 38.97 -15.51 -66.64
CA ARG F 37 37.94 -14.61 -66.14
C ARG F 37 38.30 -13.20 -66.57
N VAL F 38 37.29 -12.34 -66.71
CA VAL F 38 37.45 -11.00 -67.25
C VAL F 38 38.04 -10.09 -66.20
N ASP F 39 38.90 -9.15 -66.60
CA ASP F 39 39.38 -8.12 -65.68
C ASP F 39 39.22 -6.72 -66.21
N PRO F 40 38.12 -6.04 -65.82
CA PRO F 40 37.77 -4.69 -66.30
C PRO F 40 38.93 -3.68 -66.26
N LEU F 41 39.80 -3.76 -65.25
CA LEU F 41 40.80 -2.70 -64.97
C LEU F 41 42.26 -3.12 -65.17
N PHE F 42 42.45 -4.23 -65.87
CA PHE F 42 43.77 -4.78 -66.07
C PHE F 42 44.63 -3.70 -66.65
N TRP F 43 44.02 -2.76 -67.35
CA TRP F 43 44.81 -1.76 -68.10
C TRP F 43 45.62 -0.83 -67.23
N LEU F 44 45.19 -0.64 -65.99
CA LEU F 44 45.88 0.26 -65.06
C LEU F 44 47.28 -0.19 -64.73
N ARG F 45 47.61 -1.42 -65.11
CA ARG F 45 48.98 -1.91 -65.02
C ARG F 45 49.78 -1.41 -66.21
N ASP F 46 50.85 -0.67 -65.97
CA ASP F 46 51.85 -0.48 -67.02
C ASP F 46 53.20 -0.74 -66.42
N ASP F 47 53.93 -1.71 -66.99
CA ASP F 47 55.28 -2.10 -66.49
C ASP F 47 56.32 -1.02 -66.63
N ASN F 48 56.16 -0.12 -67.61
CA ASN F 48 57.14 0.94 -67.84
C ASN F 48 56.82 2.23 -67.08
N ARG F 49 55.74 2.20 -66.30
CA ARG F 49 55.11 3.34 -65.60
C ARG F 49 54.96 4.60 -66.47
N ALA F 50 54.75 4.38 -67.77
CA ALA F 50 54.73 5.43 -68.79
C ALA F 50 53.33 5.84 -69.17
N ASP F 51 52.55 4.88 -69.68
CA ASP F 51 51.26 5.11 -70.34
C ASP F 51 50.50 6.35 -69.82
N PRO F 52 50.26 7.34 -70.72
CA PRO F 52 49.44 8.54 -70.43
C PRO F 52 48.16 8.24 -69.64
N GLU F 53 47.23 7.48 -70.24
CA GLU F 53 45.92 7.12 -69.62
C GLU F 53 45.94 6.73 -68.14
N VAL F 54 46.87 5.85 -67.79
CA VAL F 54 47.14 5.44 -66.42
C VAL F 54 47.58 6.67 -65.62
N LEU F 55 48.67 7.32 -66.04
CA LEU F 55 49.19 8.48 -65.35
C LEU F 55 48.12 9.57 -65.16
N ALA F 56 47.27 9.75 -66.18
CA ALA F 56 46.12 10.66 -66.12
C ALA F 56 45.15 10.27 -65.00
N HIS F 57 44.72 9.00 -64.99
CA HIS F 57 43.87 8.50 -63.93
C HIS F 57 44.39 8.90 -62.55
N LEU F 58 45.69 8.74 -62.35
CA LEU F 58 46.31 8.85 -61.02
C LEU F 58 46.35 10.26 -60.51
N HIS F 59 46.33 11.23 -61.42
CA HIS F 59 46.24 12.63 -61.03
C HIS F 59 44.80 12.92 -60.58
N LEU F 60 43.84 12.41 -61.35
CA LEU F 60 42.43 12.35 -60.95
C LEU F 60 42.30 11.82 -59.53
N GLU F 61 43.21 10.94 -59.14
CA GLU F 61 43.17 10.42 -57.80
C GLU F 61 43.95 11.28 -56.83
N LYS F 62 44.83 12.14 -57.34
CA LYS F 62 45.57 13.06 -56.48
C LYS F 62 44.71 14.29 -56.15
N ASP F 63 44.06 14.84 -57.17
CA ASP F 63 43.12 15.96 -57.02
C ASP F 63 42.19 15.66 -55.88
N TYR F 64 41.38 14.61 -56.07
CA TYR F 64 40.44 14.13 -55.08
C TYR F 64 41.03 14.05 -53.68
N TYR F 65 42.19 13.41 -53.54
CA TYR F 65 42.84 13.26 -52.24
C TYR F 65 43.05 14.61 -51.52
N GLU F 66 43.48 15.62 -52.28
CA GLU F 66 43.78 16.93 -51.69
C GLU F 66 42.54 17.79 -51.51
N LYS F 67 41.75 17.89 -52.58
CA LYS F 67 40.39 18.43 -52.52
C LYS F 67 39.72 17.98 -51.23
N ARG F 68 40.07 16.77 -50.79
CA ARG F 68 39.48 16.15 -49.61
C ARG F 68 40.18 16.47 -48.28
N ALA F 69 41.49 16.25 -48.22
CA ALA F 69 42.25 16.44 -46.97
C ALA F 69 42.33 17.90 -46.54
N VAL F 70 41.69 18.76 -47.32
CA VAL F 70 41.62 20.20 -47.04
C VAL F 70 41.53 20.43 -45.54
N ASP F 71 40.48 19.88 -44.93
CA ASP F 71 40.13 20.21 -43.55
C ASP F 71 40.95 19.48 -42.48
N ILE F 72 41.92 18.66 -42.90
CA ILE F 72 42.76 17.93 -41.93
C ILE F 72 44.20 18.42 -41.86
N LYS F 73 44.45 19.59 -42.45
CA LYS F 73 45.78 20.21 -42.48
C LYS F 73 46.40 20.36 -41.11
N ASP F 74 45.68 21.04 -40.22
CA ASP F 74 46.30 21.48 -38.97
C ASP F 74 46.50 20.40 -37.91
N LEU F 75 45.58 19.44 -37.82
CA LEU F 75 45.81 18.35 -36.88
C LEU F 75 46.99 17.51 -37.35
N ALA F 76 47.05 17.25 -38.66
CA ALA F 76 48.17 16.52 -39.29
C ALA F 76 49.45 17.20 -38.89
N GLU F 77 49.42 18.53 -39.06
CA GLU F 77 50.45 19.47 -38.62
C GLU F 77 50.75 19.31 -37.12
N THR F 78 49.72 19.37 -36.28
CA THR F 78 49.86 19.28 -34.82
C THR F 78 50.55 17.98 -34.40
N ILE F 79 50.05 16.89 -34.98
CA ILE F 79 50.47 15.55 -34.64
C ILE F 79 51.84 15.23 -35.23
N TYR F 80 52.23 15.96 -36.26
CA TYR F 80 53.60 15.91 -36.80
C TYR F 80 54.64 16.40 -35.78
N GLN F 81 54.34 17.56 -35.16
CA GLN F 81 55.18 18.14 -34.10
C GLN F 81 55.35 17.21 -32.89
N GLU F 82 54.32 16.41 -32.61
CA GLU F 82 54.42 15.41 -31.54
C GLU F 82 55.51 14.37 -31.81
N HIS F 83 55.51 13.75 -33.01
CA HIS F 83 56.57 12.78 -33.43
C HIS F 83 57.95 13.41 -33.32
N ILE F 84 58.08 14.57 -33.97
CA ILE F 84 59.22 15.44 -33.80
C ILE F 84 59.72 15.38 -32.36
N SER F 85 58.93 15.86 -31.40
CA SER F 85 59.35 15.89 -30.01
C SER F 85 59.43 14.53 -29.29
N HIS F 86 59.27 13.44 -30.03
CA HIS F 86 59.35 12.09 -29.43
C HIS F 86 60.62 11.34 -29.84
N ILE F 87 61.14 11.69 -31.02
CA ILE F 87 62.45 11.20 -31.48
C ILE F 87 63.52 12.13 -30.92
N GLU F 88 64.74 12.01 -31.44
CA GLU F 88 65.80 12.98 -31.17
C GLU F 88 66.58 13.25 -32.44
N GLU F 89 66.21 14.34 -33.11
CA GLU F 89 66.82 14.75 -34.35
C GLU F 89 68.34 14.94 -34.22
N THR F 90 68.88 14.72 -33.03
CA THR F 90 70.33 14.62 -32.82
C THR F 90 70.60 13.35 -32.02
N ASP F 91 71.39 12.44 -32.59
CA ASP F 91 71.37 11.03 -32.15
C ASP F 91 72.66 10.26 -32.38
N MET F 92 72.81 9.12 -31.70
CA MET F 92 74.01 8.30 -31.75
C MET F 92 73.71 6.83 -31.47
N SER F 93 73.84 5.96 -32.47
CA SER F 93 73.63 4.52 -32.26
C SER F 93 74.57 3.94 -31.21
N ALA F 94 74.30 2.68 -30.84
CA ALA F 94 75.13 1.94 -29.88
C ALA F 94 76.47 1.52 -30.51
N PRO F 95 77.54 2.32 -30.32
CA PRO F 95 78.84 2.11 -30.98
C PRO F 95 79.28 0.66 -30.88
N TYR F 96 80.11 0.17 -31.80
CA TYR F 96 80.47 -1.25 -31.82
C TYR F 96 81.83 -1.52 -32.49
N VAL F 97 82.52 -2.56 -32.00
CA VAL F 97 83.94 -2.82 -32.24
C VAL F 97 84.11 -3.55 -33.59
N TYR F 98 84.86 -2.93 -34.50
CA TYR F 98 85.04 -3.43 -35.86
C TYR F 98 86.52 -3.36 -36.18
N ASP F 99 87.20 -4.46 -35.91
CA ASP F 99 88.67 -4.51 -35.94
C ASP F 99 89.25 -3.43 -35.04
N ARG F 100 89.79 -2.37 -35.66
CA ARG F 100 90.57 -1.35 -34.94
C ARG F 100 89.75 -0.09 -34.60
N PHE F 101 88.45 -0.10 -34.93
CA PHE F 101 87.67 1.13 -34.91
C PHE F 101 86.44 1.08 -34.02
N LEU F 102 85.66 2.15 -34.06
CA LEU F 102 84.35 2.16 -33.46
C LEU F 102 83.38 2.87 -34.39
N TYR F 103 82.37 2.12 -34.84
CA TYR F 103 81.37 2.61 -35.80
C TYR F 103 80.07 2.95 -35.13
N TYR F 104 79.35 3.88 -35.75
CA TYR F 104 78.01 4.30 -35.28
C TYR F 104 77.34 5.17 -36.32
N THR F 105 76.03 5.03 -36.45
CA THR F 105 75.22 5.99 -37.18
C THR F 105 75.14 7.23 -36.29
N ARG F 106 75.04 8.41 -36.89
CA ARG F 106 74.77 9.66 -36.15
C ARG F 106 73.71 10.44 -36.92
N ASP F 107 72.80 11.14 -36.22
CA ASP F 107 71.69 11.86 -36.89
C ASP F 107 71.68 13.35 -36.55
N VAL F 108 71.20 14.18 -37.48
CA VAL F 108 71.42 15.65 -37.40
C VAL F 108 70.16 16.51 -37.63
N LYS F 109 69.94 17.44 -36.71
CA LYS F 109 68.67 18.17 -36.57
C LYS F 109 68.40 19.16 -37.70
N GLY F 110 68.00 18.65 -38.85
CA GLY F 110 67.71 19.54 -39.97
C GLY F 110 67.87 18.85 -41.31
N LEU F 111 68.58 17.72 -41.30
CA LEU F 111 68.88 17.03 -42.55
C LEU F 111 68.40 15.57 -42.56
N SER F 112 67.58 15.26 -43.56
CA SER F 112 66.81 14.02 -43.65
C SER F 112 67.53 12.67 -43.53
N TYR F 113 68.84 12.64 -43.73
CA TYR F 113 69.56 11.36 -43.85
C TYR F 113 70.71 11.30 -42.86
N LYS F 114 71.24 10.09 -42.60
CA LYS F 114 72.34 9.92 -41.63
C LYS F 114 73.79 10.03 -42.16
N LEU F 115 74.73 10.05 -41.22
CA LEU F 115 76.13 9.92 -41.49
C LEU F 115 76.59 8.61 -40.86
N HIS F 116 77.35 7.85 -41.63
CA HIS F 116 77.98 6.61 -41.17
C HIS F 116 79.37 6.98 -40.69
N CYS F 117 79.69 6.59 -39.46
CA CYS F 117 80.85 7.17 -38.79
C CYS F 117 81.82 6.13 -38.21
N ARG F 118 83.05 6.56 -37.96
CA ARG F 118 84.10 5.70 -37.41
C ARG F 118 84.96 6.48 -36.39
N VAL F 119 85.47 5.81 -35.35
CA VAL F 119 86.38 6.44 -34.36
C VAL F 119 87.44 5.42 -33.88
N PRO F 120 88.75 5.74 -33.98
CA PRO F 120 89.79 4.77 -33.63
C PRO F 120 89.60 4.13 -32.26
N ALA F 121 90.08 2.88 -32.13
CA ALA F 121 89.69 1.96 -31.04
C ALA F 121 89.77 2.49 -29.64
N GLY F 122 90.61 3.48 -29.41
CA GLY F 122 90.83 4.00 -28.06
C GLY F 122 90.03 5.23 -27.65
N LYS F 123 89.18 5.75 -28.54
CA LYS F 123 88.59 7.07 -28.32
C LYS F 123 87.10 7.06 -28.05
N THR F 124 86.56 8.25 -27.81
CA THR F 124 85.13 8.39 -27.51
C THR F 124 84.41 8.84 -28.77
N PRO F 125 83.37 8.08 -29.16
CA PRO F 125 82.44 8.39 -30.24
C PRO F 125 81.65 9.67 -29.99
N GLY F 126 81.27 10.32 -31.08
CA GLY F 126 80.67 11.64 -31.05
C GLY F 126 81.40 12.40 -32.12
N GLU F 127 81.02 13.66 -32.32
CA GLU F 127 81.75 14.54 -33.24
C GLU F 127 83.01 15.11 -32.59
N GLY F 128 84.09 15.20 -33.38
CA GLY F 128 85.38 15.68 -32.90
C GLY F 128 86.54 15.46 -33.86
N GLU F 129 87.76 15.63 -33.37
CA GLU F 129 88.97 15.38 -34.16
C GLU F 129 89.36 13.90 -34.21
N ASP F 130 88.73 13.10 -33.35
CA ASP F 130 88.91 11.66 -33.31
C ASP F 130 87.95 10.98 -34.28
N GLU F 131 86.98 11.72 -34.80
CA GLU F 131 85.90 11.12 -35.59
C GLU F 131 86.14 11.19 -37.09
N GLU F 132 85.44 10.31 -37.80
CA GLU F 132 85.55 10.20 -39.23
C GLU F 132 84.20 9.81 -39.87
N ILE F 133 83.68 10.75 -40.65
CA ILE F 133 82.47 10.57 -41.43
C ILE F 133 82.83 9.70 -42.65
N VAL F 134 82.30 8.50 -42.71
CA VAL F 134 82.55 7.64 -43.85
C VAL F 134 81.63 7.97 -45.02
N LEU F 135 80.36 8.23 -44.76
CA LEU F 135 79.42 8.48 -45.85
C LEU F 135 78.27 9.35 -45.37
N ASP F 136 78.02 10.42 -46.11
CA ASP F 136 76.98 11.39 -45.77
C ASP F 136 75.80 11.16 -46.70
N GLU F 137 74.69 10.68 -46.16
CA GLU F 137 73.57 10.33 -47.02
C GLU F 137 72.92 11.54 -47.70
N ASN F 138 73.12 12.71 -47.12
CA ASN F 138 72.55 13.94 -47.66
C ASN F 138 73.26 14.38 -48.93
N LYS F 139 74.55 14.00 -49.03
CA LYS F 139 75.42 14.25 -50.19
C LYS F 139 75.11 13.34 -51.39
N LEU F 140 74.59 12.14 -51.11
CA LEU F 140 74.05 11.25 -52.15
C LEU F 140 72.70 11.79 -52.61
N ALA F 141 71.87 12.17 -51.65
CA ALA F 141 70.56 12.77 -51.92
C ALA F 141 70.59 14.09 -52.73
N GLU F 142 71.77 14.72 -52.83
CA GLU F 142 72.07 15.85 -53.75
C GLU F 142 71.04 16.11 -54.86
N GLY F 143 69.96 16.80 -54.48
CA GLY F 143 68.89 17.20 -55.41
C GLY F 143 68.20 16.07 -56.17
N LYS F 144 68.18 14.90 -55.55
CA LYS F 144 67.37 13.77 -55.99
C LYS F 144 66.06 13.76 -55.20
N SER F 145 65.02 13.13 -55.75
CA SER F 145 63.73 12.99 -55.05
C SER F 145 63.66 11.79 -54.08
N PHE F 146 64.51 10.78 -54.31
CA PHE F 146 64.57 9.55 -53.49
C PHE F 146 66.00 9.00 -53.44
N CYS F 147 66.35 8.40 -52.29
CA CYS F 147 67.68 7.77 -52.08
C CYS F 147 67.82 6.85 -50.84
N VAL F 148 67.84 5.54 -51.05
CA VAL F 148 68.11 4.60 -49.94
C VAL F 148 69.49 3.96 -50.05
N VAL F 149 70.12 3.74 -48.90
CA VAL F 149 71.39 3.04 -48.89
C VAL F 149 71.19 1.62 -48.38
N GLY F 150 71.42 0.66 -49.28
CA GLY F 150 71.37 -0.76 -48.95
C GLY F 150 72.34 -1.17 -47.84
N CYS F 151 73.62 -0.89 -48.03
CA CYS F 151 74.66 -1.45 -47.17
C CYS F 151 75.83 -0.53 -47.22
N VAL F 152 76.60 -0.52 -46.12
CA VAL F 152 77.91 0.14 -46.13
C VAL F 152 79.02 -0.83 -45.67
N ALA F 153 79.89 -1.23 -46.59
CA ALA F 153 80.85 -2.29 -46.30
C ALA F 153 82.32 -1.85 -46.42
N PRO F 154 83.01 -1.78 -45.27
CA PRO F 154 84.46 -1.54 -45.19
C PRO F 154 85.22 -2.87 -45.41
N ALA F 155 86.42 -2.84 -46.00
CA ALA F 155 87.16 -4.07 -46.29
C ALA F 155 88.00 -4.54 -45.10
N PRO F 156 87.62 -5.69 -44.45
CA PRO F 156 88.35 -6.22 -43.28
C PRO F 156 89.90 -6.18 -43.34
N PRO F 157 90.56 -6.45 -42.18
CA PRO F 157 91.65 -5.62 -41.74
C PRO F 157 91.46 -4.10 -41.92
N GLU F 158 91.98 -3.52 -43.02
CA GLU F 158 92.35 -2.09 -43.03
C GLU F 158 91.22 -1.06 -43.17
N HIS F 159 89.98 -1.53 -43.34
CA HIS F 159 88.86 -0.66 -43.73
C HIS F 159 89.30 0.49 -44.66
N ALA F 160 90.25 0.22 -45.55
CA ALA F 160 90.84 1.31 -46.30
C ALA F 160 89.87 1.66 -47.43
N LEU F 161 89.30 0.63 -48.04
CA LEU F 161 88.21 0.80 -49.01
C LEU F 161 86.84 0.54 -48.37
N VAL F 162 85.88 1.40 -48.71
CA VAL F 162 84.49 1.11 -48.34
C VAL F 162 83.47 1.34 -49.47
N ALA F 163 82.73 0.29 -49.81
CA ALA F 163 81.65 0.42 -50.77
C ALA F 163 80.33 0.79 -50.12
N TYR F 164 79.48 1.43 -50.90
CA TYR F 164 78.09 1.55 -50.50
C TYR F 164 77.22 1.14 -51.70
N SER F 165 76.05 0.57 -51.40
CA SER F 165 75.02 0.27 -52.41
C SER F 165 73.91 1.32 -52.32
N VAL F 166 73.31 1.66 -53.45
CA VAL F 166 72.34 2.75 -53.49
C VAL F 166 71.22 2.57 -54.53
N ASP F 167 69.97 2.65 -54.09
CA ASP F 167 68.85 2.82 -55.00
C ASP F 167 68.42 4.26 -54.94
N TYR F 168 68.20 4.84 -56.10
CA TYR F 168 67.84 6.24 -56.19
C TYR F 168 66.41 6.38 -56.59
N CYS F 169 65.79 5.29 -57.02
CA CYS F 169 64.47 5.39 -57.66
C CYS F 169 63.26 4.72 -56.98
N GLY F 170 63.52 3.71 -56.14
CA GLY F 170 62.52 3.09 -55.23
C GLY F 170 62.27 1.59 -55.42
N ASP F 171 62.87 1.04 -56.49
CA ASP F 171 62.49 -0.25 -57.04
C ASP F 171 63.41 -1.38 -56.59
N GLU F 172 64.31 -1.03 -55.68
CA GLU F 172 65.25 -1.97 -55.07
C GLU F 172 66.31 -2.61 -56.01
N VAL F 173 66.45 -2.07 -57.22
CA VAL F 173 67.71 -2.30 -57.95
C VAL F 173 68.80 -1.26 -57.56
N TYR F 174 69.77 -1.70 -56.74
CA TYR F 174 70.85 -0.84 -56.21
C TYR F 174 72.10 -0.90 -57.10
N SER F 175 72.86 0.20 -57.17
CA SER F 175 74.23 0.17 -57.70
C SER F 175 75.24 0.26 -56.58
N ILE F 176 76.34 -0.48 -56.75
CA ILE F 176 77.49 -0.47 -55.85
C ILE F 176 78.62 0.41 -56.37
N ARG F 177 79.00 1.42 -55.58
CA ARG F 177 80.15 2.28 -55.91
C ARG F 177 80.98 2.48 -54.63
N PHE F 178 82.12 3.18 -54.74
CA PHE F 178 82.97 3.46 -53.57
C PHE F 178 82.96 4.92 -53.16
N VAL F 179 83.02 5.15 -51.83
CA VAL F 179 83.07 6.50 -51.23
C VAL F 179 84.31 7.28 -51.64
N ARG F 180 84.16 8.59 -51.84
CA ARG F 180 85.25 9.45 -52.32
C ARG F 180 85.86 8.95 -53.64
N ASP F 181 85.27 7.88 -54.20
CA ASP F 181 85.76 7.21 -55.43
C ASP F 181 87.21 6.83 -55.32
N VAL F 182 87.58 6.22 -54.20
CA VAL F 182 88.96 5.80 -53.94
C VAL F 182 89.39 4.81 -55.03
N VAL F 183 88.43 4.02 -55.51
CA VAL F 183 88.65 3.22 -56.73
C VAL F 183 87.61 3.57 -57.81
N ALA F 184 87.83 3.11 -59.04
CA ALA F 184 86.90 3.39 -60.13
C ALA F 184 85.62 2.51 -60.08
N ASP F 185 85.76 1.24 -59.67
CA ASP F 185 84.75 0.16 -59.72
C ASP F 185 83.27 0.44 -59.35
N LYS F 186 82.35 0.18 -60.29
CA LYS F 186 80.89 0.13 -60.06
C LYS F 186 80.35 -1.24 -60.39
N VAL F 187 79.24 -1.61 -59.78
CA VAL F 187 78.62 -2.89 -60.09
C VAL F 187 77.13 -2.61 -60.12
N GLU F 188 76.57 -2.77 -61.32
CA GLU F 188 75.21 -2.36 -61.56
C GLU F 188 74.25 -3.57 -61.59
N GLY F 189 73.05 -3.38 -61.04
CA GLY F 189 71.97 -4.34 -61.11
C GLY F 189 71.81 -5.30 -59.94
N THR F 190 72.10 -4.86 -58.73
CA THR F 190 72.19 -5.78 -57.60
C THR F 190 71.19 -5.53 -56.49
N ASN F 191 71.01 -6.57 -55.68
CA ASN F 191 70.11 -6.49 -54.55
C ASN F 191 70.63 -5.63 -53.41
N GLY F 192 71.80 -5.02 -53.58
CA GLY F 192 72.23 -4.01 -52.62
C GLY F 192 73.11 -4.46 -51.49
N SER F 193 73.29 -5.77 -51.32
CA SER F 193 74.31 -6.28 -50.38
C SER F 193 75.72 -6.23 -50.96
N VAL F 194 76.71 -6.11 -50.06
CA VAL F 194 78.11 -6.32 -50.40
C VAL F 194 78.68 -7.16 -49.30
N VAL F 195 79.30 -8.27 -49.66
CA VAL F 195 80.07 -9.05 -48.71
C VAL F 195 81.52 -9.14 -49.18
N TRP F 196 82.45 -8.77 -48.31
CA TRP F 196 83.85 -8.71 -48.64
C TRP F 196 84.52 -10.03 -48.48
N GLY F 197 85.44 -10.33 -49.40
CA GLY F 197 86.38 -11.43 -49.23
C GLY F 197 87.62 -10.88 -48.55
N PRO F 198 88.63 -11.74 -48.26
CA PRO F 198 89.73 -11.23 -47.45
C PRO F 198 90.49 -10.16 -48.19
N ASN F 199 91.16 -9.29 -47.44
CA ASN F 199 92.23 -8.41 -47.98
C ASN F 199 91.81 -7.33 -48.99
N ALA F 200 90.54 -6.95 -49.01
CA ALA F 200 90.05 -5.95 -49.97
C ALA F 200 90.36 -6.31 -51.43
N GLU F 201 90.66 -7.58 -51.63
CA GLU F 201 90.96 -8.09 -52.95
C GLU F 201 89.67 -8.24 -53.76
N CYS F 202 88.57 -8.65 -53.14
CA CYS F 202 87.33 -8.87 -53.86
C CYS F 202 86.09 -8.79 -52.99
N PHE F 203 84.91 -8.69 -53.61
CA PHE F 203 83.62 -8.79 -52.87
C PHE F 203 82.53 -9.54 -53.59
N PHE F 204 81.62 -10.12 -52.81
CA PHE F 204 80.49 -10.87 -53.34
C PHE F 204 79.24 -10.02 -53.23
N TYR F 205 78.42 -10.07 -54.27
CA TYR F 205 77.11 -9.37 -54.39
C TYR F 205 76.05 -10.26 -55.09
N ILE F 206 74.82 -9.78 -55.12
CA ILE F 206 73.70 -10.55 -55.67
C ILE F 206 72.95 -9.76 -56.72
N THR F 207 72.78 -10.36 -57.90
CA THR F 207 72.06 -9.72 -59.01
C THR F 207 70.59 -10.18 -59.10
N LYS F 208 69.75 -9.38 -59.78
CA LYS F 208 68.32 -9.70 -59.95
C LYS F 208 68.00 -10.18 -61.35
N ASP F 209 67.40 -11.37 -61.40
CA ASP F 209 66.87 -11.98 -62.62
C ASP F 209 65.59 -11.28 -63.08
N ALA F 210 64.88 -11.99 -63.94
CA ALA F 210 63.54 -11.70 -64.31
C ALA F 210 62.70 -11.70 -63.04
N SER F 211 61.80 -10.71 -63.03
CA SER F 211 60.69 -10.63 -62.10
C SER F 211 61.37 -10.35 -60.80
N LYS F 212 62.57 -9.81 -60.96
CA LYS F 212 63.36 -9.27 -59.85
C LYS F 212 63.79 -10.27 -58.77
N ARG F 213 63.64 -11.56 -59.06
CA ARG F 213 64.17 -12.61 -58.24
C ARG F 213 65.72 -12.54 -58.11
N ASP F 214 66.18 -12.53 -56.85
CA ASP F 214 67.57 -12.81 -56.47
C ASP F 214 67.96 -14.28 -56.79
N ASN F 215 68.57 -14.46 -57.96
CA ASN F 215 68.83 -15.78 -58.50
C ASN F 215 70.34 -16.11 -58.74
N LYS F 216 71.25 -15.14 -58.56
CA LYS F 216 72.68 -15.28 -58.93
C LYS F 216 73.65 -14.57 -57.99
N VAL F 217 74.75 -15.25 -57.66
CA VAL F 217 75.80 -14.73 -56.80
C VAL F 217 77.07 -14.59 -57.62
N TRP F 218 77.80 -13.51 -57.35
CA TRP F 218 78.97 -13.10 -58.12
C TRP F 218 80.12 -12.64 -57.25
N ARG F 219 81.32 -12.65 -57.83
CA ARG F 219 82.54 -12.16 -57.20
C ARG F 219 83.09 -11.07 -58.06
N HIS F 220 83.35 -9.92 -57.48
CA HIS F 220 83.99 -8.85 -58.20
C HIS F 220 85.37 -8.59 -57.62
N ILE F 221 86.40 -8.78 -58.43
CA ILE F 221 87.77 -8.59 -58.04
C ILE F 221 88.13 -7.13 -58.34
N ILE F 222 88.42 -6.35 -57.31
CA ILE F 222 88.79 -4.94 -57.47
C ILE F 222 89.72 -4.65 -58.68
N GLY F 223 89.39 -3.62 -59.45
CA GLY F 223 90.20 -3.26 -60.59
C GLY F 223 89.64 -3.80 -61.89
N GLN F 224 88.86 -4.85 -61.86
CA GLN F 224 88.29 -5.34 -63.12
C GLN F 224 86.99 -4.65 -63.50
N PRO F 225 86.68 -4.64 -64.80
CA PRO F 225 85.35 -4.23 -65.25
C PRO F 225 84.34 -5.31 -64.82
N GLN F 226 83.12 -4.90 -64.45
CA GLN F 226 82.08 -5.86 -64.05
C GLN F 226 81.93 -7.04 -65.03
N SER F 227 82.05 -6.78 -66.33
CA SER F 227 82.03 -7.82 -67.37
C SER F 227 82.92 -9.04 -67.08
N GLU F 228 83.86 -8.89 -66.16
CA GLU F 228 84.77 -9.99 -65.86
C GLU F 228 84.35 -10.72 -64.61
N ASP F 229 83.43 -10.16 -63.83
CA ASP F 229 82.95 -10.88 -62.64
C ASP F 229 82.58 -12.36 -62.90
N VAL F 230 82.97 -13.28 -62.02
CA VAL F 230 82.61 -14.69 -62.18
C VAL F 230 81.26 -14.91 -61.50
N CYS F 231 80.38 -15.69 -62.11
CA CYS F 231 79.14 -16.11 -61.44
C CYS F 231 79.43 -17.38 -60.71
N LEU F 232 79.31 -17.34 -59.40
CA LEU F 232 79.65 -18.45 -58.56
C LEU F 232 78.52 -19.44 -58.46
N TYR F 233 77.29 -18.92 -58.63
CA TYR F 233 76.08 -19.66 -58.28
C TYR F 233 74.82 -19.06 -58.89
N THR F 234 73.95 -19.93 -59.37
CA THR F 234 72.72 -19.54 -60.03
C THR F 234 71.69 -20.48 -59.53
N ASP F 235 70.57 -19.95 -59.04
CA ASP F 235 69.42 -20.80 -58.81
C ASP F 235 68.34 -20.46 -59.79
N ASP F 236 68.10 -21.37 -60.72
CA ASP F 236 67.10 -21.15 -61.74
C ASP F 236 65.68 -21.61 -61.41
N ASP F 237 65.45 -22.01 -60.16
CA ASP F 237 64.13 -22.40 -59.73
C ASP F 237 63.35 -21.19 -59.21
N PRO F 238 62.28 -20.81 -59.90
CA PRO F 238 61.64 -19.55 -59.53
C PRO F 238 61.02 -19.50 -58.09
N LEU F 239 60.75 -20.65 -57.47
CA LEU F 239 60.37 -20.66 -56.08
C LEU F 239 61.50 -20.24 -55.12
N PHE F 240 62.75 -20.22 -55.58
CA PHE F 240 63.90 -20.06 -54.67
C PHE F 240 64.58 -18.73 -54.84
N SER F 241 64.96 -18.15 -53.69
CA SER F 241 65.84 -16.99 -53.66
C SER F 241 67.26 -17.30 -53.12
N VAL F 242 68.29 -16.69 -53.71
CA VAL F 242 69.69 -16.84 -53.21
C VAL F 242 70.09 -15.80 -52.19
N GLY F 243 70.97 -16.20 -51.28
CA GLY F 243 71.54 -15.32 -50.26
C GLY F 243 73.03 -15.58 -50.20
N VAL F 244 73.77 -14.70 -49.52
CA VAL F 244 75.19 -14.89 -49.32
C VAL F 244 75.64 -14.22 -48.01
N GLY F 245 76.60 -14.82 -47.33
CA GLY F 245 77.12 -14.23 -46.09
C GLY F 245 78.50 -14.77 -45.76
N ARG F 246 79.14 -14.16 -44.77
CA ARG F 246 80.54 -14.46 -44.49
C ARG F 246 80.67 -15.12 -43.14
N SER F 247 81.33 -16.28 -43.12
CA SER F 247 81.56 -17.04 -41.88
C SER F 247 82.23 -16.24 -40.76
N GLY F 248 82.00 -16.73 -39.54
CA GLY F 248 82.46 -16.10 -38.30
C GLY F 248 83.90 -15.66 -38.39
N ASP F 249 84.81 -16.63 -38.50
CA ASP F 249 86.23 -16.32 -38.71
C ASP F 249 86.55 -15.47 -39.97
N GLY F 250 85.74 -15.61 -41.01
CA GLY F 250 85.93 -14.87 -42.27
C GLY F 250 86.68 -15.70 -43.31
N LYS F 251 86.94 -16.94 -42.95
CA LYS F 251 87.77 -17.85 -43.74
C LYS F 251 86.91 -18.73 -44.67
N THR F 252 85.58 -18.59 -44.55
CA THR F 252 84.61 -19.37 -45.34
C THR F 252 83.45 -18.51 -45.89
N LEU F 253 83.02 -18.76 -47.14
CA LEU F 253 81.86 -18.05 -47.70
C LEU F 253 80.67 -18.99 -47.79
N ILE F 254 79.50 -18.50 -47.36
CA ILE F 254 78.26 -19.30 -47.28
C ILE F 254 77.21 -18.84 -48.30
N ILE F 255 76.86 -19.70 -49.24
CA ILE F 255 75.95 -19.35 -50.33
C ILE F 255 74.70 -20.21 -50.24
N CYS F 256 73.55 -19.57 -49.98
CA CYS F 256 72.31 -20.31 -49.72
C CYS F 256 71.23 -20.15 -50.80
N SER F 257 70.33 -21.12 -50.86
CA SER F 257 69.06 -20.97 -51.59
C SER F 257 67.93 -21.15 -50.60
N MET F 258 66.93 -20.27 -50.69
CA MET F 258 65.84 -20.24 -49.72
C MET F 258 64.58 -20.22 -50.55
N SER F 259 63.84 -21.32 -50.53
CA SER F 259 62.41 -21.22 -50.77
C SER F 259 61.68 -21.13 -49.43
N SER F 260 60.38 -20.80 -49.51
CA SER F 260 59.57 -20.55 -48.37
C SER F 260 59.61 -21.80 -47.50
N GLU F 261 59.72 -22.96 -48.12
CA GLU F 261 59.80 -24.19 -47.36
C GLU F 261 60.94 -25.13 -47.65
N THR F 262 62.02 -24.69 -48.25
CA THR F 262 63.11 -25.59 -48.60
C THR F 262 64.36 -24.77 -48.64
N SER F 263 65.48 -25.33 -48.18
CA SER F 263 66.76 -24.64 -48.11
C SER F 263 67.85 -25.53 -48.73
N GLU F 264 69.02 -24.91 -48.95
CA GLU F 264 70.25 -25.55 -49.44
C GLU F 264 71.43 -24.57 -49.28
N SER F 265 72.50 -25.02 -48.62
CA SER F 265 73.74 -24.23 -48.55
C SER F 265 74.95 -24.87 -49.26
N HIS F 266 75.85 -24.02 -49.73
CA HIS F 266 77.11 -24.46 -50.27
C HIS F 266 78.15 -23.57 -49.67
N LEU F 267 79.28 -24.16 -49.31
CA LEU F 267 80.41 -23.43 -48.75
C LEU F 267 81.51 -23.22 -49.76
N LEU F 268 82.13 -22.04 -49.69
CA LEU F 268 83.28 -21.71 -50.52
C LEU F 268 84.53 -21.37 -49.69
N ASP F 269 85.60 -22.12 -49.89
CA ASP F 269 86.82 -21.85 -49.15
C ASP F 269 87.42 -20.52 -49.65
N LEU F 270 87.54 -19.54 -48.75
CA LEU F 270 88.10 -18.22 -49.11
C LEU F 270 89.54 -18.17 -48.76
N ARG F 271 90.09 -19.33 -48.45
CA ARG F 271 91.48 -19.43 -48.05
C ARG F 271 92.35 -19.74 -49.26
N LYS F 272 91.74 -20.15 -50.37
CA LYS F 272 92.50 -20.49 -51.58
C LYS F 272 92.47 -19.42 -52.67
N GLY F 273 92.18 -18.17 -52.32
CA GLY F 273 92.33 -17.07 -53.29
C GLY F 273 91.24 -16.83 -54.31
N VAL F 274 91.25 -15.64 -54.88
CA VAL F 274 90.15 -15.14 -55.70
C VAL F 274 89.83 -15.89 -56.97
N LYS F 275 90.65 -16.87 -57.34
CA LYS F 275 90.40 -17.65 -58.55
C LYS F 275 89.95 -19.05 -58.26
N HIS F 276 89.61 -19.30 -57.00
CA HIS F 276 89.03 -20.57 -56.59
C HIS F 276 87.52 -20.41 -56.42
N ASN F 277 86.74 -21.14 -57.22
CA ASN F 277 85.28 -20.95 -57.25
C ASN F 277 84.40 -22.19 -57.06
N THR F 278 85.01 -23.31 -56.68
CA THR F 278 84.28 -24.57 -56.61
C THR F 278 83.70 -24.77 -55.21
N LEU F 279 82.38 -24.92 -55.15
CA LEU F 279 81.66 -24.99 -53.86
C LEU F 279 81.57 -26.41 -53.30
N GLU F 280 81.58 -26.54 -51.98
CA GLU F 280 81.19 -27.79 -51.34
C GLU F 280 79.67 -27.76 -51.04
N MET F 281 78.97 -28.83 -51.38
CA MET F 281 77.56 -28.96 -51.06
C MET F 281 77.41 -29.32 -49.59
N VAL F 282 76.51 -28.67 -48.87
CA VAL F 282 76.30 -29.09 -47.49
C VAL F 282 75.40 -30.31 -47.48
N ARG F 283 74.09 -30.08 -47.52
CA ARG F 283 73.15 -31.16 -47.76
C ARG F 283 72.29 -30.86 -48.98
N PRO F 284 72.24 -31.79 -49.96
CA PRO F 284 71.38 -31.56 -51.13
C PRO F 284 69.94 -31.27 -50.74
N ARG F 285 69.31 -30.36 -51.46
CA ARG F 285 68.03 -29.79 -51.04
C ARG F 285 66.90 -30.85 -50.95
N GLU F 286 66.04 -30.75 -49.96
CA GLU F 286 64.91 -31.67 -49.92
C GLU F 286 63.63 -30.95 -49.58
N LYS F 287 62.65 -31.06 -50.47
CA LYS F 287 61.31 -30.53 -50.24
C LYS F 287 60.90 -30.66 -48.78
N GLY F 288 60.65 -29.54 -48.12
CA GLY F 288 60.11 -29.55 -46.76
C GLY F 288 61.11 -29.34 -45.61
N VAL F 289 62.40 -29.38 -45.93
CA VAL F 289 63.41 -29.22 -44.93
C VAL F 289 64.09 -27.86 -45.10
N ARG F 290 64.11 -27.10 -44.00
CA ARG F 290 64.77 -25.80 -43.96
C ARG F 290 66.00 -25.89 -43.04
N TYR F 291 67.15 -25.37 -43.46
CA TYR F 291 68.29 -25.41 -42.56
C TYR F 291 69.14 -24.20 -42.79
N THR F 292 69.86 -23.77 -41.76
CA THR F 292 70.84 -22.70 -41.91
C THR F 292 72.14 -23.05 -41.21
N VAL F 293 73.25 -22.61 -41.80
CA VAL F 293 74.58 -23.07 -41.43
C VAL F 293 75.34 -21.89 -40.86
N GLU F 294 75.86 -22.09 -39.66
CA GLU F 294 76.84 -21.21 -39.11
C GLU F 294 78.09 -22.05 -38.87
N MET F 295 79.23 -21.48 -39.24
CA MET F 295 80.55 -22.08 -39.13
C MET F 295 81.14 -21.81 -37.77
N HIS F 296 81.82 -22.81 -37.23
CA HIS F 296 82.65 -22.70 -36.02
C HIS F 296 84.06 -23.09 -36.47
N GLY F 297 84.95 -22.10 -36.50
CA GLY F 297 86.23 -22.27 -37.16
C GLY F 297 85.97 -22.59 -38.62
N THR F 298 86.78 -23.49 -39.15
CA THR F 298 86.76 -23.76 -40.57
C THR F 298 86.36 -25.20 -40.83
N ASP F 299 85.82 -25.89 -39.84
CA ASP F 299 85.80 -27.34 -39.95
C ASP F 299 84.57 -28.02 -39.38
N THR F 300 84.04 -27.51 -38.28
CA THR F 300 82.77 -28.04 -37.80
C THR F 300 81.59 -27.11 -38.11
N LEU F 301 80.41 -27.71 -38.32
CA LEU F 301 79.21 -26.98 -38.71
C LEU F 301 78.08 -26.99 -37.67
N ILE F 302 77.55 -25.80 -37.41
CA ILE F 302 76.37 -25.68 -36.61
C ILE F 302 75.21 -25.33 -37.52
N VAL F 303 74.24 -26.24 -37.56
CA VAL F 303 73.14 -26.18 -38.50
C VAL F 303 71.83 -26.09 -37.74
N LEU F 304 71.00 -25.10 -38.09
CA LEU F 304 69.65 -24.99 -37.55
C LEU F 304 68.62 -25.47 -38.55
N THR F 305 67.95 -26.55 -38.22
CA THR F 305 67.06 -27.20 -39.16
C THR F 305 65.71 -27.56 -38.55
N ASN F 306 64.77 -27.95 -39.42
CA ASN F 306 63.48 -28.39 -38.98
C ASN F 306 63.19 -29.81 -39.42
N LYS F 307 64.26 -30.51 -39.78
CA LYS F 307 64.19 -31.84 -40.39
C LYS F 307 63.60 -32.85 -39.45
N ASP F 308 63.08 -33.94 -40.00
CA ASP F 308 62.60 -35.05 -39.19
C ASP F 308 61.34 -34.74 -38.38
N LYS F 309 60.48 -33.90 -38.95
CA LYS F 309 59.24 -33.44 -38.31
C LYS F 309 59.53 -32.50 -37.13
N CYS F 310 60.67 -31.81 -37.17
CA CYS F 310 61.03 -30.89 -36.08
C CYS F 310 60.68 -29.42 -36.40
N VAL F 311 59.38 -29.09 -36.32
CA VAL F 311 58.86 -27.78 -36.78
C VAL F 311 59.46 -26.52 -36.20
N ASN F 312 59.84 -26.55 -34.92
CA ASN F 312 60.22 -25.36 -34.19
C ASN F 312 61.68 -25.10 -34.25
N GLY F 313 62.39 -26.10 -34.75
CA GLY F 313 63.83 -26.07 -34.82
C GLY F 313 64.49 -27.03 -33.87
N LYS F 314 65.51 -27.68 -34.41
CA LYS F 314 66.66 -28.20 -33.64
C LYS F 314 67.95 -27.64 -34.29
N VAL F 315 69.00 -27.55 -33.48
CA VAL F 315 70.34 -27.26 -33.97
C VAL F 315 71.15 -28.54 -33.75
N VAL F 316 72.03 -28.81 -34.69
CA VAL F 316 72.65 -30.11 -34.82
C VAL F 316 74.10 -29.85 -35.16
N LEU F 317 75.00 -30.81 -34.94
CA LEU F 317 76.43 -30.62 -35.26
C LEU F 317 76.97 -31.63 -36.25
N THR F 318 77.39 -31.17 -37.42
CA THR F 318 78.11 -32.06 -38.33
C THR F 318 79.59 -31.62 -38.44
N LYS F 319 80.40 -32.48 -39.07
CA LYS F 319 81.73 -32.12 -39.50
C LYS F 319 81.72 -31.77 -41.00
N ARG F 320 82.59 -30.83 -41.40
CA ARG F 320 82.72 -30.39 -42.80
C ARG F 320 83.17 -31.49 -43.75
N SER F 321 84.09 -32.34 -43.28
CA SER F 321 84.54 -33.52 -44.02
C SER F 321 83.35 -34.44 -44.42
N ALA F 322 82.36 -34.60 -43.54
CA ALA F 322 81.16 -35.40 -43.86
C ALA F 322 79.82 -34.74 -43.43
N PRO F 323 79.37 -33.75 -44.22
CA PRO F 323 78.47 -32.69 -43.81
C PRO F 323 77.00 -33.05 -43.91
N THR F 324 76.72 -34.33 -43.95
CA THR F 324 75.35 -34.80 -43.86
C THR F 324 75.12 -35.71 -42.65
N ASP F 325 76.13 -35.86 -41.78
CA ASP F 325 75.99 -36.54 -40.48
C ASP F 325 75.30 -35.63 -39.45
N TRP F 326 73.98 -35.61 -39.49
CA TRP F 326 73.24 -34.77 -38.58
C TRP F 326 72.85 -35.57 -37.34
N GLY F 327 73.37 -36.79 -37.22
CA GLY F 327 73.10 -37.64 -36.07
C GLY F 327 73.37 -37.05 -34.71
N THR F 328 74.16 -35.98 -34.66
CA THR F 328 74.57 -35.40 -33.39
C THR F 328 73.79 -34.11 -33.12
N VAL F 329 72.93 -34.16 -32.10
CA VAL F 329 72.01 -33.05 -31.78
C VAL F 329 72.56 -32.23 -30.60
N LEU F 330 72.75 -30.93 -30.79
CA LEU F 330 73.19 -30.07 -29.69
C LEU F 330 72.01 -29.73 -28.85
N ILE F 331 70.97 -29.23 -29.50
CA ILE F 331 69.75 -28.85 -28.81
C ILE F 331 68.55 -29.48 -29.49
N PRO F 332 67.76 -30.28 -28.74
CA PRO F 332 66.61 -30.92 -29.37
C PRO F 332 65.42 -29.99 -29.48
N HIS F 333 64.51 -30.40 -30.34
CA HIS F 333 63.25 -29.72 -30.61
C HIS F 333 62.38 -29.77 -29.35
N ASP F 334 61.74 -28.66 -29.02
CA ASP F 334 60.69 -28.71 -28.02
C ASP F 334 59.40 -28.18 -28.62
N ASP F 335 58.32 -28.91 -28.37
CA ASP F 335 57.00 -28.61 -28.93
C ASP F 335 56.58 -27.17 -28.76
N LYS F 336 56.88 -26.55 -27.61
CA LYS F 336 56.47 -25.17 -27.41
C LYS F 336 57.64 -24.19 -27.31
N VAL F 337 58.75 -24.59 -27.94
CA VAL F 337 59.96 -23.77 -28.00
C VAL F 337 60.48 -23.64 -29.43
N THR F 338 60.52 -22.41 -29.95
CA THR F 338 60.87 -22.17 -31.34
C THR F 338 62.22 -21.47 -31.51
N ILE F 339 63.07 -22.00 -32.39
CA ILE F 339 64.42 -21.41 -32.61
C ILE F 339 64.53 -20.64 -33.93
N ASP F 340 64.60 -19.31 -33.87
CA ASP F 340 64.59 -18.48 -35.09
C ASP F 340 65.91 -18.52 -35.85
N ASP F 341 67.01 -18.17 -35.20
CA ASP F 341 68.30 -18.46 -35.81
C ASP F 341 69.43 -18.42 -34.79
N VAL F 342 70.63 -18.85 -35.21
CA VAL F 342 71.78 -18.85 -34.33
C VAL F 342 72.89 -17.95 -34.86
N ALA F 343 73.52 -17.26 -33.93
CA ALA F 343 74.79 -16.62 -34.20
C ALA F 343 75.92 -17.49 -33.58
N VAL F 344 77.05 -17.61 -34.27
CA VAL F 344 78.14 -18.45 -33.77
C VAL F 344 79.48 -17.73 -33.72
N PHE F 345 80.15 -17.88 -32.58
CA PHE F 345 81.40 -17.16 -32.32
C PHE F 345 82.55 -18.10 -31.95
N ALA F 346 83.69 -17.49 -31.64
CA ALA F 346 84.80 -18.24 -31.09
C ALA F 346 84.36 -18.95 -29.82
N LYS F 347 84.00 -18.18 -28.79
CA LYS F 347 83.79 -18.76 -27.47
C LYS F 347 82.38 -19.33 -27.24
N PHE F 348 81.40 -18.82 -27.97
CA PHE F 348 80.03 -19.19 -27.68
C PHE F 348 79.15 -19.20 -28.92
N ALA F 349 77.83 -19.22 -28.66
CA ALA F 349 76.79 -19.19 -29.69
C ALA F 349 75.49 -18.62 -29.13
N VAL F 350 74.74 -17.85 -29.92
CA VAL F 350 73.53 -17.21 -29.42
C VAL F 350 72.30 -17.70 -30.15
N LEU F 351 71.27 -18.05 -29.35
CA LEU F 351 70.00 -18.48 -29.91
C LEU F 351 68.93 -17.43 -29.66
N SER F 352 68.17 -17.13 -30.72
CA SER F 352 67.04 -16.21 -30.72
C SER F 352 65.88 -17.10 -31.16
N GLY F 353 64.72 -16.94 -30.50
CA GLY F 353 63.58 -17.78 -30.77
C GLY F 353 62.41 -17.37 -29.90
N ARG F 354 61.52 -18.34 -29.61
CA ARG F 354 60.20 -18.07 -29.04
C ARG F 354 59.69 -19.13 -28.08
N ARG F 355 59.05 -18.63 -27.03
CA ARG F 355 58.21 -19.39 -26.12
C ARG F 355 57.12 -18.42 -25.61
N ASP F 356 55.91 -18.95 -25.37
CA ASP F 356 54.77 -18.20 -24.80
C ASP F 356 54.42 -16.88 -25.46
N GLY F 357 54.75 -16.77 -26.76
CA GLY F 357 54.40 -15.60 -27.57
C GLY F 357 55.27 -14.38 -27.42
N LEU F 358 56.40 -14.55 -26.73
CA LEU F 358 57.40 -13.50 -26.58
C LEU F 358 58.77 -13.95 -27.05
N THR F 359 59.57 -13.00 -27.50
CA THR F 359 60.95 -13.25 -27.94
C THR F 359 61.84 -13.72 -26.80
N ARG F 360 62.40 -14.92 -26.96
CA ARG F 360 63.34 -15.48 -25.99
C ARG F 360 64.79 -15.44 -26.53
N VAL F 361 65.77 -15.47 -25.63
CA VAL F 361 67.16 -15.54 -26.07
C VAL F 361 68.05 -16.34 -25.14
N TRP F 362 68.81 -17.23 -25.74
CA TRP F 362 69.68 -18.09 -24.98
C TRP F 362 71.14 -17.80 -25.30
N THR F 363 72.01 -18.70 -24.89
CA THR F 363 73.43 -18.54 -24.96
C THR F 363 74.03 -19.89 -24.69
N VAL F 364 74.89 -20.35 -25.57
CA VAL F 364 75.60 -21.57 -25.26
C VAL F 364 77.12 -21.31 -25.34
N ARG F 365 77.87 -22.01 -24.49
CA ARG F 365 79.32 -21.81 -24.34
C ARG F 365 80.01 -23.16 -24.46
N LEU F 366 81.23 -23.16 -24.99
CA LEU F 366 82.05 -24.38 -25.05
C LEU F 366 82.29 -25.01 -23.68
N GLY F 367 82.15 -26.35 -23.61
CA GLY F 367 82.74 -27.13 -22.52
C GLY F 367 84.24 -27.21 -22.77
N PRO F 368 85.02 -27.59 -21.74
CA PRO F 368 86.50 -27.46 -21.78
C PRO F 368 87.27 -27.98 -23.04
N ASP F 369 86.67 -28.85 -23.85
CA ASP F 369 87.39 -29.55 -24.94
C ASP F 369 87.22 -28.98 -26.37
N ASN F 370 87.13 -27.65 -26.48
CA ASN F 370 86.88 -26.97 -27.77
C ASN F 370 85.57 -27.33 -28.50
N LEU F 371 84.92 -28.42 -28.08
CA LEU F 371 83.59 -28.84 -28.59
C LEU F 371 82.48 -28.01 -27.95
N PHE F 372 81.34 -27.87 -28.62
CA PHE F 372 80.14 -27.30 -27.97
C PHE F 372 79.40 -28.30 -27.06
N SER F 373 78.95 -27.84 -25.88
CA SER F 373 78.34 -28.72 -24.88
C SER F 373 76.97 -28.25 -24.43
N SER F 374 75.95 -29.05 -24.77
CA SER F 374 74.54 -28.74 -24.50
C SER F 374 74.27 -28.36 -23.05
N ALA F 375 75.00 -29.00 -22.13
CA ALA F 375 74.85 -28.78 -20.70
C ALA F 375 75.47 -27.45 -20.26
N THR F 376 75.35 -26.43 -21.12
CA THR F 376 75.77 -25.07 -20.82
C THR F 376 74.70 -24.06 -21.22
N LEU F 377 73.48 -24.55 -21.40
CA LEU F 377 72.31 -23.74 -21.75
C LEU F 377 72.24 -22.51 -20.84
N LYS F 378 71.85 -21.36 -21.37
CA LYS F 378 71.44 -20.25 -20.52
C LYS F 378 70.38 -19.44 -21.21
N GLU F 379 69.31 -19.14 -20.47
CA GLU F 379 68.31 -18.20 -20.93
C GLU F 379 68.55 -16.86 -20.29
N LEU F 380 68.73 -15.83 -21.09
CA LEU F 380 68.94 -14.49 -20.56
C LEU F 380 67.61 -14.11 -19.96
N HIS F 381 67.61 -13.41 -18.85
CA HIS F 381 66.33 -12.98 -18.31
C HIS F 381 66.17 -11.46 -18.46
N PHE F 382 64.95 -10.96 -18.27
CA PHE F 382 64.64 -9.55 -18.46
C PHE F 382 63.63 -9.06 -17.42
N ASP F 383 63.44 -7.74 -17.33
CA ASP F 383 62.65 -7.17 -16.22
C ASP F 383 61.13 -7.20 -16.46
N GLU F 384 60.65 -6.50 -17.49
CA GLU F 384 59.20 -6.44 -17.73
C GLU F 384 58.56 -7.79 -18.05
N PRO F 385 57.22 -7.90 -17.82
CA PRO F 385 56.52 -9.13 -18.18
C PRO F 385 56.26 -9.26 -19.68
N VAL F 386 55.90 -8.18 -20.35
CA VAL F 386 55.63 -8.21 -21.79
C VAL F 386 56.51 -7.23 -22.63
N PHE F 387 57.68 -7.76 -22.99
CA PHE F 387 58.83 -7.06 -23.62
C PHE F 387 59.14 -7.54 -25.04
N THR F 388 60.24 -7.05 -25.62
CA THR F 388 60.80 -7.55 -26.91
C THR F 388 62.32 -7.41 -26.94
N ALA F 389 62.98 -8.49 -27.35
CA ALA F 389 64.44 -8.54 -27.42
C ALA F 389 65.05 -9.41 -28.56
N HIS F 390 65.93 -8.81 -29.37
CA HIS F 390 66.79 -9.57 -30.30
C HIS F 390 68.27 -9.15 -30.15
N VAL F 391 69.19 -10.06 -30.46
CA VAL F 391 70.58 -9.66 -30.72
C VAL F 391 70.62 -8.68 -31.91
N VAL F 392 71.50 -7.69 -31.84
CA VAL F 392 71.76 -6.88 -33.02
C VAL F 392 73.03 -7.46 -33.62
N CYS F 393 72.83 -8.37 -34.55
CA CYS F 393 73.93 -9.09 -35.19
C CYS F 393 74.74 -8.19 -36.14
N SER F 394 74.07 -7.20 -36.72
CA SER F 394 74.72 -6.18 -37.54
C SER F 394 75.71 -5.32 -36.71
N GLN F 395 75.75 -5.58 -35.40
CA GLN F 395 76.59 -4.85 -34.45
C GLN F 395 77.54 -5.79 -33.69
N MET F 396 77.70 -7.00 -34.22
CA MET F 396 78.65 -7.98 -33.69
C MET F 396 79.66 -8.26 -34.80
N LYS F 397 80.54 -7.29 -35.02
CA LYS F 397 81.48 -7.33 -36.14
C LYS F 397 82.77 -7.98 -35.72
N THR F 398 82.74 -8.81 -34.68
CA THR F 398 83.98 -9.30 -34.13
C THR F 398 83.85 -10.72 -33.60
N TYR F 399 84.55 -11.62 -34.27
CA TYR F 399 84.41 -13.06 -34.04
C TYR F 399 84.71 -13.54 -32.62
N ASP F 400 85.70 -12.90 -31.98
CA ASP F 400 86.38 -13.39 -30.79
C ASP F 400 85.88 -12.73 -29.50
N ALA F 401 84.95 -11.77 -29.63
CA ALA F 401 84.49 -10.98 -28.45
C ALA F 401 83.69 -11.79 -27.44
N SER F 402 83.40 -11.12 -26.32
CA SER F 402 82.57 -11.66 -25.24
C SER F 402 81.38 -10.72 -24.88
N LEU F 403 81.29 -9.61 -25.61
CA LEU F 403 80.24 -8.60 -25.40
C LEU F 403 79.11 -8.72 -26.44
N LEU F 404 77.88 -8.86 -25.94
CA LEU F 404 76.72 -9.25 -26.76
C LEU F 404 75.66 -8.15 -26.91
N ARG F 405 75.55 -7.56 -28.10
CA ARG F 405 74.64 -6.44 -28.32
C ARG F 405 73.16 -6.87 -28.23
N LEU F 406 72.31 -6.08 -27.56
CA LEU F 406 70.86 -6.41 -27.44
C LEU F 406 69.91 -5.23 -27.61
N ARG F 407 68.95 -5.35 -28.52
CA ARG F 407 67.85 -4.37 -28.60
C ARG F 407 66.65 -4.83 -27.74
N TYR F 408 66.42 -4.12 -26.63
CA TYR F 408 65.36 -4.43 -25.64
C TYR F 408 64.34 -3.29 -25.56
N SER F 409 63.11 -3.65 -25.23
CA SER F 409 62.00 -2.74 -25.37
C SER F 409 60.75 -3.30 -24.74
N SER F 410 59.71 -2.46 -24.68
CA SER F 410 58.40 -2.90 -24.31
C SER F 410 57.45 -1.81 -24.70
N MET F 411 56.15 -2.10 -24.63
CA MET F 411 55.17 -1.13 -25.05
C MET F 411 55.22 0.15 -24.21
N THR F 412 55.75 0.02 -22.99
CA THR F 412 55.87 1.09 -21.99
C THR F 412 57.26 1.72 -22.07
N THR F 413 58.27 0.84 -21.97
CA THR F 413 59.70 1.16 -21.89
C THR F 413 60.32 1.43 -23.25
N PRO F 414 61.01 2.59 -23.41
CA PRO F 414 61.75 2.79 -24.65
C PRO F 414 62.98 1.87 -24.79
N THR F 415 63.55 1.84 -25.98
CA THR F 415 64.59 0.88 -26.35
C THR F 415 65.93 1.09 -25.62
N VAL F 416 66.36 0.04 -24.92
CA VAL F 416 67.63 0.00 -24.20
C VAL F 416 68.64 -0.89 -24.96
N TRP F 417 69.59 -0.27 -25.66
CA TRP F 417 70.67 -1.01 -26.33
C TRP F 417 71.77 -1.34 -25.34
N TYR F 418 72.06 -2.63 -25.12
CA TYR F 418 73.07 -2.97 -24.10
C TYR F 418 73.90 -4.28 -24.10
N ASP F 419 75.19 -4.15 -23.77
CA ASP F 419 76.17 -5.26 -23.71
C ASP F 419 75.92 -6.31 -22.64
N GLU F 420 76.33 -7.55 -22.91
CA GLU F 420 76.32 -8.62 -21.89
C GLU F 420 77.57 -9.51 -21.96
N ASP F 421 78.21 -9.73 -20.80
CA ASP F 421 79.27 -10.73 -20.76
C ASP F 421 78.63 -12.10 -20.80
N VAL F 422 79.10 -12.90 -21.75
CA VAL F 422 78.48 -14.18 -22.09
C VAL F 422 78.85 -15.29 -21.10
N LEU F 423 80.12 -15.39 -20.68
CA LEU F 423 80.47 -16.30 -19.57
C LEU F 423 79.75 -15.89 -18.26
N SER F 424 80.14 -14.73 -17.73
CA SER F 424 79.67 -14.21 -16.43
C SER F 424 78.17 -13.85 -16.32
N GLY F 425 77.73 -12.85 -17.08
CA GLY F 425 76.31 -12.48 -17.11
C GLY F 425 76.02 -11.01 -16.86
N GLU F 426 77.06 -10.23 -16.52
CA GLU F 426 76.91 -8.81 -16.23
C GLU F 426 76.24 -8.00 -17.35
N ARG F 427 75.38 -7.06 -16.95
CA ARG F 427 74.67 -6.17 -17.89
C ARG F 427 75.36 -4.82 -18.04
N LYS F 428 75.05 -4.11 -19.12
CA LYS F 428 75.75 -2.86 -19.41
C LYS F 428 75.03 -2.03 -20.46
N VAL F 429 74.45 -0.90 -20.08
CA VAL F 429 73.81 0.01 -21.05
C VAL F 429 74.78 0.72 -21.99
N VAL F 430 74.65 0.48 -23.29
CA VAL F 430 75.48 1.17 -24.29
C VAL F 430 74.75 2.44 -24.80
N LYS F 431 73.43 2.36 -24.88
CA LYS F 431 72.57 3.49 -25.23
C LYS F 431 71.12 3.25 -24.81
N ALA F 432 70.49 4.33 -24.35
CA ALA F 432 69.06 4.37 -24.03
C ALA F 432 68.29 5.35 -24.93
N ARG F 433 67.03 5.05 -25.21
CA ARG F 433 66.22 5.99 -26.00
C ARG F 433 65.69 7.09 -25.10
N LYS F 434 65.68 8.31 -25.64
CA LYS F 434 65.19 9.46 -24.91
C LYS F 434 64.02 10.15 -25.63
N VAL F 435 62.86 10.09 -25.01
CA VAL F 435 61.64 10.54 -25.66
C VAL F 435 61.17 11.80 -24.96
N GLY F 436 61.09 12.90 -25.71
CA GLY F 436 60.80 14.23 -25.16
C GLY F 436 59.32 14.56 -25.01
N GLY F 437 58.75 15.23 -26.01
CA GLY F 437 57.30 15.50 -26.07
C GLY F 437 56.63 16.01 -24.80
N GLY F 438 55.93 15.12 -24.11
CA GLY F 438 55.37 15.39 -22.78
C GLY F 438 55.40 14.07 -22.04
N PHE F 439 56.24 13.17 -22.55
CA PHE F 439 56.24 11.74 -22.22
C PHE F 439 56.77 11.40 -20.84
N GLU F 440 56.02 10.54 -20.18
CA GLU F 440 56.45 9.88 -18.95
C GLU F 440 56.00 8.44 -19.12
N SER F 441 56.90 7.50 -18.83
CA SER F 441 56.60 6.08 -18.95
C SER F 441 55.68 5.57 -17.84
N LYS F 442 55.55 6.32 -16.76
CA LYS F 442 54.62 5.97 -15.69
C LYS F 442 53.15 6.22 -16.08
N ASN F 443 52.95 6.82 -17.26
CA ASN F 443 51.61 7.11 -17.78
C ASN F 443 50.88 5.91 -18.37
N TYR F 444 51.61 4.83 -18.66
CA TYR F 444 51.04 3.78 -19.49
C TYR F 444 51.21 2.37 -18.94
N VAL F 445 50.21 1.55 -19.23
CA VAL F 445 50.27 0.14 -18.95
C VAL F 445 50.09 -0.63 -20.25
N CYS F 446 50.82 -1.73 -20.38
CA CYS F 446 50.53 -2.70 -21.41
C CYS F 446 50.01 -3.94 -20.73
N ARG F 447 49.01 -4.58 -21.34
CA ARG F 447 48.52 -5.87 -20.86
C ARG F 447 48.11 -6.80 -22.00
N ARG F 448 47.72 -8.03 -21.64
CA ARG F 448 47.41 -9.07 -22.60
C ARG F 448 46.02 -9.67 -22.44
N GLU F 449 45.28 -9.57 -23.54
CA GLU F 449 43.95 -10.17 -23.77
C GLU F 449 44.06 -11.47 -24.56
N LEU F 450 43.10 -12.35 -24.33
CA LEU F 450 42.92 -13.53 -25.15
C LEU F 450 41.54 -13.49 -25.80
N ALA F 451 41.50 -13.47 -27.14
CA ALA F 451 40.25 -13.63 -27.91
C ALA F 451 39.99 -15.10 -28.34
N THR F 452 38.74 -15.39 -28.69
CA THR F 452 38.37 -16.71 -29.18
C THR F 452 37.88 -16.72 -30.64
N ALA F 453 38.67 -17.40 -31.46
CA ALA F 453 38.33 -17.61 -32.85
C ALA F 453 37.15 -18.55 -32.93
N PRO F 454 36.45 -18.54 -34.08
CA PRO F 454 35.38 -19.47 -34.29
C PRO F 454 35.76 -20.92 -33.93
N ASP F 455 36.99 -21.36 -34.19
CA ASP F 455 37.36 -22.74 -33.93
C ASP F 455 37.74 -23.06 -32.49
N GLY F 456 37.62 -22.07 -31.60
CA GLY F 456 38.02 -22.25 -30.20
C GLY F 456 39.38 -21.67 -29.84
N THR F 457 40.26 -21.52 -30.83
CA THR F 457 41.61 -21.05 -30.60
C THR F 457 41.61 -19.73 -29.83
N LYS F 458 42.58 -19.60 -28.94
CA LYS F 458 42.72 -18.44 -28.11
C LYS F 458 43.70 -17.57 -28.84
N VAL F 459 43.27 -16.41 -29.32
CA VAL F 459 44.18 -15.50 -30.04
C VAL F 459 44.62 -14.41 -29.08
N PRO F 460 45.94 -14.17 -28.98
CA PRO F 460 46.38 -13.19 -28.02
C PRO F 460 46.31 -11.76 -28.59
N ILE F 461 46.14 -10.80 -27.68
CA ILE F 461 46.24 -9.35 -27.99
C ILE F 461 47.09 -8.61 -26.91
N SER F 462 48.01 -7.77 -27.37
CA SER F 462 48.79 -6.89 -26.52
C SER F 462 48.17 -5.54 -26.81
N LEU F 463 47.80 -4.80 -25.78
CA LEU F 463 47.22 -3.48 -25.99
C LEU F 463 47.74 -2.51 -24.96
N VAL F 464 48.08 -1.32 -25.42
CA VAL F 464 48.67 -0.30 -24.56
C VAL F 464 47.75 0.92 -24.46
N TYR F 465 47.70 1.55 -23.28
CA TYR F 465 46.89 2.77 -23.08
C TYR F 465 47.42 3.71 -22.00
N ASP F 466 47.05 4.98 -22.12
CA ASP F 466 47.33 5.94 -21.06
C ASP F 466 46.41 5.66 -19.88
N THR F 467 47.04 5.66 -18.72
CA THR F 467 46.52 5.20 -17.46
C THR F 467 45.25 5.93 -16.97
N SER F 468 45.10 7.21 -17.32
CA SER F 468 44.04 8.06 -16.81
C SER F 468 42.63 7.68 -17.27
N ILE F 469 42.53 7.09 -18.48
CA ILE F 469 41.24 6.81 -19.14
C ILE F 469 40.32 5.84 -18.38
N ASP F 470 39.02 5.97 -18.64
CA ASP F 470 38.02 5.16 -17.95
C ASP F 470 37.85 3.79 -18.63
N LEU F 471 38.01 2.72 -17.85
CA LEU F 471 37.82 1.34 -18.35
C LEU F 471 36.44 0.78 -18.01
N LYS F 472 35.55 1.63 -17.48
CA LYS F 472 34.13 1.30 -17.32
C LYS F 472 33.21 1.98 -18.35
N LYS F 473 33.79 2.69 -19.31
CA LYS F 473 33.08 3.15 -20.52
C LYS F 473 33.83 2.71 -21.79
N PRO F 474 33.15 2.70 -22.95
CA PRO F 474 33.80 2.21 -24.15
C PRO F 474 34.68 3.29 -24.78
N ASN F 475 35.92 2.97 -25.10
CA ASN F 475 36.83 3.99 -25.63
C ASN F 475 37.29 3.74 -27.06
N PRO F 476 37.50 4.83 -27.83
CA PRO F 476 38.11 4.75 -29.16
C PRO F 476 39.32 3.79 -29.27
N THR F 477 39.43 3.06 -30.37
CA THR F 477 40.44 2.01 -30.50
C THR F 477 41.00 1.93 -31.91
N MET F 478 42.32 1.70 -31.99
CA MET F 478 43.00 1.32 -33.23
C MET F 478 43.61 -0.07 -33.09
N LEU F 479 43.08 -0.99 -33.89
CA LEU F 479 43.51 -2.39 -33.91
C LEU F 479 44.44 -2.68 -35.11
N TYR F 480 45.68 -3.04 -34.83
CA TYR F 480 46.65 -3.28 -35.89
C TYR F 480 46.83 -4.78 -36.12
N GLY F 481 47.20 -5.18 -37.35
CA GLY F 481 47.32 -6.60 -37.68
C GLY F 481 48.25 -6.88 -38.84
N TYR F 482 49.06 -7.94 -38.72
CA TYR F 482 49.87 -8.29 -39.90
C TYR F 482 49.14 -9.30 -40.77
N GLY F 483 49.25 -10.62 -40.63
CA GLY F 483 50.27 -11.42 -40.03
C GLY F 483 50.45 -12.52 -41.10
N SER F 484 51.56 -12.42 -41.82
CA SER F 484 51.94 -13.43 -42.78
C SER F 484 53.38 -13.79 -42.59
N TYR F 485 53.78 -14.85 -43.29
CA TYR F 485 55.16 -15.32 -43.39
C TYR F 485 55.73 -15.86 -42.09
N GLY F 486 54.88 -16.01 -41.06
CA GLY F 486 55.32 -16.37 -39.69
C GLY F 486 56.15 -15.29 -39.03
N ILE F 487 55.87 -14.06 -39.44
CA ILE F 487 56.39 -12.86 -38.84
C ILE F 487 55.57 -12.43 -37.58
N CYS F 488 56.24 -11.85 -36.60
CA CYS F 488 55.56 -11.38 -35.40
C CYS F 488 55.50 -9.88 -35.27
N ILE F 489 54.30 -9.35 -35.16
CA ILE F 489 54.15 -7.96 -34.74
C ILE F 489 54.40 -7.89 -33.25
N GLU F 490 55.42 -7.12 -32.90
CA GLU F 490 56.06 -7.14 -31.59
C GLU F 490 55.49 -6.14 -30.65
N PRO F 491 55.28 -6.54 -29.36
CA PRO F 491 54.87 -5.59 -28.32
C PRO F 491 56.10 -4.74 -27.91
N GLU F 492 56.76 -4.17 -28.90
CA GLU F 492 57.88 -3.29 -28.72
C GLU F 492 57.39 -1.87 -28.60
N PHE F 493 58.32 -0.96 -28.30
CA PHE F 493 57.97 0.42 -28.09
C PHE F 493 58.00 1.10 -29.41
N ASN F 494 56.94 1.80 -29.73
CA ASN F 494 56.97 2.63 -30.91
C ASN F 494 56.30 3.97 -30.65
N SER F 495 57.01 5.04 -30.91
CA SER F 495 56.59 6.38 -30.48
C SER F 495 55.47 6.94 -31.34
N ARG F 496 55.20 6.25 -32.44
CA ARG F 496 54.17 6.66 -33.36
C ARG F 496 52.78 6.29 -32.85
N PHE F 497 52.68 5.24 -32.04
CA PHE F 497 51.40 4.95 -31.40
C PHE F 497 51.10 5.86 -30.21
N LEU F 498 51.85 6.95 -30.08
CA LEU F 498 51.63 7.95 -29.04
C LEU F 498 50.60 8.98 -29.45
N PRO F 499 50.73 9.57 -30.65
CA PRO F 499 49.67 10.42 -31.17
C PRO F 499 48.24 9.90 -30.99
N TYR F 500 48.02 8.59 -31.10
CA TYR F 500 46.71 7.99 -30.81
C TYR F 500 46.51 7.95 -29.30
N VAL F 501 47.31 7.12 -28.64
CA VAL F 501 47.26 6.91 -27.20
C VAL F 501 47.09 8.20 -26.40
N ASP F 502 47.93 9.21 -26.67
CA ASP F 502 47.91 10.46 -25.92
C ASP F 502 46.67 11.30 -26.25
N ARG F 503 45.63 10.63 -26.73
CA ARG F 503 44.35 11.25 -26.99
C ARG F 503 43.21 10.34 -26.48
N GLY F 504 43.60 9.29 -25.75
CA GLY F 504 42.68 8.50 -24.98
C GLY F 504 42.27 7.20 -25.62
N MET F 505 43.01 6.81 -26.65
CA MET F 505 42.66 5.62 -27.40
C MET F 505 43.44 4.42 -26.91
N ILE F 506 42.81 3.27 -26.95
CA ILE F 506 43.52 2.04 -26.69
C ILE F 506 44.16 1.59 -27.99
N TYR F 507 45.49 1.53 -27.99
CA TYR F 507 46.20 0.98 -29.14
C TYR F 507 46.37 -0.52 -28.90
N ALA F 508 45.98 -1.30 -29.90
CA ALA F 508 45.89 -2.76 -29.76
C ALA F 508 46.47 -3.48 -30.96
N ILE F 509 47.22 -4.53 -30.68
CA ILE F 509 47.72 -5.36 -31.76
C ILE F 509 47.12 -6.73 -31.68
N ALA F 510 46.41 -7.14 -32.72
CA ALA F 510 46.01 -8.56 -32.83
C ALA F 510 47.10 -9.45 -33.49
N HIS F 511 47.52 -10.46 -32.74
CA HIS F 511 48.54 -11.41 -33.14
C HIS F 511 47.91 -12.62 -33.82
N VAL F 512 47.27 -12.37 -34.97
CA VAL F 512 46.48 -13.38 -35.69
C VAL F 512 47.36 -14.51 -36.18
N ARG F 513 46.74 -15.63 -36.53
CA ARG F 513 47.45 -16.76 -37.11
C ARG F 513 47.98 -16.40 -38.49
N GLY F 514 49.13 -16.98 -38.87
CA GLY F 514 49.80 -16.62 -40.13
C GLY F 514 51.01 -15.76 -39.86
N GLY F 515 50.91 -14.89 -38.87
CA GLY F 515 52.07 -14.36 -38.16
C GLY F 515 52.65 -15.47 -37.30
N GLY F 516 53.75 -15.20 -36.61
CA GLY F 516 54.46 -16.28 -35.96
C GLY F 516 54.57 -16.23 -34.46
N GLU F 517 53.65 -15.50 -33.81
CA GLU F 517 53.79 -15.14 -32.41
C GLU F 517 53.94 -16.28 -31.41
N MET F 518 53.12 -17.33 -31.50
CA MET F 518 53.17 -18.46 -30.53
C MET F 518 53.79 -19.72 -31.12
N GLY F 519 54.61 -19.58 -32.17
CA GLY F 519 55.23 -20.77 -32.73
C GLY F 519 55.26 -20.83 -34.24
N ARG F 520 56.09 -21.72 -34.75
CA ARG F 520 56.21 -21.87 -36.17
C ARG F 520 54.86 -22.30 -36.76
N THR F 521 54.08 -23.04 -35.97
CA THR F 521 52.87 -23.66 -36.43
C THR F 521 51.71 -22.68 -36.43
N TRP F 522 51.79 -21.65 -35.57
CA TRP F 522 50.83 -20.55 -35.58
C TRP F 522 50.85 -19.94 -37.00
N TYR F 523 51.87 -20.32 -37.76
CA TYR F 523 52.02 -19.91 -39.15
C TYR F 523 51.84 -21.05 -40.14
N GLU F 524 52.72 -22.06 -40.07
CA GLU F 524 52.66 -23.21 -40.95
C GLU F 524 51.31 -23.88 -41.06
N VAL F 525 50.73 -24.33 -39.94
CA VAL F 525 49.38 -24.90 -39.98
C VAL F 525 48.29 -23.86 -39.71
N GLY F 526 48.63 -22.77 -39.05
CA GLY F 526 47.60 -21.77 -38.75
C GLY F 526 47.15 -20.76 -39.82
N GLY F 527 48.04 -20.37 -40.72
CA GLY F 527 47.79 -19.18 -41.53
C GLY F 527 48.49 -19.11 -42.87
N LYS F 528 48.39 -20.18 -43.62
CA LYS F 528 49.18 -20.34 -44.80
C LYS F 528 48.35 -21.26 -45.68
N TYR F 529 48.72 -21.28 -46.98
CA TYR F 529 48.08 -22.13 -47.98
C TYR F 529 46.59 -22.18 -47.71
N LEU F 530 46.06 -23.39 -47.51
CA LEU F 530 44.61 -23.59 -47.34
C LEU F 530 44.04 -23.36 -45.92
N THR F 531 44.80 -22.74 -45.03
CA THR F 531 44.26 -22.36 -43.76
C THR F 531 44.31 -20.84 -43.62
N LYS F 532 44.67 -20.18 -44.73
CA LYS F 532 44.91 -18.74 -44.70
C LYS F 532 43.75 -17.85 -44.19
N ARG F 533 42.52 -18.35 -44.23
CA ARG F 533 41.38 -17.52 -43.86
C ARG F 533 41.35 -17.19 -42.39
N ASN F 534 42.08 -17.97 -41.58
CA ASN F 534 42.16 -17.71 -40.14
C ASN F 534 42.80 -16.37 -39.83
N THR F 535 43.73 -15.92 -40.69
CA THR F 535 44.41 -14.64 -40.53
C THR F 535 43.33 -13.60 -40.48
N PHE F 536 42.35 -13.77 -41.35
CA PHE F 536 41.22 -12.84 -41.39
C PHE F 536 40.17 -13.12 -40.36
N MET F 537 39.93 -14.39 -40.01
CA MET F 537 38.88 -14.73 -39.04
C MET F 537 39.35 -14.49 -37.61
N ASP F 538 40.63 -14.75 -37.35
CA ASP F 538 41.18 -14.44 -36.06
C ASP F 538 41.13 -12.91 -35.89
N PHE F 539 41.41 -12.14 -36.93
CA PHE F 539 41.35 -10.70 -36.79
C PHE F 539 39.99 -10.20 -36.34
N ILE F 540 38.95 -10.87 -36.82
CA ILE F 540 37.59 -10.49 -36.53
C ILE F 540 37.20 -10.91 -35.13
N ALA F 541 37.69 -12.04 -34.64
CA ALA F 541 37.37 -12.46 -33.27
C ALA F 541 37.93 -11.49 -32.23
N CYS F 542 39.09 -10.90 -32.55
CA CYS F 542 39.74 -9.90 -31.70
C CYS F 542 38.87 -8.65 -31.56
N ALA F 543 38.45 -8.07 -32.69
CA ALA F 543 37.49 -6.96 -32.66
C ALA F 543 36.17 -7.29 -31.91
N GLU F 544 35.63 -8.51 -32.12
CA GLU F 544 34.45 -8.97 -31.38
C GLU F 544 34.87 -8.97 -29.93
N HIS F 545 36.11 -9.38 -29.65
CA HIS F 545 36.53 -9.48 -28.25
C HIS F 545 36.55 -8.14 -27.55
N LEU F 546 36.89 -7.09 -28.28
CA LEU F 546 36.98 -5.77 -27.68
C LEU F 546 35.59 -5.16 -27.58
N ILE F 547 34.66 -5.64 -28.40
CA ILE F 547 33.33 -5.08 -28.35
C ILE F 547 32.49 -5.83 -27.36
N SER F 548 32.48 -7.16 -27.47
CA SER F 548 31.81 -7.99 -26.46
C SER F 548 32.17 -7.50 -25.04
N SER F 549 33.46 -7.25 -24.79
CA SER F 549 33.96 -6.94 -23.45
C SER F 549 33.90 -5.46 -23.05
N GLY F 550 33.29 -4.64 -23.88
CA GLY F 550 33.01 -3.26 -23.56
C GLY F 550 34.15 -2.26 -23.68
N LEU F 551 35.27 -2.65 -24.30
CA LEU F 551 36.37 -1.69 -24.55
C LEU F 551 36.04 -0.68 -25.67
N THR F 552 35.32 -1.13 -26.70
CA THR F 552 34.94 -0.31 -27.86
C THR F 552 33.54 -0.55 -28.43
N THR F 553 33.20 0.27 -29.43
CA THR F 553 32.04 0.07 -30.30
C THR F 553 32.47 0.24 -31.77
N PRO F 554 31.64 -0.25 -32.73
CA PRO F 554 31.97 -0.11 -34.16
C PRO F 554 32.19 1.34 -34.56
N ALA F 555 31.38 2.23 -33.97
CA ALA F 555 31.50 3.67 -34.13
C ALA F 555 32.67 4.28 -33.32
N GLN F 556 33.57 3.41 -32.87
CA GLN F 556 34.72 3.81 -32.08
C GLN F 556 36.00 3.03 -32.47
N LEU F 557 35.95 2.25 -33.54
CA LEU F 557 37.02 1.29 -33.80
C LEU F 557 37.64 1.45 -35.18
N SER F 558 38.96 1.43 -35.22
CA SER F 558 39.70 1.59 -36.47
C SER F 558 40.73 0.47 -36.63
N CYS F 559 41.19 0.22 -37.86
CA CYS F 559 42.16 -0.84 -38.03
C CYS F 559 43.30 -0.43 -38.93
N GLU F 560 44.45 -1.07 -38.73
CA GLU F 560 45.68 -0.73 -39.44
C GLU F 560 46.32 -2.02 -39.95
N GLY F 561 46.78 -1.99 -41.20
CA GLY F 561 47.67 -3.02 -41.77
C GLY F 561 48.47 -2.52 -42.98
N ARG F 562 49.73 -2.97 -43.10
CA ARG F 562 50.58 -2.63 -44.24
C ARG F 562 50.96 -3.91 -44.99
N SER F 563 51.15 -3.82 -46.31
CA SER F 563 51.72 -4.91 -47.10
C SER F 563 50.78 -6.11 -46.99
N ALA F 564 51.23 -7.20 -46.37
CA ALA F 564 50.30 -8.32 -46.16
C ALA F 564 49.19 -7.98 -45.15
N GLY F 565 49.45 -6.98 -44.32
CA GLY F 565 48.43 -6.36 -43.48
C GLY F 565 47.32 -5.70 -44.28
N GLY F 566 47.67 -5.20 -45.45
CA GLY F 566 46.72 -4.66 -46.39
C GLY F 566 45.75 -5.70 -46.86
N LEU F 567 46.27 -6.91 -47.11
CA LEU F 567 45.45 -8.12 -47.39
C LEU F 567 44.46 -8.29 -46.24
N LEU F 568 45.00 -8.44 -45.03
CA LEU F 568 44.19 -8.53 -43.83
C LEU F 568 43.16 -7.41 -43.85
N VAL F 569 43.55 -6.20 -44.21
CA VAL F 569 42.58 -5.09 -44.23
C VAL F 569 41.57 -5.25 -45.36
N GLY F 570 42.03 -5.55 -46.57
CA GLY F 570 41.12 -5.60 -47.71
C GLY F 570 40.10 -6.70 -47.53
N ALA F 571 40.58 -7.90 -47.17
CA ALA F 571 39.76 -9.04 -46.90
C ALA F 571 38.78 -8.72 -45.81
N VAL F 572 39.26 -8.17 -44.71
CA VAL F 572 38.40 -8.00 -43.58
C VAL F 572 37.35 -6.97 -43.88
N LEU F 573 37.75 -5.86 -44.51
CA LEU F 573 36.78 -4.83 -44.92
C LEU F 573 35.67 -5.41 -45.77
N ASN F 574 36.02 -6.40 -46.57
CA ASN F 574 35.01 -7.18 -47.25
C ASN F 574 34.11 -8.00 -46.35
N MET F 575 34.63 -8.57 -45.27
CA MET F 575 33.84 -9.58 -44.56
C MET F 575 32.99 -8.99 -43.48
N ARG F 576 33.56 -8.11 -42.69
CA ARG F 576 32.87 -7.46 -41.63
C ARG F 576 33.04 -5.93 -41.68
N PRO F 577 32.71 -5.26 -42.81
CA PRO F 577 32.85 -3.80 -42.78
C PRO F 577 32.18 -3.21 -41.54
N ASP F 578 30.96 -3.68 -41.24
CA ASP F 578 30.20 -3.28 -40.06
C ASP F 578 31.04 -2.92 -38.83
N LEU F 579 32.14 -3.64 -38.58
CA LEU F 579 32.86 -3.56 -37.30
C LEU F 579 33.81 -2.39 -37.21
N PHE F 580 33.84 -1.55 -38.25
CA PHE F 580 34.81 -0.44 -38.27
C PHE F 580 34.19 0.81 -38.83
N HIS F 581 34.62 1.92 -38.26
CA HIS F 581 34.11 3.20 -38.68
C HIS F 581 35.19 3.74 -39.59
N VAL F 582 36.43 3.35 -39.32
CA VAL F 582 37.57 3.82 -40.12
C VAL F 582 38.73 2.80 -40.21
N ALA F 583 39.48 2.85 -41.31
CA ALA F 583 40.55 1.85 -41.60
C ALA F 583 41.73 2.40 -42.42
N LEU F 584 42.92 1.86 -42.16
CA LEU F 584 44.12 2.24 -42.92
C LEU F 584 44.78 1.08 -43.62
N ALA F 585 45.16 1.32 -44.88
CA ALA F 585 45.67 0.29 -45.74
C ALA F 585 46.90 0.75 -46.49
N GLY F 586 48.04 0.66 -45.80
CA GLY F 586 49.32 1.04 -46.41
C GLY F 586 49.87 -0.02 -47.34
N VAL F 587 50.32 0.42 -48.53
CA VAL F 587 50.87 -0.45 -49.58
C VAL F 587 50.23 -1.83 -49.61
N PRO F 588 48.93 -1.88 -49.90
CA PRO F 588 48.20 -3.11 -49.61
C PRO F 588 48.14 -4.16 -50.72
N PHE F 589 48.56 -5.38 -50.39
CA PHE F 589 48.42 -6.54 -51.26
C PHE F 589 46.95 -6.96 -51.37
N VAL F 590 46.28 -6.59 -52.45
CA VAL F 590 44.81 -6.79 -52.54
C VAL F 590 44.26 -7.38 -53.86
N ASP F 591 45.12 -7.45 -54.89
CA ASP F 591 44.75 -8.05 -56.17
C ASP F 591 45.32 -9.47 -56.27
N VAL F 592 44.93 -10.32 -55.30
CA VAL F 592 45.60 -11.60 -55.06
C VAL F 592 45.59 -12.53 -56.27
N MET F 593 44.42 -12.80 -56.82
CA MET F 593 44.25 -13.74 -57.91
C MET F 593 45.00 -13.35 -59.18
N THR F 594 44.91 -12.08 -59.53
CA THR F 594 45.39 -11.57 -60.82
C THR F 594 46.93 -11.47 -60.85
N THR F 595 47.49 -11.22 -59.65
CA THR F 595 48.93 -11.04 -59.42
C THR F 595 49.52 -12.43 -59.26
N MET F 596 49.02 -13.15 -58.26
CA MET F 596 49.51 -14.48 -57.90
C MET F 596 49.52 -15.51 -59.01
N CYS F 597 48.84 -15.26 -60.11
CA CYS F 597 48.84 -16.26 -61.13
C CYS F 597 49.95 -16.02 -62.15
N ASP F 598 50.63 -14.89 -62.04
CA ASP F 598 51.47 -14.36 -63.11
C ASP F 598 52.98 -14.19 -62.73
N PRO F 599 53.86 -15.01 -63.34
CA PRO F 599 55.25 -14.98 -62.90
C PRO F 599 55.97 -13.75 -63.41
N SER F 600 55.31 -12.93 -64.19
CA SER F 600 55.92 -11.65 -64.53
C SER F 600 55.97 -10.65 -63.36
N ILE F 601 55.22 -10.86 -62.28
CA ILE F 601 55.19 -9.88 -61.18
C ILE F 601 56.14 -10.24 -60.02
N PRO F 602 56.82 -9.22 -59.49
CA PRO F 602 58.03 -9.48 -58.75
C PRO F 602 58.12 -10.50 -57.60
N LEU F 603 57.10 -10.66 -56.78
CA LEU F 603 57.26 -11.64 -55.68
C LEU F 603 56.35 -12.84 -55.79
N THR F 604 55.84 -13.05 -57.00
CA THR F 604 54.74 -13.96 -57.22
C THR F 604 55.20 -15.39 -57.10
N THR F 605 56.08 -15.86 -58.00
CA THR F 605 56.60 -17.24 -57.91
C THR F 605 57.10 -17.61 -56.49
N GLY F 606 57.76 -16.64 -55.84
CA GLY F 606 58.17 -16.77 -54.45
C GLY F 606 56.96 -17.29 -53.73
N GLU F 607 55.94 -16.44 -53.61
CA GLU F 607 54.83 -16.65 -52.69
C GLU F 607 53.86 -17.77 -53.10
N TRP F 608 54.16 -18.50 -54.19
CA TRP F 608 53.38 -19.71 -54.45
C TRP F 608 53.53 -20.70 -53.30
N GLU F 609 54.45 -20.39 -52.39
CA GLU F 609 54.65 -21.21 -51.22
C GLU F 609 54.19 -20.56 -49.94
N GLU F 610 53.40 -19.49 -50.12
CA GLU F 610 52.80 -18.76 -49.04
C GLU F 610 51.27 -18.88 -49.10
N TRP F 611 50.64 -18.21 -50.04
CA TRP F 611 49.21 -18.35 -50.23
C TRP F 611 48.93 -19.60 -51.03
N GLY F 612 49.76 -19.77 -52.08
CA GLY F 612 49.68 -20.90 -53.03
C GLY F 612 49.59 -20.43 -54.46
N ASN F 613 49.27 -21.34 -55.36
CA ASN F 613 49.32 -21.05 -56.81
C ASN F 613 47.94 -21.20 -57.44
N PRO F 614 47.33 -20.08 -57.82
CA PRO F 614 45.97 -20.15 -58.33
C PRO F 614 45.95 -20.64 -59.78
N ASN F 615 47.08 -21.08 -60.30
CA ASN F 615 47.09 -21.75 -61.59
C ASN F 615 46.77 -23.21 -61.39
N GLU F 616 46.67 -23.64 -60.13
CA GLU F 616 46.42 -25.04 -59.74
C GLU F 616 44.99 -25.24 -59.20
N TYR F 617 44.42 -26.42 -59.45
CA TYR F 617 43.10 -26.77 -58.93
C TYR F 617 43.10 -26.55 -57.46
N LYS F 618 44.08 -27.15 -56.79
CA LYS F 618 44.27 -27.03 -55.35
C LYS F 618 43.95 -25.66 -54.74
N PHE F 619 44.34 -24.58 -55.41
CA PHE F 619 44.33 -23.28 -54.75
C PHE F 619 43.32 -22.27 -55.28
N PHE F 620 42.91 -22.47 -56.52
CA PHE F 620 42.04 -21.53 -57.20
C PHE F 620 40.88 -21.06 -56.30
N ASP F 621 39.86 -21.89 -56.10
CA ASP F 621 38.66 -21.50 -55.33
C ASP F 621 38.94 -20.82 -54.00
N TYR F 622 39.75 -21.49 -53.18
CA TYR F 622 40.16 -21.00 -51.88
C TYR F 622 40.73 -19.59 -51.89
N MET F 623 41.72 -19.31 -52.73
CA MET F 623 42.32 -17.97 -52.74
C MET F 623 41.34 -16.95 -53.23
N ASN F 624 40.54 -17.36 -54.20
CA ASN F 624 39.44 -16.55 -54.65
C ASN F 624 38.34 -16.21 -53.59
N SER F 625 38.20 -17.05 -52.57
CA SER F 625 37.26 -16.79 -51.49
C SER F 625 37.61 -15.63 -50.52
N TYR F 626 38.84 -15.10 -50.61
CA TYR F 626 39.30 -14.05 -49.69
C TYR F 626 39.93 -12.88 -50.48
N SER F 627 40.53 -13.19 -51.63
CA SER F 627 41.10 -12.15 -52.47
C SER F 627 40.23 -10.92 -52.37
N PRO F 628 40.84 -9.76 -51.94
CA PRO F 628 40.10 -8.51 -51.77
C PRO F 628 39.35 -7.95 -52.99
N ILE F 629 40.05 -7.54 -54.04
CA ILE F 629 39.38 -7.09 -55.26
C ILE F 629 38.21 -8.01 -55.68
N ASP F 630 38.44 -9.32 -55.67
CA ASP F 630 37.48 -10.26 -56.26
C ASP F 630 36.25 -10.51 -55.32
N ASN F 631 36.30 -9.88 -54.14
CA ASN F 631 35.21 -10.00 -53.24
C ASN F 631 34.51 -8.71 -52.88
N VAL F 632 35.08 -7.59 -53.28
CA VAL F 632 34.38 -6.30 -53.22
C VAL F 632 32.97 -6.42 -53.80
N ARG F 633 32.01 -5.72 -53.23
CA ARG F 633 30.61 -5.85 -53.65
C ARG F 633 29.68 -4.64 -53.27
N ALA F 634 28.38 -4.77 -53.54
CA ALA F 634 27.45 -3.72 -53.21
C ALA F 634 27.06 -3.74 -51.72
N GLN F 635 27.78 -2.92 -50.92
CA GLN F 635 27.67 -2.86 -49.45
C GLN F 635 28.33 -1.62 -48.84
N ASP F 636 28.03 -1.35 -47.55
CA ASP F 636 28.54 -0.17 -46.79
C ASP F 636 29.96 -0.36 -46.27
N TYR F 637 30.88 0.44 -46.78
CA TYR F 637 32.27 0.37 -46.34
C TYR F 637 32.56 1.50 -45.37
N PRO F 638 33.54 1.32 -44.48
CA PRO F 638 33.87 2.46 -43.62
C PRO F 638 34.70 3.52 -44.38
N HIS F 639 35.12 4.59 -43.71
CA HIS F 639 36.11 5.51 -44.29
C HIS F 639 37.46 4.81 -44.49
N LEU F 640 38.13 5.09 -45.60
CA LEU F 640 39.33 4.33 -45.97
C LEU F 640 40.43 5.12 -46.68
N MET F 641 41.64 5.10 -46.11
CA MET F 641 42.82 5.69 -46.77
C MET F 641 43.81 4.66 -47.32
N ILE F 642 44.09 4.80 -48.61
CA ILE F 642 45.08 3.94 -49.25
C ILE F 642 46.37 4.70 -49.56
N GLN F 643 47.48 4.18 -49.03
CA GLN F 643 48.83 4.62 -49.38
C GLN F 643 49.40 3.60 -50.36
N ALA F 644 50.01 4.09 -51.44
CA ALA F 644 50.85 3.27 -52.33
C ALA F 644 52.02 4.09 -52.82
N GLY F 645 52.99 3.40 -53.44
CA GLY F 645 54.17 4.02 -54.08
C GLY F 645 54.27 3.52 -55.52
N LEU F 646 54.54 4.43 -56.44
CA LEU F 646 54.50 4.10 -57.85
C LEU F 646 55.66 3.16 -58.26
N HIS F 647 56.76 3.18 -57.53
CA HIS F 647 57.90 2.36 -57.93
C HIS F 647 58.09 1.10 -57.08
N ASP F 648 57.17 0.91 -56.16
CA ASP F 648 57.12 -0.21 -55.22
C ASP F 648 57.28 -1.58 -55.92
N PRO F 649 58.41 -2.27 -55.67
CA PRO F 649 58.64 -3.59 -56.24
C PRO F 649 58.00 -4.76 -55.49
N ARG F 650 57.25 -4.51 -54.43
CA ARG F 650 56.71 -5.62 -53.64
C ARG F 650 55.20 -5.71 -53.78
N VAL F 651 54.50 -4.61 -53.50
CA VAL F 651 53.11 -4.46 -53.92
C VAL F 651 53.03 -3.44 -55.03
N ALA F 652 52.59 -3.84 -56.21
CA ALA F 652 52.62 -2.95 -57.36
C ALA F 652 51.57 -1.87 -57.19
N TYR F 653 51.88 -0.67 -57.70
CA TYR F 653 51.01 0.49 -57.54
C TYR F 653 49.59 0.18 -58.03
N TRP F 654 49.47 -0.62 -59.08
CA TRP F 654 48.13 -0.83 -59.66
C TRP F 654 47.16 -1.65 -58.81
N GLU F 655 47.66 -2.48 -57.91
CA GLU F 655 46.73 -3.21 -57.02
C GLU F 655 45.93 -2.19 -56.23
N PRO F 656 46.61 -1.34 -55.45
CA PRO F 656 45.93 -0.24 -54.80
C PRO F 656 44.98 0.53 -55.71
N ALA F 657 45.49 1.08 -56.80
CA ALA F 657 44.64 1.83 -57.69
C ALA F 657 43.40 1.05 -58.11
N LYS F 658 43.53 -0.22 -58.51
CA LYS F 658 42.37 -1.01 -58.96
C LYS F 658 41.28 -1.17 -57.89
N TRP F 659 41.68 -1.68 -56.72
CA TRP F 659 40.81 -1.89 -55.57
C TRP F 659 40.07 -0.64 -55.16
N ALA F 660 40.81 0.46 -55.01
CA ALA F 660 40.20 1.76 -54.71
C ALA F 660 39.16 2.15 -55.74
N SER F 661 39.46 1.93 -57.03
CA SER F 661 38.46 2.20 -58.05
C SER F 661 37.23 1.34 -57.85
N LYS F 662 37.37 0.02 -57.97
CA LYS F 662 36.22 -0.90 -57.83
C LYS F 662 35.38 -0.71 -56.57
N LEU F 663 35.97 -0.26 -55.47
CA LEU F 663 35.16 0.02 -54.30
C LEU F 663 34.13 1.08 -54.68
N ARG F 664 34.61 2.21 -55.22
CA ARG F 664 33.74 3.35 -55.55
C ARG F 664 32.63 3.02 -56.55
N GLU F 665 32.98 2.27 -57.59
CA GLU F 665 32.02 1.68 -58.55
C GLU F 665 30.87 0.85 -57.87
N LEU F 666 31.17 0.18 -56.76
CA LEU F 666 30.25 -0.82 -56.21
C LEU F 666 29.61 -0.48 -54.86
N LYS F 667 30.35 0.24 -54.02
CA LYS F 667 29.91 0.50 -52.64
C LYS F 667 28.57 1.21 -52.64
N THR F 668 27.86 1.15 -51.53
CA THR F 668 26.51 1.67 -51.50
C THR F 668 26.41 2.79 -50.50
N ASP F 669 27.30 2.81 -49.52
CA ASP F 669 27.36 3.89 -48.52
C ASP F 669 27.99 5.12 -49.18
N SER F 670 28.01 6.26 -48.49
CA SER F 670 28.87 7.37 -48.95
C SER F 670 29.82 7.89 -47.88
N ASN F 671 30.74 7.04 -47.45
CA ASN F 671 31.95 7.47 -46.75
C ASN F 671 33.00 7.76 -47.85
N GLU F 672 34.21 8.09 -47.46
CA GLU F 672 35.24 8.38 -48.48
C GLU F 672 36.31 7.30 -48.67
N VAL F 673 36.84 7.20 -49.87
CA VAL F 673 37.97 6.32 -50.08
C VAL F 673 39.09 7.14 -50.71
N LEU F 674 40.22 7.24 -50.03
CA LEU F 674 41.30 8.10 -50.50
C LEU F 674 42.52 7.33 -50.92
N LEU F 675 43.32 7.93 -51.75
CA LEU F 675 44.51 7.25 -52.28
C LEU F 675 45.69 8.21 -52.28
N LYS F 676 46.45 8.24 -51.19
CA LYS F 676 47.70 8.95 -51.25
C LYS F 676 48.68 8.04 -51.94
N MET F 677 49.11 8.47 -53.12
CA MET F 677 49.90 7.66 -54.03
C MET F 677 51.15 8.43 -54.45
N ASP F 678 52.20 8.39 -53.63
CA ASP F 678 53.46 9.03 -54.01
C ASP F 678 54.03 8.41 -55.29
N LEU F 679 54.42 9.28 -56.21
CA LEU F 679 55.02 8.88 -57.48
C LEU F 679 56.54 8.86 -57.43
N GLU F 680 57.08 9.09 -56.24
CA GLU F 680 58.51 9.34 -56.07
C GLU F 680 59.12 8.45 -54.97
N SER F 681 58.59 7.23 -54.85
CA SER F 681 59.16 6.23 -53.94
C SER F 681 58.69 4.80 -54.21
N GLY F 682 58.98 3.92 -53.25
CA GLY F 682 58.63 2.51 -53.36
C GLY F 682 57.66 1.93 -52.34
N HIS F 683 58.13 0.90 -51.66
CA HIS F 683 57.31 0.14 -50.78
C HIS F 683 57.46 0.61 -49.34
N PHE F 684 58.70 0.90 -48.98
CA PHE F 684 59.06 1.05 -47.58
C PHE F 684 58.98 2.45 -47.20
N SER F 685 58.36 3.21 -48.06
CA SER F 685 58.73 4.58 -48.07
C SER F 685 57.49 5.43 -47.83
N ALA F 686 56.94 5.96 -48.92
CA ALA F 686 56.59 7.37 -48.98
C ALA F 686 57.97 8.00 -49.23
N SER F 687 58.87 7.95 -48.24
CA SER F 687 60.31 8.20 -48.43
C SER F 687 61.19 7.96 -47.17
N ASP F 688 62.44 8.39 -47.29
CA ASP F 688 63.53 8.06 -46.40
C ASP F 688 64.06 9.34 -45.76
N ARG F 689 63.14 10.12 -45.20
CA ARG F 689 63.37 11.55 -44.98
C ARG F 689 62.84 12.02 -43.63
N TYR F 690 62.54 13.33 -43.52
CA TYR F 690 61.57 13.84 -42.52
C TYR F 690 60.15 13.65 -43.06
N LYS F 691 60.02 13.54 -44.38
CA LYS F 691 58.71 13.36 -45.06
C LYS F 691 57.96 12.04 -44.73
N TYR F 692 58.68 11.07 -44.17
CA TYR F 692 58.08 9.84 -43.69
C TYR F 692 57.31 10.12 -42.39
N LEU F 693 57.76 11.12 -41.63
CA LEU F 693 56.97 11.61 -40.50
C LEU F 693 55.76 12.38 -40.98
N ARG F 694 55.89 12.97 -42.16
CA ARG F 694 54.81 13.75 -42.77
C ARG F 694 53.64 12.89 -43.24
N GLU F 695 53.94 11.76 -43.88
CA GLU F 695 52.89 10.95 -44.48
C GLU F 695 52.03 10.30 -43.40
N ASN F 696 52.68 9.62 -42.47
CA ASN F 696 51.91 8.91 -41.47
C ASN F 696 51.45 9.85 -40.38
N ALA F 697 51.74 11.13 -40.55
CA ALA F 697 51.15 12.17 -39.73
C ALA F 697 49.79 12.51 -40.31
N ILE F 698 49.71 12.57 -41.64
CA ILE F 698 48.44 12.79 -42.31
C ILE F 698 47.54 11.58 -42.02
N GLN F 699 48.14 10.39 -42.10
CA GLN F 699 47.44 9.13 -41.83
C GLN F 699 46.62 9.22 -40.57
N GLN F 700 47.28 9.59 -39.48
CA GLN F 700 46.68 9.50 -38.17
C GLN F 700 45.54 10.50 -37.99
N ALA F 701 45.73 11.69 -38.52
CA ALA F 701 44.74 12.74 -38.38
C ALA F 701 43.43 12.36 -39.07
N PHE F 702 43.54 11.51 -40.08
CA PHE F 702 42.39 11.08 -40.87
C PHE F 702 41.48 10.14 -40.07
N VAL F 703 42.10 9.23 -39.34
CA VAL F 703 41.41 8.39 -38.40
C VAL F 703 40.80 9.33 -37.38
N LEU F 704 41.65 10.09 -36.69
CA LEU F 704 41.18 11.03 -35.66
C LEU F 704 40.05 11.96 -36.15
N LYS F 705 40.12 12.36 -37.42
CA LYS F 705 39.04 13.12 -38.05
C LYS F 705 37.75 12.32 -38.03
N HIS F 706 37.81 11.12 -38.59
CA HIS F 706 36.61 10.33 -38.77
C HIS F 706 36.14 9.59 -37.53
N LEU F 707 37.08 9.27 -36.66
CA LEU F 707 36.80 8.68 -35.37
C LEU F 707 36.37 9.79 -34.42
N ASN F 708 36.32 11.01 -34.93
CA ASN F 708 35.76 12.21 -34.25
C ASN F 708 36.40 12.59 -32.91
N VAL F 709 37.72 12.45 -32.83
CA VAL F 709 38.48 12.81 -31.62
C VAL F 709 39.68 13.76 -31.89
N ARG F 710 40.00 14.58 -30.89
CA ARG F 710 41.07 15.58 -31.01
C ARG F 710 41.79 15.80 -29.69
N GLN F 711 41.05 16.23 -28.67
CA GLN F 711 41.63 16.74 -27.43
C GLN F 711 42.63 15.78 -26.77
N LEU F 712 43.80 16.34 -26.43
CA LEU F 712 44.85 15.61 -25.73
C LEU F 712 44.40 15.24 -24.31
N LEU F 713 45.17 14.38 -23.64
CA LEU F 713 44.89 14.01 -22.26
C LEU F 713 45.51 14.97 -21.25
N ARG F 714 46.58 15.68 -21.65
CA ARG F 714 47.19 16.74 -20.80
C ARG F 714 47.50 18.02 -21.60
CD1 FC0 G 1 -52.36 26.15 12.79
CE1 FC0 G 1 -53.60 26.48 12.23
CZ FC0 G 1 -53.68 26.88 10.90
CE2 FC0 G 1 -52.52 26.95 10.12
CD2 FC0 G 1 -51.28 26.61 10.69
CG FC0 G 1 -51.18 26.21 12.03
CB FC0 G 1 -49.85 25.84 12.67
CA FC0 G 1 -48.74 26.75 12.11
C FC0 G 1 -48.02 27.57 13.20
O FC0 G 1 -48.67 28.48 13.78
OXT FC0 G 1 -46.81 27.36 13.46
N FC0 G 1 -47.85 26.07 11.15
C1 FC0 G 1 -47.61 26.54 9.89
O1 FC0 G 1 -47.93 25.83 8.95
N ARG G 2 -47.02 27.77 9.70
CA ARG G 2 -47.70 28.97 9.16
C ARG G 2 -46.78 30.05 8.60
N VAL G 3 -46.20 29.82 7.40
CA VAL G 3 -44.80 30.04 7.07
C VAL G 3 -44.66 29.93 5.59
O OAR G 4 -42.27 28.70 3.72
N OAR G 4 -43.98 30.89 4.95
NE OAR G 4 -43.73 35.38 3.04
NH1 OAR G 4 -44.97 36.22 1.39
NH2 OAR G 4 -44.57 37.48 3.21
CA OAR G 4 -43.19 30.78 3.71
CB OAR G 4 -43.65 31.76 2.66
CG OAR G 4 -42.90 33.06 2.84
CD OAR G 4 -43.72 34.17 2.22
CZ OAR G 4 -44.44 36.36 2.54
C OAR G 4 -43.04 29.42 3.09
CD1 FC0 H 1 6.62 53.51 1.65
CE1 FC0 H 1 7.45 54.26 0.80
CZ FC0 H 1 7.33 54.16 -0.60
CE2 FC0 H 1 6.36 53.32 -1.15
CD2 FC0 H 1 5.53 52.56 -0.30
CG FC0 H 1 5.65 52.66 1.10
CB FC0 H 1 4.75 51.84 2.05
CA FC0 H 1 3.42 51.43 1.38
C FC0 H 1 3.07 49.93 1.44
O FC0 H 1 3.90 49.13 1.94
OXT FC0 H 1 1.98 49.53 0.96
N FC0 H 1 2.33 52.33 1.77
C1 FC0 H 1 1.59 52.84 0.78
O1 FC0 H 1 1.73 54.00 0.39
N ARG H 2 0.75 51.96 0.21
CA ARG H 2 0.16 52.28 -1.07
C ARG H 2 -1.28 51.91 -1.13
N VAL H 3 -2.03 52.85 -0.63
CA VAL H 3 -3.32 52.54 -0.07
C VAL H 3 -4.20 53.71 -0.44
O OAR H 4 -7.01 54.27 1.65
N OAR H 4 -5.40 53.32 -0.86
NE OAR H 4 -8.36 51.77 -4.76
NH1 OAR H 4 -8.76 53.09 -6.58
NH2 OAR H 4 -7.83 51.05 -6.92
CA OAR H 4 -6.75 53.77 -0.52
CB OAR H 4 -7.55 53.98 -1.82
CG OAR H 4 -7.36 52.80 -2.79
CD OAR H 4 -8.41 52.90 -3.86
CZ OAR H 4 -8.33 51.98 -6.09
C OAR H 4 -6.91 54.84 0.55
CD1 FC0 I 1 11.96 -10.53 19.34
CE1 FC0 I 1 13.31 -10.84 19.25
CZ FC0 I 1 13.77 -11.69 18.23
CE2 FC0 I 1 12.87 -12.24 17.30
CD2 FC0 I 1 11.51 -11.92 17.38
CG FC0 I 1 11.05 -11.07 18.40
CB FC0 I 1 9.55 -10.74 18.47
CA FC0 I 1 8.87 -11.38 19.69
C FC0 I 1 7.85 -10.43 20.28
O FC0 I 1 8.29 -9.55 21.04
OXT FC0 I 1 6.62 -10.55 20.00
N FC0 I 1 8.33 -12.71 19.40
C1 FC0 I 1 7.33 -13.25 20.08
O1 FC0 I 1 6.27 -13.47 19.52
N ARG I 2 7.50 -13.53 21.40
CA ARG I 2 7.64 -14.91 21.81
C ARG I 2 6.59 -15.43 22.81
N VAL I 3 5.47 -15.86 22.18
CA VAL I 3 4.15 -16.16 22.72
C VAL I 3 3.62 -17.36 22.00
O OAR I 4 0.31 -18.10 20.66
N OAR I 4 2.73 -18.11 22.66
NE OAR I 4 2.91 -21.68 25.64
NH1 OAR I 4 3.72 -23.76 25.99
NH2 OAR I 4 4.04 -22.21 27.57
CA OAR I 4 1.76 -19.10 22.17
CB OAR I 4 2.29 -20.51 22.36
CG OAR I 4 1.64 -21.04 23.62
CD OAR I 4 2.55 -22.07 24.29
CZ OAR I 4 3.56 -22.58 26.38
C OAR I 4 1.20 -18.96 20.77
CD1 FC0 J 1 -43.08 -22.60 53.66
CE1 FC0 J 1 -43.86 -23.49 54.41
CZ FC0 J 1 -44.04 -24.80 53.97
CE2 FC0 J 1 -43.44 -25.19 52.76
CD2 FC0 J 1 -42.67 -24.29 52.00
CG FC0 J 1 -42.48 -22.97 52.44
CB FC0 J 1 -41.65 -21.93 51.66
CA FC0 J 1 -40.49 -22.38 50.73
C FC0 J 1 -40.38 -21.48 49.46
O FC0 J 1 -41.32 -20.72 49.11
OXT FC0 J 1 -39.34 -21.53 48.75
N FC0 J 1 -39.21 -22.50 51.48
C1 FC0 J 1 -38.19 -23.32 51.16
O1 FC0 J 1 -37.16 -23.31 51.83
N ARG J 2 -38.32 -24.11 50.09
CA ARG J 2 -37.79 -25.45 50.06
C ARG J 2 -36.53 -25.51 49.23
N VAL J 3 -35.39 -25.54 49.97
CA VAL J 3 -34.03 -25.18 49.57
C VAL J 3 -33.02 -26.10 50.22
O OAR J 4 -29.56 -25.31 51.53
N OAR J 4 -31.89 -26.31 49.50
NE OAR J 4 -30.63 -29.55 46.10
NH1 OAR J 4 -30.35 -31.75 46.05
NH2 OAR J 4 -31.28 -30.74 44.21
CA OAR J 4 -30.54 -26.76 49.90
CB OAR J 4 -30.41 -28.23 49.61
CG OAR J 4 -30.72 -28.32 48.12
CD OAR J 4 -30.03 -29.47 47.42
CZ OAR J 4 -30.75 -30.70 45.46
C OAR J 4 -30.04 -26.43 51.30
CD1 FC0 K 1 8.40 -36.30 -37.19
CE1 FC0 K 1 7.25 -35.79 -37.82
CZ FC0 K 1 7.36 -35.02 -39.00
CE2 FC0 K 1 8.62 -34.76 -39.53
CD2 FC0 K 1 9.78 -35.25 -38.91
CG FC0 K 1 9.68 -36.03 -37.73
CB FC0 K 1 10.92 -36.58 -37.03
CA FC0 K 1 11.98 -35.47 -36.88
C FC0 K 1 12.23 -35.02 -35.44
O FC0 K 1 11.26 -35.01 -34.64
OXT FC0 K 1 13.39 -34.62 -35.10
N FC0 K 1 13.20 -35.78 -37.64
C1 FC0 K 1 13.32 -35.37 -38.92
O1 FC0 K 1 12.85 -36.09 -39.81
N ARG K 2 13.96 -34.20 -39.20
CA ARG K 2 13.36 -32.86 -39.32
C ARG K 2 14.32 -31.92 -40.08
N VAL K 3 14.93 -32.43 -41.18
CA VAL K 3 16.18 -31.95 -41.76
C VAL K 3 16.15 -32.14 -43.27
O OAR K 4 18.84 -33.25 -44.83
N OAR K 4 16.57 -31.20 -44.14
NE OAR K 4 17.61 -26.45 -45.74
NH1 OAR K 4 15.97 -25.82 -47.08
NH2 OAR K 4 16.37 -24.50 -45.29
CA OAR K 4 17.78 -31.23 -44.99
CB OAR K 4 17.67 -30.16 -46.07
CG OAR K 4 18.06 -28.82 -45.49
CD OAR K 4 17.54 -27.72 -46.39
CZ OAR K 4 16.65 -25.58 -46.05
C OAR K 4 18.15 -32.56 -45.60
CD1 FC0 L 1 66.30 -9.40 -47.40
CE1 FC0 L 1 66.91 -8.28 -47.99
CZ FC0 L 1 67.77 -8.44 -49.08
CE2 FC0 L 1 68.03 -9.73 -49.58
CD2 FC0 L 1 67.44 -10.85 -49.00
CG FC0 L 1 66.56 -10.70 -47.90
CB FC0 L 1 65.91 -11.93 -47.26
CA FC0 L 1 64.39 -12.02 -47.57
C FC0 L 1 63.84 -13.44 -47.53
O FC0 L 1 64.23 -14.27 -48.39
OXT FC0 L 1 63.01 -13.71 -46.60
N FC0 L 1 63.59 -11.12 -46.74
C1 FC0 L 1 62.79 -10.22 -47.33
O1 FC0 L 1 62.92 -9.00 -47.16
N ARG L 2 61.90 -10.74 -48.14
CA ARG L 2 61.32 -9.89 -49.15
C ARG L 2 59.91 -10.29 -49.27
N VAL L 3 59.08 -9.31 -48.94
CA VAL L 3 57.79 -9.48 -48.31
C VAL L 3 57.08 -8.18 -48.57
O OAR L 4 54.05 -7.83 -46.56
N OAR L 4 55.97 -8.24 -49.28
NE OAR L 4 52.70 -10.19 -52.96
NH1 OAR L 4 52.58 -8.82 -54.72
NH2 OAR L 4 53.23 -10.98 -55.08
CA OAR L 4 54.61 -8.25 -48.73
CB OAR L 4 53.61 -8.14 -49.89
CG OAR L 4 53.76 -9.30 -50.88
CD OAR L 4 52.87 -9.04 -52.10
CZ OAR L 4 52.83 -9.98 -54.26
C OAR L 4 54.30 -7.25 -47.62
#